data_1ZU2
#
_entry.id   1ZU2
#
_cell.length_a   1.000
_cell.length_b   1.000
_cell.length_c   1.000
_cell.angle_alpha   90.00
_cell.angle_beta   90.00
_cell.angle_gamma   90.00
#
_symmetry.space_group_name_H-M   'P 1'
#
_entity_poly.entity_id   1
_entity_poly.type   'polypeptide(L)'
_entity_poly.pdbx_seq_one_letter_code
;GPLGSMDTETEFDRILLFEQIRQDAENTYKSNPLDADNLTRWGGVLLELSQFHSISDAKQMIQEAITKFEEALLIDPKKD
EAVWCIGNAYTSFAFLTPDETEAKHNFDLATQFFQQAVDEQPDNTHYLKSLEMTAKAPQLHAEAYKQGLGGSHHHHHH
;
_entity_poly.pdbx_strand_id   A
#
# COMPACT_ATOMS: atom_id res chain seq x y z
N GLY A 1 4.97 -21.64 6.52
CA GLY A 1 4.63 -21.40 7.92
C GLY A 1 5.73 -21.91 8.84
N PRO A 2 6.87 -21.17 8.83
CA PRO A 2 8.00 -21.53 9.66
C PRO A 2 7.75 -21.17 11.12
N LEU A 3 7.17 -22.13 11.84
CA LEU A 3 6.87 -21.92 13.25
C LEU A 3 5.87 -20.78 13.39
N GLY A 4 5.45 -20.54 14.63
CA GLY A 4 4.50 -19.48 14.91
C GLY A 4 3.72 -19.77 16.19
N SER A 5 3.57 -18.75 17.01
CA SER A 5 2.85 -18.88 18.26
C SER A 5 1.35 -18.98 17.99
N MET A 6 0.91 -18.23 16.98
CA MET A 6 -0.49 -18.23 16.61
C MET A 6 -1.37 -17.86 17.80
N ASP A 7 -1.62 -16.57 17.94
CA ASP A 7 -2.44 -16.07 19.04
C ASP A 7 -2.68 -14.57 18.86
N THR A 8 -1.59 -13.85 18.65
CA THR A 8 -1.66 -12.41 18.46
C THR A 8 -0.34 -11.87 17.92
N GLU A 9 0.75 -12.41 18.47
CA GLU A 9 2.08 -11.98 18.06
C GLU A 9 2.30 -10.52 18.41
N THR A 10 3.57 -10.17 18.59
CA THR A 10 3.94 -8.81 18.93
C THR A 10 4.17 -7.99 17.66
N GLU A 11 3.64 -8.48 16.56
CA GLU A 11 3.77 -7.81 15.29
C GLU A 11 5.08 -8.23 14.60
N PHE A 12 6.12 -8.30 15.40
CA PHE A 12 7.43 -8.70 14.89
C PHE A 12 7.33 -9.98 14.06
N ASP A 13 6.78 -11.00 14.68
CA ASP A 13 6.61 -12.29 14.01
C ASP A 13 6.03 -12.07 12.62
N ARG A 14 5.07 -11.14 12.55
CA ARG A 14 4.42 -10.83 11.30
C ARG A 14 5.38 -10.06 10.38
N ILE A 15 6.25 -9.29 11.01
CA ILE A 15 7.22 -8.49 10.27
C ILE A 15 8.20 -9.44 9.56
N LEU A 16 8.57 -10.49 10.28
CA LEU A 16 9.50 -11.47 9.74
C LEU A 16 8.90 -12.11 8.48
N LEU A 17 7.61 -12.42 8.59
CA LEU A 17 6.91 -13.03 7.48
C LEU A 17 7.09 -12.17 6.22
N PHE A 18 6.76 -10.89 6.38
CA PHE A 18 6.88 -9.95 5.27
C PHE A 18 8.33 -9.79 4.85
N GLU A 19 9.22 -9.87 5.82
CA GLU A 19 10.63 -9.73 5.56
C GLU A 19 11.10 -10.79 4.56
N GLN A 20 10.91 -12.05 4.95
CA GLN A 20 11.29 -13.16 4.10
C GLN A 20 10.73 -12.98 2.70
N ILE A 21 9.56 -12.37 2.64
CA ILE A 21 8.90 -12.13 1.36
C ILE A 21 9.65 -11.03 0.61
N ARG A 22 9.87 -9.92 1.29
CA ARG A 22 10.57 -8.80 0.70
C ARG A 22 11.90 -9.27 0.08
N GLN A 23 12.65 -10.01 0.88
CA GLN A 23 13.93 -10.53 0.42
C GLN A 23 13.73 -11.51 -0.74
N ASP A 24 12.73 -12.36 -0.59
CA ASP A 24 12.42 -13.34 -1.61
C ASP A 24 11.97 -12.63 -2.89
N ALA A 25 11.19 -11.57 -2.69
CA ALA A 25 10.70 -10.79 -3.81
C ALA A 25 11.84 -9.96 -4.40
N GLU A 26 12.42 -9.13 -3.54
CA GLU A 26 13.52 -8.28 -3.95
C GLU A 26 14.61 -9.11 -4.62
N ASN A 27 15.00 -10.17 -3.95
CA ASN A 27 16.03 -11.06 -4.47
C ASN A 27 15.55 -11.68 -5.78
N THR A 28 14.28 -12.05 -5.80
CA THR A 28 13.69 -12.66 -6.97
C THR A 28 13.74 -11.68 -8.15
N TYR A 29 13.79 -10.40 -7.82
CA TYR A 29 13.83 -9.36 -8.83
C TYR A 29 14.95 -9.63 -9.84
N LYS A 30 16.17 -9.68 -9.32
CA LYS A 30 17.33 -9.93 -10.16
C LYS A 30 17.25 -11.33 -10.74
N SER A 31 16.58 -12.20 -10.00
CA SER A 31 16.42 -13.59 -10.43
C SER A 31 15.45 -13.66 -11.61
N ASN A 32 14.53 -12.72 -11.62
CA ASN A 32 13.54 -12.67 -12.69
C ASN A 32 12.76 -11.35 -12.60
N PRO A 33 13.29 -10.33 -13.31
CA PRO A 33 12.66 -9.00 -13.30
C PRO A 33 11.40 -9.00 -14.19
N LEU A 34 11.14 -10.16 -14.80
CA LEU A 34 9.99 -10.30 -15.66
C LEU A 34 8.79 -10.75 -14.83
N ASP A 35 9.09 -11.46 -13.75
CA ASP A 35 8.06 -11.96 -12.86
C ASP A 35 7.33 -10.78 -12.22
N ALA A 36 6.18 -10.45 -12.79
CA ALA A 36 5.38 -9.34 -12.29
C ALA A 36 4.74 -9.75 -10.96
N ASP A 37 4.56 -11.06 -10.80
CA ASP A 37 3.96 -11.59 -9.58
C ASP A 37 4.88 -11.26 -8.39
N ASN A 38 6.15 -11.61 -8.54
CA ASN A 38 7.12 -11.37 -7.49
C ASN A 38 7.37 -9.86 -7.38
N LEU A 39 7.28 -9.19 -8.51
CA LEU A 39 7.49 -7.75 -8.55
C LEU A 39 6.36 -7.06 -7.78
N THR A 40 5.16 -7.58 -7.96
CA THR A 40 3.99 -7.02 -7.30
C THR A 40 4.02 -7.35 -5.80
N ARG A 41 4.23 -8.62 -5.51
CA ARG A 41 4.28 -9.08 -4.14
C ARG A 41 5.41 -8.39 -3.39
N TRP A 42 6.40 -7.96 -4.16
CA TRP A 42 7.56 -7.28 -3.58
C TRP A 42 7.09 -5.94 -3.02
N GLY A 43 6.03 -5.42 -3.63
CA GLY A 43 5.47 -4.14 -3.20
C GLY A 43 4.50 -4.34 -2.04
N GLY A 44 3.51 -5.19 -2.27
CA GLY A 44 2.52 -5.47 -1.25
C GLY A 44 3.16 -5.56 0.14
N VAL A 45 4.28 -6.27 0.19
CA VAL A 45 5.00 -6.45 1.44
C VAL A 45 5.58 -5.10 1.89
N LEU A 46 6.21 -4.43 0.94
CA LEU A 46 6.81 -3.13 1.21
C LEU A 46 5.80 -2.25 1.94
N LEU A 47 4.56 -2.27 1.45
CA LEU A 47 3.50 -1.49 2.05
C LEU A 47 3.21 -2.01 3.46
N GLU A 48 3.23 -3.33 3.58
CA GLU A 48 2.97 -3.97 4.86
C GLU A 48 4.09 -3.63 5.85
N LEU A 49 5.31 -3.95 5.46
CA LEU A 49 6.46 -3.70 6.30
C LEU A 49 6.57 -2.20 6.57
N SER A 50 6.08 -1.42 5.61
CA SER A 50 6.10 0.03 5.72
C SER A 50 5.29 0.47 6.93
N GLN A 51 4.29 -0.35 7.27
CA GLN A 51 3.43 -0.06 8.40
C GLN A 51 4.21 -0.14 9.71
N PHE A 52 5.01 -1.19 9.80
CA PHE A 52 5.81 -1.41 11.00
C PHE A 52 7.07 -0.53 10.98
N HIS A 53 7.56 -0.30 9.77
CA HIS A 53 8.76 0.52 9.60
C HIS A 53 8.38 2.00 9.72
N SER A 54 9.28 2.76 10.31
CA SER A 54 9.06 4.19 10.48
C SER A 54 8.51 4.79 9.19
N ILE A 55 7.72 5.84 9.35
CA ILE A 55 7.13 6.51 8.21
C ILE A 55 8.23 6.85 7.19
N SER A 56 9.28 7.48 7.70
CA SER A 56 10.40 7.86 6.84
C SER A 56 10.77 6.70 5.92
N ASP A 57 10.96 5.53 6.53
CA ASP A 57 11.32 4.34 5.78
C ASP A 57 10.08 3.82 5.05
N ALA A 58 8.92 4.16 5.60
CA ALA A 58 7.66 3.72 5.01
C ALA A 58 7.44 4.45 3.69
N LYS A 59 7.75 5.74 3.70
CA LYS A 59 7.59 6.56 2.51
C LYS A 59 8.51 6.04 1.41
N GLN A 60 9.80 5.99 1.74
CA GLN A 60 10.80 5.53 0.78
C GLN A 60 10.45 4.12 0.31
N MET A 61 9.85 3.35 1.21
CA MET A 61 9.47 1.98 0.90
C MET A 61 8.29 1.96 -0.08
N ILE A 62 7.42 2.96 0.07
CA ILE A 62 6.25 3.06 -0.79
C ILE A 62 6.69 3.50 -2.19
N GLN A 63 7.46 4.58 -2.22
CA GLN A 63 7.96 5.11 -3.47
C GLN A 63 8.49 3.99 -4.37
N GLU A 64 9.41 3.22 -3.79
CA GLU A 64 10.00 2.10 -4.52
C GLU A 64 8.94 1.03 -4.80
N ALA A 65 8.02 0.89 -3.86
CA ALA A 65 6.96 -0.09 -4.00
C ALA A 65 6.15 0.22 -5.26
N ILE A 66 6.12 1.49 -5.60
CA ILE A 66 5.38 1.93 -6.78
C ILE A 66 6.17 1.57 -8.03
N THR A 67 7.38 2.11 -8.10
CA THR A 67 8.25 1.85 -9.24
C THR A 67 8.33 0.35 -9.52
N LYS A 68 8.20 -0.43 -8.45
CA LYS A 68 8.26 -1.88 -8.58
C LYS A 68 7.05 -2.36 -9.37
N PHE A 69 5.90 -1.84 -9.01
CA PHE A 69 4.65 -2.21 -9.67
C PHE A 69 4.70 -1.85 -11.16
N GLU A 70 5.29 -0.69 -11.43
CA GLU A 70 5.40 -0.22 -12.80
C GLU A 70 5.96 -1.33 -13.71
N GLU A 71 7.11 -1.84 -13.31
CA GLU A 71 7.76 -2.91 -14.06
C GLU A 71 6.83 -4.12 -14.17
N ALA A 72 6.12 -4.39 -13.07
CA ALA A 72 5.21 -5.51 -13.02
C ALA A 72 4.08 -5.28 -14.03
N LEU A 73 3.62 -4.04 -14.09
CA LEU A 73 2.55 -3.68 -15.01
C LEU A 73 3.02 -3.89 -16.45
N LEU A 74 4.32 -3.75 -16.63
CA LEU A 74 4.91 -3.92 -17.94
C LEU A 74 4.84 -5.40 -18.35
N ILE A 75 5.06 -6.26 -17.36
CA ILE A 75 5.03 -7.70 -17.59
C ILE A 75 3.58 -8.13 -17.79
N ASP A 76 2.70 -7.57 -16.96
CA ASP A 76 1.29 -7.90 -17.03
C ASP A 76 0.47 -6.65 -16.73
N PRO A 77 -0.11 -6.06 -17.81
CA PRO A 77 -0.92 -4.86 -17.68
C PRO A 77 -2.29 -5.19 -17.09
N LYS A 78 -2.64 -6.47 -17.15
CA LYS A 78 -3.91 -6.93 -16.63
C LYS A 78 -3.79 -7.16 -15.13
N LYS A 79 -2.60 -6.90 -14.62
CA LYS A 79 -2.34 -7.07 -13.20
C LYS A 79 -3.13 -6.02 -12.41
N ASP A 80 -4.41 -6.29 -12.27
CA ASP A 80 -5.29 -5.38 -11.54
C ASP A 80 -4.68 -5.09 -10.17
N GLU A 81 -3.89 -6.03 -9.69
CA GLU A 81 -3.24 -5.89 -8.40
C GLU A 81 -2.15 -4.81 -8.46
N ALA A 82 -1.28 -4.97 -9.43
CA ALA A 82 -0.19 -4.01 -9.62
C ALA A 82 -0.77 -2.59 -9.68
N VAL A 83 -1.98 -2.50 -10.23
CA VAL A 83 -2.64 -1.22 -10.35
C VAL A 83 -3.15 -0.78 -8.98
N TRP A 84 -3.90 -1.67 -8.35
CA TRP A 84 -4.46 -1.39 -7.03
C TRP A 84 -3.30 -1.10 -6.08
N CYS A 85 -2.30 -1.97 -6.14
CA CYS A 85 -1.13 -1.82 -5.29
C CYS A 85 -0.62 -0.38 -5.41
N ILE A 86 -0.40 0.02 -6.66
CA ILE A 86 0.08 1.37 -6.92
C ILE A 86 -0.82 2.38 -6.21
N GLY A 87 -2.11 2.09 -6.22
CA GLY A 87 -3.08 2.97 -5.59
C GLY A 87 -2.99 2.86 -4.06
N ASN A 88 -2.86 1.63 -3.59
CA ASN A 88 -2.77 1.37 -2.17
C ASN A 88 -1.50 2.02 -1.62
N ALA A 89 -0.50 2.11 -2.48
CA ALA A 89 0.77 2.70 -2.11
C ALA A 89 0.59 4.21 -1.91
N TYR A 90 0.06 4.85 -2.94
CA TYR A 90 -0.17 6.28 -2.90
C TYR A 90 -1.06 6.66 -1.71
N THR A 91 -2.13 5.90 -1.56
CA THR A 91 -3.07 6.14 -0.48
C THR A 91 -2.34 6.11 0.88
N SER A 92 -1.50 5.10 1.04
CA SER A 92 -0.75 4.95 2.27
C SER A 92 0.27 6.08 2.40
N PHE A 93 1.05 6.27 1.33
CA PHE A 93 2.06 7.31 1.32
C PHE A 93 1.44 8.68 1.62
N ALA A 94 0.21 8.85 1.16
CA ALA A 94 -0.50 10.10 1.38
C ALA A 94 -0.64 10.36 2.88
N PHE A 95 -1.14 9.35 3.57
CA PHE A 95 -1.33 9.44 5.01
C PHE A 95 -0.03 9.82 5.70
N LEU A 96 1.08 9.50 5.04
CA LEU A 96 2.39 9.81 5.58
C LEU A 96 2.83 11.19 5.11
N THR A 97 2.20 11.65 4.04
CA THR A 97 2.52 12.95 3.49
C THR A 97 1.55 14.01 4.01
N PRO A 98 2.13 15.02 4.72
CA PRO A 98 1.33 16.09 5.29
C PRO A 98 0.87 17.07 4.19
N ASP A 99 1.66 17.13 3.13
CA ASP A 99 1.35 18.02 2.02
C ASP A 99 -0.01 17.63 1.44
N GLU A 100 -1.06 18.18 2.05
CA GLU A 100 -2.41 17.90 1.60
C GLU A 100 -2.46 17.82 0.08
N THR A 101 -1.84 18.80 -0.56
CA THR A 101 -1.80 18.86 -2.01
C THR A 101 -1.27 17.54 -2.58
N GLU A 102 -0.07 17.20 -2.15
CA GLU A 102 0.56 15.97 -2.61
C GLU A 102 -0.26 14.75 -2.16
N ALA A 103 -0.58 14.76 -0.88
CA ALA A 103 -1.36 13.66 -0.31
C ALA A 103 -2.64 13.47 -1.12
N LYS A 104 -3.37 14.56 -1.27
CA LYS A 104 -4.62 14.54 -2.01
C LYS A 104 -4.33 14.09 -3.46
N HIS A 105 -3.38 14.77 -4.07
CA HIS A 105 -3.00 14.47 -5.43
C HIS A 105 -2.78 12.96 -5.58
N ASN A 106 -2.18 12.38 -4.54
CA ASN A 106 -1.90 10.95 -4.55
C ASN A 106 -3.21 10.18 -4.37
N PHE A 107 -3.95 10.56 -3.33
CA PHE A 107 -5.21 9.91 -3.04
C PHE A 107 -6.10 9.88 -4.28
N ASP A 108 -6.11 11.00 -5.00
CA ASP A 108 -6.92 11.11 -6.20
C ASP A 108 -6.28 10.28 -7.32
N LEU A 109 -5.00 10.01 -7.14
CA LEU A 109 -4.25 9.23 -8.12
C LEU A 109 -4.62 7.76 -7.98
N ALA A 110 -4.48 7.26 -6.76
CA ALA A 110 -4.80 5.87 -6.47
C ALA A 110 -6.20 5.54 -7.00
N THR A 111 -7.03 6.58 -7.07
CA THR A 111 -8.38 6.42 -7.56
C THR A 111 -8.37 6.01 -9.03
N GLN A 112 -7.70 6.82 -9.84
CA GLN A 112 -7.61 6.55 -11.26
C GLN A 112 -7.13 5.12 -11.50
N PHE A 113 -6.36 4.62 -10.54
CA PHE A 113 -5.84 3.27 -10.64
C PHE A 113 -6.87 2.24 -10.20
N PHE A 114 -7.53 2.55 -9.09
CA PHE A 114 -8.55 1.66 -8.55
C PHE A 114 -9.61 1.33 -9.61
N GLN A 115 -9.93 2.35 -10.40
CA GLN A 115 -10.92 2.19 -11.46
C GLN A 115 -10.51 1.07 -12.42
N GLN A 116 -9.20 0.85 -12.49
CA GLN A 116 -8.66 -0.17 -13.36
C GLN A 116 -8.76 -1.55 -12.68
N ALA A 117 -8.41 -1.57 -11.41
CA ALA A 117 -8.46 -2.81 -10.64
C ALA A 117 -9.88 -3.36 -10.66
N VAL A 118 -10.82 -2.51 -10.28
CA VAL A 118 -12.22 -2.90 -10.25
C VAL A 118 -12.68 -3.24 -11.66
N ASP A 119 -12.14 -2.50 -12.63
CA ASP A 119 -12.48 -2.72 -14.02
C ASP A 119 -12.46 -4.22 -14.32
N GLU A 120 -11.34 -4.85 -13.98
CA GLU A 120 -11.18 -6.27 -14.20
C GLU A 120 -12.22 -7.06 -13.39
N GLN A 121 -12.37 -6.65 -12.14
CA GLN A 121 -13.32 -7.30 -11.24
C GLN A 121 -13.75 -6.34 -10.13
N PRO A 122 -14.86 -5.61 -10.41
CA PRO A 122 -15.39 -4.65 -9.44
C PRO A 122 -16.10 -5.37 -8.29
N ASP A 123 -16.19 -6.69 -8.43
CA ASP A 123 -16.84 -7.51 -7.41
C ASP A 123 -15.83 -7.86 -6.32
N ASN A 124 -14.61 -7.38 -6.51
CA ASN A 124 -13.54 -7.65 -5.57
C ASN A 124 -13.75 -6.79 -4.31
N THR A 125 -13.95 -7.46 -3.20
CA THR A 125 -14.16 -6.77 -1.94
C THR A 125 -12.98 -5.84 -1.63
N HIS A 126 -11.80 -6.31 -1.99
CA HIS A 126 -10.59 -5.53 -1.77
C HIS A 126 -10.65 -4.23 -2.59
N TYR A 127 -10.76 -4.40 -3.89
CA TYR A 127 -10.83 -3.25 -4.79
C TYR A 127 -11.95 -2.30 -4.37
N LEU A 128 -13.01 -2.88 -3.82
CA LEU A 128 -14.16 -2.10 -3.38
C LEU A 128 -13.71 -1.16 -2.26
N LYS A 129 -13.03 -1.73 -1.28
CA LYS A 129 -12.56 -0.96 -0.14
C LYS A 129 -11.57 0.11 -0.64
N SER A 130 -10.70 -0.32 -1.55
CA SER A 130 -9.71 0.59 -2.11
C SER A 130 -10.40 1.78 -2.77
N LEU A 131 -11.49 1.48 -3.45
CA LEU A 131 -12.25 2.51 -4.13
C LEU A 131 -13.01 3.35 -3.10
N GLU A 132 -13.80 2.67 -2.30
CA GLU A 132 -14.58 3.34 -1.27
C GLU A 132 -13.67 4.19 -0.38
N MET A 133 -12.44 3.72 -0.23
CA MET A 133 -11.46 4.42 0.59
C MET A 133 -11.23 5.84 0.06
N THR A 134 -11.36 5.98 -1.24
CA THR A 134 -11.16 7.28 -1.87
C THR A 134 -12.29 8.24 -1.48
N ALA A 135 -13.46 7.66 -1.24
CA ALA A 135 -14.62 8.44 -0.85
C ALA A 135 -14.19 9.51 0.15
N LYS A 136 -13.32 9.11 1.06
CA LYS A 136 -12.82 10.02 2.08
C LYS A 136 -11.29 10.08 2.02
N ALA A 137 -10.79 10.20 0.80
CA ALA A 137 -9.36 10.27 0.58
C ALA A 137 -8.80 11.52 1.27
N PRO A 138 -9.46 12.68 0.96
CA PRO A 138 -9.05 13.95 1.53
C PRO A 138 -9.46 14.05 3.00
N GLN A 139 -10.50 13.31 3.34
CA GLN A 139 -10.99 13.31 4.70
C GLN A 139 -10.14 12.40 5.59
N LEU A 140 -9.93 11.18 5.10
CA LEU A 140 -9.14 10.21 5.83
C LEU A 140 -7.81 10.86 6.25
N HIS A 141 -7.25 11.63 5.34
CA HIS A 141 -5.99 12.30 5.60
C HIS A 141 -6.20 13.39 6.66
N ALA A 142 -7.28 14.14 6.49
CA ALA A 142 -7.61 15.20 7.42
C ALA A 142 -7.84 14.61 8.80
N GLU A 143 -8.71 13.61 8.85
CA GLU A 143 -9.04 12.95 10.11
C GLU A 143 -7.84 12.15 10.61
N ALA A 144 -7.02 11.73 9.67
CA ALA A 144 -5.83 10.95 10.00
C ALA A 144 -4.85 11.83 10.77
N TYR A 145 -4.59 13.00 10.20
CA TYR A 145 -3.68 13.95 10.83
C TYR A 145 -4.39 14.75 11.93
N LYS A 146 -5.66 14.99 11.71
CA LYS A 146 -6.46 15.74 12.66
C LYS A 146 -6.61 14.91 13.95
N GLN A 147 -6.94 13.65 13.77
CA GLN A 147 -7.12 12.75 14.90
C GLN A 147 -5.76 12.24 15.39
N GLY A 148 -5.32 12.79 16.51
CA GLY A 148 -4.05 12.40 17.08
C GLY A 148 -3.68 13.28 18.27
N LEU A 149 -2.73 14.17 18.04
CA LEU A 149 -2.29 15.08 19.09
C LEU A 149 -1.72 16.35 18.45
N GLY A 150 -2.61 17.29 18.17
CA GLY A 150 -2.21 18.55 17.57
C GLY A 150 -2.53 19.73 18.48
N GLY A 151 -3.53 20.49 18.07
CA GLY A 151 -3.94 21.65 18.84
C GLY A 151 -5.40 22.02 18.53
N SER A 152 -5.56 23.13 17.83
CA SER A 152 -6.88 23.60 17.46
C SER A 152 -7.75 22.42 17.04
N HIS A 153 -9.06 22.63 17.14
CA HIS A 153 -10.02 21.59 16.78
C HIS A 153 -10.64 21.91 15.42
N HIS A 154 -11.37 23.02 15.39
CA HIS A 154 -12.02 23.46 14.17
C HIS A 154 -12.76 24.78 14.42
N HIS A 155 -13.34 25.31 13.35
CA HIS A 155 -14.07 26.55 13.44
C HIS A 155 -15.42 26.42 12.72
N HIS A 156 -16.35 25.75 13.39
CA HIS A 156 -17.67 25.53 12.82
C HIS A 156 -18.63 25.10 13.93
N HIS A 157 -19.90 25.00 13.56
CA HIS A 157 -20.93 24.60 14.50
C HIS A 157 -21.76 23.46 13.91
N HIS A 158 -22.65 22.93 14.73
CA HIS A 158 -23.50 21.83 14.31
C HIS A 158 -24.00 22.10 12.89
N GLY A 1 13.13 -12.11 23.38
CA GLY A 1 13.47 -13.52 23.48
C GLY A 1 12.20 -14.37 23.62
N PRO A 2 11.73 -14.90 22.47
CA PRO A 2 10.54 -15.74 22.46
C PRO A 2 10.84 -17.13 23.01
N LEU A 3 10.58 -17.29 24.30
CA LEU A 3 10.82 -18.57 24.97
C LEU A 3 9.84 -18.72 26.13
N GLY A 4 8.82 -19.53 25.90
CA GLY A 4 7.81 -19.76 26.92
C GLY A 4 6.83 -20.85 26.47
N SER A 5 5.64 -20.42 26.08
CA SER A 5 4.61 -21.34 25.63
C SER A 5 4.93 -21.81 24.21
N MET A 6 5.73 -21.03 23.51
CA MET A 6 6.11 -21.35 22.15
C MET A 6 4.89 -21.35 21.23
N ASP A 7 5.12 -20.91 20.00
CA ASP A 7 4.05 -20.86 19.02
C ASP A 7 3.12 -19.69 19.34
N THR A 8 3.72 -18.53 19.53
CA THR A 8 2.96 -17.33 19.85
C THR A 8 2.82 -16.45 18.61
N GLU A 9 2.20 -15.28 18.82
CA GLU A 9 2.00 -14.34 17.73
C GLU A 9 1.82 -12.93 18.28
N THR A 10 2.56 -12.00 17.69
CA THR A 10 2.49 -10.61 18.11
C THR A 10 2.66 -9.68 16.90
N GLU A 11 2.45 -10.25 15.72
CA GLU A 11 2.59 -9.48 14.50
C GLU A 11 4.03 -9.54 13.99
N PHE A 12 4.94 -9.80 14.92
CA PHE A 12 6.35 -9.88 14.57
C PHE A 12 6.62 -11.04 13.61
N ASP A 13 6.19 -12.22 14.03
CA ASP A 13 6.38 -13.41 13.22
C ASP A 13 5.91 -13.13 11.78
N ARG A 14 4.81 -12.39 11.70
CA ARG A 14 4.25 -12.04 10.40
C ARG A 14 5.20 -11.12 9.64
N ILE A 15 5.89 -10.28 10.39
CA ILE A 15 6.82 -9.34 9.80
C ILE A 15 7.99 -10.11 9.19
N LEU A 16 8.42 -11.14 9.91
CA LEU A 16 9.52 -11.97 9.45
C LEU A 16 9.16 -12.58 8.10
N LEU A 17 7.92 -13.06 8.01
CA LEU A 17 7.44 -13.67 6.78
C LEU A 17 7.58 -12.66 5.62
N PHE A 18 7.08 -11.46 5.87
CA PHE A 18 7.14 -10.41 4.87
C PHE A 18 8.59 -10.02 4.57
N GLU A 19 9.44 -10.23 5.55
CA GLU A 19 10.86 -9.91 5.40
C GLU A 19 11.50 -10.85 4.38
N GLN A 20 11.45 -12.14 4.68
CA GLN A 20 12.02 -13.14 3.80
C GLN A 20 11.50 -12.95 2.37
N ILE A 21 10.30 -12.40 2.28
CA ILE A 21 9.69 -12.16 0.99
C ILE A 21 10.42 -11.01 0.29
N ARG A 22 10.52 -9.89 1.00
CA ARG A 22 11.20 -8.72 0.47
C ARG A 22 12.55 -9.10 -0.12
N GLN A 23 13.39 -9.66 0.73
CA GLN A 23 14.72 -10.07 0.32
C GLN A 23 14.63 -10.99 -0.91
N ASP A 24 13.64 -11.86 -0.87
CA ASP A 24 13.43 -12.80 -1.96
C ASP A 24 13.06 -12.03 -3.23
N ALA A 25 12.39 -10.91 -3.02
CA ALA A 25 11.96 -10.08 -4.14
C ALA A 25 13.21 -9.47 -4.80
N GLU A 26 14.10 -8.96 -3.97
CA GLU A 26 15.32 -8.34 -4.47
C GLU A 26 16.17 -9.38 -5.20
N ASN A 27 16.21 -10.58 -4.63
CA ASN A 27 16.99 -11.66 -5.22
C ASN A 27 16.23 -12.21 -6.43
N THR A 28 14.93 -12.32 -6.27
CA THR A 28 14.07 -12.83 -7.33
C THR A 28 14.19 -11.96 -8.58
N TYR A 29 14.59 -10.72 -8.36
CA TYR A 29 14.76 -9.77 -9.45
C TYR A 29 15.70 -10.31 -10.51
N LYS A 30 16.93 -10.57 -10.09
CA LYS A 30 17.93 -11.10 -11.00
C LYS A 30 17.50 -12.48 -11.50
N SER A 31 16.75 -13.16 -10.65
CA SER A 31 16.26 -14.49 -10.98
C SER A 31 15.20 -14.39 -12.07
N ASN A 32 14.35 -13.38 -11.95
CA ASN A 32 13.28 -13.17 -12.91
C ASN A 32 12.65 -11.80 -12.67
N PRO A 33 13.28 -10.76 -13.30
CA PRO A 33 12.79 -9.40 -13.16
C PRO A 33 11.52 -9.19 -14.00
N LEU A 34 11.10 -10.26 -14.66
CA LEU A 34 9.91 -10.20 -15.49
C LEU A 34 8.72 -10.74 -14.71
N ASP A 35 9.03 -11.34 -13.56
CA ASP A 35 7.99 -11.90 -12.71
C ASP A 35 7.16 -10.77 -12.11
N ALA A 36 6.01 -10.54 -12.72
CA ALA A 36 5.11 -9.50 -12.26
C ALA A 36 4.50 -9.91 -10.92
N ASP A 37 4.28 -11.20 -10.78
CA ASP A 37 3.70 -11.74 -9.56
C ASP A 37 4.66 -11.48 -8.39
N ASN A 38 5.89 -11.97 -8.56
CA ASN A 38 6.90 -11.81 -7.54
C ASN A 38 7.28 -10.32 -7.43
N LEU A 39 7.26 -9.66 -8.57
CA LEU A 39 7.60 -8.25 -8.62
C LEU A 39 6.55 -7.46 -7.83
N THR A 40 5.30 -7.65 -8.21
CA THR A 40 4.20 -6.97 -7.55
C THR A 40 4.19 -7.28 -6.05
N ARG A 41 4.37 -8.56 -5.74
CA ARG A 41 4.38 -9.00 -4.36
C ARG A 41 5.47 -8.25 -3.58
N TRP A 42 6.49 -7.83 -4.31
CA TRP A 42 7.59 -7.10 -3.70
C TRP A 42 7.03 -5.83 -3.06
N GLY A 43 5.92 -5.38 -3.62
CA GLY A 43 5.26 -4.17 -3.11
C GLY A 43 4.34 -4.51 -1.95
N GLY A 44 3.34 -5.33 -2.23
CA GLY A 44 2.38 -5.73 -1.22
C GLY A 44 3.07 -5.93 0.14
N VAL A 45 4.21 -6.59 0.10
CA VAL A 45 4.97 -6.85 1.31
C VAL A 45 5.50 -5.53 1.87
N LEU A 46 6.15 -4.78 0.98
CA LEU A 46 6.71 -3.50 1.38
C LEU A 46 5.65 -2.68 2.12
N LEU A 47 4.45 -2.71 1.58
CA LEU A 47 3.34 -1.98 2.18
C LEU A 47 3.05 -2.57 3.57
N GLU A 48 3.19 -3.89 3.67
CA GLU A 48 2.94 -4.57 4.92
C GLU A 48 3.98 -4.16 5.97
N LEU A 49 5.24 -4.40 5.64
CA LEU A 49 6.33 -4.06 6.53
C LEU A 49 6.35 -2.55 6.74
N SER A 50 5.82 -1.83 5.76
CA SER A 50 5.76 -0.37 5.84
C SER A 50 5.09 0.06 7.14
N GLN A 51 4.00 -0.64 7.47
CA GLN A 51 3.26 -0.34 8.68
C GLN A 51 4.18 -0.45 9.91
N PHE A 52 5.07 -1.42 9.84
CA PHE A 52 6.00 -1.65 10.94
C PHE A 52 7.18 -0.68 10.87
N HIS A 53 7.54 -0.33 9.65
CA HIS A 53 8.65 0.59 9.44
C HIS A 53 8.16 2.03 9.63
N SER A 54 8.98 2.81 10.32
CA SER A 54 8.65 4.20 10.58
C SER A 54 8.17 4.87 9.30
N ILE A 55 7.37 5.91 9.48
CA ILE A 55 6.84 6.65 8.35
C ILE A 55 7.98 7.06 7.43
N SER A 56 9.03 7.60 8.03
CA SER A 56 10.19 8.04 7.29
C SER A 56 10.58 6.98 6.25
N ASP A 57 10.81 5.77 6.76
CA ASP A 57 11.20 4.67 5.91
C ASP A 57 9.98 4.20 5.10
N ALA A 58 8.84 4.20 5.78
CA ALA A 58 7.60 3.79 5.14
C ALA A 58 7.48 4.47 3.77
N LYS A 59 7.58 5.79 3.80
CA LYS A 59 7.48 6.56 2.56
C LYS A 59 8.43 5.97 1.51
N GLN A 60 9.71 5.91 1.87
CA GLN A 60 10.70 5.36 0.97
C GLN A 60 10.30 3.96 0.52
N MET A 61 9.82 3.18 1.47
CA MET A 61 9.40 1.82 1.18
C MET A 61 8.22 1.81 0.20
N ILE A 62 7.39 2.84 0.31
CA ILE A 62 6.23 2.96 -0.56
C ILE A 62 6.69 3.33 -1.97
N GLN A 63 7.54 4.34 -2.04
CA GLN A 63 8.05 4.80 -3.32
C GLN A 63 8.56 3.61 -4.14
N GLU A 64 9.44 2.84 -3.53
CA GLU A 64 10.00 1.68 -4.20
C GLU A 64 8.90 0.66 -4.52
N ALA A 65 7.93 0.58 -3.60
CA ALA A 65 6.82 -0.34 -3.77
C ALA A 65 6.08 -0.01 -5.06
N ILE A 66 6.14 1.27 -5.42
CA ILE A 66 5.47 1.73 -6.63
C ILE A 66 6.31 1.35 -7.85
N THR A 67 7.56 1.79 -7.82
CA THR A 67 8.48 1.50 -8.91
C THR A 67 8.47 0.01 -9.24
N LYS A 68 8.16 -0.80 -8.23
CA LYS A 68 8.11 -2.23 -8.39
C LYS A 68 6.87 -2.61 -9.22
N PHE A 69 5.75 -2.03 -8.83
CA PHE A 69 4.50 -2.29 -9.52
C PHE A 69 4.60 -1.90 -11.00
N GLU A 70 5.21 -0.75 -11.24
CA GLU A 70 5.36 -0.26 -12.59
C GLU A 70 5.95 -1.35 -13.49
N GLU A 71 7.08 -1.89 -13.06
CA GLU A 71 7.75 -2.93 -13.82
C GLU A 71 6.84 -4.16 -13.93
N ALA A 72 6.24 -4.52 -12.82
CA ALA A 72 5.34 -5.66 -12.78
C ALA A 72 4.24 -5.48 -13.84
N LEU A 73 3.70 -4.27 -13.87
CA LEU A 73 2.64 -3.94 -14.81
C LEU A 73 3.20 -4.04 -16.24
N LEU A 74 4.47 -3.71 -16.37
CA LEU A 74 5.13 -3.75 -17.66
C LEU A 74 5.14 -5.19 -18.17
N ILE A 75 5.12 -6.12 -17.23
CA ILE A 75 5.13 -7.54 -17.56
C ILE A 75 3.72 -7.98 -17.95
N ASP A 76 2.75 -7.45 -17.22
CA ASP A 76 1.35 -7.77 -17.47
C ASP A 76 0.47 -6.64 -16.95
N PRO A 77 -0.21 -5.96 -17.91
CA PRO A 77 -1.09 -4.86 -17.56
C PRO A 77 -2.40 -5.38 -16.95
N LYS A 78 -2.53 -6.69 -16.94
CA LYS A 78 -3.72 -7.32 -16.38
C LYS A 78 -3.57 -7.43 -14.86
N LYS A 79 -2.38 -7.07 -14.39
CA LYS A 79 -2.11 -7.13 -12.96
C LYS A 79 -2.95 -6.08 -12.24
N ASP A 80 -4.23 -6.37 -12.14
CA ASP A 80 -5.16 -5.46 -11.48
C ASP A 80 -4.62 -5.11 -10.09
N GLU A 81 -3.95 -6.09 -9.49
CA GLU A 81 -3.39 -5.89 -8.17
C GLU A 81 -2.30 -4.82 -8.21
N ALA A 82 -1.40 -4.97 -9.17
CA ALA A 82 -0.30 -4.04 -9.32
C ALA A 82 -0.87 -2.62 -9.40
N VAL A 83 -2.06 -2.52 -9.97
CA VAL A 83 -2.72 -1.23 -10.12
C VAL A 83 -3.25 -0.78 -8.75
N TRP A 84 -4.01 -1.67 -8.12
CA TRP A 84 -4.59 -1.37 -6.82
C TRP A 84 -3.44 -1.09 -5.85
N CYS A 85 -2.44 -1.97 -5.87
CA CYS A 85 -1.29 -1.82 -5.01
C CYS A 85 -0.75 -0.41 -5.17
N ILE A 86 -0.53 -0.03 -6.42
CA ILE A 86 -0.01 1.29 -6.72
C ILE A 86 -0.88 2.35 -6.04
N GLY A 87 -2.18 2.16 -6.15
CA GLY A 87 -3.13 3.08 -5.55
C GLY A 87 -3.05 3.02 -4.01
N ASN A 88 -2.92 1.80 -3.51
CA ASN A 88 -2.84 1.60 -2.08
C ASN A 88 -1.56 2.26 -1.55
N ALA A 89 -0.51 2.16 -2.35
CA ALA A 89 0.77 2.73 -1.97
C ALA A 89 0.63 4.25 -1.84
N TYR A 90 0.14 4.86 -2.91
CA TYR A 90 -0.05 6.30 -2.93
C TYR A 90 -0.97 6.74 -1.78
N THR A 91 -2.03 5.97 -1.58
CA THR A 91 -2.98 6.27 -0.53
C THR A 91 -2.29 6.29 0.84
N SER A 92 -1.57 5.21 1.11
CA SER A 92 -0.86 5.08 2.37
C SER A 92 0.18 6.19 2.49
N PHE A 93 0.99 6.33 1.44
CA PHE A 93 2.02 7.36 1.42
C PHE A 93 1.42 8.74 1.67
N ALA A 94 0.19 8.91 1.24
CA ALA A 94 -0.50 10.18 1.42
C ALA A 94 -0.69 10.45 2.90
N PHE A 95 -1.18 9.44 3.60
CA PHE A 95 -1.42 9.56 5.04
C PHE A 95 -0.14 9.99 5.76
N LEU A 96 0.98 9.66 5.15
CA LEU A 96 2.28 10.00 5.73
C LEU A 96 2.70 11.38 5.23
N THR A 97 2.07 11.80 4.15
CA THR A 97 2.38 13.10 3.57
C THR A 97 1.41 14.16 4.10
N PRO A 98 1.99 15.18 4.79
CA PRO A 98 1.20 16.26 5.36
C PRO A 98 0.73 17.22 4.26
N ASP A 99 1.51 17.29 3.21
CA ASP A 99 1.20 18.16 2.09
C ASP A 99 -0.17 17.77 1.52
N GLU A 100 -1.21 18.32 2.13
CA GLU A 100 -2.57 18.03 1.69
C GLU A 100 -2.63 17.96 0.16
N THR A 101 -2.03 18.96 -0.47
CA THR A 101 -2.01 19.02 -1.92
C THR A 101 -1.48 17.71 -2.50
N GLU A 102 -0.30 17.32 -2.03
CA GLU A 102 0.33 16.10 -2.48
C GLU A 102 -0.49 14.88 -2.04
N ALA A 103 -0.81 14.87 -0.76
CA ALA A 103 -1.59 13.78 -0.19
C ALA A 103 -2.87 13.60 -1.00
N LYS A 104 -3.60 14.70 -1.15
CA LYS A 104 -4.85 14.67 -1.89
C LYS A 104 -4.57 14.25 -3.34
N HIS A 105 -3.59 14.90 -3.93
CA HIS A 105 -3.21 14.60 -5.30
C HIS A 105 -2.98 13.09 -5.45
N ASN A 106 -2.29 12.53 -4.47
CA ASN A 106 -2.00 11.10 -4.48
C ASN A 106 -3.31 10.32 -4.40
N PHE A 107 -4.09 10.65 -3.37
CA PHE A 107 -5.36 9.98 -3.16
C PHE A 107 -6.21 10.01 -4.43
N ASP A 108 -6.20 11.16 -5.09
CA ASP A 108 -6.96 11.32 -6.31
C ASP A 108 -6.27 10.55 -7.44
N LEU A 109 -5.00 10.25 -7.23
CA LEU A 109 -4.23 9.51 -8.22
C LEU A 109 -4.57 8.03 -8.13
N ALA A 110 -4.57 7.53 -6.90
CA ALA A 110 -4.88 6.13 -6.66
C ALA A 110 -6.28 5.82 -7.19
N THR A 111 -7.08 6.88 -7.27
CA THR A 111 -8.45 6.73 -7.76
C THR A 111 -8.45 6.22 -9.21
N GLN A 112 -7.75 6.96 -10.06
CA GLN A 112 -7.66 6.59 -11.46
C GLN A 112 -7.15 5.16 -11.61
N PHE A 113 -6.44 4.71 -10.58
CA PHE A 113 -5.89 3.37 -10.59
C PHE A 113 -6.93 2.35 -10.13
N PHE A 114 -7.63 2.70 -9.07
CA PHE A 114 -8.67 1.82 -8.53
C PHE A 114 -9.68 1.44 -9.61
N GLN A 115 -9.86 2.35 -10.55
CA GLN A 115 -10.79 2.11 -11.65
C GLN A 115 -10.37 0.88 -12.45
N GLN A 116 -9.06 0.71 -12.57
CA GLN A 116 -8.52 -0.42 -13.30
C GLN A 116 -8.61 -1.70 -12.47
N ALA A 117 -8.40 -1.53 -11.17
CA ALA A 117 -8.46 -2.67 -10.26
C ALA A 117 -9.88 -3.24 -10.26
N VAL A 118 -10.84 -2.36 -10.02
CA VAL A 118 -12.23 -2.77 -9.99
C VAL A 118 -12.68 -3.13 -11.42
N ASP A 119 -12.15 -2.39 -12.37
CA ASP A 119 -12.50 -2.62 -13.77
C ASP A 119 -12.45 -4.12 -14.05
N GLU A 120 -11.40 -4.76 -13.54
CA GLU A 120 -11.25 -6.19 -13.74
C GLU A 120 -12.20 -6.97 -12.84
N GLN A 121 -12.30 -6.52 -11.59
CA GLN A 121 -13.17 -7.15 -10.63
C GLN A 121 -13.82 -6.10 -9.72
N PRO A 122 -14.93 -5.51 -10.22
CA PRO A 122 -15.65 -4.49 -9.48
C PRO A 122 -16.45 -5.12 -8.34
N ASP A 123 -16.40 -6.44 -8.27
CA ASP A 123 -17.12 -7.17 -7.24
C ASP A 123 -16.17 -7.49 -6.10
N ASN A 124 -14.88 -7.29 -6.36
CA ASN A 124 -13.86 -7.56 -5.36
C ASN A 124 -14.02 -6.60 -4.19
N THR A 125 -14.10 -7.16 -3.00
CA THR A 125 -14.25 -6.37 -1.80
C THR A 125 -13.12 -5.34 -1.68
N HIS A 126 -11.90 -5.86 -1.74
CA HIS A 126 -10.73 -5.00 -1.64
C HIS A 126 -10.85 -3.84 -2.63
N TYR A 127 -10.99 -4.20 -3.90
CA TYR A 127 -11.12 -3.20 -4.95
C TYR A 127 -12.29 -2.26 -4.67
N LEU A 128 -13.25 -2.77 -3.91
CA LEU A 128 -14.42 -1.99 -3.56
C LEU A 128 -14.05 -0.97 -2.49
N LYS A 129 -13.43 -1.47 -1.43
CA LYS A 129 -13.01 -0.62 -0.33
C LYS A 129 -12.03 0.43 -0.84
N SER A 130 -11.08 -0.05 -1.64
CA SER A 130 -10.07 0.83 -2.20
C SER A 130 -10.74 1.95 -3.01
N LEU A 131 -11.82 1.59 -3.67
CA LEU A 131 -12.56 2.54 -4.48
C LEU A 131 -13.32 3.50 -3.56
N GLU A 132 -13.96 2.93 -2.56
CA GLU A 132 -14.72 3.72 -1.60
C GLU A 132 -13.78 4.59 -0.77
N MET A 133 -12.60 4.05 -0.50
CA MET A 133 -11.61 4.77 0.28
C MET A 133 -11.41 6.18 -0.26
N THR A 134 -11.60 6.32 -1.57
CA THR A 134 -11.44 7.61 -2.21
C THR A 134 -12.54 8.57 -1.76
N ALA A 135 -13.69 8.00 -1.43
CA ALA A 135 -14.82 8.79 -0.98
C ALA A 135 -14.36 9.77 0.10
N LYS A 136 -13.44 9.30 0.92
CA LYS A 136 -12.91 10.13 2.00
C LYS A 136 -11.38 10.19 1.87
N ALA A 137 -10.92 10.36 0.64
CA ALA A 137 -9.50 10.45 0.38
C ALA A 137 -8.92 11.67 1.07
N PRO A 138 -9.54 12.84 0.77
CA PRO A 138 -9.10 14.09 1.37
C PRO A 138 -9.54 14.19 2.83
N GLN A 139 -10.58 13.44 3.16
CA GLN A 139 -11.11 13.44 4.51
C GLN A 139 -10.25 12.54 5.40
N LEU A 140 -10.05 11.31 4.94
CA LEU A 140 -9.26 10.34 5.69
C LEU A 140 -7.95 11.00 6.12
N HIS A 141 -7.37 11.76 5.20
CA HIS A 141 -6.11 12.44 5.47
C HIS A 141 -6.34 13.54 6.51
N ALA A 142 -7.43 14.29 6.31
CA ALA A 142 -7.77 15.37 7.22
C ALA A 142 -8.03 14.80 8.61
N GLU A 143 -8.89 13.80 8.66
CA GLU A 143 -9.24 13.16 9.91
C GLU A 143 -8.04 12.37 10.45
N ALA A 144 -7.20 11.94 9.53
CA ALA A 144 -6.01 11.18 9.89
C ALA A 144 -5.06 12.07 10.69
N TYR A 145 -4.81 13.24 10.13
CA TYR A 145 -3.91 14.20 10.78
C TYR A 145 -4.65 15.01 11.84
N LYS A 146 -5.93 15.24 11.57
CA LYS A 146 -6.76 16.00 12.49
C LYS A 146 -6.97 15.20 13.77
N GLN A 147 -7.33 13.93 13.59
CA GLN A 147 -7.56 13.05 14.71
C GLN A 147 -6.24 12.41 15.17
N GLY A 148 -6.00 12.48 16.47
CA GLY A 148 -4.80 11.92 17.05
C GLY A 148 -4.94 10.41 17.28
N LEU A 149 -5.00 10.04 18.54
CA LEU A 149 -5.14 8.64 18.92
C LEU A 149 -3.81 7.92 18.67
N GLY A 150 -3.36 7.96 17.43
CA GLY A 150 -2.11 7.32 17.07
C GLY A 150 -1.03 7.56 18.12
N GLY A 151 -0.60 8.81 18.20
CA GLY A 151 0.43 9.19 19.16
C GLY A 151 0.90 10.63 18.92
N SER A 152 2.14 10.74 18.46
CA SER A 152 2.71 12.04 18.18
C SER A 152 2.92 12.81 19.49
N HIS A 153 4.12 13.35 19.64
CA HIS A 153 4.46 14.11 20.82
C HIS A 153 4.29 13.22 22.07
N HIS A 154 5.37 12.52 22.38
CA HIS A 154 5.35 11.62 23.54
C HIS A 154 4.28 10.56 23.34
N HIS A 155 4.43 9.47 24.08
CA HIS A 155 3.48 8.36 24.00
C HIS A 155 2.87 8.12 25.39
N HIS A 156 3.72 7.69 26.31
CA HIS A 156 3.28 7.43 27.67
C HIS A 156 4.31 7.96 28.66
N HIS A 157 5.50 7.36 28.61
CA HIS A 157 6.58 7.77 29.49
C HIS A 157 7.50 8.75 28.76
N HIS A 158 7.80 9.85 29.45
CA HIS A 158 8.67 10.86 28.88
C HIS A 158 10.08 10.29 28.69
N GLY A 1 -10.32 -23.82 15.04
CA GLY A 1 -10.73 -22.52 14.54
C GLY A 1 -9.55 -21.55 14.49
N PRO A 2 -9.70 -20.51 13.62
CA PRO A 2 -8.66 -19.51 13.47
C PRO A 2 -8.63 -18.56 14.66
N LEU A 3 -7.49 -18.52 15.33
CA LEU A 3 -7.33 -17.65 16.49
C LEU A 3 -5.85 -17.37 16.70
N GLY A 4 -5.12 -18.41 17.05
CA GLY A 4 -3.69 -18.29 17.28
C GLY A 4 -3.29 -18.94 18.60
N SER A 5 -3.17 -20.26 18.57
CA SER A 5 -2.80 -21.01 19.76
C SER A 5 -1.29 -20.92 19.98
N MET A 6 -0.56 -20.94 18.87
CA MET A 6 0.89 -20.87 18.93
C MET A 6 1.36 -19.43 19.13
N ASP A 7 2.24 -19.25 20.10
CA ASP A 7 2.78 -17.93 20.39
C ASP A 7 1.63 -16.99 20.76
N THR A 8 1.98 -15.75 21.06
CA THR A 8 1.00 -14.75 21.42
C THR A 8 0.51 -14.00 20.18
N GLU A 9 1.36 -13.98 19.17
CA GLU A 9 1.03 -13.31 17.93
C GLU A 9 0.81 -11.81 18.17
N THR A 10 1.37 -11.01 17.29
CA THR A 10 1.24 -9.57 17.40
C THR A 10 1.51 -8.90 16.05
N GLU A 11 2.72 -9.12 15.55
CA GLU A 11 3.11 -8.55 14.27
C GLU A 11 4.44 -9.14 13.81
N PHE A 12 5.40 -9.14 14.73
CA PHE A 12 6.72 -9.67 14.43
C PHE A 12 6.62 -11.02 13.72
N ASP A 13 5.91 -11.94 14.36
CA ASP A 13 5.74 -13.27 13.79
C ASP A 13 5.29 -13.14 12.34
N ARG A 14 4.35 -12.24 12.12
CA ARG A 14 3.83 -12.01 10.78
C ARG A 14 4.89 -11.33 9.91
N ILE A 15 5.65 -10.46 10.54
CA ILE A 15 6.70 -9.74 9.82
C ILE A 15 7.69 -10.74 9.24
N LEU A 16 8.02 -11.74 10.04
CA LEU A 16 8.95 -12.77 9.61
C LEU A 16 8.48 -13.36 8.29
N LEU A 17 7.16 -13.42 8.13
CA LEU A 17 6.57 -13.95 6.92
C LEU A 17 6.77 -12.96 5.77
N PHE A 18 6.46 -11.70 6.06
CA PHE A 18 6.60 -10.66 5.07
C PHE A 18 8.07 -10.48 4.66
N GLU A 19 8.94 -10.60 5.65
CA GLU A 19 10.37 -10.45 5.42
C GLU A 19 10.84 -11.45 4.35
N GLN A 20 10.64 -12.72 4.66
CA GLN A 20 11.04 -13.78 3.74
C GLN A 20 10.49 -13.50 2.34
N ILE A 21 9.32 -12.87 2.31
CA ILE A 21 8.68 -12.54 1.05
C ILE A 21 9.45 -11.40 0.37
N ARG A 22 9.64 -10.33 1.12
CA ARG A 22 10.36 -9.18 0.61
C ARG A 22 11.75 -9.59 0.13
N GLN A 23 12.36 -10.51 0.87
CA GLN A 23 13.68 -11.00 0.53
C GLN A 23 13.63 -11.80 -0.78
N ASP A 24 12.68 -12.73 -0.82
CA ASP A 24 12.51 -13.57 -2.00
C ASP A 24 12.04 -12.70 -3.18
N ALA A 25 11.10 -11.82 -2.89
CA ALA A 25 10.57 -10.94 -3.90
C ALA A 25 11.65 -9.96 -4.36
N GLU A 26 12.27 -9.31 -3.38
CA GLU A 26 13.33 -8.36 -3.66
C GLU A 26 14.49 -9.05 -4.37
N ASN A 27 14.81 -10.24 -3.89
CA ASN A 27 15.89 -11.01 -4.47
C ASN A 27 15.44 -11.61 -5.80
N THR A 28 14.13 -11.80 -5.91
CA THR A 28 13.56 -12.36 -7.12
C THR A 28 13.74 -11.40 -8.29
N TYR A 29 13.89 -10.13 -7.96
CA TYR A 29 14.07 -9.10 -8.97
C TYR A 29 15.23 -9.46 -9.91
N LYS A 30 16.41 -9.59 -9.32
CA LYS A 30 17.59 -9.92 -10.08
C LYS A 30 17.42 -11.32 -10.69
N SER A 31 16.64 -12.14 -10.00
CA SER A 31 16.39 -13.49 -10.46
C SER A 31 15.50 -13.48 -11.71
N ASN A 32 14.55 -12.56 -11.70
CA ASN A 32 13.63 -12.42 -12.82
C ASN A 32 12.82 -11.14 -12.66
N PRO A 33 13.36 -10.04 -13.25
CA PRO A 33 12.69 -8.75 -13.18
C PRO A 33 11.47 -8.71 -14.11
N LEU A 34 11.24 -9.82 -14.78
CA LEU A 34 10.11 -9.92 -15.69
C LEU A 34 8.88 -10.40 -14.93
N ASP A 35 9.13 -11.18 -13.88
CA ASP A 35 8.05 -11.70 -13.07
C ASP A 35 7.33 -10.55 -12.37
N ALA A 36 6.21 -10.15 -12.96
CA ALA A 36 5.42 -9.07 -12.41
C ALA A 36 4.72 -9.53 -11.14
N ASP A 37 4.28 -10.78 -11.17
CA ASP A 37 3.60 -11.37 -10.03
C ASP A 37 4.44 -11.15 -8.77
N ASN A 38 5.68 -11.59 -8.84
CA ASN A 38 6.59 -11.44 -7.72
C ASN A 38 6.87 -9.96 -7.48
N LEU A 39 6.96 -9.22 -8.58
CA LEU A 39 7.24 -7.80 -8.51
C LEU A 39 6.15 -7.13 -7.67
N THR A 40 4.91 -7.33 -8.09
CA THR A 40 3.78 -6.74 -7.39
C THR A 40 3.74 -7.22 -5.94
N ARG A 41 4.12 -8.48 -5.76
CA ARG A 41 4.13 -9.08 -4.43
C ARG A 41 5.26 -8.47 -3.60
N TRP A 42 6.30 -8.03 -4.30
CA TRP A 42 7.45 -7.43 -3.64
C TRP A 42 7.01 -6.11 -3.02
N GLY A 43 5.98 -5.53 -3.61
CA GLY A 43 5.46 -4.26 -3.13
C GLY A 43 4.47 -4.48 -1.99
N GLY A 44 3.43 -5.26 -2.28
CA GLY A 44 2.42 -5.55 -1.28
C GLY A 44 3.04 -5.74 0.10
N VAL A 45 4.12 -6.50 0.13
CA VAL A 45 4.82 -6.77 1.37
C VAL A 45 5.46 -5.47 1.88
N LEU A 46 6.12 -4.78 0.97
CA LEU A 46 6.77 -3.52 1.31
C LEU A 46 5.79 -2.64 2.08
N LEU A 47 4.58 -2.59 1.59
CA LEU A 47 3.54 -1.78 2.21
C LEU A 47 3.22 -2.36 3.59
N GLU A 48 3.22 -3.68 3.67
CA GLU A 48 2.95 -4.37 4.92
C GLU A 48 4.04 -4.08 5.94
N LEU A 49 5.27 -4.42 5.56
CA LEU A 49 6.41 -4.21 6.44
C LEU A 49 6.57 -2.71 6.70
N SER A 50 6.09 -1.93 5.75
CA SER A 50 6.17 -0.48 5.86
C SER A 50 5.46 -0.01 7.13
N GLN A 51 4.37 -0.70 7.44
CA GLN A 51 3.59 -0.35 8.62
C GLN A 51 4.38 -0.68 9.89
N PHE A 52 5.12 -1.77 9.82
CA PHE A 52 5.92 -2.19 10.96
C PHE A 52 7.24 -1.40 11.02
N HIS A 53 7.59 -0.81 9.89
CA HIS A 53 8.81 -0.03 9.81
C HIS A 53 8.59 1.35 10.43
N SER A 54 8.21 2.29 9.58
CA SER A 54 7.95 3.64 10.04
C SER A 54 7.72 4.56 8.83
N ILE A 55 6.90 5.57 9.05
CA ILE A 55 6.58 6.52 8.00
C ILE A 55 7.87 6.94 7.29
N SER A 56 8.85 7.33 8.09
CA SER A 56 10.14 7.76 7.57
C SER A 56 10.58 6.80 6.46
N ASP A 57 10.66 5.53 6.82
CA ASP A 57 11.08 4.51 5.87
C ASP A 57 9.91 4.18 4.93
N ALA A 58 8.74 4.07 5.52
CA ALA A 58 7.53 3.76 4.75
C ALA A 58 7.50 4.64 3.51
N LYS A 59 7.65 5.94 3.74
CA LYS A 59 7.64 6.90 2.64
C LYS A 59 8.57 6.41 1.53
N GLN A 60 9.75 5.98 1.94
CA GLN A 60 10.73 5.49 0.99
C GLN A 60 10.33 4.10 0.47
N MET A 61 10.03 3.22 1.41
CA MET A 61 9.63 1.87 1.07
C MET A 61 8.46 1.87 0.09
N ILE A 62 7.65 2.92 0.18
CA ILE A 62 6.50 3.06 -0.69
C ILE A 62 6.97 3.43 -2.09
N GLN A 63 7.81 4.45 -2.16
CA GLN A 63 8.34 4.91 -3.43
C GLN A 63 8.81 3.71 -4.27
N GLU A 64 9.68 2.91 -3.68
CA GLU A 64 10.20 1.74 -4.36
C GLU A 64 9.08 0.73 -4.63
N ALA A 65 8.16 0.65 -3.67
CA ALA A 65 7.04 -0.26 -3.80
C ALA A 65 6.23 0.10 -5.05
N ILE A 66 6.28 1.37 -5.41
CA ILE A 66 5.57 1.84 -6.59
C ILE A 66 6.40 1.53 -7.84
N THR A 67 7.63 2.02 -7.83
CA THR A 67 8.52 1.80 -8.96
C THR A 67 8.55 0.32 -9.33
N LYS A 68 8.26 -0.52 -8.34
CA LYS A 68 8.26 -1.95 -8.56
C LYS A 68 7.01 -2.34 -9.37
N PHE A 69 5.87 -1.83 -8.91
CA PHE A 69 4.61 -2.11 -9.58
C PHE A 69 4.67 -1.71 -11.06
N GLU A 70 5.22 -0.53 -11.29
CA GLU A 70 5.34 -0.01 -12.65
C GLU A 70 5.99 -1.07 -13.56
N GLU A 71 7.16 -1.52 -13.14
CA GLU A 71 7.88 -2.52 -13.91
C GLU A 71 7.02 -3.76 -14.12
N ALA A 72 6.24 -4.08 -13.09
CA ALA A 72 5.37 -5.24 -13.14
C ALA A 72 4.30 -5.02 -14.21
N LEU A 73 3.71 -3.83 -14.18
CA LEU A 73 2.68 -3.48 -15.15
C LEU A 73 3.24 -3.62 -16.56
N LEU A 74 4.53 -3.35 -16.68
CA LEU A 74 5.20 -3.44 -17.97
C LEU A 74 5.19 -4.90 -18.44
N ILE A 75 5.29 -5.79 -17.48
CA ILE A 75 5.29 -7.22 -17.77
C ILE A 75 3.87 -7.66 -18.14
N ASP A 76 2.93 -7.19 -17.34
CA ASP A 76 1.53 -7.54 -17.58
C ASP A 76 0.64 -6.40 -17.07
N PRO A 77 -0.04 -5.72 -18.03
CA PRO A 77 -0.91 -4.61 -17.69
C PRO A 77 -2.23 -5.13 -17.09
N LYS A 78 -2.39 -6.43 -17.14
CA LYS A 78 -3.59 -7.06 -16.61
C LYS A 78 -3.44 -7.25 -15.10
N LYS A 79 -2.24 -6.95 -14.62
CA LYS A 79 -1.96 -7.07 -13.19
C LYS A 79 -2.80 -6.05 -12.42
N ASP A 80 -4.09 -6.35 -12.31
CA ASP A 80 -5.00 -5.48 -11.59
C ASP A 80 -4.42 -5.16 -10.21
N GLU A 81 -3.65 -6.10 -9.70
CA GLU A 81 -3.03 -5.95 -8.40
C GLU A 81 -1.97 -4.85 -8.44
N ALA A 82 -1.07 -4.96 -9.40
CA ALA A 82 -0.01 -3.99 -9.57
C ALA A 82 -0.61 -2.58 -9.62
N VAL A 83 -1.82 -2.51 -10.17
CA VAL A 83 -2.52 -1.24 -10.28
C VAL A 83 -3.04 -0.82 -8.91
N TRP A 84 -3.77 -1.74 -8.30
CA TRP A 84 -4.34 -1.48 -6.98
C TRP A 84 -3.19 -1.18 -6.01
N CYS A 85 -2.16 -2.01 -6.10
CA CYS A 85 -1.00 -1.85 -5.25
C CYS A 85 -0.53 -0.39 -5.33
N ILE A 86 -0.33 0.05 -6.57
CA ILE A 86 0.10 1.42 -6.81
C ILE A 86 -0.81 2.38 -6.06
N GLY A 87 -2.10 2.04 -6.04
CA GLY A 87 -3.09 2.86 -5.37
C GLY A 87 -2.94 2.76 -3.85
N ASN A 88 -2.74 1.53 -3.39
CA ASN A 88 -2.59 1.28 -1.97
C ASN A 88 -1.33 1.98 -1.46
N ALA A 89 -0.32 2.01 -2.33
CA ALA A 89 0.94 2.64 -1.99
C ALA A 89 0.75 4.15 -1.91
N TYR A 90 0.22 4.71 -2.98
CA TYR A 90 -0.01 6.14 -3.05
C TYR A 90 -0.93 6.59 -1.91
N THR A 91 -2.01 5.84 -1.73
CA THR A 91 -2.98 6.15 -0.69
C THR A 91 -2.29 6.22 0.67
N SER A 92 -1.47 5.22 0.93
CA SER A 92 -0.74 5.15 2.19
C SER A 92 0.27 6.29 2.26
N PHE A 93 1.08 6.40 1.22
CA PHE A 93 2.09 7.43 1.15
C PHE A 93 1.48 8.82 1.38
N ALA A 94 0.26 8.97 0.90
CA ALA A 94 -0.46 10.23 1.05
C ALA A 94 -0.55 10.59 2.54
N PHE A 95 -1.01 9.63 3.32
CA PHE A 95 -1.15 9.82 4.75
C PHE A 95 0.17 10.26 5.37
N LEU A 96 1.26 9.88 4.71
CA LEU A 96 2.58 10.22 5.20
C LEU A 96 3.03 11.54 4.56
N THR A 97 2.06 12.26 4.03
CA THR A 97 2.34 13.53 3.38
C THR A 97 1.34 14.59 3.85
N PRO A 98 1.89 15.65 4.51
CA PRO A 98 1.05 16.73 5.00
C PRO A 98 0.59 17.64 3.86
N ASP A 99 1.37 17.63 2.79
CA ASP A 99 1.05 18.44 1.64
C ASP A 99 -0.30 18.01 1.07
N GLU A 100 -1.36 18.58 1.63
CA GLU A 100 -2.71 18.26 1.19
C GLU A 100 -2.75 18.12 -0.33
N THR A 101 -2.14 19.08 -1.01
CA THR A 101 -2.11 19.06 -2.45
C THR A 101 -1.56 17.73 -2.97
N GLU A 102 -0.39 17.38 -2.45
CA GLU A 102 0.25 16.13 -2.83
C GLU A 102 -0.55 14.93 -2.31
N ALA A 103 -0.89 15.00 -1.03
CA ALA A 103 -1.64 13.93 -0.41
C ALA A 103 -2.91 13.68 -1.20
N LYS A 104 -3.66 14.75 -1.44
CA LYS A 104 -4.90 14.66 -2.20
C LYS A 104 -4.60 14.13 -3.59
N HIS A 105 -3.65 14.79 -4.25
CA HIS A 105 -3.25 14.39 -5.58
C HIS A 105 -3.00 12.89 -5.64
N ASN A 106 -2.31 12.40 -4.61
CA ASN A 106 -1.99 10.99 -4.52
C ASN A 106 -3.28 10.19 -4.41
N PHE A 107 -4.06 10.53 -3.39
CA PHE A 107 -5.33 9.85 -3.17
C PHE A 107 -6.17 9.81 -4.45
N ASP A 108 -6.17 10.93 -5.15
CA ASP A 108 -6.93 11.04 -6.39
C ASP A 108 -6.23 10.22 -7.48
N LEU A 109 -4.94 9.96 -7.25
CA LEU A 109 -4.17 9.19 -8.20
C LEU A 109 -4.51 7.70 -8.06
N ALA A 110 -4.51 7.24 -6.81
CA ALA A 110 -4.81 5.86 -6.53
C ALA A 110 -6.23 5.54 -7.03
N THR A 111 -7.03 6.59 -7.12
CA THR A 111 -8.40 6.43 -7.58
C THR A 111 -8.43 5.93 -9.02
N GLN A 112 -7.75 6.66 -9.88
CA GLN A 112 -7.69 6.31 -11.29
C GLN A 112 -7.14 4.89 -11.46
N PHE A 113 -6.41 4.45 -10.44
CA PHE A 113 -5.83 3.12 -10.45
C PHE A 113 -6.85 2.07 -10.02
N PHE A 114 -7.52 2.36 -8.91
CA PHE A 114 -8.53 1.45 -8.38
C PHE A 114 -9.57 1.10 -9.45
N GLN A 115 -9.89 2.10 -10.26
CA GLN A 115 -10.87 1.91 -11.32
C GLN A 115 -10.45 0.76 -12.23
N GLN A 116 -9.14 0.56 -12.32
CA GLN A 116 -8.60 -0.51 -13.15
C GLN A 116 -8.67 -1.84 -12.41
N ALA A 117 -8.31 -1.80 -11.13
CA ALA A 117 -8.32 -2.99 -10.31
C ALA A 117 -9.75 -3.52 -10.22
N VAL A 118 -10.68 -2.61 -10.00
CA VAL A 118 -12.09 -2.97 -9.90
C VAL A 118 -12.61 -3.38 -11.28
N ASP A 119 -12.13 -2.66 -12.29
CA ASP A 119 -12.54 -2.93 -13.66
C ASP A 119 -12.49 -4.44 -13.91
N GLU A 120 -11.36 -5.03 -13.54
CA GLU A 120 -11.18 -6.46 -13.71
C GLU A 120 -12.17 -7.24 -12.85
N GLN A 121 -12.36 -6.76 -11.64
CA GLN A 121 -13.27 -7.39 -10.70
C GLN A 121 -13.69 -6.40 -9.61
N PRO A 122 -14.81 -5.68 -9.88
CA PRO A 122 -15.31 -4.71 -8.92
C PRO A 122 -16.01 -5.39 -7.75
N ASP A 123 -16.08 -6.71 -7.85
CA ASP A 123 -16.72 -7.51 -6.80
C ASP A 123 -15.68 -7.88 -5.75
N ASN A 124 -14.45 -7.46 -6.01
CA ASN A 124 -13.35 -7.74 -5.09
C ASN A 124 -13.48 -6.84 -3.86
N THR A 125 -13.67 -7.46 -2.72
CA THR A 125 -13.81 -6.73 -1.48
C THR A 125 -12.57 -5.88 -1.21
N HIS A 126 -11.47 -6.30 -1.82
CA HIS A 126 -10.21 -5.58 -1.66
C HIS A 126 -10.28 -4.25 -2.44
N TYR A 127 -10.51 -4.37 -3.73
CA TYR A 127 -10.60 -3.20 -4.59
C TYR A 127 -11.75 -2.28 -4.14
N LEU A 128 -12.81 -2.92 -3.67
CA LEU A 128 -13.98 -2.18 -3.22
C LEU A 128 -13.56 -1.18 -2.14
N LYS A 129 -12.75 -1.67 -1.21
CA LYS A 129 -12.26 -0.83 -0.13
C LYS A 129 -11.40 0.30 -0.70
N SER A 130 -10.58 -0.07 -1.68
CA SER A 130 -9.71 0.89 -2.32
C SER A 130 -10.53 2.03 -2.93
N LEU A 131 -11.66 1.66 -3.52
CA LEU A 131 -12.53 2.63 -4.14
C LEU A 131 -13.25 3.43 -3.05
N GLU A 132 -13.69 2.71 -2.03
CA GLU A 132 -14.39 3.35 -0.92
C GLU A 132 -13.44 4.25 -0.13
N MET A 133 -12.18 3.84 -0.10
CA MET A 133 -11.17 4.60 0.61
C MET A 133 -11.06 6.02 0.04
N THR A 134 -11.29 6.13 -1.26
CA THR A 134 -11.21 7.41 -1.93
C THR A 134 -12.36 8.32 -1.46
N ALA A 135 -13.50 7.69 -1.19
CA ALA A 135 -14.66 8.42 -0.74
C ALA A 135 -14.24 9.49 0.27
N LYS A 136 -13.30 9.11 1.12
CA LYS A 136 -12.80 10.02 2.14
C LYS A 136 -11.28 10.12 2.03
N ALA A 137 -10.82 10.26 0.79
CA ALA A 137 -9.39 10.36 0.52
C ALA A 137 -8.85 11.65 1.16
N PRO A 138 -9.55 12.77 0.85
CA PRO A 138 -9.14 14.06 1.38
C PRO A 138 -9.53 14.18 2.87
N GLN A 139 -10.55 13.43 3.24
CA GLN A 139 -11.02 13.45 4.61
C GLN A 139 -10.13 12.58 5.50
N LEU A 140 -9.91 11.35 5.04
CA LEU A 140 -9.08 10.41 5.78
C LEU A 140 -7.77 11.10 6.16
N HIS A 141 -7.26 11.90 5.24
CA HIS A 141 -6.01 12.61 5.47
C HIS A 141 -6.25 13.70 6.51
N ALA A 142 -7.34 14.42 6.34
CA ALA A 142 -7.68 15.50 7.26
C ALA A 142 -7.89 14.92 8.66
N GLU A 143 -8.73 13.89 8.73
CA GLU A 143 -9.02 13.24 10.00
C GLU A 143 -7.78 12.49 10.51
N ALA A 144 -6.95 12.08 9.56
CA ALA A 144 -5.74 11.36 9.89
C ALA A 144 -4.79 12.30 10.65
N TYR A 145 -4.57 13.47 10.06
CA TYR A 145 -3.69 14.45 10.67
C TYR A 145 -4.41 15.24 11.76
N LYS A 146 -5.69 15.49 11.52
CA LYS A 146 -6.50 16.23 12.47
C LYS A 146 -6.56 15.45 13.78
N GLN A 147 -6.85 14.16 13.66
CA GLN A 147 -6.94 13.30 14.83
C GLN A 147 -5.56 12.79 15.23
N GLY A 148 -5.19 13.06 16.46
CA GLY A 148 -3.90 12.63 16.98
C GLY A 148 -4.07 11.81 18.26
N LEU A 149 -4.70 10.66 18.12
CA LEU A 149 -4.93 9.79 19.26
C LEU A 149 -4.94 8.34 18.78
N GLY A 150 -5.89 8.03 17.92
CA GLY A 150 -6.02 6.69 17.37
C GLY A 150 -6.29 5.67 18.49
N GLY A 151 -7.47 5.09 18.43
CA GLY A 151 -7.87 4.10 19.43
C GLY A 151 -7.63 2.68 18.92
N SER A 152 -8.00 1.71 19.76
CA SER A 152 -7.83 0.32 19.40
C SER A 152 -8.57 -0.57 20.39
N HIS A 153 -8.58 -1.87 20.10
CA HIS A 153 -9.25 -2.83 20.96
C HIS A 153 -10.76 -2.56 20.94
N HIS A 154 -11.15 -1.52 21.67
CA HIS A 154 -12.55 -1.15 21.75
C HIS A 154 -12.91 -0.22 20.59
N HIS A 155 -13.85 -0.67 19.77
CA HIS A 155 -14.28 0.11 18.63
C HIS A 155 -15.52 0.93 19.00
N HIS A 156 -15.32 1.86 19.92
CA HIS A 156 -16.40 2.72 20.38
C HIS A 156 -16.90 3.58 19.21
N HIS A 157 -17.98 4.30 19.47
CA HIS A 157 -18.56 5.16 18.45
C HIS A 157 -19.03 6.47 19.10
N HIS A 158 -18.84 7.56 18.36
CA HIS A 158 -19.23 8.87 18.84
C HIS A 158 -18.44 9.21 20.11
N GLY A 1 -3.22 -23.41 8.71
CA GLY A 1 -3.97 -23.91 9.86
C GLY A 1 -3.07 -23.95 11.10
N PRO A 2 -3.08 -22.83 11.87
CA PRO A 2 -2.28 -22.74 13.08
C PRO A 2 -2.90 -23.57 14.21
N LEU A 3 -4.13 -23.24 14.54
CA LEU A 3 -4.85 -23.94 15.59
C LEU A 3 -3.89 -24.20 16.76
N GLY A 4 -3.81 -23.20 17.63
CA GLY A 4 -2.95 -23.30 18.80
C GLY A 4 -3.48 -22.45 19.96
N SER A 5 -2.55 -22.00 20.79
CA SER A 5 -2.92 -21.18 21.93
C SER A 5 -3.11 -19.72 21.50
N MET A 6 -2.40 -19.37 20.43
CA MET A 6 -2.47 -18.02 19.91
C MET A 6 -2.05 -16.99 20.97
N ASP A 7 -0.80 -16.56 20.88
CA ASP A 7 -0.28 -15.58 21.81
C ASP A 7 -0.97 -14.24 21.59
N THR A 8 -0.59 -13.27 22.42
CA THR A 8 -1.17 -11.95 22.33
C THR A 8 -0.69 -11.24 21.05
N GLU A 9 -1.41 -10.19 20.69
CA GLU A 9 -1.08 -9.43 19.50
C GLU A 9 0.36 -8.90 19.59
N THR A 10 1.02 -8.89 18.45
CA THR A 10 2.39 -8.42 18.38
C THR A 10 2.66 -7.72 17.05
N GLU A 11 2.41 -8.45 15.98
CA GLU A 11 2.62 -7.92 14.64
C GLU A 11 4.05 -8.20 14.17
N PHE A 12 4.94 -8.36 15.15
CA PHE A 12 6.32 -8.62 14.85
C PHE A 12 6.49 -9.96 14.13
N ASP A 13 5.97 -11.00 14.76
CA ASP A 13 6.04 -12.34 14.20
C ASP A 13 5.64 -12.29 12.73
N ARG A 14 4.72 -11.39 12.43
CA ARG A 14 4.24 -11.23 11.05
C ARG A 14 5.28 -10.49 10.22
N ILE A 15 5.99 -9.58 10.87
CA ILE A 15 7.01 -8.80 10.19
C ILE A 15 8.06 -9.74 9.61
N LEU A 16 8.46 -10.72 10.41
CA LEU A 16 9.45 -11.69 9.98
C LEU A 16 8.98 -12.35 8.69
N LEU A 17 7.69 -12.64 8.64
CA LEU A 17 7.11 -13.27 7.47
C LEU A 17 7.29 -12.35 6.25
N PHE A 18 6.92 -11.10 6.45
CA PHE A 18 7.03 -10.11 5.39
C PHE A 18 8.49 -9.89 4.99
N GLU A 19 9.37 -10.14 5.95
CA GLU A 19 10.80 -9.98 5.72
C GLU A 19 11.29 -11.01 4.70
N GLN A 20 10.99 -12.27 4.98
CA GLN A 20 11.39 -13.35 4.10
C GLN A 20 10.83 -13.13 2.69
N ILE A 21 9.68 -12.47 2.65
CA ILE A 21 9.03 -12.18 1.38
C ILE A 21 9.82 -11.11 0.64
N ARG A 22 10.10 -10.03 1.34
CA ARG A 22 10.86 -8.93 0.75
C ARG A 22 12.13 -9.45 0.10
N GLN A 23 12.83 -10.30 0.83
CA GLN A 23 14.07 -10.87 0.33
C GLN A 23 13.79 -11.81 -0.84
N ASP A 24 12.76 -12.62 -0.67
CA ASP A 24 12.37 -13.58 -1.70
C ASP A 24 11.91 -12.81 -2.94
N ALA A 25 11.16 -11.73 -2.69
CA ALA A 25 10.66 -10.91 -3.77
C ALA A 25 11.80 -10.10 -4.38
N GLU A 26 12.53 -9.41 -3.50
CA GLU A 26 13.64 -8.60 -3.93
C GLU A 26 14.68 -9.45 -4.66
N ASN A 27 14.98 -10.60 -4.06
CA ASN A 27 15.94 -11.51 -4.65
C ASN A 27 15.39 -12.06 -5.97
N THR A 28 14.17 -12.58 -5.89
CA THR A 28 13.53 -13.14 -7.07
C THR A 28 13.53 -12.11 -8.21
N TYR A 29 13.61 -10.85 -7.83
CA TYR A 29 13.61 -9.77 -8.80
C TYR A 29 14.67 -10.00 -9.87
N LYS A 30 15.91 -10.14 -9.41
CA LYS A 30 17.03 -10.37 -10.32
C LYS A 30 16.91 -11.77 -10.93
N SER A 31 16.36 -12.68 -10.13
CA SER A 31 16.18 -14.05 -10.58
C SER A 31 15.09 -14.12 -11.65
N ASN A 32 14.25 -13.10 -11.64
CA ASN A 32 13.16 -13.03 -12.60
C ASN A 32 12.52 -11.64 -12.55
N PRO A 33 13.15 -10.68 -13.26
CA PRO A 33 12.66 -9.32 -13.30
C PRO A 33 11.42 -9.20 -14.19
N LEU A 34 11.06 -10.33 -14.78
CA LEU A 34 9.89 -10.37 -15.66
C LEU A 34 8.71 -10.96 -14.89
N ASP A 35 8.91 -11.14 -13.59
CA ASP A 35 7.86 -11.70 -12.75
C ASP A 35 7.02 -10.55 -12.19
N ALA A 36 5.88 -10.33 -12.83
CA ALA A 36 4.96 -9.28 -12.41
C ALA A 36 4.33 -9.67 -11.07
N ASP A 37 4.30 -10.97 -10.82
CA ASP A 37 3.72 -11.49 -9.59
C ASP A 37 4.68 -11.19 -8.43
N ASN A 38 5.94 -11.53 -8.63
CA ASN A 38 6.96 -11.31 -7.62
C ASN A 38 7.12 -9.82 -7.39
N LEU A 39 7.04 -9.07 -8.48
CA LEU A 39 7.17 -7.62 -8.41
C LEU A 39 6.03 -7.04 -7.59
N THR A 40 4.82 -7.47 -7.92
CA THR A 40 3.63 -7.01 -7.23
C THR A 40 3.72 -7.37 -5.74
N ARG A 41 4.22 -8.56 -5.49
CA ARG A 41 4.36 -9.03 -4.11
C ARG A 41 5.46 -8.25 -3.39
N TRP A 42 6.59 -8.12 -4.06
CA TRP A 42 7.72 -7.40 -3.50
C TRP A 42 7.21 -6.05 -2.99
N GLY A 43 6.15 -5.59 -3.61
CA GLY A 43 5.55 -4.31 -3.24
C GLY A 43 4.58 -4.48 -2.07
N GLY A 44 3.58 -5.32 -2.29
CA GLY A 44 2.58 -5.58 -1.27
C GLY A 44 3.22 -5.69 0.11
N VAL A 45 4.34 -6.40 0.16
CA VAL A 45 5.05 -6.58 1.41
C VAL A 45 5.63 -5.24 1.86
N LEU A 46 6.28 -4.57 0.92
CA LEU A 46 6.89 -3.28 1.20
C LEU A 46 5.87 -2.39 1.93
N LEU A 47 4.64 -2.43 1.44
CA LEU A 47 3.58 -1.64 2.03
C LEU A 47 3.30 -2.14 3.45
N GLU A 48 3.38 -3.46 3.60
CA GLU A 48 3.14 -4.07 4.90
C GLU A 48 4.22 -3.65 5.90
N LEU A 49 5.46 -3.97 5.54
CA LEU A 49 6.59 -3.63 6.39
C LEU A 49 6.68 -2.12 6.53
N SER A 50 6.14 -1.42 5.54
CA SER A 50 6.15 0.03 5.55
C SER A 50 5.35 0.55 6.75
N GLN A 51 4.27 -0.15 7.06
CA GLN A 51 3.43 0.23 8.18
C GLN A 51 4.22 0.15 9.49
N PHE A 52 5.08 -0.85 9.57
CA PHE A 52 5.90 -1.05 10.76
C PHE A 52 7.11 -0.12 10.75
N HIS A 53 7.58 0.18 9.54
CA HIS A 53 8.73 1.05 9.39
C HIS A 53 8.29 2.50 9.53
N SER A 54 9.20 3.32 10.04
CA SER A 54 8.92 4.73 10.24
C SER A 54 8.38 5.34 8.95
N ILE A 55 7.69 6.47 9.10
CA ILE A 55 7.12 7.16 7.96
C ILE A 55 8.21 7.41 6.92
N SER A 56 9.32 7.95 7.41
CA SER A 56 10.45 8.25 6.53
C SER A 56 10.78 7.03 5.67
N ASP A 57 11.03 5.91 6.34
CA ASP A 57 11.37 4.68 5.65
C ASP A 57 10.13 4.16 4.92
N ALA A 58 8.97 4.56 5.43
CA ALA A 58 7.71 4.14 4.84
C ALA A 58 7.57 4.78 3.45
N LYS A 59 7.81 6.08 3.41
CA LYS A 59 7.71 6.81 2.15
C LYS A 59 8.69 6.21 1.14
N GLN A 60 9.97 6.23 1.52
CA GLN A 60 11.00 5.68 0.65
C GLN A 60 10.66 4.25 0.24
N MET A 61 10.13 3.51 1.20
CA MET A 61 9.75 2.12 0.95
C MET A 61 8.54 2.05 0.03
N ILE A 62 7.66 3.02 0.18
CA ILE A 62 6.46 3.08 -0.63
C ILE A 62 6.81 3.47 -2.06
N GLN A 63 7.63 4.51 -2.16
CA GLN A 63 8.07 4.99 -3.47
C GLN A 63 8.56 3.83 -4.33
N GLU A 64 9.53 3.10 -3.78
CA GLU A 64 10.09 1.96 -4.49
C GLU A 64 9.02 0.90 -4.74
N ALA A 65 8.10 0.78 -3.78
CA ALA A 65 7.03 -0.17 -3.89
C ALA A 65 6.20 0.12 -5.15
N ILE A 66 6.17 1.40 -5.51
CA ILE A 66 5.43 1.84 -6.68
C ILE A 66 6.26 1.54 -7.93
N THR A 67 7.48 2.05 -7.93
CA THR A 67 8.37 1.86 -9.05
C THR A 67 8.43 0.37 -9.44
N LYS A 68 8.25 -0.48 -8.43
CA LYS A 68 8.28 -1.91 -8.66
C LYS A 68 7.03 -2.33 -9.45
N PHE A 69 5.89 -1.86 -8.98
CA PHE A 69 4.64 -2.17 -9.63
C PHE A 69 4.66 -1.76 -11.11
N GLU A 70 5.22 -0.58 -11.34
CA GLU A 70 5.31 -0.06 -12.70
C GLU A 70 5.90 -1.12 -13.63
N GLU A 71 7.07 -1.61 -13.26
CA GLU A 71 7.75 -2.62 -14.05
C GLU A 71 6.88 -3.87 -14.17
N ALA A 72 6.15 -4.15 -13.10
CA ALA A 72 5.26 -5.30 -13.06
C ALA A 72 4.17 -5.13 -14.11
N LEU A 73 3.60 -3.94 -14.15
CA LEU A 73 2.54 -3.64 -15.10
C LEU A 73 3.07 -3.84 -16.52
N LEU A 74 4.37 -3.64 -16.67
CA LEU A 74 5.00 -3.80 -17.97
C LEU A 74 5.02 -5.28 -18.35
N ILE A 75 5.17 -6.12 -17.34
CA ILE A 75 5.20 -7.56 -17.55
C ILE A 75 3.79 -8.05 -17.85
N ASP A 76 2.84 -7.58 -17.05
CA ASP A 76 1.46 -7.96 -17.22
C ASP A 76 0.55 -6.79 -16.86
N PRO A 77 -0.12 -6.23 -17.91
CA PRO A 77 -1.02 -5.11 -17.72
C PRO A 77 -2.33 -5.55 -17.07
N LYS A 78 -2.54 -6.86 -17.07
CA LYS A 78 -3.74 -7.42 -16.49
C LYS A 78 -3.55 -7.56 -14.97
N LYS A 79 -2.40 -7.12 -14.51
CA LYS A 79 -2.08 -7.18 -13.09
C LYS A 79 -2.88 -6.11 -12.35
N ASP A 80 -4.19 -6.35 -12.27
CA ASP A 80 -5.07 -5.41 -11.59
C ASP A 80 -4.52 -5.12 -10.19
N GLU A 81 -3.86 -6.11 -9.62
CA GLU A 81 -3.28 -5.96 -8.30
C GLU A 81 -2.20 -4.88 -8.31
N ALA A 82 -1.32 -4.97 -9.30
CA ALA A 82 -0.25 -4.01 -9.44
C ALA A 82 -0.83 -2.59 -9.46
N VAL A 83 -2.02 -2.49 -10.03
CA VAL A 83 -2.69 -1.20 -10.13
C VAL A 83 -3.25 -0.82 -8.75
N TRP A 84 -4.00 -1.73 -8.17
CA TRP A 84 -4.60 -1.50 -6.86
C TRP A 84 -3.45 -1.23 -5.88
N CYS A 85 -2.48 -2.14 -5.89
CA CYS A 85 -1.33 -2.01 -5.00
C CYS A 85 -0.77 -0.60 -5.14
N ILE A 86 -0.54 -0.21 -6.39
CA ILE A 86 -0.01 1.11 -6.68
C ILE A 86 -0.85 2.17 -5.96
N GLY A 87 -2.15 1.93 -5.96
CA GLY A 87 -3.08 2.85 -5.32
C GLY A 87 -2.96 2.78 -3.79
N ASN A 88 -2.75 1.57 -3.30
CA ASN A 88 -2.61 1.36 -1.87
C ASN A 88 -1.35 2.05 -1.38
N ALA A 89 -0.33 2.05 -2.23
CA ALA A 89 0.93 2.68 -1.89
C ALA A 89 0.74 4.19 -1.83
N TYR A 90 0.24 4.74 -2.93
CA TYR A 90 0.00 6.17 -3.02
C TYR A 90 -0.91 6.65 -1.87
N THR A 91 -1.91 5.84 -1.59
CA THR A 91 -2.85 6.16 -0.52
C THR A 91 -2.13 6.27 0.83
N SER A 92 -1.37 5.22 1.14
CA SER A 92 -0.63 5.18 2.37
C SER A 92 0.38 6.34 2.42
N PHE A 93 1.17 6.43 1.37
CA PHE A 93 2.17 7.48 1.27
C PHE A 93 1.54 8.86 1.51
N ALA A 94 0.30 8.99 1.07
CA ALA A 94 -0.42 10.25 1.23
C ALA A 94 -0.62 10.52 2.72
N PHE A 95 -1.12 9.52 3.42
CA PHE A 95 -1.38 9.64 4.84
C PHE A 95 -0.10 10.03 5.59
N LEU A 96 1.02 9.83 4.91
CA LEU A 96 2.32 10.15 5.50
C LEU A 96 2.75 11.54 5.04
N THR A 97 2.13 11.99 3.96
CA THR A 97 2.44 13.30 3.40
C THR A 97 1.42 14.34 3.89
N PRO A 98 1.93 15.32 4.66
CA PRO A 98 1.08 16.38 5.20
C PRO A 98 0.70 17.39 4.10
N ASP A 99 1.55 17.45 3.08
CA ASP A 99 1.32 18.36 1.98
C ASP A 99 -0.02 18.03 1.32
N GLU A 100 -1.08 18.61 1.87
CA GLU A 100 -2.42 18.38 1.36
C GLU A 100 -2.40 18.37 -0.17
N THR A 101 -1.73 19.37 -0.73
CA THR A 101 -1.64 19.48 -2.18
C THR A 101 -1.10 18.19 -2.79
N GLU A 102 -0.05 17.68 -2.17
CA GLU A 102 0.57 16.44 -2.64
C GLU A 102 -0.29 15.24 -2.22
N ALA A 103 -0.64 15.20 -0.95
CA ALA A 103 -1.45 14.13 -0.42
C ALA A 103 -2.73 14.00 -1.25
N LYS A 104 -3.44 15.12 -1.37
CA LYS A 104 -4.67 15.15 -2.13
C LYS A 104 -4.41 14.60 -3.53
N HIS A 105 -3.34 15.08 -4.13
CA HIS A 105 -2.98 14.64 -5.48
C HIS A 105 -2.75 13.12 -5.47
N ASN A 106 -2.02 12.67 -4.47
CA ASN A 106 -1.73 11.25 -4.35
C ASN A 106 -3.04 10.47 -4.20
N PHE A 107 -3.83 10.89 -3.22
CA PHE A 107 -5.11 10.24 -2.96
C PHE A 107 -5.93 10.13 -4.25
N ASP A 108 -5.92 11.20 -5.02
CA ASP A 108 -6.66 11.24 -6.27
C ASP A 108 -5.92 10.41 -7.31
N LEU A 109 -4.63 10.21 -7.06
CA LEU A 109 -3.81 9.43 -7.97
C LEU A 109 -4.16 7.95 -7.83
N ALA A 110 -4.15 7.48 -6.59
CA ALA A 110 -4.46 6.09 -6.31
C ALA A 110 -5.88 5.78 -6.80
N THR A 111 -6.69 6.83 -6.87
CA THR A 111 -8.06 6.69 -7.32
C THR A 111 -8.10 6.25 -8.78
N GLN A 112 -7.42 7.02 -9.63
CA GLN A 112 -7.38 6.72 -11.05
C GLN A 112 -6.90 5.29 -11.27
N PHE A 113 -6.18 4.77 -10.28
CA PHE A 113 -5.66 3.42 -10.35
C PHE A 113 -6.73 2.40 -9.95
N PHE A 114 -7.37 2.68 -8.82
CA PHE A 114 -8.41 1.79 -8.32
C PHE A 114 -9.47 1.54 -9.38
N GLN A 115 -9.60 2.49 -10.30
CA GLN A 115 -10.58 2.38 -11.37
C GLN A 115 -10.19 1.24 -12.31
N GLN A 116 -8.90 1.01 -12.42
CA GLN A 116 -8.39 -0.05 -13.29
C GLN A 116 -8.49 -1.41 -12.57
N ALA A 117 -8.27 -1.37 -11.27
CA ALA A 117 -8.33 -2.59 -10.47
C ALA A 117 -9.74 -3.17 -10.54
N VAL A 118 -10.72 -2.31 -10.28
CA VAL A 118 -12.10 -2.74 -10.32
C VAL A 118 -12.51 -3.01 -11.77
N ASP A 119 -12.04 -2.16 -12.66
CA ASP A 119 -12.34 -2.30 -14.07
C ASP A 119 -12.18 -3.76 -14.48
N GLU A 120 -11.04 -4.33 -14.09
CA GLU A 120 -10.76 -5.72 -14.41
C GLU A 120 -11.77 -6.64 -13.73
N GLN A 121 -12.03 -6.34 -12.46
CA GLN A 121 -12.97 -7.14 -11.70
C GLN A 121 -13.54 -6.31 -10.54
N PRO A 122 -14.67 -5.60 -10.84
CA PRO A 122 -15.32 -4.77 -9.84
C PRO A 122 -16.09 -5.62 -8.83
N ASP A 123 -16.08 -6.92 -9.08
CA ASP A 123 -16.77 -7.86 -8.21
C ASP A 123 -15.83 -8.26 -7.07
N ASN A 124 -14.64 -7.68 -7.08
CA ASN A 124 -13.65 -7.98 -6.07
C ASN A 124 -13.95 -7.15 -4.81
N THR A 125 -14.23 -7.85 -3.72
CA THR A 125 -14.52 -7.19 -2.46
C THR A 125 -13.37 -6.30 -2.04
N HIS A 126 -12.18 -6.70 -2.44
CA HIS A 126 -10.98 -5.94 -2.11
C HIS A 126 -11.01 -4.59 -2.83
N TYR A 127 -11.06 -4.66 -4.15
CA TYR A 127 -11.10 -3.45 -4.96
C TYR A 127 -12.26 -2.55 -4.55
N LEU A 128 -13.34 -3.19 -4.15
CA LEU A 128 -14.53 -2.46 -3.73
C LEU A 128 -14.18 -1.57 -2.54
N LYS A 129 -13.51 -2.18 -1.56
CA LYS A 129 -13.11 -1.46 -0.37
C LYS A 129 -12.21 -0.28 -0.77
N SER A 130 -11.35 -0.53 -1.74
CA SER A 130 -10.44 0.49 -2.21
C SER A 130 -11.23 1.73 -2.65
N LEU A 131 -12.31 1.49 -3.38
CA LEU A 131 -13.15 2.57 -3.85
C LEU A 131 -13.90 3.19 -2.67
N GLU A 132 -14.24 2.34 -1.72
CA GLU A 132 -14.95 2.79 -0.53
C GLU A 132 -14.05 3.68 0.32
N MET A 133 -12.82 3.24 0.50
CA MET A 133 -11.86 3.99 1.29
C MET A 133 -11.53 5.33 0.62
N THR A 134 -11.36 5.27 -0.69
CA THR A 134 -11.04 6.48 -1.45
C THR A 134 -12.10 7.55 -1.21
N ALA A 135 -13.31 7.09 -0.93
CA ALA A 135 -14.42 8.01 -0.68
C ALA A 135 -13.95 9.13 0.25
N LYS A 136 -13.35 8.73 1.37
CA LYS A 136 -12.85 9.70 2.33
C LYS A 136 -11.33 9.73 2.26
N ALA A 137 -10.82 9.78 1.04
CA ALA A 137 -9.38 9.81 0.83
C ALA A 137 -8.82 11.11 1.42
N PRO A 138 -9.47 12.25 1.05
CA PRO A 138 -9.04 13.55 1.53
C PRO A 138 -9.46 13.75 2.99
N GLN A 139 -10.52 13.07 3.37
CA GLN A 139 -11.03 13.16 4.73
C GLN A 139 -10.19 12.29 5.67
N LEU A 140 -9.99 11.04 5.26
CA LEU A 140 -9.22 10.10 6.05
C LEU A 140 -7.91 10.76 6.47
N HIS A 141 -7.31 11.48 5.53
CA HIS A 141 -6.06 12.16 5.79
C HIS A 141 -6.29 13.30 6.79
N ALA A 142 -7.36 14.02 6.57
CA ALA A 142 -7.71 15.13 7.44
C ALA A 142 -7.96 14.61 8.86
N GLU A 143 -8.83 13.61 8.93
CA GLU A 143 -9.16 13.01 10.22
C GLU A 143 -7.96 12.24 10.77
N ALA A 144 -7.19 11.68 9.86
CA ALA A 144 -6.01 10.92 10.24
C ALA A 144 -5.01 11.85 10.93
N TYR A 145 -4.90 13.06 10.41
CA TYR A 145 -3.99 14.04 10.97
C TYR A 145 -4.68 14.85 12.08
N LYS A 146 -5.95 15.13 11.86
CA LYS A 146 -6.72 15.90 12.82
C LYS A 146 -6.86 15.08 14.11
N GLN A 147 -7.25 13.83 13.94
CA GLN A 147 -7.42 12.94 15.09
C GLN A 147 -6.06 12.42 15.57
N GLY A 148 -5.75 12.75 16.82
CA GLY A 148 -4.50 12.34 17.41
C GLY A 148 -3.41 13.37 17.16
N LEU A 149 -2.52 13.50 18.15
CA LEU A 149 -1.42 14.44 18.05
C LEU A 149 -1.98 15.86 17.95
N GLY A 150 -1.99 16.54 19.08
CA GLY A 150 -2.50 17.90 19.14
C GLY A 150 -1.58 18.80 19.98
N GLY A 151 -0.68 19.48 19.27
CA GLY A 151 0.25 20.37 19.93
C GLY A 151 -0.42 21.16 21.05
N SER A 152 0.39 21.59 22.01
CA SER A 152 -0.12 22.34 23.14
C SER A 152 -1.18 23.35 22.66
N HIS A 153 -2.40 23.12 23.10
CA HIS A 153 -3.51 23.99 22.73
C HIS A 153 -3.77 23.87 21.23
N HIS A 154 -4.31 22.72 20.85
CA HIS A 154 -4.62 22.46 19.46
C HIS A 154 -6.13 22.65 19.23
N HIS A 155 -6.56 23.89 19.32
CA HIS A 155 -7.95 24.22 19.12
C HIS A 155 -8.79 23.60 20.24
N HIS A 156 -9.72 24.39 20.76
CA HIS A 156 -10.58 23.92 21.84
C HIS A 156 -11.84 23.28 21.24
N HIS A 157 -11.80 21.96 21.17
CA HIS A 157 -12.92 21.21 20.63
C HIS A 157 -14.20 21.58 21.38
N HIS A 158 -15.19 22.02 20.62
CA HIS A 158 -16.47 22.43 21.19
C HIS A 158 -17.01 21.29 22.05
N GLY A 1 -5.13 -14.59 3.93
CA GLY A 1 -6.47 -14.17 4.29
C GLY A 1 -7.07 -15.09 5.34
N PRO A 2 -6.96 -14.65 6.62
CA PRO A 2 -7.48 -15.41 7.74
C PRO A 2 -9.01 -15.32 7.80
N LEU A 3 -9.50 -14.09 7.76
CA LEU A 3 -10.93 -13.85 7.81
C LEU A 3 -11.47 -14.31 9.17
N GLY A 4 -11.18 -13.53 10.19
CA GLY A 4 -11.63 -13.85 11.54
C GLY A 4 -11.68 -12.60 12.42
N SER A 5 -12.04 -12.81 13.67
CA SER A 5 -12.13 -11.72 14.62
C SER A 5 -10.72 -11.36 15.13
N MET A 6 -9.87 -12.38 15.19
CA MET A 6 -8.52 -12.18 15.66
C MET A 6 -8.48 -11.90 17.17
N ASP A 7 -9.10 -10.79 17.55
CA ASP A 7 -9.14 -10.40 18.94
C ASP A 7 -7.77 -9.90 19.37
N THR A 8 -6.80 -10.80 19.31
CA THR A 8 -5.44 -10.46 19.69
C THR A 8 -4.45 -10.94 18.62
N GLU A 9 -3.34 -10.23 18.53
CA GLU A 9 -2.32 -10.58 17.55
C GLU A 9 -1.12 -9.64 17.70
N THR A 10 0.07 -10.23 17.72
CA THR A 10 1.30 -9.46 17.85
C THR A 10 1.57 -8.69 16.56
N GLU A 11 1.51 -9.40 15.45
CA GLU A 11 1.75 -8.81 14.15
C GLU A 11 3.24 -8.92 13.78
N PHE A 12 4.06 -9.01 14.82
CA PHE A 12 5.50 -9.11 14.62
C PHE A 12 5.84 -10.37 13.83
N ASP A 13 5.38 -11.50 14.34
CA ASP A 13 5.64 -12.78 13.70
C ASP A 13 5.32 -12.66 12.21
N ARG A 14 4.27 -11.91 11.92
CA ARG A 14 3.84 -11.71 10.54
C ARG A 14 4.90 -10.90 9.77
N ILE A 15 5.50 -9.96 10.48
CA ILE A 15 6.52 -9.12 9.89
C ILE A 15 7.70 -9.98 9.45
N LEU A 16 8.12 -10.86 10.35
CA LEU A 16 9.24 -11.75 10.07
C LEU A 16 8.97 -12.52 8.78
N LEU A 17 7.69 -12.76 8.54
CA LEU A 17 7.28 -13.49 7.34
C LEU A 17 7.40 -12.56 6.13
N PHE A 18 6.96 -11.33 6.32
CA PHE A 18 7.01 -10.34 5.25
C PHE A 18 8.45 -10.04 4.86
N GLU A 19 9.33 -10.08 5.86
CA GLU A 19 10.74 -9.81 5.62
C GLU A 19 11.32 -10.84 4.66
N GLN A 20 11.12 -12.11 5.00
CA GLN A 20 11.62 -13.20 4.17
C GLN A 20 11.06 -13.08 2.76
N ILE A 21 9.87 -12.51 2.66
CA ILE A 21 9.23 -12.33 1.37
C ILE A 21 9.96 -11.25 0.58
N ARG A 22 10.13 -10.10 1.21
CA ARG A 22 10.81 -8.98 0.58
C ARG A 22 12.20 -9.40 0.12
N GLN A 23 12.85 -10.21 0.95
CA GLN A 23 14.18 -10.69 0.65
C GLN A 23 14.15 -11.63 -0.56
N ASP A 24 13.20 -12.56 -0.52
CA ASP A 24 13.05 -13.52 -1.60
C ASP A 24 12.54 -12.80 -2.84
N ALA A 25 11.58 -11.92 -2.62
CA ALA A 25 11.00 -11.16 -3.73
C ALA A 25 12.05 -10.20 -4.30
N GLU A 26 12.57 -9.36 -3.41
CA GLU A 26 13.57 -8.39 -3.81
C GLU A 26 14.71 -9.09 -4.56
N ASN A 27 15.03 -10.29 -4.10
CA ASN A 27 16.10 -11.06 -4.71
C ASN A 27 15.59 -11.66 -6.03
N THR A 28 14.38 -12.18 -5.98
CA THR A 28 13.78 -12.77 -7.16
C THR A 28 13.80 -11.78 -8.33
N TYR A 29 13.89 -10.51 -7.99
CA TYR A 29 13.93 -9.46 -8.99
C TYR A 29 15.02 -9.74 -10.03
N LYS A 30 16.26 -9.79 -9.55
CA LYS A 30 17.39 -10.04 -10.41
C LYS A 30 17.24 -11.41 -11.07
N SER A 31 16.56 -12.30 -10.36
CA SER A 31 16.32 -13.63 -10.86
C SER A 31 15.32 -13.60 -12.02
N ASN A 32 14.50 -12.55 -12.01
CA ASN A 32 13.50 -12.38 -13.05
C ASN A 32 12.90 -10.98 -12.95
N PRO A 33 13.59 -10.00 -13.58
CA PRO A 33 13.14 -8.63 -13.56
C PRO A 33 11.95 -8.43 -14.51
N LEU A 34 11.26 -9.52 -14.77
CA LEU A 34 10.11 -9.49 -15.65
C LEU A 34 8.95 -10.24 -15.00
N ASP A 35 9.15 -10.60 -13.74
CA ASP A 35 8.14 -11.32 -12.99
C ASP A 35 7.24 -10.32 -12.26
N ALA A 36 6.09 -10.06 -12.86
CA ALA A 36 5.14 -9.13 -12.28
C ALA A 36 4.55 -9.73 -11.00
N ASP A 37 4.46 -11.05 -11.00
CA ASP A 37 3.91 -11.77 -9.85
C ASP A 37 4.79 -11.49 -8.63
N ASN A 38 6.09 -11.66 -8.82
CA ASN A 38 7.04 -11.45 -7.75
C ASN A 38 7.09 -9.94 -7.42
N LEU A 39 7.20 -9.14 -8.46
CA LEU A 39 7.25 -7.71 -8.30
C LEU A 39 6.09 -7.24 -7.42
N THR A 40 4.90 -7.69 -7.79
CA THR A 40 3.71 -7.33 -7.03
C THR A 40 3.82 -7.82 -5.58
N ARG A 41 4.35 -9.03 -5.44
CA ARG A 41 4.51 -9.61 -4.12
C ARG A 41 5.62 -8.88 -3.36
N TRP A 42 6.62 -8.43 -4.12
CA TRP A 42 7.73 -7.71 -3.52
C TRP A 42 7.22 -6.38 -2.97
N GLY A 43 6.15 -5.90 -3.60
CA GLY A 43 5.55 -4.64 -3.20
C GLY A 43 4.58 -4.85 -2.03
N GLY A 44 3.62 -5.74 -2.25
CA GLY A 44 2.63 -6.04 -1.23
C GLY A 44 3.27 -6.07 0.17
N VAL A 45 4.40 -6.75 0.24
CA VAL A 45 5.12 -6.86 1.51
C VAL A 45 5.66 -5.50 1.91
N LEU A 46 6.29 -4.84 0.94
CA LEU A 46 6.86 -3.53 1.18
C LEU A 46 5.82 -2.64 1.87
N LEU A 47 4.59 -2.71 1.38
CA LEU A 47 3.51 -1.94 1.94
C LEU A 47 3.25 -2.39 3.38
N GLU A 48 3.36 -3.69 3.59
CA GLU A 48 3.15 -4.26 4.90
C GLU A 48 4.23 -3.79 5.87
N LEU A 49 5.47 -4.12 5.53
CA LEU A 49 6.60 -3.73 6.36
C LEU A 49 6.68 -2.20 6.42
N SER A 50 6.14 -1.58 5.39
CA SER A 50 6.15 -0.12 5.31
C SER A 50 5.55 0.47 6.59
N GLN A 51 4.45 -0.11 7.00
CA GLN A 51 3.77 0.35 8.21
C GLN A 51 4.62 0.07 9.45
N PHE A 52 5.16 -1.14 9.48
CA PHE A 52 6.00 -1.55 10.60
C PHE A 52 7.27 -0.69 10.68
N HIS A 53 7.61 -0.10 9.54
CA HIS A 53 8.80 0.73 9.47
C HIS A 53 8.40 2.20 9.59
N SER A 54 9.25 2.96 10.25
CA SER A 54 9.00 4.38 10.45
C SER A 54 8.45 5.00 9.17
N ILE A 55 7.73 6.10 9.34
CA ILE A 55 7.14 6.79 8.22
C ILE A 55 8.23 7.13 7.20
N SER A 56 9.31 7.69 7.70
CA SER A 56 10.43 8.06 6.85
C SER A 56 10.74 6.92 5.88
N ASP A 57 10.99 5.76 6.44
CA ASP A 57 11.31 4.59 5.64
C ASP A 57 10.04 4.11 4.92
N ALA A 58 8.93 4.22 5.63
CA ALA A 58 7.65 3.80 5.08
C ALA A 58 7.48 4.39 3.68
N LYS A 59 7.62 5.71 3.61
CA LYS A 59 7.50 6.40 2.34
C LYS A 59 8.50 5.83 1.34
N GLN A 60 9.76 5.77 1.79
CA GLN A 60 10.82 5.25 0.95
C GLN A 60 10.47 3.85 0.45
N MET A 61 9.91 3.06 1.36
CA MET A 61 9.52 1.70 1.02
C MET A 61 8.32 1.69 0.07
N ILE A 62 7.47 2.69 0.25
CA ILE A 62 6.28 2.80 -0.58
C ILE A 62 6.68 3.24 -1.99
N GLN A 63 7.44 4.33 -2.03
CA GLN A 63 7.89 4.87 -3.31
C GLN A 63 8.45 3.75 -4.19
N GLU A 64 9.40 3.02 -3.63
CA GLU A 64 10.02 1.91 -4.35
C GLU A 64 8.97 0.86 -4.71
N ALA A 65 8.04 0.66 -3.79
CA ALA A 65 6.98 -0.31 -4.00
C ALA A 65 6.17 0.09 -5.24
N ILE A 66 5.94 1.39 -5.36
CA ILE A 66 5.18 1.91 -6.49
C ILE A 66 5.93 1.60 -7.79
N THR A 67 7.11 2.16 -7.90
CA THR A 67 7.94 1.97 -9.08
C THR A 67 8.03 0.48 -9.41
N LYS A 68 7.86 -0.34 -8.39
CA LYS A 68 7.92 -1.79 -8.55
C LYS A 68 6.68 -2.25 -9.32
N PHE A 69 5.53 -1.84 -8.84
CA PHE A 69 4.27 -2.21 -9.46
C PHE A 69 4.24 -1.80 -10.93
N GLU A 70 4.90 -0.68 -11.21
CA GLU A 70 4.97 -0.16 -12.56
C GLU A 70 5.58 -1.21 -13.50
N GLU A 71 6.77 -1.65 -13.14
CA GLU A 71 7.48 -2.65 -13.93
C GLU A 71 6.61 -3.89 -14.10
N ALA A 72 5.91 -4.25 -13.04
CA ALA A 72 5.04 -5.40 -13.06
C ALA A 72 3.95 -5.21 -14.11
N LEU A 73 3.39 -4.01 -14.12
CA LEU A 73 2.34 -3.67 -15.08
C LEU A 73 2.88 -3.82 -16.50
N LEU A 74 4.18 -3.56 -16.63
CA LEU A 74 4.83 -3.65 -17.93
C LEU A 74 4.89 -5.12 -18.35
N ILE A 75 4.99 -5.99 -17.36
CA ILE A 75 5.06 -7.42 -17.61
C ILE A 75 3.66 -7.94 -17.97
N ASP A 76 2.68 -7.44 -17.22
CA ASP A 76 1.30 -7.84 -17.45
C ASP A 76 0.37 -6.74 -16.96
N PRO A 77 -0.36 -6.12 -17.93
CA PRO A 77 -1.29 -5.05 -17.61
C PRO A 77 -2.56 -5.61 -16.96
N LYS A 78 -2.64 -6.93 -16.92
CA LYS A 78 -3.79 -7.59 -16.33
C LYS A 78 -3.61 -7.66 -14.81
N LYS A 79 -2.43 -7.25 -14.37
CA LYS A 79 -2.12 -7.27 -12.95
C LYS A 79 -2.96 -6.20 -12.24
N ASP A 80 -4.26 -6.46 -12.17
CA ASP A 80 -5.18 -5.54 -11.53
C ASP A 80 -4.66 -5.21 -10.13
N GLU A 81 -4.02 -6.20 -9.52
CA GLU A 81 -3.47 -6.02 -8.18
C GLU A 81 -2.35 -4.98 -8.20
N ALA A 82 -1.47 -5.11 -9.18
CA ALA A 82 -0.35 -4.20 -9.31
C ALA A 82 -0.88 -2.76 -9.37
N VAL A 83 -2.07 -2.62 -9.94
CA VAL A 83 -2.70 -1.31 -10.06
C VAL A 83 -3.23 -0.88 -8.69
N TRP A 84 -4.04 -1.76 -8.10
CA TRP A 84 -4.61 -1.48 -6.80
C TRP A 84 -3.47 -1.23 -5.82
N CYS A 85 -2.46 -2.09 -5.91
CA CYS A 85 -1.31 -1.99 -5.02
C CYS A 85 -0.80 -0.55 -5.08
N ILE A 86 -0.59 -0.07 -6.31
CA ILE A 86 -0.10 1.28 -6.50
C ILE A 86 -0.99 2.26 -5.73
N GLY A 87 -2.30 2.10 -5.92
CA GLY A 87 -3.26 2.95 -5.25
C GLY A 87 -3.15 2.81 -3.73
N ASN A 88 -3.02 1.57 -3.28
CA ASN A 88 -2.90 1.29 -1.86
C ASN A 88 -1.63 1.94 -1.32
N ALA A 89 -0.57 1.84 -2.12
CA ALA A 89 0.71 2.41 -1.73
C ALA A 89 0.59 3.94 -1.68
N TYR A 90 0.10 4.49 -2.77
CA TYR A 90 -0.07 5.94 -2.87
C TYR A 90 -0.96 6.46 -1.74
N THR A 91 -2.03 5.73 -1.50
CA THR A 91 -2.97 6.12 -0.45
C THR A 91 -2.26 6.20 0.90
N SER A 92 -1.59 5.12 1.25
CA SER A 92 -0.85 5.05 2.51
C SER A 92 0.20 6.16 2.55
N PHE A 93 1.00 6.22 1.49
CA PHE A 93 2.05 7.22 1.40
C PHE A 93 1.48 8.63 1.60
N ALA A 94 0.25 8.81 1.13
CA ALA A 94 -0.43 10.09 1.24
C ALA A 94 -0.64 10.43 2.72
N PHE A 95 -1.11 9.43 3.45
CA PHE A 95 -1.35 9.61 4.88
C PHE A 95 -0.06 9.94 5.62
N LEU A 96 1.05 9.65 4.96
CA LEU A 96 2.36 9.91 5.55
C LEU A 96 2.85 11.28 5.10
N THR A 97 2.26 11.77 4.02
CA THR A 97 2.62 13.05 3.46
C THR A 97 1.69 14.15 4.00
N PRO A 98 2.31 15.15 4.69
CA PRO A 98 1.55 16.25 5.24
C PRO A 98 1.11 17.22 4.15
N ASP A 99 1.89 17.27 3.09
CA ASP A 99 1.60 18.15 1.98
C ASP A 99 0.22 17.80 1.41
N GLU A 100 -0.78 18.52 1.90
CA GLU A 100 -2.16 18.29 1.46
C GLU A 100 -2.20 18.13 -0.06
N THR A 101 -1.52 19.03 -0.74
CA THR A 101 -1.48 18.99 -2.19
C THR A 101 -1.03 17.60 -2.68
N GLU A 102 0.13 17.19 -2.20
CA GLU A 102 0.68 15.89 -2.58
C GLU A 102 -0.20 14.78 -2.02
N ALA A 103 -0.52 14.89 -0.74
CA ALA A 103 -1.35 13.89 -0.09
C ALA A 103 -2.65 13.71 -0.89
N LYS A 104 -3.32 14.82 -1.14
CA LYS A 104 -4.55 14.80 -1.89
C LYS A 104 -4.29 14.21 -3.28
N HIS A 105 -3.36 14.82 -3.98
CA HIS A 105 -3.01 14.37 -5.32
C HIS A 105 -2.78 12.87 -5.31
N ASN A 106 -2.12 12.41 -4.25
CA ASN A 106 -1.82 10.99 -4.11
C ASN A 106 -3.13 10.22 -3.97
N PHE A 107 -3.94 10.64 -3.01
CA PHE A 107 -5.22 10.00 -2.77
C PHE A 107 -6.09 10.00 -4.03
N ASP A 108 -6.10 11.14 -4.70
CA ASP A 108 -6.88 11.28 -5.92
C ASP A 108 -6.17 10.56 -7.06
N LEU A 109 -4.85 10.42 -6.91
CA LEU A 109 -4.04 9.75 -7.91
C LEU A 109 -4.24 8.24 -7.79
N ALA A 110 -4.34 7.78 -6.54
CA ALA A 110 -4.53 6.37 -6.28
C ALA A 110 -5.89 5.93 -6.78
N THR A 111 -6.79 6.90 -6.90
CA THR A 111 -8.14 6.64 -7.37
C THR A 111 -8.11 6.16 -8.83
N GLN A 112 -7.46 6.97 -9.66
CA GLN A 112 -7.36 6.64 -11.08
C GLN A 112 -6.87 5.21 -11.25
N PHE A 113 -6.17 4.72 -10.25
CA PHE A 113 -5.64 3.37 -10.28
C PHE A 113 -6.70 2.36 -9.85
N PHE A 114 -7.35 2.66 -8.73
CA PHE A 114 -8.39 1.79 -8.21
C PHE A 114 -9.46 1.53 -9.26
N GLN A 115 -9.69 2.53 -10.09
CA GLN A 115 -10.69 2.41 -11.14
C GLN A 115 -10.34 1.26 -12.09
N GLN A 116 -9.03 1.02 -12.20
CA GLN A 116 -8.55 -0.05 -13.07
C GLN A 116 -8.67 -1.40 -12.37
N ALA A 117 -8.37 -1.40 -11.08
CA ALA A 117 -8.44 -2.62 -10.29
C ALA A 117 -9.82 -3.24 -10.46
N VAL A 118 -10.84 -2.42 -10.23
CA VAL A 118 -12.22 -2.87 -10.34
C VAL A 118 -12.52 -3.16 -11.82
N ASP A 119 -11.96 -2.34 -12.69
CA ASP A 119 -12.16 -2.49 -14.11
C ASP A 119 -12.00 -3.97 -14.49
N GLU A 120 -10.88 -4.53 -14.05
CA GLU A 120 -10.59 -5.93 -14.34
C GLU A 120 -11.61 -6.84 -13.64
N GLN A 121 -11.95 -6.46 -12.42
CA GLN A 121 -12.92 -7.22 -11.65
C GLN A 121 -13.50 -6.36 -10.53
N PRO A 122 -14.65 -5.70 -10.84
CA PRO A 122 -15.31 -4.84 -9.87
C PRO A 122 -16.03 -5.68 -8.81
N ASP A 123 -16.01 -6.99 -9.01
CA ASP A 123 -16.65 -7.91 -8.09
C ASP A 123 -15.68 -8.27 -6.96
N ASN A 124 -14.52 -7.61 -6.99
CA ASN A 124 -13.50 -7.86 -5.99
C ASN A 124 -13.79 -7.02 -4.74
N THR A 125 -13.98 -7.70 -3.64
CA THR A 125 -14.27 -7.05 -2.37
C THR A 125 -13.18 -6.01 -2.06
N HIS A 126 -11.94 -6.48 -2.11
CA HIS A 126 -10.81 -5.61 -1.83
C HIS A 126 -10.93 -4.31 -2.64
N TYR A 127 -11.01 -4.48 -3.95
CA TYR A 127 -11.13 -3.34 -4.84
C TYR A 127 -12.31 -2.46 -4.43
N LEU A 128 -13.38 -3.11 -4.00
CA LEU A 128 -14.58 -2.40 -3.58
C LEU A 128 -14.23 -1.47 -2.42
N LYS A 129 -13.47 -2.01 -1.48
CA LYS A 129 -13.06 -1.24 -0.31
C LYS A 129 -12.18 -0.08 -0.75
N SER A 130 -11.33 -0.36 -1.73
CA SER A 130 -10.42 0.65 -2.25
C SER A 130 -11.22 1.87 -2.72
N LEU A 131 -12.28 1.59 -3.48
CA LEU A 131 -13.13 2.65 -3.98
C LEU A 131 -13.89 3.29 -2.83
N GLU A 132 -14.24 2.47 -1.86
CA GLU A 132 -14.97 2.95 -0.69
C GLU A 132 -14.08 3.87 0.14
N MET A 133 -12.83 3.46 0.30
CA MET A 133 -11.88 4.23 1.07
C MET A 133 -11.65 5.61 0.45
N THR A 134 -11.39 5.59 -0.85
CA THR A 134 -11.16 6.83 -1.59
C THR A 134 -12.31 7.81 -1.36
N ALA A 135 -13.46 7.26 -1.03
CA ALA A 135 -14.64 8.07 -0.79
C ALA A 135 -14.25 9.28 0.08
N LYS A 136 -13.39 9.01 1.05
CA LYS A 136 -12.94 10.06 1.95
C LYS A 136 -11.42 10.14 1.89
N ALA A 137 -10.90 10.17 0.67
CA ALA A 137 -9.46 10.24 0.47
C ALA A 137 -8.95 11.58 0.99
N PRO A 138 -9.66 12.68 0.59
CA PRO A 138 -9.28 14.01 1.01
C PRO A 138 -9.68 14.26 2.46
N GLN A 139 -10.73 13.56 2.88
CA GLN A 139 -11.21 13.69 4.25
C GLN A 139 -10.35 12.85 5.20
N LEU A 140 -10.09 11.62 4.79
CA LEU A 140 -9.29 10.72 5.59
C LEU A 140 -7.96 11.39 5.93
N HIS A 141 -7.42 12.11 4.95
CA HIS A 141 -6.16 12.81 5.13
C HIS A 141 -6.34 13.94 6.14
N ALA A 142 -7.43 14.67 5.98
CA ALA A 142 -7.73 15.78 6.88
C ALA A 142 -7.90 15.25 8.30
N GLU A 143 -8.78 14.26 8.43
CA GLU A 143 -9.05 13.66 9.73
C GLU A 143 -7.82 12.87 10.20
N ALA A 144 -7.04 12.40 9.24
CA ALA A 144 -5.85 11.64 9.55
C ALA A 144 -4.90 12.50 10.38
N TYR A 145 -4.66 13.70 9.88
CA TYR A 145 -3.77 14.63 10.56
C TYR A 145 -4.54 15.47 11.58
N LYS A 146 -5.71 15.93 11.16
CA LYS A 146 -6.54 16.75 12.02
C LYS A 146 -6.81 16.00 13.33
N GLN A 147 -7.19 14.73 13.18
CA GLN A 147 -7.48 13.90 14.35
C GLN A 147 -6.18 13.33 14.91
N GLY A 148 -5.75 13.92 16.01
CA GLY A 148 -4.52 13.47 16.67
C GLY A 148 -3.36 14.42 16.38
N LEU A 149 -2.71 14.87 17.43
CA LEU A 149 -1.59 15.78 17.30
C LEU A 149 -2.10 17.15 16.84
N GLY A 150 -2.63 17.16 15.63
CA GLY A 150 -3.15 18.40 15.07
C GLY A 150 -2.09 19.49 15.04
N GLY A 151 -2.55 20.73 15.08
CA GLY A 151 -1.65 21.87 15.06
C GLY A 151 -1.72 22.65 16.38
N SER A 152 -0.65 22.53 17.16
CA SER A 152 -0.58 23.21 18.44
C SER A 152 -1.68 22.70 19.36
N HIS A 153 -1.47 22.90 20.66
CA HIS A 153 -2.44 22.47 21.65
C HIS A 153 -3.72 23.30 21.53
N HIS A 154 -4.83 22.61 21.38
CA HIS A 154 -6.11 23.26 21.25
C HIS A 154 -7.23 22.23 21.35
N HIS A 155 -7.98 22.31 22.44
CA HIS A 155 -9.08 21.39 22.66
C HIS A 155 -10.40 22.18 22.78
N HIS A 156 -11.41 21.67 22.10
CA HIS A 156 -12.71 22.32 22.13
C HIS A 156 -12.59 23.77 21.64
N HIS A 157 -13.72 24.35 21.29
CA HIS A 157 -13.75 25.72 20.82
C HIS A 157 -13.03 25.81 19.47
N HIS A 158 -13.29 26.89 18.76
CA HIS A 158 -12.68 27.12 17.46
C HIS A 158 -11.40 27.94 17.62
N GLY A 1 16.14 -21.19 12.83
CA GLY A 1 16.21 -20.53 11.54
C GLY A 1 14.92 -20.74 10.75
N PRO A 2 15.07 -20.84 9.41
CA PRO A 2 13.92 -21.04 8.53
C PRO A 2 13.41 -22.48 8.63
N LEU A 3 12.10 -22.59 8.87
CA LEU A 3 11.48 -23.90 8.99
C LEU A 3 9.96 -23.72 9.08
N GLY A 4 9.54 -23.04 10.14
CA GLY A 4 8.13 -22.79 10.36
C GLY A 4 7.83 -22.63 11.85
N SER A 5 8.58 -21.75 12.48
CA SER A 5 8.41 -21.49 13.90
C SER A 5 7.18 -20.62 14.12
N MET A 6 6.97 -19.69 13.21
CA MET A 6 5.83 -18.78 13.29
C MET A 6 5.56 -18.39 14.73
N ASP A 7 6.64 -18.13 15.46
CA ASP A 7 6.52 -17.74 16.87
C ASP A 7 6.24 -16.25 16.95
N THR A 8 6.10 -15.77 18.18
CA THR A 8 5.82 -14.36 18.40
C THR A 8 4.42 -14.00 17.91
N GLU A 9 4.11 -12.71 18.00
CA GLU A 9 2.81 -12.24 17.56
C GLU A 9 2.72 -10.72 17.74
N THR A 10 1.50 -10.21 17.67
CA THR A 10 1.26 -8.79 17.83
C THR A 10 1.62 -8.05 16.53
N GLU A 11 1.47 -8.76 15.42
CA GLU A 11 1.76 -8.18 14.13
C GLU A 11 3.24 -8.40 13.77
N PHE A 12 4.03 -8.64 14.80
CA PHE A 12 5.46 -8.88 14.62
C PHE A 12 5.70 -10.20 13.89
N ASP A 13 5.14 -11.26 14.44
CA ASP A 13 5.30 -12.59 13.85
C ASP A 13 5.01 -12.50 12.35
N ARG A 14 4.11 -11.60 12.00
CA ARG A 14 3.72 -11.41 10.62
C ARG A 14 4.82 -10.65 9.86
N ILE A 15 5.46 -9.74 10.58
CA ILE A 15 6.53 -8.94 10.00
C ILE A 15 7.61 -9.86 9.46
N LEU A 16 8.01 -10.81 10.30
CA LEU A 16 9.04 -11.77 9.91
C LEU A 16 8.62 -12.46 8.61
N LEU A 17 7.35 -12.80 8.54
CA LEU A 17 6.82 -13.46 7.36
C LEU A 17 7.08 -12.59 6.13
N PHE A 18 6.68 -11.33 6.25
CA PHE A 18 6.86 -10.38 5.15
C PHE A 18 8.34 -10.17 4.86
N GLU A 19 9.13 -10.13 5.92
CA GLU A 19 10.56 -9.94 5.78
C GLU A 19 11.15 -10.95 4.79
N GLN A 20 10.86 -12.22 5.05
CA GLN A 20 11.35 -13.28 4.19
C GLN A 20 10.79 -13.13 2.77
N ILE A 21 9.60 -12.52 2.71
CA ILE A 21 8.94 -12.31 1.44
C ILE A 21 9.70 -11.23 0.65
N ARG A 22 9.96 -10.13 1.34
CA ARG A 22 10.67 -9.02 0.71
C ARG A 22 12.07 -9.47 0.27
N GLN A 23 12.64 -10.36 1.05
CA GLN A 23 13.97 -10.87 0.76
C GLN A 23 13.94 -11.75 -0.49
N ASP A 24 13.05 -12.74 -0.47
CA ASP A 24 12.91 -13.64 -1.59
C ASP A 24 12.30 -12.89 -2.78
N ALA A 25 11.49 -11.89 -2.45
CA ALA A 25 10.84 -11.10 -3.47
C ALA A 25 11.86 -10.17 -4.12
N GLU A 26 12.65 -9.53 -3.27
CA GLU A 26 13.68 -8.62 -3.75
C GLU A 26 14.75 -9.38 -4.52
N ASN A 27 15.16 -10.51 -3.95
CA ASN A 27 16.18 -11.33 -4.58
C ASN A 27 15.62 -11.94 -5.86
N THR A 28 14.34 -12.30 -5.80
CA THR A 28 13.67 -12.88 -6.94
C THR A 28 13.69 -11.92 -8.13
N TYR A 29 13.80 -10.64 -7.81
CA TYR A 29 13.84 -9.62 -8.84
C TYR A 29 14.89 -9.94 -9.90
N LYS A 30 16.13 -10.03 -9.46
CA LYS A 30 17.22 -10.33 -10.36
C LYS A 30 17.00 -11.71 -10.98
N SER A 31 16.29 -12.55 -10.24
CA SER A 31 16.00 -13.90 -10.71
C SER A 31 14.94 -13.86 -11.81
N ASN A 32 14.13 -12.82 -11.76
CA ASN A 32 13.08 -12.64 -12.76
C ASN A 32 12.48 -11.24 -12.62
N PRO A 33 13.15 -10.27 -13.30
CA PRO A 33 12.69 -8.88 -13.26
C PRO A 33 11.45 -8.70 -14.14
N LEU A 34 11.16 -9.71 -14.93
CA LEU A 34 10.00 -9.68 -15.82
C LEU A 34 8.78 -10.21 -15.08
N ASP A 35 9.04 -10.99 -14.04
CA ASP A 35 7.98 -11.57 -13.24
C ASP A 35 7.21 -10.45 -12.53
N ALA A 36 6.08 -10.10 -13.12
CA ALA A 36 5.24 -9.05 -12.56
C ALA A 36 4.60 -9.55 -11.26
N ASP A 37 4.43 -10.86 -11.19
CA ASP A 37 3.84 -11.47 -10.01
C ASP A 37 4.77 -11.25 -8.81
N ASN A 38 6.03 -11.62 -8.99
CA ASN A 38 7.01 -11.47 -7.94
C ASN A 38 7.22 -9.97 -7.65
N LEU A 39 7.23 -9.20 -8.71
CA LEU A 39 7.42 -7.76 -8.59
C LEU A 39 6.30 -7.17 -7.73
N THR A 40 5.07 -7.50 -8.11
CA THR A 40 3.91 -7.01 -7.39
C THR A 40 3.95 -7.50 -5.94
N ARG A 41 4.40 -8.73 -5.77
CA ARG A 41 4.50 -9.31 -4.45
C ARG A 41 5.61 -8.64 -3.64
N TRP A 42 6.65 -8.21 -4.36
CA TRP A 42 7.77 -7.55 -3.72
C TRP A 42 7.28 -6.21 -3.15
N GLY A 43 6.23 -5.69 -3.78
CA GLY A 43 5.66 -4.42 -3.35
C GLY A 43 4.66 -4.64 -2.22
N GLY A 44 3.69 -5.51 -2.49
CA GLY A 44 2.66 -5.82 -1.50
C GLY A 44 3.26 -5.91 -0.10
N VAL A 45 4.39 -6.61 -0.02
CA VAL A 45 5.06 -6.79 1.25
C VAL A 45 5.60 -5.44 1.73
N LEU A 46 6.27 -4.75 0.82
CA LEU A 46 6.84 -3.45 1.14
C LEU A 46 5.79 -2.59 1.83
N LEU A 47 4.57 -2.64 1.29
CA LEU A 47 3.48 -1.87 1.85
C LEU A 47 3.14 -2.40 3.25
N GLU A 48 3.26 -3.72 3.39
CA GLU A 48 2.98 -4.36 4.66
C GLU A 48 4.00 -3.91 5.72
N LEU A 49 5.25 -4.18 5.42
CA LEU A 49 6.33 -3.81 6.33
C LEU A 49 6.35 -2.29 6.50
N SER A 50 5.84 -1.61 5.48
CA SER A 50 5.80 -0.15 5.51
C SER A 50 5.00 0.32 6.72
N GLN A 51 3.95 -0.43 7.03
CA GLN A 51 3.10 -0.08 8.16
C GLN A 51 3.87 -0.24 9.47
N PHE A 52 4.75 -1.22 9.48
CA PHE A 52 5.56 -1.48 10.67
C PHE A 52 6.74 -0.52 10.75
N HIS A 53 7.29 -0.20 9.58
CA HIS A 53 8.43 0.70 9.51
C HIS A 53 7.93 2.15 9.64
N SER A 54 8.67 2.91 10.45
CA SER A 54 8.31 4.30 10.67
C SER A 54 7.88 4.95 9.36
N ILE A 55 6.99 5.91 9.48
CA ILE A 55 6.48 6.62 8.31
C ILE A 55 7.66 7.07 7.45
N SER A 56 8.67 7.61 8.12
CA SER A 56 9.86 8.08 7.43
C SER A 56 10.33 7.05 6.42
N ASP A 57 10.57 5.85 6.92
CA ASP A 57 11.02 4.76 6.06
C ASP A 57 9.85 4.25 5.23
N ALA A 58 8.68 4.24 5.86
CA ALA A 58 7.47 3.78 5.18
C ALA A 58 7.37 4.46 3.82
N LYS A 59 7.42 5.79 3.84
CA LYS A 59 7.33 6.56 2.62
C LYS A 59 8.35 6.03 1.61
N GLN A 60 9.60 5.95 2.05
CA GLN A 60 10.67 5.48 1.21
C GLN A 60 10.32 4.09 0.65
N MET A 61 9.86 3.23 1.55
CA MET A 61 9.49 1.88 1.15
C MET A 61 8.35 1.89 0.14
N ILE A 62 7.49 2.89 0.27
CA ILE A 62 6.37 3.03 -0.65
C ILE A 62 6.87 3.49 -2.02
N GLN A 63 7.63 4.58 -1.99
CA GLN A 63 8.18 5.13 -3.22
C GLN A 63 8.77 4.02 -4.09
N GLU A 64 9.61 3.20 -3.47
CA GLU A 64 10.24 2.10 -4.17
C GLU A 64 9.20 1.06 -4.58
N ALA A 65 8.23 0.86 -3.69
CA ALA A 65 7.17 -0.10 -3.94
C ALA A 65 6.42 0.30 -5.21
N ILE A 66 6.42 1.60 -5.49
CA ILE A 66 5.75 2.11 -6.66
C ILE A 66 6.52 1.68 -7.91
N THR A 67 7.84 1.82 -7.85
CA THR A 67 8.69 1.45 -8.96
C THR A 67 8.53 -0.05 -9.28
N LYS A 68 8.28 -0.82 -8.23
CA LYS A 68 8.11 -2.26 -8.38
C LYS A 68 6.92 -2.52 -9.30
N PHE A 69 5.79 -1.91 -8.95
CA PHE A 69 4.58 -2.09 -9.74
C PHE A 69 4.77 -1.55 -11.16
N GLU A 70 5.52 -0.46 -11.25
CA GLU A 70 5.78 0.15 -12.54
C GLU A 70 6.23 -0.90 -13.55
N GLU A 71 7.28 -1.63 -13.18
CA GLU A 71 7.81 -2.67 -14.04
C GLU A 71 6.79 -3.81 -14.20
N ALA A 72 6.20 -4.17 -13.07
CA ALA A 72 5.21 -5.24 -13.07
C ALA A 72 4.12 -4.92 -14.10
N LEU A 73 3.67 -3.68 -14.08
CA LEU A 73 2.64 -3.25 -14.99
C LEU A 73 3.17 -3.32 -16.43
N LEU A 74 4.48 -3.16 -16.55
CA LEU A 74 5.11 -3.21 -17.85
C LEU A 74 5.10 -4.65 -18.38
N ILE A 75 5.15 -5.58 -17.44
CA ILE A 75 5.14 -7.00 -17.79
C ILE A 75 3.70 -7.42 -18.10
N ASP A 76 2.79 -6.95 -17.28
CA ASP A 76 1.38 -7.27 -17.46
C ASP A 76 0.52 -6.07 -17.08
N PRO A 77 -0.10 -5.45 -18.11
CA PRO A 77 -0.94 -4.28 -17.90
C PRO A 77 -2.28 -4.68 -17.28
N LYS A 78 -2.59 -5.96 -17.41
CA LYS A 78 -3.84 -6.49 -16.88
C LYS A 78 -3.66 -6.79 -15.39
N LYS A 79 -2.48 -6.48 -14.89
CA LYS A 79 -2.17 -6.71 -13.49
C LYS A 79 -2.98 -5.75 -12.62
N ASP A 80 -4.25 -6.09 -12.43
CA ASP A 80 -5.14 -5.27 -11.63
C ASP A 80 -4.48 -4.99 -10.28
N GLU A 81 -3.69 -5.95 -9.81
CA GLU A 81 -3.01 -5.82 -8.55
C GLU A 81 -1.95 -4.71 -8.63
N ALA A 82 -1.11 -4.82 -9.64
CA ALA A 82 -0.05 -3.84 -9.85
C ALA A 82 -0.67 -2.44 -9.85
N VAL A 83 -1.89 -2.36 -10.35
CA VAL A 83 -2.59 -1.08 -10.42
C VAL A 83 -3.06 -0.69 -9.01
N TRP A 84 -3.78 -1.61 -8.39
CA TRP A 84 -4.29 -1.38 -7.05
C TRP A 84 -3.10 -1.08 -6.13
N CYS A 85 -2.07 -1.89 -6.26
CA CYS A 85 -0.87 -1.73 -5.46
C CYS A 85 -0.42 -0.27 -5.56
N ILE A 86 -0.23 0.17 -6.80
CA ILE A 86 0.20 1.53 -7.05
C ILE A 86 -0.74 2.50 -6.32
N GLY A 87 -2.02 2.18 -6.37
CA GLY A 87 -3.02 3.01 -5.72
C GLY A 87 -2.90 2.93 -4.20
N ASN A 88 -2.72 1.71 -3.71
CA ASN A 88 -2.59 1.47 -2.29
C ASN A 88 -1.31 2.17 -1.78
N ALA A 89 -0.33 2.22 -2.65
CA ALA A 89 0.94 2.85 -2.31
C ALA A 89 0.73 4.36 -2.15
N TYR A 90 0.19 4.96 -3.19
CA TYR A 90 -0.08 6.39 -3.18
C TYR A 90 -1.02 6.76 -2.03
N THR A 91 -2.10 6.02 -1.94
CA THR A 91 -3.08 6.27 -0.89
C THR A 91 -2.41 6.25 0.48
N SER A 92 -1.60 5.22 0.70
CA SER A 92 -0.90 5.07 1.96
C SER A 92 0.12 6.21 2.12
N PHE A 93 0.94 6.37 1.10
CA PHE A 93 1.96 7.41 1.10
C PHE A 93 1.35 8.78 1.40
N ALA A 94 0.14 8.97 0.91
CA ALA A 94 -0.57 10.22 1.12
C ALA A 94 -0.71 10.47 2.63
N PHE A 95 -1.19 9.45 3.32
CA PHE A 95 -1.39 9.54 4.75
C PHE A 95 -0.09 9.89 5.46
N LEU A 96 1.01 9.59 4.80
CA LEU A 96 2.33 9.86 5.36
C LEU A 96 2.83 11.21 4.84
N THR A 97 2.02 11.81 3.97
CA THR A 97 2.36 13.09 3.39
C THR A 97 1.63 14.22 4.13
N PRO A 98 2.42 14.96 4.96
CA PRO A 98 1.86 16.07 5.72
C PRO A 98 1.60 17.28 4.83
N ASP A 99 2.15 17.22 3.63
CA ASP A 99 1.99 18.31 2.67
C ASP A 99 0.50 18.50 2.39
N GLU A 100 -0.17 17.39 2.10
CA GLU A 100 -1.59 17.42 1.81
C GLU A 100 -1.82 17.46 0.29
N THR A 101 -1.21 18.44 -0.35
CA THR A 101 -1.34 18.59 -1.79
C THR A 101 -0.86 17.34 -2.50
N GLU A 102 0.21 16.77 -1.97
CA GLU A 102 0.78 15.56 -2.55
C GLU A 102 -0.07 14.34 -2.19
N ALA A 103 -0.62 14.39 -0.98
CA ALA A 103 -1.45 13.30 -0.51
C ALA A 103 -2.77 13.29 -1.28
N LYS A 104 -3.41 14.45 -1.30
CA LYS A 104 -4.68 14.60 -2.01
C LYS A 104 -4.50 14.19 -3.47
N HIS A 105 -3.47 14.75 -4.08
CA HIS A 105 -3.17 14.46 -5.48
C HIS A 105 -2.99 12.94 -5.65
N ASN A 106 -2.27 12.35 -4.72
CA ASN A 106 -2.01 10.92 -4.77
C ASN A 106 -3.33 10.18 -4.54
N PHE A 107 -4.05 10.61 -3.52
CA PHE A 107 -5.33 9.99 -3.19
C PHE A 107 -6.23 9.91 -4.42
N ASP A 108 -6.28 11.01 -5.15
CA ASP A 108 -7.11 11.07 -6.35
C ASP A 108 -6.43 10.28 -7.46
N LEU A 109 -5.14 10.05 -7.29
CA LEU A 109 -4.37 9.30 -8.27
C LEU A 109 -4.69 7.81 -8.12
N ALA A 110 -4.67 7.36 -6.88
CA ALA A 110 -4.95 5.96 -6.59
C ALA A 110 -6.37 5.62 -7.05
N THR A 111 -7.20 6.65 -7.12
CA THR A 111 -8.58 6.47 -7.54
C THR A 111 -8.63 5.99 -8.99
N GLN A 112 -7.98 6.74 -9.86
CA GLN A 112 -7.96 6.39 -11.27
C GLN A 112 -7.42 4.98 -11.46
N PHE A 113 -6.66 4.54 -10.47
CA PHE A 113 -6.08 3.20 -10.52
C PHE A 113 -7.09 2.15 -10.04
N PHE A 114 -7.76 2.48 -8.95
CA PHE A 114 -8.75 1.58 -8.38
C PHE A 114 -9.79 1.18 -9.42
N GLN A 115 -10.07 2.11 -10.33
CA GLN A 115 -11.04 1.87 -11.38
C GLN A 115 -10.60 0.69 -12.24
N GLN A 116 -9.29 0.53 -12.34
CA GLN A 116 -8.72 -0.54 -13.14
C GLN A 116 -8.73 -1.86 -12.34
N ALA A 117 -8.40 -1.74 -11.07
CA ALA A 117 -8.36 -2.89 -10.19
C ALA A 117 -9.77 -3.50 -10.11
N VAL A 118 -10.72 -2.65 -9.77
CA VAL A 118 -12.10 -3.09 -9.65
C VAL A 118 -12.60 -3.57 -11.01
N ASP A 119 -12.13 -2.89 -12.05
CA ASP A 119 -12.52 -3.24 -13.41
C ASP A 119 -12.47 -4.76 -13.58
N GLU A 120 -11.38 -5.34 -13.09
CA GLU A 120 -11.20 -6.78 -13.18
C GLU A 120 -12.08 -7.49 -12.16
N GLN A 121 -12.08 -6.95 -10.95
CA GLN A 121 -12.88 -7.52 -9.88
C GLN A 121 -13.54 -6.41 -9.06
N PRO A 122 -14.71 -5.94 -9.57
CA PRO A 122 -15.45 -4.88 -8.90
C PRO A 122 -16.18 -5.42 -7.67
N ASP A 123 -16.17 -6.74 -7.55
CA ASP A 123 -16.82 -7.39 -6.43
C ASP A 123 -15.78 -7.69 -5.34
N ASN A 124 -14.52 -7.54 -5.72
CA ASN A 124 -13.42 -7.79 -4.79
C ASN A 124 -13.43 -6.71 -3.70
N THR A 125 -13.66 -7.16 -2.48
CA THR A 125 -13.69 -6.25 -1.35
C THR A 125 -12.42 -5.40 -1.31
N HIS A 126 -11.30 -6.04 -1.61
CA HIS A 126 -10.02 -5.36 -1.62
C HIS A 126 -10.07 -4.19 -2.60
N TYR A 127 -10.61 -4.46 -3.78
CA TYR A 127 -10.72 -3.45 -4.80
C TYR A 127 -11.88 -2.50 -4.51
N LEU A 128 -12.84 -3.00 -3.74
CA LEU A 128 -14.00 -2.21 -3.38
C LEU A 128 -13.63 -1.22 -2.28
N LYS A 129 -13.00 -1.75 -1.24
CA LYS A 129 -12.58 -0.94 -0.12
C LYS A 129 -11.62 0.15 -0.60
N SER A 130 -10.69 -0.28 -1.47
CA SER A 130 -9.72 0.65 -2.01
C SER A 130 -10.43 1.79 -2.75
N LEU A 131 -11.45 1.41 -3.50
CA LEU A 131 -12.22 2.40 -4.25
C LEU A 131 -13.08 3.21 -3.29
N GLU A 132 -13.90 2.51 -2.53
CA GLU A 132 -14.78 3.15 -1.57
C GLU A 132 -13.96 4.03 -0.62
N MET A 133 -12.72 3.63 -0.40
CA MET A 133 -11.84 4.37 0.49
C MET A 133 -11.64 5.80 -0.01
N THR A 134 -11.70 5.96 -1.32
CA THR A 134 -11.53 7.26 -1.93
C THR A 134 -12.66 8.20 -1.50
N ALA A 135 -13.80 7.60 -1.20
CA ALA A 135 -14.96 8.37 -0.77
C ALA A 135 -14.50 9.49 0.16
N LYS A 136 -13.60 9.14 1.06
CA LYS A 136 -13.07 10.11 2.01
C LYS A 136 -11.56 10.18 1.87
N ALA A 137 -11.12 10.31 0.62
CA ALA A 137 -9.70 10.40 0.34
C ALA A 137 -9.14 11.69 0.94
N PRO A 138 -9.84 12.82 0.65
CA PRO A 138 -9.42 14.11 1.16
C PRO A 138 -9.74 14.24 2.65
N GLN A 139 -10.77 13.51 3.07
CA GLN A 139 -11.19 13.54 4.46
C GLN A 139 -10.29 12.64 5.30
N LEU A 140 -10.08 11.42 4.81
CA LEU A 140 -9.24 10.46 5.51
C LEU A 140 -7.90 11.11 5.84
N HIS A 141 -7.39 11.87 4.88
CA HIS A 141 -6.12 12.55 5.06
C HIS A 141 -6.25 13.62 6.14
N ALA A 142 -7.34 14.38 6.04
CA ALA A 142 -7.61 15.44 7.00
C ALA A 142 -7.75 14.83 8.39
N GLU A 143 -8.62 13.84 8.50
CA GLU A 143 -8.87 13.17 9.76
C GLU A 143 -7.64 12.35 10.17
N ALA A 144 -6.90 11.93 9.16
CA ALA A 144 -5.70 11.13 9.40
C ALA A 144 -4.74 11.93 10.28
N TYR A 145 -4.47 13.15 9.86
CA TYR A 145 -3.56 14.02 10.60
C TYR A 145 -4.32 14.81 11.68
N LYS A 146 -5.49 15.30 11.28
CA LYS A 146 -6.32 16.07 12.20
C LYS A 146 -6.58 15.25 13.46
N GLN A 147 -6.95 13.99 13.25
CA GLN A 147 -7.23 13.10 14.37
C GLN A 147 -5.94 12.45 14.86
N GLY A 148 -5.65 12.67 16.13
CA GLY A 148 -4.45 12.13 16.75
C GLY A 148 -4.07 12.90 18.00
N LEU A 149 -4.96 12.87 18.98
CA LEU A 149 -4.72 13.56 20.23
C LEU A 149 -5.51 12.87 21.35
N GLY A 150 -4.81 12.01 22.08
CA GLY A 150 -5.42 11.28 23.17
C GLY A 150 -6.26 10.12 22.65
N GLY A 151 -6.42 9.12 23.51
CA GLY A 151 -7.20 7.94 23.14
C GLY A 151 -8.70 8.25 23.17
N SER A 152 -9.13 8.99 22.16
CA SER A 152 -10.53 9.36 22.05
C SER A 152 -11.22 8.45 21.04
N HIS A 153 -12.25 7.76 21.51
CA HIS A 153 -13.01 6.85 20.68
C HIS A 153 -13.36 7.55 19.36
N HIS A 154 -13.19 6.82 18.27
CA HIS A 154 -13.49 7.35 16.95
C HIS A 154 -14.91 7.91 16.93
N HIS A 155 -15.23 8.59 15.85
CA HIS A 155 -16.55 9.18 15.69
C HIS A 155 -17.23 8.59 14.45
N HIS A 156 -18.45 8.10 14.66
CA HIS A 156 -19.21 7.50 13.58
C HIS A 156 -20.70 7.54 13.93
N HIS A 157 -21.51 7.73 12.90
CA HIS A 157 -22.95 7.78 13.09
C HIS A 157 -23.64 7.42 11.78
N HIS A 158 -24.13 6.19 11.72
CA HIS A 158 -24.81 5.70 10.53
C HIS A 158 -26.28 5.43 10.86
N GLY A 1 -9.93 -26.08 10.28
CA GLY A 1 -8.55 -26.30 9.88
C GLY A 1 -7.67 -25.10 10.26
N PRO A 2 -6.65 -24.84 9.40
CA PRO A 2 -5.73 -23.74 9.63
C PRO A 2 -6.40 -22.40 9.30
N LEU A 3 -5.97 -21.37 10.00
CA LEU A 3 -6.51 -20.04 9.79
C LEU A 3 -7.99 -20.03 10.18
N GLY A 4 -8.23 -19.94 11.49
CA GLY A 4 -9.58 -19.91 12.00
C GLY A 4 -10.29 -18.61 11.62
N SER A 5 -11.14 -18.15 12.53
CA SER A 5 -11.89 -16.93 12.29
C SER A 5 -10.99 -15.71 12.56
N MET A 6 -10.12 -15.87 13.53
CA MET A 6 -9.20 -14.80 13.90
C MET A 6 -8.17 -15.27 14.92
N ASP A 7 -6.94 -14.83 14.74
CA ASP A 7 -5.86 -15.21 15.65
C ASP A 7 -4.56 -14.56 15.17
N THR A 8 -4.28 -13.39 15.71
CA THR A 8 -3.07 -12.67 15.34
C THR A 8 -2.39 -12.11 16.59
N GLU A 9 -1.09 -11.88 16.46
CA GLU A 9 -0.30 -11.35 17.57
C GLU A 9 1.15 -11.17 17.15
N THR A 10 1.92 -10.57 18.05
CA THR A 10 3.33 -10.32 17.79
C THR A 10 3.54 -9.95 16.32
N GLU A 11 3.25 -8.69 16.02
CA GLU A 11 3.40 -8.19 14.66
C GLU A 11 4.78 -8.56 14.11
N PHE A 12 5.70 -8.83 15.04
CA PHE A 12 7.06 -9.20 14.65
C PHE A 12 7.06 -10.51 13.87
N ASP A 13 6.49 -11.53 14.50
CA ASP A 13 6.43 -12.85 13.87
C ASP A 13 5.90 -12.71 12.44
N ARG A 14 4.92 -11.82 12.30
CA ARG A 14 4.33 -11.58 11.00
C ARG A 14 5.29 -10.78 10.10
N ILE A 15 6.00 -9.87 10.74
CA ILE A 15 6.96 -9.04 10.02
C ILE A 15 8.03 -9.93 9.39
N LEU A 16 8.41 -10.95 10.14
CA LEU A 16 9.43 -11.87 9.66
C LEU A 16 8.97 -12.50 8.33
N LEU A 17 7.69 -12.83 8.29
CA LEU A 17 7.12 -13.43 7.09
C LEU A 17 7.29 -12.47 5.92
N PHE A 18 6.88 -11.23 6.15
CA PHE A 18 6.97 -10.20 5.12
C PHE A 18 8.43 -9.94 4.76
N GLU A 19 9.28 -10.01 5.76
CA GLU A 19 10.71 -9.77 5.56
C GLU A 19 11.28 -10.80 4.58
N GLN A 20 11.12 -12.07 4.94
CA GLN A 20 11.62 -13.15 4.11
C GLN A 20 11.10 -12.99 2.68
N ILE A 21 9.90 -12.43 2.56
CA ILE A 21 9.29 -12.22 1.27
C ILE A 21 10.04 -11.11 0.53
N ARG A 22 10.20 -9.99 1.23
CA ARG A 22 10.88 -8.85 0.66
C ARG A 22 12.25 -9.27 0.10
N GLN A 23 13.05 -9.87 0.97
CA GLN A 23 14.37 -10.32 0.57
C GLN A 23 14.28 -11.23 -0.65
N ASP A 24 13.32 -12.15 -0.60
CA ASP A 24 13.11 -13.08 -1.69
C ASP A 24 12.73 -12.31 -2.96
N ALA A 25 11.93 -11.27 -2.76
CA ALA A 25 11.49 -10.45 -3.87
C ALA A 25 12.71 -9.89 -4.60
N GLU A 26 13.66 -9.39 -3.82
CA GLU A 26 14.88 -8.83 -4.38
C GLU A 26 15.65 -9.90 -5.14
N ASN A 27 15.70 -11.09 -4.56
CA ASN A 27 16.40 -12.21 -5.18
C ASN A 27 15.64 -12.64 -6.43
N THR A 28 14.34 -12.81 -6.26
CA THR A 28 13.48 -13.24 -7.36
C THR A 28 13.54 -12.22 -8.50
N TYR A 29 13.93 -11.01 -8.15
CA TYR A 29 14.04 -9.94 -9.12
C TYR A 29 15.12 -10.25 -10.15
N LYS A 30 16.35 -10.35 -9.67
CA LYS A 30 17.48 -10.63 -10.53
C LYS A 30 17.31 -12.03 -11.15
N SER A 31 16.54 -12.86 -10.44
CA SER A 31 16.29 -14.21 -10.91
C SER A 31 15.14 -14.21 -11.92
N ASN A 32 14.28 -13.21 -11.78
CA ASN A 32 13.14 -13.08 -12.68
C ASN A 32 12.48 -11.72 -12.47
N PRO A 33 13.07 -10.70 -13.15
CA PRO A 33 12.55 -9.34 -13.05
C PRO A 33 11.27 -9.18 -13.85
N LEU A 34 11.00 -10.18 -14.69
CA LEU A 34 9.81 -10.16 -15.52
C LEU A 34 8.61 -10.66 -14.71
N ASP A 35 8.94 -11.35 -13.62
CA ASP A 35 7.90 -11.88 -12.74
C ASP A 35 7.12 -10.73 -12.10
N ALA A 36 5.96 -10.45 -12.68
CA ALA A 36 5.11 -9.38 -12.19
C ALA A 36 4.45 -9.83 -10.89
N ASP A 37 4.37 -11.14 -10.72
CA ASP A 37 3.77 -11.71 -9.53
C ASP A 37 4.66 -11.42 -8.32
N ASN A 38 5.91 -11.83 -8.44
CA ASN A 38 6.88 -11.63 -7.37
C ASN A 38 7.20 -10.14 -7.26
N LEU A 39 7.21 -9.48 -8.41
CA LEU A 39 7.50 -8.06 -8.45
C LEU A 39 6.37 -7.29 -7.76
N THR A 40 5.16 -7.73 -8.03
CA THR A 40 3.98 -7.10 -7.45
C THR A 40 3.93 -7.36 -5.94
N ARG A 41 4.00 -8.64 -5.60
CA ARG A 41 3.95 -9.04 -4.19
C ARG A 41 5.10 -8.37 -3.42
N TRP A 42 6.09 -7.91 -4.17
CA TRP A 42 7.24 -7.26 -3.57
C TRP A 42 6.76 -5.94 -2.97
N GLY A 43 5.70 -5.40 -3.56
CA GLY A 43 5.15 -4.14 -3.11
C GLY A 43 4.22 -4.35 -1.92
N GLY A 44 3.22 -5.20 -2.13
CA GLY A 44 2.25 -5.50 -1.09
C GLY A 44 2.94 -5.69 0.26
N VAL A 45 4.03 -6.45 0.24
CA VAL A 45 4.78 -6.72 1.44
C VAL A 45 5.44 -5.42 1.92
N LEU A 46 5.89 -4.63 0.96
CA LEU A 46 6.55 -3.37 1.27
C LEU A 46 5.57 -2.46 2.01
N LEU A 47 4.33 -2.48 1.55
CA LEU A 47 3.28 -1.67 2.16
C LEU A 47 3.03 -2.17 3.59
N GLU A 48 3.12 -3.49 3.74
CA GLU A 48 2.90 -4.11 5.04
C GLU A 48 3.99 -3.67 6.02
N LEU A 49 5.22 -3.94 5.66
CA LEU A 49 6.35 -3.59 6.50
C LEU A 49 6.40 -2.07 6.67
N SER A 50 5.83 -1.38 5.68
CA SER A 50 5.80 0.07 5.71
C SER A 50 5.11 0.56 6.99
N GLN A 51 4.09 -0.18 7.40
CA GLN A 51 3.36 0.16 8.59
C GLN A 51 4.24 0.01 9.83
N PHE A 52 5.11 -1.00 9.78
CA PHE A 52 6.02 -1.26 10.88
C PHE A 52 7.22 -0.31 10.85
N HIS A 53 7.64 0.00 9.63
CA HIS A 53 8.77 0.90 9.43
C HIS A 53 8.31 2.34 9.60
N SER A 54 9.17 3.14 10.22
CA SER A 54 8.87 4.54 10.45
C SER A 54 8.39 5.18 9.14
N ILE A 55 7.72 6.31 9.30
CA ILE A 55 7.20 7.04 8.15
C ILE A 55 8.34 7.37 7.20
N SER A 56 9.40 7.92 7.78
CA SER A 56 10.57 8.30 6.99
C SER A 56 10.92 7.18 6.01
N ASP A 57 11.04 5.98 6.55
CA ASP A 57 11.38 4.82 5.73
C ASP A 57 10.14 4.39 4.95
N ALA A 58 9.00 4.47 5.61
CA ALA A 58 7.74 4.09 4.99
C ALA A 58 7.65 4.72 3.60
N LYS A 59 7.82 6.04 3.57
CA LYS A 59 7.76 6.76 2.31
C LYS A 59 8.72 6.12 1.31
N GLN A 60 9.99 6.08 1.70
CA GLN A 60 11.01 5.50 0.85
C GLN A 60 10.61 4.09 0.41
N MET A 61 10.06 3.34 1.36
CA MET A 61 9.62 1.99 1.09
C MET A 61 8.43 1.97 0.12
N ILE A 62 7.60 2.99 0.24
CA ILE A 62 6.43 3.12 -0.61
C ILE A 62 6.88 3.51 -2.02
N GLN A 63 7.76 4.49 -2.07
CA GLN A 63 8.27 4.97 -3.35
C GLN A 63 8.72 3.79 -4.22
N GLU A 64 9.60 2.97 -3.64
CA GLU A 64 10.12 1.82 -4.35
C GLU A 64 8.99 0.82 -4.62
N ALA A 65 8.06 0.76 -3.68
CA ALA A 65 6.94 -0.16 -3.80
C ALA A 65 6.15 0.18 -5.07
N ILE A 66 6.17 1.46 -5.41
CA ILE A 66 5.46 1.93 -6.59
C ILE A 66 6.26 1.55 -7.84
N THR A 67 7.50 2.04 -7.88
CA THR A 67 8.38 1.76 -9.00
C THR A 67 8.40 0.26 -9.30
N LYS A 68 8.11 -0.53 -8.28
CA LYS A 68 8.10 -1.97 -8.42
C LYS A 68 6.88 -2.39 -9.25
N PHE A 69 5.72 -1.88 -8.84
CA PHE A 69 4.49 -2.18 -9.53
C PHE A 69 4.56 -1.77 -11.01
N GLU A 70 5.12 -0.60 -11.23
CA GLU A 70 5.26 -0.08 -12.58
C GLU A 70 5.87 -1.14 -13.49
N GLU A 71 7.04 -1.62 -13.09
CA GLU A 71 7.73 -2.64 -13.86
C GLU A 71 6.87 -3.89 -13.99
N ALA A 72 6.18 -4.20 -12.91
CA ALA A 72 5.31 -5.36 -12.88
C ALA A 72 4.16 -5.17 -13.87
N LEU A 73 3.66 -3.94 -13.90
CA LEU A 73 2.56 -3.61 -14.79
C LEU A 73 3.02 -3.77 -16.24
N LEU A 74 4.32 -3.58 -16.45
CA LEU A 74 4.89 -3.71 -17.78
C LEU A 74 4.83 -5.18 -18.22
N ILE A 75 4.97 -6.05 -17.24
CA ILE A 75 4.94 -7.49 -17.51
C ILE A 75 3.50 -7.91 -17.81
N ASP A 76 2.59 -7.39 -17.01
CA ASP A 76 1.17 -7.71 -17.17
C ASP A 76 0.34 -6.49 -16.77
N PRO A 77 -0.22 -5.81 -17.81
CA PRO A 77 -1.04 -4.63 -17.57
C PRO A 77 -2.43 -5.02 -17.04
N LYS A 78 -2.72 -6.31 -17.15
CA LYS A 78 -4.00 -6.83 -16.69
C LYS A 78 -3.92 -7.10 -15.18
N LYS A 79 -2.75 -6.81 -14.63
CA LYS A 79 -2.53 -7.02 -13.20
C LYS A 79 -3.26 -5.93 -12.41
N ASP A 80 -4.55 -6.14 -12.24
CA ASP A 80 -5.37 -5.19 -11.52
C ASP A 80 -4.77 -4.96 -10.13
N GLU A 81 -4.00 -5.94 -9.68
CA GLU A 81 -3.35 -5.85 -8.39
C GLU A 81 -2.25 -4.78 -8.41
N ALA A 82 -1.37 -4.92 -9.39
CA ALA A 82 -0.27 -3.98 -9.53
C ALA A 82 -0.82 -2.55 -9.55
N VAL A 83 -2.03 -2.42 -10.07
CA VAL A 83 -2.69 -1.13 -10.16
C VAL A 83 -3.19 -0.72 -8.77
N TRP A 84 -3.94 -1.62 -8.17
CA TRP A 84 -4.50 -1.37 -6.85
C TRP A 84 -3.32 -1.13 -5.89
N CYS A 85 -2.33 -2.01 -5.98
CA CYS A 85 -1.15 -1.90 -5.14
C CYS A 85 -0.63 -0.46 -5.22
N ILE A 86 -0.41 -0.02 -6.45
CA ILE A 86 0.08 1.33 -6.69
C ILE A 86 -0.79 2.33 -5.94
N GLY A 87 -2.09 2.09 -6.00
CA GLY A 87 -3.05 2.96 -5.32
C GLY A 87 -2.91 2.86 -3.81
N ASN A 88 -2.72 1.63 -3.34
CA ASN A 88 -2.58 1.38 -1.92
C ASN A 88 -1.29 2.06 -1.42
N ALA A 89 -0.29 2.05 -2.27
CA ALA A 89 0.99 2.65 -1.93
C ALA A 89 0.81 4.16 -1.78
N TYR A 90 0.28 4.78 -2.82
CA TYR A 90 0.05 6.21 -2.82
C TYR A 90 -0.87 6.61 -1.67
N THR A 91 -1.92 5.83 -1.48
CA THR A 91 -2.87 6.08 -0.42
C THR A 91 -2.16 6.16 0.93
N SER A 92 -1.31 5.18 1.18
CA SER A 92 -0.56 5.13 2.42
C SER A 92 0.42 6.29 2.49
N PHE A 93 1.23 6.41 1.43
CA PHE A 93 2.21 7.47 1.36
C PHE A 93 1.58 8.83 1.61
N ALA A 94 0.33 8.95 1.20
CA ALA A 94 -0.41 10.20 1.37
C ALA A 94 -0.58 10.48 2.87
N PHE A 95 -1.03 9.45 3.59
CA PHE A 95 -1.24 9.57 5.02
C PHE A 95 0.06 9.99 5.73
N LEU A 96 1.16 9.82 5.02
CA LEU A 96 2.46 10.16 5.57
C LEU A 96 2.85 11.57 5.10
N THR A 97 2.22 11.98 4.02
CA THR A 97 2.48 13.30 3.45
C THR A 97 1.43 14.31 3.93
N PRO A 98 1.92 15.34 4.68
CA PRO A 98 1.03 16.37 5.21
C PRO A 98 0.59 17.33 4.10
N ASP A 99 1.45 17.44 3.09
CA ASP A 99 1.17 18.32 1.96
C ASP A 99 -0.15 17.89 1.31
N GLU A 100 -1.23 18.52 1.74
CA GLU A 100 -2.54 18.22 1.20
C GLU A 100 -2.48 18.15 -0.33
N THR A 101 -1.82 19.13 -0.92
CA THR A 101 -1.69 19.18 -2.36
C THR A 101 -1.16 17.86 -2.90
N GLU A 102 -0.07 17.41 -2.30
CA GLU A 102 0.55 16.15 -2.71
C GLU A 102 -0.28 14.97 -2.22
N ALA A 103 -0.61 15.01 -0.94
CA ALA A 103 -1.40 13.95 -0.34
C ALA A 103 -2.67 13.74 -1.16
N LYS A 104 -3.39 14.82 -1.36
CA LYS A 104 -4.63 14.76 -2.13
C LYS A 104 -4.32 14.26 -3.55
N HIS A 105 -3.35 14.92 -4.17
CA HIS A 105 -2.94 14.55 -5.52
C HIS A 105 -2.73 13.04 -5.59
N ASN A 106 -2.14 12.50 -4.55
CA ASN A 106 -1.87 11.08 -4.49
C ASN A 106 -3.19 10.32 -4.33
N PHE A 107 -3.94 10.70 -3.31
CA PHE A 107 -5.22 10.07 -3.05
C PHE A 107 -6.10 10.05 -4.30
N ASP A 108 -6.04 11.15 -5.03
CA ASP A 108 -6.83 11.29 -6.25
C ASP A 108 -6.17 10.45 -7.35
N LEU A 109 -4.91 10.13 -7.15
CA LEU A 109 -4.16 9.33 -8.11
C LEU A 109 -4.60 7.87 -8.00
N ALA A 110 -4.62 7.39 -6.76
CA ALA A 110 -5.00 6.01 -6.50
C ALA A 110 -6.39 5.76 -7.07
N THR A 111 -7.18 6.83 -7.14
CA THR A 111 -8.53 6.74 -7.65
C THR A 111 -8.51 6.27 -9.10
N GLN A 112 -7.78 7.01 -9.92
CA GLN A 112 -7.67 6.67 -11.34
C GLN A 112 -7.13 5.25 -11.51
N PHE A 113 -6.44 4.79 -10.47
CA PHE A 113 -5.86 3.46 -10.49
C PHE A 113 -6.90 2.40 -10.09
N PHE A 114 -7.57 2.69 -8.98
CA PHE A 114 -8.59 1.77 -8.48
C PHE A 114 -9.62 1.45 -9.56
N GLN A 115 -9.86 2.44 -10.42
CA GLN A 115 -10.82 2.28 -11.50
C GLN A 115 -10.38 1.14 -12.42
N GLN A 116 -9.08 0.93 -12.47
CA GLN A 116 -8.53 -0.12 -13.32
C GLN A 116 -8.63 -1.47 -12.62
N ALA A 117 -8.31 -1.46 -11.34
CA ALA A 117 -8.35 -2.68 -10.54
C ALA A 117 -9.75 -3.30 -10.66
N VAL A 118 -10.76 -2.49 -10.33
CA VAL A 118 -12.13 -2.96 -10.40
C VAL A 118 -12.48 -3.30 -11.85
N ASP A 119 -11.91 -2.53 -12.76
CA ASP A 119 -12.14 -2.74 -14.18
C ASP A 119 -12.05 -4.24 -14.49
N GLU A 120 -10.94 -4.83 -14.07
CA GLU A 120 -10.71 -6.24 -14.30
C GLU A 120 -11.76 -7.07 -13.56
N GLN A 121 -12.04 -6.66 -12.33
CA GLN A 121 -13.03 -7.36 -11.52
C GLN A 121 -13.57 -6.44 -10.44
N PRO A 122 -14.69 -5.74 -10.77
CA PRO A 122 -15.31 -4.82 -9.84
C PRO A 122 -16.07 -5.58 -8.75
N ASP A 123 -16.10 -6.89 -8.90
CA ASP A 123 -16.78 -7.75 -7.94
C ASP A 123 -15.81 -8.13 -6.82
N ASN A 124 -14.64 -7.51 -6.85
CA ASN A 124 -13.62 -7.78 -5.86
C ASN A 124 -13.86 -6.87 -4.64
N THR A 125 -14.04 -7.53 -3.49
CA THR A 125 -14.27 -6.80 -2.26
C THR A 125 -13.11 -5.84 -1.97
N HIS A 126 -11.91 -6.39 -2.03
CA HIS A 126 -10.71 -5.61 -1.78
C HIS A 126 -10.75 -4.34 -2.62
N TYR A 127 -10.96 -4.53 -3.93
CA TYR A 127 -11.02 -3.40 -4.84
C TYR A 127 -12.17 -2.45 -4.48
N LEU A 128 -13.25 -3.03 -3.98
CA LEU A 128 -14.40 -2.26 -3.58
C LEU A 128 -14.00 -1.27 -2.48
N LYS A 129 -13.40 -1.83 -1.44
CA LYS A 129 -12.96 -1.01 -0.31
C LYS A 129 -12.05 0.10 -0.82
N SER A 130 -11.17 -0.28 -1.74
CA SER A 130 -10.23 0.67 -2.30
C SER A 130 -10.98 1.83 -2.95
N LEU A 131 -12.11 1.50 -3.55
CA LEU A 131 -12.93 2.50 -4.21
C LEU A 131 -13.65 3.34 -3.14
N GLU A 132 -14.13 2.65 -2.13
CA GLU A 132 -14.84 3.32 -1.04
C GLU A 132 -13.88 4.18 -0.23
N MET A 133 -12.64 3.72 -0.16
CA MET A 133 -11.62 4.44 0.58
C MET A 133 -11.44 5.86 0.03
N THR A 134 -11.73 6.00 -1.26
CA THR A 134 -11.61 7.29 -1.91
C THR A 134 -12.66 8.25 -1.38
N ALA A 135 -13.85 7.71 -1.14
CA ALA A 135 -14.96 8.51 -0.64
C ALA A 135 -14.43 9.51 0.39
N LYS A 136 -13.50 9.03 1.21
CA LYS A 136 -12.91 9.87 2.24
C LYS A 136 -11.39 9.74 2.18
N ALA A 137 -10.88 9.67 0.95
CA ALA A 137 -9.45 9.54 0.75
C ALA A 137 -8.74 10.76 1.34
N PRO A 138 -9.23 11.96 0.92
CA PRO A 138 -8.66 13.21 1.38
C PRO A 138 -9.10 13.50 2.82
N GLN A 139 -10.20 12.89 3.22
CA GLN A 139 -10.73 13.07 4.55
C GLN A 139 -9.97 12.19 5.55
N LEU A 140 -9.79 10.94 5.17
CA LEU A 140 -9.08 9.99 6.02
C LEU A 140 -7.78 10.63 6.50
N HIS A 141 -7.11 11.30 5.57
CA HIS A 141 -5.84 11.95 5.88
C HIS A 141 -6.09 13.11 6.84
N ALA A 142 -7.13 13.88 6.54
CA ALA A 142 -7.48 15.02 7.36
C ALA A 142 -7.84 14.53 8.77
N GLU A 143 -8.76 13.58 8.81
CA GLU A 143 -9.20 13.03 10.08
C GLU A 143 -8.07 12.22 10.72
N ALA A 144 -7.18 11.72 9.88
CA ALA A 144 -6.06 10.93 10.36
C ALA A 144 -5.06 11.86 11.04
N TYR A 145 -4.94 13.07 10.50
CA TYR A 145 -4.02 14.05 11.05
C TYR A 145 -4.69 14.89 12.14
N LYS A 146 -5.92 15.29 11.85
CA LYS A 146 -6.69 16.08 12.80
C LYS A 146 -7.00 15.24 14.04
N GLN A 147 -7.40 14.01 13.79
CA GLN A 147 -7.73 13.10 14.87
C GLN A 147 -6.47 12.39 15.38
N GLY A 148 -6.01 12.84 16.54
CA GLY A 148 -4.82 12.27 17.14
C GLY A 148 -4.84 12.44 18.66
N LEU A 149 -5.19 11.35 19.34
CA LEU A 149 -5.25 11.36 20.80
C LEU A 149 -5.09 9.93 21.31
N GLY A 150 -3.90 9.64 21.81
CA GLY A 150 -3.60 8.33 22.34
C GLY A 150 -2.62 7.58 21.43
N GLY A 151 -3.05 7.37 20.19
CA GLY A 151 -2.22 6.67 19.23
C GLY A 151 -2.69 5.23 19.06
N SER A 152 -2.25 4.61 17.97
CA SER A 152 -2.60 3.24 17.69
C SER A 152 -4.11 3.12 17.47
N HIS A 153 -4.52 3.42 16.25
CA HIS A 153 -5.93 3.36 15.89
C HIS A 153 -6.08 3.06 14.41
N HIS A 154 -5.75 1.82 14.04
CA HIS A 154 -5.84 1.40 12.66
C HIS A 154 -7.30 1.06 12.31
N HIS A 155 -7.59 1.10 11.02
CA HIS A 155 -8.94 0.79 10.55
C HIS A 155 -9.32 -0.62 10.99
N HIS A 156 -10.57 -0.97 10.71
CA HIS A 156 -11.08 -2.29 11.07
C HIS A 156 -10.45 -3.34 10.15
N HIS A 157 -9.48 -4.05 10.69
CA HIS A 157 -8.80 -5.09 9.93
C HIS A 157 -9.85 -5.97 9.23
N HIS A 158 -9.44 -6.50 8.08
CA HIS A 158 -10.33 -7.35 7.30
C HIS A 158 -11.60 -6.58 6.94
N GLY A 1 -15.50 -25.28 7.50
CA GLY A 1 -14.37 -25.97 6.91
C GLY A 1 -13.10 -25.75 7.74
N PRO A 2 -12.81 -26.75 8.62
CA PRO A 2 -11.64 -26.67 9.47
C PRO A 2 -10.37 -26.96 8.69
N LEU A 3 -9.26 -26.46 9.21
CA LEU A 3 -7.97 -26.65 8.56
C LEU A 3 -6.86 -26.15 9.48
N GLY A 4 -6.93 -24.86 9.80
CA GLY A 4 -5.95 -24.25 10.67
C GLY A 4 -5.50 -22.90 10.11
N SER A 5 -6.15 -21.85 10.60
CA SER A 5 -5.84 -20.50 10.16
C SER A 5 -4.48 -20.08 10.74
N MET A 6 -4.23 -20.51 11.96
CA MET A 6 -2.98 -20.17 12.63
C MET A 6 -2.91 -18.68 12.94
N ASP A 7 -2.89 -17.89 11.88
CA ASP A 7 -2.82 -16.44 12.02
C ASP A 7 -1.52 -16.07 12.75
N THR A 8 -1.09 -14.84 12.50
CA THR A 8 0.13 -14.35 13.13
C THR A 8 -0.09 -14.12 14.63
N GLU A 9 0.92 -13.54 15.26
CA GLU A 9 0.85 -13.25 16.68
C GLU A 9 1.84 -12.14 17.06
N THR A 10 1.29 -11.03 17.53
CA THR A 10 2.11 -9.91 17.92
C THR A 10 2.46 -9.04 16.70
N GLU A 11 2.18 -9.60 15.53
CA GLU A 11 2.45 -8.90 14.29
C GLU A 11 3.88 -9.21 13.80
N PHE A 12 4.74 -9.52 14.76
CA PHE A 12 6.12 -9.85 14.44
C PHE A 12 6.20 -11.08 13.55
N ASP A 13 5.59 -12.15 14.00
CA ASP A 13 5.59 -13.39 13.25
C ASP A 13 5.21 -13.10 11.79
N ARG A 14 4.29 -12.18 11.63
CA ARG A 14 3.83 -11.79 10.30
C ARG A 14 4.92 -10.99 9.58
N ILE A 15 5.66 -10.23 10.37
CA ILE A 15 6.73 -9.41 9.83
C ILE A 15 7.83 -10.32 9.27
N LEU A 16 8.17 -11.33 10.05
CA LEU A 16 9.20 -12.28 9.66
C LEU A 16 8.82 -12.88 8.30
N LEU A 17 7.54 -13.18 8.16
CA LEU A 17 7.04 -13.77 6.92
C LEU A 17 7.30 -12.80 5.76
N PHE A 18 6.91 -11.56 5.98
CA PHE A 18 7.09 -10.53 4.97
C PHE A 18 8.57 -10.28 4.68
N GLU A 19 9.36 -10.36 5.75
CA GLU A 19 10.80 -10.16 5.63
C GLU A 19 11.39 -11.12 4.61
N GLN A 20 11.08 -12.40 4.80
CA GLN A 20 11.58 -13.43 3.91
C GLN A 20 11.05 -13.21 2.50
N ILE A 21 9.89 -12.58 2.43
CA ILE A 21 9.26 -12.30 1.14
C ILE A 21 10.06 -11.21 0.42
N ARG A 22 10.26 -10.11 1.12
CA ARG A 22 11.00 -8.98 0.57
C ARG A 22 12.36 -9.45 0.05
N GLN A 23 12.97 -10.35 0.82
CA GLN A 23 14.27 -10.87 0.46
C GLN A 23 14.17 -11.71 -0.82
N ASP A 24 13.18 -12.61 -0.82
CA ASP A 24 12.97 -13.47 -1.96
C ASP A 24 12.52 -12.63 -3.16
N ALA A 25 11.60 -11.72 -2.89
CA ALA A 25 11.08 -10.84 -3.93
C ALA A 25 12.20 -9.92 -4.42
N GLU A 26 12.79 -9.20 -3.48
CA GLU A 26 13.87 -8.29 -3.80
C GLU A 26 14.98 -9.01 -4.56
N ASN A 27 15.34 -10.18 -4.05
CA ASN A 27 16.38 -10.98 -4.67
C ASN A 27 15.88 -11.52 -6.00
N THR A 28 14.65 -12.02 -5.98
CA THR A 28 14.05 -12.57 -7.18
C THR A 28 14.08 -11.55 -8.31
N TYR A 29 14.09 -10.27 -7.92
CA TYR A 29 14.11 -9.19 -8.88
C TYR A 29 15.21 -9.42 -9.93
N LYS A 30 16.44 -9.51 -9.44
CA LYS A 30 17.58 -9.72 -10.32
C LYS A 30 17.46 -11.10 -10.97
N SER A 31 16.74 -11.98 -10.30
CA SER A 31 16.54 -13.33 -10.80
C SER A 31 15.59 -13.30 -12.00
N ASN A 32 14.54 -12.50 -11.86
CA ASN A 32 13.56 -12.37 -12.92
C ASN A 32 12.79 -11.06 -12.73
N PRO A 33 13.32 -9.99 -13.39
CA PRO A 33 12.69 -8.68 -13.30
C PRO A 33 11.42 -8.62 -14.17
N LEU A 34 11.12 -9.75 -14.80
CA LEU A 34 9.94 -9.84 -15.64
C LEU A 34 8.78 -10.41 -14.83
N ASP A 35 9.13 -11.08 -13.74
CA ASP A 35 8.13 -11.68 -12.88
C ASP A 35 7.29 -10.58 -12.24
N ALA A 36 6.11 -10.36 -12.83
CA ALA A 36 5.21 -9.33 -12.33
C ALA A 36 4.64 -9.78 -10.98
N ASP A 37 4.44 -11.09 -10.86
CA ASP A 37 3.90 -11.65 -9.63
C ASP A 37 4.88 -11.41 -8.49
N ASN A 38 6.11 -11.85 -8.70
CA ASN A 38 7.15 -11.69 -7.69
C ASN A 38 7.49 -10.20 -7.55
N LEU A 39 7.46 -9.52 -8.69
CA LEU A 39 7.76 -8.10 -8.72
C LEU A 39 6.71 -7.34 -7.89
N THR A 40 5.45 -7.69 -8.15
CA THR A 40 4.35 -7.05 -7.44
C THR A 40 4.37 -7.43 -5.95
N ARG A 41 4.62 -8.71 -5.71
CA ARG A 41 4.67 -9.20 -4.35
C ARG A 41 5.76 -8.49 -3.56
N TRP A 42 6.82 -8.12 -4.28
CA TRP A 42 7.94 -7.43 -3.67
C TRP A 42 7.43 -6.09 -3.12
N GLY A 43 6.37 -5.59 -3.75
CA GLY A 43 5.78 -4.33 -3.33
C GLY A 43 4.76 -4.54 -2.21
N GLY A 44 3.80 -5.41 -2.48
CA GLY A 44 2.76 -5.70 -1.51
C GLY A 44 3.36 -5.89 -0.11
N VAL A 45 4.49 -6.58 -0.07
CA VAL A 45 5.17 -6.84 1.19
C VAL A 45 5.71 -5.52 1.75
N LEU A 46 6.37 -4.77 0.88
CA LEU A 46 6.93 -3.49 1.28
C LEU A 46 5.88 -2.67 2.02
N LEU A 47 4.67 -2.70 1.48
CA LEU A 47 3.56 -1.97 2.07
C LEU A 47 3.24 -2.59 3.44
N GLU A 48 3.30 -3.91 3.49
CA GLU A 48 3.02 -4.62 4.72
C GLU A 48 4.00 -4.21 5.82
N LEU A 49 5.27 -4.40 5.54
CA LEU A 49 6.32 -4.04 6.48
C LEU A 49 6.25 -2.54 6.76
N SER A 50 5.70 -1.81 5.80
CA SER A 50 5.58 -0.38 5.92
C SER A 50 4.89 -0.02 7.24
N GLN A 51 4.05 -0.94 7.69
CA GLN A 51 3.31 -0.73 8.93
C GLN A 51 4.27 -0.75 10.12
N PHE A 52 5.23 -1.66 10.05
CA PHE A 52 6.22 -1.79 11.12
C PHE A 52 7.32 -0.73 10.98
N HIS A 53 7.60 -0.38 9.73
CA HIS A 53 8.63 0.61 9.44
C HIS A 53 8.06 2.01 9.69
N SER A 54 8.94 2.88 10.17
CA SER A 54 8.55 4.25 10.45
C SER A 54 7.93 4.89 9.20
N ILE A 55 7.20 5.98 9.43
CA ILE A 55 6.55 6.68 8.33
C ILE A 55 7.62 7.19 7.35
N SER A 56 8.65 7.81 7.93
CA SER A 56 9.73 8.35 7.13
C SER A 56 10.20 7.30 6.11
N ASP A 57 10.57 6.14 6.61
CA ASP A 57 11.03 5.05 5.76
C ASP A 57 9.86 4.51 4.95
N ALA A 58 8.72 4.42 5.61
CA ALA A 58 7.51 3.92 4.97
C ALA A 58 7.35 4.60 3.61
N LYS A 59 7.37 5.93 3.64
CA LYS A 59 7.23 6.71 2.41
C LYS A 59 8.36 6.34 1.45
N GLN A 60 9.53 6.09 2.02
CA GLN A 60 10.69 5.73 1.23
C GLN A 60 10.49 4.36 0.58
N MET A 61 10.22 3.38 1.43
CA MET A 61 10.01 2.02 0.96
C MET A 61 8.75 1.93 0.08
N ILE A 62 7.82 2.84 0.36
CA ILE A 62 6.57 2.87 -0.38
C ILE A 62 6.85 3.31 -1.82
N GLN A 63 7.74 4.30 -1.93
CA GLN A 63 8.10 4.82 -3.24
C GLN A 63 8.59 3.70 -4.15
N GLU A 64 9.59 2.97 -3.66
CA GLU A 64 10.15 1.88 -4.42
C GLU A 64 9.08 0.82 -4.71
N ALA A 65 8.16 0.67 -3.76
CA ALA A 65 7.08 -0.28 -3.91
C ALA A 65 6.24 0.09 -5.14
N ILE A 66 6.18 1.39 -5.40
CA ILE A 66 5.42 1.88 -6.53
C ILE A 66 6.13 1.49 -7.83
N THR A 67 7.34 2.00 -7.98
CA THR A 67 8.13 1.71 -9.17
C THR A 67 8.14 0.21 -9.45
N LYS A 68 8.14 -0.56 -8.38
CA LYS A 68 8.15 -2.01 -8.50
C LYS A 68 6.93 -2.45 -9.32
N PHE A 69 5.78 -1.92 -8.96
CA PHE A 69 4.54 -2.24 -9.65
C PHE A 69 4.57 -1.74 -11.10
N GLU A 70 5.18 -0.58 -11.28
CA GLU A 70 5.28 0.02 -12.60
C GLU A 70 5.80 -1.01 -13.60
N GLU A 71 6.97 -1.57 -13.27
CA GLU A 71 7.58 -2.56 -14.13
C GLU A 71 6.71 -3.81 -14.20
N ALA A 72 6.17 -4.19 -13.06
CA ALA A 72 5.33 -5.37 -12.97
C ALA A 72 4.13 -5.19 -13.90
N LEU A 73 3.68 -3.95 -14.01
CA LEU A 73 2.54 -3.64 -14.85
C LEU A 73 2.95 -3.81 -16.32
N LEU A 74 4.22 -3.55 -16.59
CA LEU A 74 4.73 -3.68 -17.94
C LEU A 74 4.69 -5.14 -18.37
N ILE A 75 4.91 -6.01 -17.40
CA ILE A 75 4.90 -7.44 -17.66
C ILE A 75 3.46 -7.90 -17.87
N ASP A 76 2.56 -7.33 -17.07
CA ASP A 76 1.15 -7.67 -17.16
C ASP A 76 0.31 -6.45 -16.79
N PRO A 77 -0.33 -5.86 -17.84
CA PRO A 77 -1.16 -4.69 -17.63
C PRO A 77 -2.50 -5.06 -16.98
N LYS A 78 -2.81 -6.35 -17.05
CA LYS A 78 -4.04 -6.86 -16.47
C LYS A 78 -3.83 -7.11 -14.97
N LYS A 79 -2.63 -6.79 -14.51
CA LYS A 79 -2.29 -6.98 -13.12
C LYS A 79 -3.09 -5.99 -12.27
N ASP A 80 -4.36 -6.31 -12.08
CA ASP A 80 -5.24 -5.46 -11.29
C ASP A 80 -4.60 -5.19 -9.94
N GLU A 81 -3.91 -6.21 -9.42
CA GLU A 81 -3.25 -6.09 -8.14
C GLU A 81 -2.14 -5.04 -8.21
N ALA A 82 -1.30 -5.18 -9.22
CA ALA A 82 -0.21 -4.24 -9.41
C ALA A 82 -0.75 -2.81 -9.46
N VAL A 83 -1.95 -2.69 -10.02
CA VAL A 83 -2.59 -1.39 -10.12
C VAL A 83 -3.10 -0.97 -8.75
N TRP A 84 -3.89 -1.84 -8.14
CA TRP A 84 -4.44 -1.57 -6.84
C TRP A 84 -3.30 -1.31 -5.87
N CYS A 85 -2.29 -2.17 -5.94
CA CYS A 85 -1.12 -2.04 -5.09
C CYS A 85 -0.62 -0.60 -5.18
N ILE A 86 -0.40 -0.16 -6.41
CA ILE A 86 0.09 1.19 -6.64
C ILE A 86 -0.82 2.19 -5.91
N GLY A 87 -2.10 1.88 -5.92
CA GLY A 87 -3.07 2.73 -5.26
C GLY A 87 -2.92 2.66 -3.74
N ASN A 88 -2.70 1.46 -3.24
CA ASN A 88 -2.54 1.25 -1.82
C ASN A 88 -1.27 1.98 -1.34
N ALA A 89 -0.25 1.91 -2.17
CA ALA A 89 1.02 2.56 -1.85
C ALA A 89 0.81 4.07 -1.79
N TYR A 90 0.24 4.61 -2.84
CA TYR A 90 -0.02 6.03 -2.92
C TYR A 90 -0.96 6.48 -1.79
N THR A 91 -2.06 5.76 -1.65
CA THR A 91 -3.03 6.07 -0.62
C THR A 91 -2.35 6.08 0.75
N SER A 92 -1.56 5.05 1.00
CA SER A 92 -0.86 4.93 2.27
C SER A 92 0.19 6.05 2.39
N PHE A 93 1.02 6.16 1.36
CA PHE A 93 2.06 7.16 1.34
C PHE A 93 1.48 8.55 1.60
N ALA A 94 0.25 8.74 1.14
CA ALA A 94 -0.44 10.01 1.31
C ALA A 94 -0.62 10.29 2.81
N PHE A 95 -1.20 9.31 3.50
CA PHE A 95 -1.45 9.43 4.92
C PHE A 95 -0.17 9.79 5.67
N LEU A 96 0.96 9.48 5.04
CA LEU A 96 2.25 9.75 5.63
C LEU A 96 2.71 11.16 5.21
N THR A 97 2.25 11.56 4.04
CA THR A 97 2.60 12.87 3.52
C THR A 97 1.64 13.93 4.04
N PRO A 98 2.23 14.94 4.73
CA PRO A 98 1.43 16.03 5.29
C PRO A 98 0.97 16.99 4.20
N ASP A 99 1.77 17.06 3.14
CA ASP A 99 1.46 17.94 2.02
C ASP A 99 0.11 17.54 1.43
N GLU A 100 -0.91 18.29 1.81
CA GLU A 100 -2.25 18.04 1.32
C GLU A 100 -2.26 17.92 -0.21
N THR A 101 -1.60 18.90 -0.84
CA THR A 101 -1.52 18.93 -2.28
C THR A 101 -1.01 17.58 -2.81
N GLU A 102 0.03 17.08 -2.15
CA GLU A 102 0.62 15.81 -2.55
C GLU A 102 -0.27 14.65 -2.11
N ALA A 103 -0.62 14.67 -0.83
CA ALA A 103 -1.46 13.64 -0.27
C ALA A 103 -2.73 13.50 -1.10
N LYS A 104 -3.40 14.63 -1.30
CA LYS A 104 -4.62 14.65 -2.08
C LYS A 104 -4.34 14.13 -3.49
N HIS A 105 -3.34 14.75 -4.12
CA HIS A 105 -2.96 14.36 -5.47
C HIS A 105 -2.75 12.85 -5.52
N ASN A 106 -2.16 12.32 -4.46
CA ASN A 106 -1.90 10.89 -4.38
C ASN A 106 -3.23 10.14 -4.32
N PHE A 107 -4.03 10.51 -3.33
CA PHE A 107 -5.33 9.87 -3.15
C PHE A 107 -6.14 9.90 -4.44
N ASP A 108 -6.03 11.02 -5.15
CA ASP A 108 -6.74 11.18 -6.41
C ASP A 108 -6.06 10.33 -7.49
N LEU A 109 -4.81 9.99 -7.23
CA LEU A 109 -4.03 9.19 -8.16
C LEU A 109 -4.46 7.72 -8.05
N ALA A 110 -4.45 7.23 -6.82
CA ALA A 110 -4.83 5.86 -6.56
C ALA A 110 -6.24 5.61 -7.11
N THR A 111 -7.00 6.69 -7.22
CA THR A 111 -8.35 6.61 -7.72
C THR A 111 -8.36 6.10 -9.16
N GLN A 112 -7.60 6.79 -10.00
CA GLN A 112 -7.51 6.42 -11.41
C GLN A 112 -7.00 4.98 -11.54
N PHE A 113 -6.29 4.53 -10.50
CA PHE A 113 -5.74 3.19 -10.50
C PHE A 113 -6.82 2.16 -10.11
N PHE A 114 -7.54 2.48 -9.05
CA PHE A 114 -8.58 1.60 -8.56
C PHE A 114 -9.57 1.26 -9.68
N GLN A 115 -9.85 2.26 -10.50
CA GLN A 115 -10.78 2.08 -11.61
C GLN A 115 -10.35 0.88 -12.47
N GLN A 116 -9.04 0.65 -12.50
CA GLN A 116 -8.50 -0.45 -13.27
C GLN A 116 -8.62 -1.76 -12.48
N ALA A 117 -8.32 -1.67 -11.19
CA ALA A 117 -8.38 -2.84 -10.32
C ALA A 117 -9.82 -3.36 -10.30
N VAL A 118 -10.74 -2.44 -10.04
CA VAL A 118 -12.15 -2.80 -9.97
C VAL A 118 -12.62 -3.25 -11.36
N ASP A 119 -12.05 -2.61 -12.37
CA ASP A 119 -12.40 -2.94 -13.74
C ASP A 119 -12.45 -4.46 -13.91
N GLU A 120 -11.45 -5.12 -13.33
CA GLU A 120 -11.36 -6.56 -13.40
C GLU A 120 -12.39 -7.20 -12.47
N GLN A 121 -12.47 -6.65 -11.27
CA GLN A 121 -13.40 -7.16 -10.27
C GLN A 121 -13.97 -6.01 -9.44
N PRO A 122 -15.03 -5.36 -10.01
CA PRO A 122 -15.67 -4.25 -9.32
C PRO A 122 -16.54 -4.74 -8.17
N ASP A 123 -16.61 -6.06 -8.04
CA ASP A 123 -17.40 -6.67 -6.98
C ASP A 123 -16.47 -7.11 -5.85
N ASN A 124 -15.18 -7.09 -6.14
CA ASN A 124 -14.19 -7.48 -5.16
C ASN A 124 -14.13 -6.42 -4.05
N THR A 125 -14.45 -6.87 -2.84
CA THR A 125 -14.43 -5.98 -1.68
C THR A 125 -13.09 -5.27 -1.58
N HIS A 126 -12.03 -6.01 -1.86
CA HIS A 126 -10.69 -5.46 -1.80
C HIS A 126 -10.57 -4.29 -2.77
N TYR A 127 -11.10 -4.49 -3.97
CA TYR A 127 -11.06 -3.45 -4.98
C TYR A 127 -12.14 -2.40 -4.73
N LEU A 128 -13.18 -2.82 -4.03
CA LEU A 128 -14.29 -1.94 -3.72
C LEU A 128 -13.87 -0.99 -2.60
N LYS A 129 -13.35 -1.57 -1.53
CA LYS A 129 -12.92 -0.80 -0.38
C LYS A 129 -11.98 0.32 -0.85
N SER A 130 -11.06 -0.06 -1.73
CA SER A 130 -10.10 0.90 -2.27
C SER A 130 -10.85 2.07 -2.91
N LEU A 131 -11.90 1.74 -3.64
CA LEU A 131 -12.69 2.74 -4.31
C LEU A 131 -13.43 3.59 -3.27
N GLU A 132 -13.92 2.90 -2.24
CA GLU A 132 -14.65 3.57 -1.19
C GLU A 132 -13.71 4.46 -0.38
N MET A 133 -12.47 4.00 -0.25
CA MET A 133 -11.46 4.74 0.49
C MET A 133 -11.30 6.16 -0.07
N THR A 134 -11.50 6.26 -1.38
CA THR A 134 -11.38 7.54 -2.05
C THR A 134 -12.50 8.49 -1.61
N ALA A 135 -13.69 7.92 -1.46
CA ALA A 135 -14.84 8.69 -1.05
C ALA A 135 -14.44 9.66 0.07
N LYS A 136 -13.43 9.24 0.83
CA LYS A 136 -12.93 10.06 1.92
C LYS A 136 -11.41 10.17 1.82
N ALA A 137 -10.94 10.32 0.59
CA ALA A 137 -9.52 10.44 0.34
C ALA A 137 -8.99 11.71 1.01
N PRO A 138 -9.69 12.85 0.69
CA PRO A 138 -9.30 14.13 1.25
C PRO A 138 -9.71 14.23 2.72
N GLN A 139 -10.73 13.47 3.07
CA GLN A 139 -11.23 13.47 4.44
C GLN A 139 -10.34 12.58 5.33
N LEU A 140 -10.14 11.36 4.86
CA LEU A 140 -9.32 10.41 5.59
C LEU A 140 -7.98 11.07 5.95
N HIS A 141 -7.44 11.80 4.99
CA HIS A 141 -6.17 12.48 5.20
C HIS A 141 -6.35 13.59 6.25
N ALA A 142 -7.44 14.33 6.09
CA ALA A 142 -7.74 15.42 7.02
C ALA A 142 -7.93 14.85 8.42
N GLU A 143 -8.80 13.85 8.52
CA GLU A 143 -9.09 13.22 9.79
C GLU A 143 -7.88 12.42 10.26
N ALA A 144 -7.09 11.96 9.30
CA ALA A 144 -5.90 11.18 9.60
C ALA A 144 -4.94 12.03 10.43
N TYR A 145 -4.70 13.24 9.94
CA TYR A 145 -3.80 14.15 10.63
C TYR A 145 -4.55 14.97 11.69
N LYS A 146 -5.74 15.41 11.32
CA LYS A 146 -6.57 16.19 12.22
C LYS A 146 -6.76 15.41 13.52
N GLN A 147 -7.13 14.15 13.37
CA GLN A 147 -7.35 13.29 14.52
C GLN A 147 -6.03 12.70 15.01
N GLY A 148 -5.74 12.98 16.28
CA GLY A 148 -4.51 12.48 16.88
C GLY A 148 -3.32 13.38 16.52
N LEU A 149 -3.40 14.62 16.97
CA LEU A 149 -2.34 15.58 16.70
C LEU A 149 -2.54 16.81 17.60
N GLY A 150 -1.68 16.93 18.60
CA GLY A 150 -1.75 18.04 19.52
C GLY A 150 -0.39 18.73 19.66
N GLY A 151 -0.43 20.05 19.80
CA GLY A 151 0.78 20.83 19.94
C GLY A 151 0.59 22.25 19.40
N SER A 152 0.90 22.40 18.12
CA SER A 152 0.77 23.69 17.47
C SER A 152 -0.27 23.61 16.35
N HIS A 153 -0.72 24.77 15.92
CA HIS A 153 -1.71 24.84 14.85
C HIS A 153 -3.08 24.38 15.38
N HIS A 154 -3.97 25.34 15.55
CA HIS A 154 -5.30 25.04 16.05
C HIS A 154 -6.21 26.25 15.82
N HIS A 155 -6.38 26.61 14.55
CA HIS A 155 -7.21 27.73 14.19
C HIS A 155 -8.43 27.24 13.41
N HIS A 156 -9.54 27.92 13.61
CA HIS A 156 -10.78 27.57 12.94
C HIS A 156 -11.03 28.55 11.80
N HIS A 157 -11.73 28.06 10.78
CA HIS A 157 -12.05 28.88 9.62
C HIS A 157 -10.79 29.13 8.80
N HIS A 158 -10.95 29.89 7.73
CA HIS A 158 -9.84 30.21 6.85
C HIS A 158 -9.96 31.65 6.36
N GLY A 1 -5.33 -27.84 3.58
CA GLY A 1 -4.28 -27.11 4.27
C GLY A 1 -4.82 -25.81 4.87
N PRO A 2 -5.14 -25.87 6.19
CA PRO A 2 -5.66 -24.71 6.89
C PRO A 2 -4.55 -23.70 7.18
N LEU A 3 -4.94 -22.43 7.12
CA LEU A 3 -3.98 -21.35 7.37
C LEU A 3 -4.74 -20.10 7.83
N GLY A 4 -4.34 -19.60 8.98
CA GLY A 4 -4.97 -18.41 9.54
C GLY A 4 -5.99 -18.79 10.62
N SER A 5 -5.53 -19.60 11.56
CA SER A 5 -6.38 -20.04 12.65
C SER A 5 -6.62 -18.89 13.63
N MET A 6 -5.62 -18.02 13.72
CA MET A 6 -5.71 -16.87 14.60
C MET A 6 -4.82 -15.72 14.10
N ASP A 7 -4.86 -14.63 14.85
CA ASP A 7 -4.07 -13.46 14.50
C ASP A 7 -2.59 -13.79 14.63
N THR A 8 -1.76 -12.80 14.32
CA THR A 8 -0.32 -12.97 14.41
C THR A 8 0.18 -12.61 15.81
N GLU A 9 -0.45 -11.59 16.39
CA GLU A 9 -0.08 -11.14 17.72
C GLU A 9 1.38 -10.67 17.73
N THR A 10 1.58 -9.48 18.28
CA THR A 10 2.92 -8.91 18.37
C THR A 10 3.25 -8.15 17.08
N GLU A 11 2.83 -8.73 15.96
CA GLU A 11 3.08 -8.14 14.66
C GLU A 11 4.45 -8.58 14.13
N PHE A 12 5.43 -8.57 15.02
CA PHE A 12 6.78 -8.96 14.65
C PHE A 12 6.77 -10.28 13.87
N ASP A 13 6.16 -11.28 14.49
CA ASP A 13 6.07 -12.59 13.87
C ASP A 13 5.62 -12.44 12.42
N ARG A 14 4.71 -11.49 12.21
CA ARG A 14 4.20 -11.24 10.88
C ARG A 14 5.20 -10.43 10.05
N ILE A 15 5.93 -9.56 10.76
CA ILE A 15 6.92 -8.74 10.10
C ILE A 15 8.01 -9.62 9.49
N LEU A 16 8.36 -10.66 10.24
CA LEU A 16 9.37 -11.60 9.78
C LEU A 16 8.89 -12.30 8.50
N LEU A 17 7.59 -12.56 8.46
CA LEU A 17 6.99 -13.21 7.32
C LEU A 17 7.20 -12.34 6.08
N PHE A 18 6.81 -11.08 6.20
CA PHE A 18 6.94 -10.14 5.09
C PHE A 18 8.41 -9.92 4.75
N GLU A 19 9.26 -10.08 5.76
CA GLU A 19 10.69 -9.90 5.58
C GLU A 19 11.24 -10.93 4.60
N GLN A 20 11.04 -12.20 4.95
CA GLN A 20 11.51 -13.28 4.11
C GLN A 20 11.00 -13.11 2.68
N ILE A 21 9.82 -12.52 2.58
CA ILE A 21 9.20 -12.29 1.28
C ILE A 21 9.97 -11.19 0.55
N ARG A 22 10.13 -10.07 1.23
CA ARG A 22 10.84 -8.94 0.66
C ARG A 22 12.18 -9.39 0.07
N GLN A 23 12.91 -10.15 0.88
CA GLN A 23 14.20 -10.65 0.46
C GLN A 23 14.05 -11.62 -0.72
N ASP A 24 13.05 -12.48 -0.61
CA ASP A 24 12.78 -13.45 -1.65
C ASP A 24 12.34 -12.72 -2.92
N ALA A 25 11.54 -11.68 -2.71
CA ALA A 25 11.04 -10.89 -3.84
C ALA A 25 12.18 -10.04 -4.39
N GLU A 26 12.76 -9.22 -3.53
CA GLU A 26 13.84 -8.35 -3.92
C GLU A 26 14.93 -9.16 -4.66
N ASN A 27 15.32 -10.25 -4.03
CA ASN A 27 16.33 -11.12 -4.61
C ASN A 27 15.81 -11.71 -5.92
N THR A 28 14.59 -12.23 -5.86
CA THR A 28 13.96 -12.82 -7.02
C THR A 28 13.98 -11.84 -8.20
N TYR A 29 14.07 -10.57 -7.86
CA TYR A 29 14.10 -9.52 -8.87
C TYR A 29 15.20 -9.78 -9.90
N LYS A 30 16.43 -9.83 -9.41
CA LYS A 30 17.57 -10.08 -10.27
C LYS A 30 17.40 -11.43 -10.96
N SER A 31 16.76 -12.35 -10.25
CA SER A 31 16.53 -13.68 -10.78
C SER A 31 15.46 -13.63 -11.88
N ASN A 32 14.55 -12.70 -11.72
CA ASN A 32 13.47 -12.53 -12.69
C ASN A 32 12.99 -11.08 -12.67
N PRO A 33 13.74 -10.21 -13.39
CA PRO A 33 13.40 -8.80 -13.46
C PRO A 33 12.19 -8.58 -14.38
N LEU A 34 11.50 -9.66 -14.68
CA LEU A 34 10.33 -9.60 -15.53
C LEU A 34 9.17 -10.36 -14.88
N ASP A 35 9.35 -10.63 -13.59
CA ASP A 35 8.33 -11.35 -12.84
C ASP A 35 7.35 -10.35 -12.22
N ALA A 36 6.22 -10.20 -12.89
CA ALA A 36 5.19 -9.28 -12.42
C ALA A 36 4.59 -9.82 -11.12
N ASP A 37 4.64 -11.13 -10.98
CA ASP A 37 4.11 -11.78 -9.79
C ASP A 37 5.01 -11.48 -8.60
N ASN A 38 6.29 -11.79 -8.79
CA ASN A 38 7.28 -11.56 -7.74
C ASN A 38 7.51 -10.06 -7.58
N LEU A 39 7.42 -9.35 -8.71
CA LEU A 39 7.62 -7.92 -8.71
C LEU A 39 6.48 -7.25 -7.94
N THR A 40 5.28 -7.76 -8.15
CA THR A 40 4.11 -7.22 -7.48
C THR A 40 4.13 -7.57 -5.99
N ARG A 41 4.33 -8.86 -5.73
CA ARG A 41 4.37 -9.33 -4.35
C ARG A 41 5.48 -8.62 -3.58
N TRP A 42 6.48 -8.16 -4.33
CA TRP A 42 7.60 -7.45 -3.73
C TRP A 42 7.08 -6.12 -3.17
N GLY A 43 6.01 -5.64 -3.78
CA GLY A 43 5.42 -4.38 -3.36
C GLY A 43 4.44 -4.60 -2.20
N GLY A 44 3.46 -5.45 -2.46
CA GLY A 44 2.45 -5.74 -1.45
C GLY A 44 3.09 -5.89 -0.07
N VAL A 45 4.21 -6.58 -0.04
CA VAL A 45 4.93 -6.80 1.21
C VAL A 45 5.49 -5.47 1.71
N LEU A 46 6.11 -4.75 0.79
CA LEU A 46 6.70 -3.46 1.12
C LEU A 46 5.67 -2.62 1.88
N LEU A 47 4.45 -2.62 1.36
CA LEU A 47 3.37 -1.87 1.97
C LEU A 47 3.07 -2.46 3.35
N GLU A 48 3.06 -3.78 3.40
CA GLU A 48 2.78 -4.49 4.65
C GLU A 48 3.81 -4.09 5.72
N LEU A 49 5.07 -4.32 5.39
CA LEU A 49 6.14 -4.01 6.31
C LEU A 49 6.11 -2.51 6.64
N SER A 50 5.77 -1.72 5.62
CA SER A 50 5.69 -0.28 5.80
C SER A 50 4.76 0.06 6.96
N GLN A 51 3.89 -0.89 7.28
CA GLN A 51 2.94 -0.70 8.36
C GLN A 51 3.68 -0.66 9.71
N PHE A 52 4.97 -0.95 9.64
CA PHE A 52 5.80 -0.95 10.85
C PHE A 52 7.28 -0.77 10.49
N HIS A 53 7.54 0.22 9.65
CA HIS A 53 8.89 0.51 9.23
C HIS A 53 9.16 2.01 9.35
N SER A 54 8.21 2.70 9.96
CA SER A 54 8.32 4.14 10.15
C SER A 54 7.86 4.87 8.89
N ILE A 55 7.23 6.01 9.11
CA ILE A 55 6.73 6.82 8.00
C ILE A 55 7.90 7.16 7.06
N SER A 56 8.95 7.68 7.66
CA SER A 56 10.13 8.06 6.89
C SER A 56 10.48 6.95 5.90
N ASP A 57 10.69 5.75 6.44
CA ASP A 57 11.03 4.60 5.63
C ASP A 57 9.82 4.19 4.80
N ALA A 58 8.67 4.17 5.47
CA ALA A 58 7.43 3.79 4.80
C ALA A 58 7.34 4.50 3.45
N LYS A 59 7.45 5.82 3.51
CA LYS A 59 7.39 6.63 2.31
C LYS A 59 8.41 6.11 1.29
N GLN A 60 9.62 5.90 1.78
CA GLN A 60 10.69 5.39 0.93
C GLN A 60 10.34 4.01 0.37
N MET A 61 9.83 3.17 1.27
CA MET A 61 9.46 1.82 0.88
C MET A 61 8.28 1.84 -0.09
N ILE A 62 7.45 2.85 0.06
CA ILE A 62 6.28 3.01 -0.79
C ILE A 62 6.73 3.44 -2.19
N GLN A 63 7.57 4.45 -2.22
CA GLN A 63 8.08 4.97 -3.48
C GLN A 63 8.57 3.83 -4.36
N GLU A 64 9.47 3.03 -3.79
CA GLU A 64 10.03 1.89 -4.51
C GLU A 64 8.94 0.86 -4.80
N ALA A 65 8.01 0.75 -3.86
CA ALA A 65 6.92 -0.19 -4.01
C ALA A 65 6.13 0.13 -5.28
N ILE A 66 6.06 1.42 -5.57
CA ILE A 66 5.34 1.89 -6.75
C ILE A 66 6.17 1.58 -8.00
N THR A 67 7.38 2.13 -8.02
CA THR A 67 8.27 1.93 -9.14
C THR A 67 8.37 0.44 -9.49
N LYS A 68 8.11 -0.38 -8.47
CA LYS A 68 8.18 -1.82 -8.66
C LYS A 68 6.95 -2.28 -9.45
N PHE A 69 5.80 -1.74 -9.06
CA PHE A 69 4.55 -2.08 -9.71
C PHE A 69 4.56 -1.65 -11.18
N GLU A 70 5.05 -0.45 -11.41
CA GLU A 70 5.12 0.09 -12.76
C GLU A 70 5.77 -0.93 -13.70
N GLU A 71 6.96 -1.36 -13.32
CA GLU A 71 7.69 -2.34 -14.12
C GLU A 71 6.91 -3.64 -14.20
N ALA A 72 6.24 -3.97 -13.10
CA ALA A 72 5.46 -5.19 -13.03
C ALA A 72 4.31 -5.11 -14.05
N LEU A 73 3.74 -3.93 -14.16
CA LEU A 73 2.64 -3.71 -15.08
C LEU A 73 3.14 -3.89 -16.52
N LEU A 74 4.41 -3.55 -16.71
CA LEU A 74 5.02 -3.67 -18.03
C LEU A 74 5.10 -5.15 -18.41
N ILE A 75 5.31 -5.98 -17.40
CA ILE A 75 5.42 -7.41 -17.61
C ILE A 75 4.03 -7.97 -17.96
N ASP A 76 3.03 -7.49 -17.24
CA ASP A 76 1.66 -7.93 -17.45
C ASP A 76 0.70 -6.84 -16.98
N PRO A 77 -0.04 -6.26 -17.97
CA PRO A 77 -1.00 -5.21 -17.67
C PRO A 77 -2.25 -5.78 -17.01
N LYS A 78 -2.29 -7.11 -16.92
CA LYS A 78 -3.42 -7.79 -16.32
C LYS A 78 -3.26 -7.80 -14.80
N LYS A 79 -2.10 -7.31 -14.36
CA LYS A 79 -1.81 -7.27 -12.93
C LYS A 79 -2.72 -6.23 -12.28
N ASP A 80 -4.00 -6.55 -12.22
CA ASP A 80 -4.97 -5.66 -11.62
C ASP A 80 -4.50 -5.27 -10.21
N GLU A 81 -3.83 -6.20 -9.57
CA GLU A 81 -3.33 -5.97 -8.23
C GLU A 81 -2.24 -4.88 -8.26
N ALA A 82 -1.33 -5.03 -9.21
CA ALA A 82 -0.24 -4.09 -9.35
C ALA A 82 -0.81 -2.66 -9.44
N VAL A 83 -2.01 -2.58 -10.00
CA VAL A 83 -2.67 -1.30 -10.16
C VAL A 83 -3.21 -0.84 -8.79
N TRP A 84 -3.97 -1.73 -8.17
CA TRP A 84 -4.55 -1.43 -6.87
C TRP A 84 -3.40 -1.15 -5.90
N CYS A 85 -2.41 -2.02 -5.92
CA CYS A 85 -1.26 -1.87 -5.05
C CYS A 85 -0.72 -0.45 -5.21
N ILE A 86 -0.49 -0.07 -6.46
CA ILE A 86 0.01 1.26 -6.75
C ILE A 86 -0.86 2.30 -6.05
N GLY A 87 -2.15 2.02 -6.02
CA GLY A 87 -3.11 2.92 -5.39
C GLY A 87 -2.97 2.87 -3.86
N ASN A 88 -2.84 1.65 -3.35
CA ASN A 88 -2.71 1.45 -1.92
C ASN A 88 -1.41 2.10 -1.43
N ALA A 89 -0.42 2.08 -2.31
CA ALA A 89 0.88 2.67 -1.98
C ALA A 89 0.73 4.19 -1.89
N TYR A 90 0.22 4.77 -2.95
CA TYR A 90 0.03 6.22 -3.00
C TYR A 90 -0.93 6.68 -1.89
N THR A 91 -2.03 5.96 -1.78
CA THR A 91 -3.03 6.28 -0.78
C THR A 91 -2.39 6.33 0.62
N SER A 92 -1.60 5.29 0.90
CA SER A 92 -0.93 5.20 2.19
C SER A 92 0.11 6.33 2.32
N PHE A 93 0.93 6.44 1.29
CA PHE A 93 1.97 7.46 1.28
C PHE A 93 1.39 8.84 1.54
N ALA A 94 0.19 9.05 1.00
CA ALA A 94 -0.49 10.32 1.15
C ALA A 94 -0.69 10.60 2.65
N PHE A 95 -1.23 9.61 3.34
CA PHE A 95 -1.48 9.73 4.76
C PHE A 95 -0.19 10.07 5.52
N LEU A 96 0.92 9.75 4.88
CA LEU A 96 2.22 10.02 5.48
C LEU A 96 2.75 11.37 4.98
N THR A 97 1.99 11.97 4.08
CA THR A 97 2.36 13.25 3.52
C THR A 97 1.62 14.38 4.24
N PRO A 98 2.38 15.12 5.09
CA PRO A 98 1.81 16.22 5.84
C PRO A 98 1.59 17.44 4.94
N ASP A 99 2.17 17.37 3.76
CA ASP A 99 2.05 18.45 2.80
C ASP A 99 0.57 18.69 2.49
N GLU A 100 -0.11 17.59 2.19
CA GLU A 100 -1.53 17.66 1.87
C GLU A 100 -1.74 17.68 0.35
N THR A 101 -1.08 18.63 -0.29
CA THR A 101 -1.18 18.76 -1.73
C THR A 101 -0.70 17.49 -2.42
N GLU A 102 0.39 16.95 -1.89
CA GLU A 102 0.97 15.73 -2.45
C GLU A 102 0.10 14.53 -2.08
N ALA A 103 -0.46 14.59 -0.87
CA ALA A 103 -1.30 13.51 -0.39
C ALA A 103 -2.61 13.49 -1.20
N LYS A 104 -3.25 14.65 -1.26
CA LYS A 104 -4.50 14.76 -1.99
C LYS A 104 -4.29 14.31 -3.44
N HIS A 105 -3.25 14.84 -4.04
CA HIS A 105 -2.93 14.51 -5.42
C HIS A 105 -2.71 12.99 -5.53
N ASN A 106 -2.13 12.43 -4.49
CA ASN A 106 -1.87 11.00 -4.47
C ASN A 106 -3.20 10.24 -4.36
N PHE A 107 -4.02 10.68 -3.43
CA PHE A 107 -5.32 10.05 -3.23
C PHE A 107 -6.09 9.95 -4.54
N ASP A 108 -6.06 11.04 -5.29
CA ASP A 108 -6.76 11.09 -6.57
C ASP A 108 -6.00 10.22 -7.58
N LEU A 109 -4.71 10.07 -7.33
CA LEU A 109 -3.87 9.27 -8.22
C LEU A 109 -4.20 7.79 -8.01
N ALA A 110 -4.25 7.39 -6.75
CA ALA A 110 -4.55 6.01 -6.41
C ALA A 110 -5.96 5.67 -6.90
N THR A 111 -6.77 6.70 -7.05
CA THR A 111 -8.14 6.51 -7.50
C THR A 111 -8.16 6.04 -8.96
N GLN A 112 -7.50 6.82 -9.80
CA GLN A 112 -7.43 6.49 -11.22
C GLN A 112 -6.96 5.05 -11.41
N PHE A 113 -6.25 4.55 -10.41
CA PHE A 113 -5.73 3.20 -10.45
C PHE A 113 -6.80 2.19 -10.00
N PHE A 114 -7.43 2.51 -8.88
CA PHE A 114 -8.47 1.65 -8.34
C PHE A 114 -9.55 1.37 -9.38
N GLN A 115 -9.67 2.29 -10.32
CA GLN A 115 -10.66 2.15 -11.38
C GLN A 115 -10.31 0.97 -12.29
N GLN A 116 -9.01 0.71 -12.40
CA GLN A 116 -8.53 -0.38 -13.22
C GLN A 116 -8.64 -1.71 -12.47
N ALA A 117 -8.31 -1.65 -11.18
CA ALA A 117 -8.37 -2.83 -10.34
C ALA A 117 -9.82 -3.31 -10.25
N VAL A 118 -10.70 -2.38 -9.93
CA VAL A 118 -12.11 -2.70 -9.80
C VAL A 118 -12.68 -3.02 -11.18
N ASP A 119 -12.21 -2.28 -12.18
CA ASP A 119 -12.66 -2.48 -13.55
C ASP A 119 -12.69 -3.98 -13.85
N GLU A 120 -11.66 -4.66 -13.39
CA GLU A 120 -11.54 -6.09 -13.61
C GLU A 120 -12.51 -6.84 -12.69
N GLN A 121 -12.54 -6.42 -11.43
CA GLN A 121 -13.40 -7.04 -10.45
C GLN A 121 -13.94 -5.99 -9.48
N PRO A 122 -15.04 -5.31 -9.92
CA PRO A 122 -15.65 -4.28 -9.11
C PRO A 122 -16.47 -4.90 -7.97
N ASP A 123 -16.65 -6.20 -8.07
CA ASP A 123 -17.40 -6.93 -7.05
C ASP A 123 -16.45 -7.43 -5.97
N ASN A 124 -15.16 -7.35 -6.28
CA ASN A 124 -14.14 -7.79 -5.35
C ASN A 124 -14.09 -6.83 -4.16
N THR A 125 -14.47 -7.34 -3.01
CA THR A 125 -14.48 -6.55 -1.79
C THR A 125 -13.11 -5.90 -1.57
N HIS A 126 -12.10 -6.51 -2.17
CA HIS A 126 -10.75 -5.99 -2.06
C HIS A 126 -10.62 -4.68 -2.83
N TYR A 127 -11.10 -4.71 -4.07
CA TYR A 127 -11.04 -3.55 -4.93
C TYR A 127 -12.17 -2.56 -4.58
N LEU A 128 -13.23 -3.10 -4.01
CA LEU A 128 -14.37 -2.29 -3.63
C LEU A 128 -13.98 -1.40 -2.45
N LYS A 129 -13.39 -2.02 -1.44
CA LYS A 129 -12.96 -1.30 -0.26
C LYS A 129 -12.13 -0.09 -0.68
N SER A 130 -11.25 -0.33 -1.63
CA SER A 130 -10.38 0.73 -2.13
C SER A 130 -11.24 1.91 -2.61
N LEU A 131 -12.32 1.58 -3.29
CA LEU A 131 -13.22 2.60 -3.81
C LEU A 131 -13.94 3.28 -2.64
N GLU A 132 -14.23 2.49 -1.62
CA GLU A 132 -14.90 3.00 -0.44
C GLU A 132 -14.00 3.96 0.32
N MET A 133 -12.74 3.56 0.46
CA MET A 133 -11.77 4.38 1.16
C MET A 133 -11.52 5.69 0.43
N THR A 134 -11.35 5.58 -0.88
CA THR A 134 -11.11 6.75 -1.71
C THR A 134 -12.19 7.80 -1.48
N ALA A 135 -13.39 7.31 -1.18
CA ALA A 135 -14.52 8.20 -0.93
C ALA A 135 -14.05 9.40 -0.10
N LYS A 136 -13.61 9.10 1.11
CA LYS A 136 -13.13 10.13 2.01
C LYS A 136 -11.61 10.25 1.90
N ALA A 137 -11.15 10.40 0.67
CA ALA A 137 -9.72 10.52 0.41
C ALA A 137 -9.20 11.82 1.02
N PRO A 138 -9.94 12.93 0.72
CA PRO A 138 -9.56 14.23 1.23
C PRO A 138 -9.90 14.37 2.72
N GLN A 139 -10.92 13.62 3.13
CA GLN A 139 -11.35 13.64 4.51
C GLN A 139 -10.45 12.74 5.37
N LEU A 140 -10.22 11.54 4.86
CA LEU A 140 -9.37 10.58 5.56
C LEU A 140 -8.04 11.25 5.90
N HIS A 141 -7.53 12.01 4.95
CA HIS A 141 -6.26 12.70 5.14
C HIS A 141 -6.41 13.77 6.23
N ALA A 142 -7.51 14.51 6.13
CA ALA A 142 -7.79 15.56 7.09
C ALA A 142 -7.93 14.94 8.49
N GLU A 143 -8.80 13.95 8.58
CA GLU A 143 -9.04 13.28 9.84
C GLU A 143 -7.81 12.46 10.24
N ALA A 144 -7.05 12.05 9.23
CA ALA A 144 -5.86 11.27 9.47
C ALA A 144 -4.90 12.06 10.35
N TYR A 145 -4.63 13.28 9.94
CA TYR A 145 -3.74 14.16 10.69
C TYR A 145 -4.51 14.94 11.77
N LYS A 146 -5.67 15.43 11.37
CA LYS A 146 -6.50 16.19 12.29
C LYS A 146 -6.79 15.35 13.53
N GLN A 147 -7.19 14.11 13.29
CA GLN A 147 -7.49 13.20 14.37
C GLN A 147 -6.21 12.53 14.88
N GLY A 148 -5.99 12.66 16.19
CA GLY A 148 -4.83 12.07 16.80
C GLY A 148 -5.21 10.89 17.70
N LEU A 149 -4.85 11.01 18.97
CA LEU A 149 -5.15 9.97 19.93
C LEU A 149 -6.60 10.10 20.40
N GLY A 150 -6.85 11.17 21.15
CA GLY A 150 -8.18 11.44 21.66
C GLY A 150 -9.19 11.58 20.52
N GLY A 151 -10.43 11.21 20.81
CA GLY A 151 -11.49 11.30 19.82
C GLY A 151 -12.19 12.66 19.88
N SER A 152 -13.19 12.81 19.03
CA SER A 152 -13.94 14.05 18.97
C SER A 152 -15.41 13.79 19.31
N HIS A 153 -15.75 14.04 20.56
CA HIS A 153 -17.11 13.84 21.02
C HIS A 153 -17.45 14.88 22.09
N HIS A 154 -16.70 14.83 23.18
CA HIS A 154 -16.91 15.75 24.28
C HIS A 154 -16.67 17.19 23.79
N HIS A 155 -15.45 17.44 23.35
CA HIS A 155 -15.08 18.75 22.85
C HIS A 155 -14.92 18.70 21.33
N HIS A 156 -15.91 19.28 20.65
CA HIS A 156 -15.89 19.30 19.20
C HIS A 156 -16.81 20.43 18.70
N HIS A 157 -18.09 20.28 19.02
CA HIS A 157 -19.08 21.27 18.61
C HIS A 157 -18.63 22.66 19.07
N HIS A 158 -18.71 23.61 18.15
CA HIS A 158 -18.33 24.98 18.43
C HIS A 158 -19.58 25.83 18.64
N GLY A 1 6.89 -25.88 3.18
CA GLY A 1 5.46 -25.92 3.40
C GLY A 1 5.08 -25.26 4.73
N PRO A 2 5.21 -23.91 4.75
CA PRO A 2 4.88 -23.15 5.95
C PRO A 2 3.37 -23.05 6.16
N LEU A 3 2.67 -22.76 5.06
CA LEU A 3 1.23 -22.64 5.11
C LEU A 3 0.85 -21.39 5.90
N GLY A 4 1.09 -21.47 7.20
CA GLY A 4 0.77 -20.36 8.08
C GLY A 4 0.14 -20.84 9.38
N SER A 5 0.98 -21.40 10.24
CA SER A 5 0.51 -21.91 11.51
C SER A 5 0.22 -20.76 12.47
N MET A 6 0.98 -19.69 12.30
CA MET A 6 0.82 -18.51 13.14
C MET A 6 -0.42 -17.71 12.72
N ASP A 7 -1.34 -17.58 13.66
CA ASP A 7 -2.57 -16.85 13.41
C ASP A 7 -2.34 -15.36 13.72
N THR A 8 -2.01 -15.10 14.98
CA THR A 8 -1.77 -13.74 15.41
C THR A 8 -0.47 -13.66 16.23
N GLU A 9 -0.10 -12.44 16.58
CA GLU A 9 1.11 -12.22 17.35
C GLU A 9 1.30 -10.73 17.63
N THR A 10 2.55 -10.35 17.87
CA THR A 10 2.87 -8.97 18.15
C THR A 10 3.12 -8.21 16.83
N GLU A 11 2.85 -8.88 15.73
CA GLU A 11 3.03 -8.29 14.42
C GLU A 11 4.48 -8.52 13.93
N PHE A 12 5.36 -8.74 14.89
CA PHE A 12 6.75 -8.97 14.57
C PHE A 12 6.94 -10.28 13.79
N ASP A 13 6.43 -11.36 14.38
CA ASP A 13 6.53 -12.66 13.76
C ASP A 13 6.09 -12.57 12.30
N ARG A 14 5.15 -11.66 12.06
CA ARG A 14 4.63 -11.45 10.72
C ARG A 14 5.63 -10.67 9.88
N ILE A 15 6.33 -9.75 10.54
CA ILE A 15 7.32 -8.93 9.86
C ILE A 15 8.36 -9.84 9.21
N LEU A 16 8.77 -10.85 9.97
CA LEU A 16 9.77 -11.80 9.48
C LEU A 16 9.27 -12.43 8.17
N LEU A 17 7.99 -12.75 8.17
CA LEU A 17 7.38 -13.36 7.00
C LEU A 17 7.54 -12.41 5.79
N PHE A 18 7.15 -11.17 6.00
CA PHE A 18 7.25 -10.17 4.95
C PHE A 18 8.70 -9.92 4.57
N GLU A 19 9.56 -9.95 5.57
CA GLU A 19 10.98 -9.72 5.36
C GLU A 19 11.54 -10.77 4.38
N GLN A 20 11.39 -12.02 4.76
CA GLN A 20 11.86 -13.11 3.92
C GLN A 20 11.33 -12.96 2.50
N ILE A 21 10.17 -12.34 2.39
CA ILE A 21 9.55 -12.14 1.10
C ILE A 21 10.33 -11.06 0.33
N ARG A 22 10.51 -9.93 0.98
CA ARG A 22 11.23 -8.83 0.38
C ARG A 22 12.56 -9.31 -0.21
N GLN A 23 13.38 -9.88 0.67
CA GLN A 23 14.68 -10.39 0.24
C GLN A 23 14.51 -11.36 -0.93
N ASP A 24 13.44 -12.14 -0.86
CA ASP A 24 13.15 -13.11 -1.90
C ASP A 24 12.76 -12.38 -3.19
N ALA A 25 12.02 -11.29 -3.01
CA ALA A 25 11.58 -10.50 -4.15
C ALA A 25 12.81 -10.04 -4.94
N GLU A 26 13.84 -9.64 -4.20
CA GLU A 26 15.07 -9.18 -4.83
C GLU A 26 15.76 -10.33 -5.57
N ASN A 27 15.71 -11.50 -4.94
CA ASN A 27 16.33 -12.67 -5.53
C ASN A 27 15.46 -13.17 -6.68
N THR A 28 14.16 -12.99 -6.53
CA THR A 28 13.21 -13.42 -7.54
C THR A 28 13.40 -12.59 -8.82
N TYR A 29 13.96 -11.41 -8.66
CA TYR A 29 14.20 -10.52 -9.78
C TYR A 29 15.22 -11.14 -10.75
N LYS A 30 16.43 -11.32 -10.25
CA LYS A 30 17.49 -11.89 -11.05
C LYS A 30 17.08 -13.28 -11.53
N SER A 31 16.15 -13.88 -10.80
CA SER A 31 15.66 -15.19 -11.15
C SER A 31 14.51 -15.08 -12.16
N ASN A 32 13.85 -13.94 -12.12
CA ASN A 32 12.74 -13.69 -13.02
C ASN A 32 12.33 -12.21 -12.93
N PRO A 33 13.13 -11.36 -13.63
CA PRO A 33 12.86 -9.93 -13.65
C PRO A 33 11.66 -9.60 -14.53
N LEU A 34 10.84 -10.61 -14.77
CA LEU A 34 9.67 -10.45 -15.59
C LEU A 34 8.45 -11.05 -14.87
N ASP A 35 8.64 -11.31 -13.59
CA ASP A 35 7.58 -11.88 -12.78
C ASP A 35 6.76 -10.75 -12.15
N ALA A 36 5.64 -10.45 -12.79
CA ALA A 36 4.76 -9.40 -12.30
C ALA A 36 4.10 -9.86 -11.00
N ASP A 37 3.89 -11.17 -10.90
CA ASP A 37 3.27 -11.75 -9.73
C ASP A 37 4.13 -11.44 -8.50
N ASN A 38 5.39 -11.81 -8.59
CA ASN A 38 6.32 -11.59 -7.50
C ASN A 38 6.63 -10.09 -7.40
N LEU A 39 6.83 -9.48 -8.56
CA LEU A 39 7.13 -8.06 -8.61
C LEU A 39 6.09 -7.29 -7.80
N THR A 40 4.83 -7.50 -8.15
CA THR A 40 3.74 -6.84 -7.47
C THR A 40 3.75 -7.19 -5.98
N ARG A 41 4.16 -8.42 -5.70
CA ARG A 41 4.22 -8.89 -4.32
C ARG A 41 5.37 -8.20 -3.58
N TRP A 42 6.36 -7.78 -4.35
CA TRP A 42 7.51 -7.11 -3.78
C TRP A 42 7.03 -5.83 -3.11
N GLY A 43 5.91 -5.32 -3.60
CA GLY A 43 5.34 -4.10 -3.06
C GLY A 43 4.46 -4.40 -1.84
N GLY A 44 3.45 -5.23 -2.06
CA GLY A 44 2.54 -5.60 -1.00
C GLY A 44 3.29 -5.75 0.34
N VAL A 45 4.42 -6.44 0.27
CA VAL A 45 5.24 -6.65 1.45
C VAL A 45 5.82 -5.32 1.91
N LEU A 46 6.41 -4.60 0.97
CA LEU A 46 7.01 -3.31 1.27
C LEU A 46 6.00 -2.46 2.05
N LEU A 47 4.76 -2.48 1.58
CA LEU A 47 3.70 -1.72 2.22
C LEU A 47 3.45 -2.27 3.62
N GLU A 48 3.53 -3.59 3.72
CA GLU A 48 3.32 -4.26 4.99
C GLU A 48 4.40 -3.84 5.99
N LEU A 49 5.65 -4.10 5.62
CA LEU A 49 6.77 -3.76 6.48
C LEU A 49 6.81 -2.25 6.68
N SER A 50 6.28 -1.54 5.70
CA SER A 50 6.25 -0.08 5.75
C SER A 50 5.42 0.38 6.95
N GLN A 51 4.38 -0.40 7.24
CA GLN A 51 3.50 -0.08 8.35
C GLN A 51 4.28 -0.11 9.66
N PHE A 52 5.20 -1.06 9.76
CA PHE A 52 6.01 -1.21 10.94
C PHE A 52 7.16 -0.21 10.95
N HIS A 53 7.62 0.13 9.76
CA HIS A 53 8.71 1.08 9.61
C HIS A 53 8.18 2.51 9.77
N SER A 54 9.00 3.34 10.39
CA SER A 54 8.63 4.72 10.62
C SER A 54 8.16 5.36 9.31
N ILE A 55 7.43 6.46 9.45
CA ILE A 55 6.92 7.17 8.29
C ILE A 55 8.08 7.53 7.37
N SER A 56 9.12 8.09 7.96
CA SER A 56 10.30 8.48 7.21
C SER A 56 10.68 7.37 6.23
N ASP A 57 10.84 6.17 6.77
CA ASP A 57 11.20 5.03 5.95
C ASP A 57 9.98 4.57 5.15
N ALA A 58 8.84 4.63 5.81
CA ALA A 58 7.59 4.22 5.17
C ALA A 58 7.51 4.85 3.77
N LYS A 59 7.65 6.16 3.73
CA LYS A 59 7.60 6.88 2.47
C LYS A 59 8.56 6.22 1.47
N GLN A 60 9.82 6.15 1.86
CA GLN A 60 10.83 5.55 1.01
C GLN A 60 10.38 4.17 0.56
N MET A 61 9.95 3.37 1.52
CA MET A 61 9.49 2.02 1.22
C MET A 61 8.30 2.05 0.27
N ILE A 62 7.43 3.02 0.49
CA ILE A 62 6.24 3.16 -0.34
C ILE A 62 6.66 3.57 -1.75
N GLN A 63 7.39 4.68 -1.83
CA GLN A 63 7.87 5.18 -3.10
C GLN A 63 8.51 4.06 -3.91
N GLU A 64 9.36 3.30 -3.24
CA GLU A 64 10.05 2.20 -3.89
C GLU A 64 9.04 1.10 -4.28
N ALA A 65 8.08 0.88 -3.40
CA ALA A 65 7.06 -0.12 -3.65
C ALA A 65 6.30 0.23 -4.92
N ILE A 66 6.19 1.52 -5.17
CA ILE A 66 5.49 2.01 -6.35
C ILE A 66 6.22 1.50 -7.60
N THR A 67 7.52 1.71 -7.62
CA THR A 67 8.34 1.29 -8.74
C THR A 67 8.12 -0.20 -9.03
N LYS A 68 8.07 -0.97 -7.96
CA LYS A 68 7.87 -2.40 -8.08
C LYS A 68 6.68 -2.67 -8.99
N PHE A 69 5.54 -2.09 -8.62
CA PHE A 69 4.33 -2.26 -9.39
C PHE A 69 4.52 -1.79 -10.84
N GLU A 70 5.16 -0.64 -10.97
CA GLU A 70 5.42 -0.07 -12.28
C GLU A 70 6.00 -1.15 -13.21
N GLU A 71 7.07 -1.76 -12.75
CA GLU A 71 7.74 -2.80 -13.52
C GLU A 71 6.81 -4.00 -13.69
N ALA A 72 6.03 -4.26 -12.66
CA ALA A 72 5.11 -5.38 -12.68
C ALA A 72 4.04 -5.13 -13.75
N LEU A 73 3.53 -3.91 -13.76
CA LEU A 73 2.51 -3.53 -14.72
C LEU A 73 3.07 -3.69 -16.14
N LEU A 74 4.37 -3.47 -16.25
CA LEU A 74 5.03 -3.59 -17.55
C LEU A 74 4.95 -5.04 -18.02
N ILE A 75 5.19 -5.96 -17.09
CA ILE A 75 5.15 -7.38 -17.41
C ILE A 75 3.73 -7.76 -17.82
N ASP A 76 2.77 -7.26 -17.05
CA ASP A 76 1.37 -7.54 -17.31
C ASP A 76 0.51 -6.36 -16.83
N PRO A 77 -0.10 -5.66 -17.81
CA PRO A 77 -0.94 -4.52 -17.50
C PRO A 77 -2.29 -4.97 -16.92
N LYS A 78 -2.50 -6.28 -16.96
CA LYS A 78 -3.73 -6.85 -16.46
C LYS A 78 -3.63 -7.01 -14.94
N LYS A 79 -2.45 -6.72 -14.42
CA LYS A 79 -2.21 -6.82 -12.99
C LYS A 79 -3.06 -5.79 -12.25
N ASP A 80 -4.34 -6.10 -12.17
CA ASP A 80 -5.28 -5.21 -11.49
C ASP A 80 -4.74 -4.88 -10.10
N GLU A 81 -4.08 -5.86 -9.51
CA GLU A 81 -3.50 -5.68 -8.18
C GLU A 81 -2.39 -4.63 -8.21
N ALA A 82 -1.51 -4.79 -9.18
CA ALA A 82 -0.39 -3.87 -9.33
C ALA A 82 -0.92 -2.44 -9.37
N VAL A 83 -2.11 -2.29 -9.92
CA VAL A 83 -2.74 -0.99 -10.03
C VAL A 83 -3.24 -0.56 -8.65
N TRP A 84 -4.04 -1.43 -8.05
CA TRP A 84 -4.59 -1.16 -6.73
C TRP A 84 -3.43 -0.92 -5.78
N CYS A 85 -2.45 -1.81 -5.84
CA CYS A 85 -1.29 -1.70 -4.98
C CYS A 85 -0.73 -0.29 -5.10
N ILE A 86 -0.52 0.13 -6.34
CA ILE A 86 0.01 1.46 -6.60
C ILE A 86 -0.83 2.49 -5.86
N GLY A 87 -2.13 2.26 -5.86
CA GLY A 87 -3.06 3.16 -5.19
C GLY A 87 -2.92 3.06 -3.66
N ASN A 88 -2.74 1.83 -3.21
CA ASN A 88 -2.60 1.58 -1.79
C ASN A 88 -1.31 2.24 -1.29
N ALA A 89 -0.32 2.29 -2.17
CA ALA A 89 0.95 2.90 -1.82
C ALA A 89 0.77 4.41 -1.69
N TYR A 90 0.26 5.01 -2.75
CA TYR A 90 0.04 6.44 -2.77
C TYR A 90 -0.91 6.87 -1.64
N THR A 91 -1.95 6.06 -1.46
CA THR A 91 -2.93 6.34 -0.42
C THR A 91 -2.26 6.42 0.95
N SER A 92 -1.42 5.43 1.22
CA SER A 92 -0.71 5.37 2.48
C SER A 92 0.29 6.53 2.58
N PHE A 93 1.11 6.64 1.54
CA PHE A 93 2.11 7.70 1.49
C PHE A 93 1.47 9.06 1.76
N ALA A 94 0.29 9.25 1.19
CA ALA A 94 -0.43 10.50 1.35
C ALA A 94 -0.62 10.78 2.84
N PHE A 95 -1.12 9.77 3.54
CA PHE A 95 -1.35 9.89 4.97
C PHE A 95 -0.06 10.24 5.71
N LEU A 96 1.05 9.99 5.04
CA LEU A 96 2.35 10.28 5.62
C LEU A 96 2.79 11.69 5.23
N THR A 97 2.26 12.15 4.10
CA THR A 97 2.58 13.47 3.60
C THR A 97 1.53 14.48 4.04
N PRO A 98 1.99 15.50 4.80
CA PRO A 98 1.10 16.55 5.29
C PRO A 98 0.70 17.50 4.16
N ASP A 99 1.55 17.55 3.15
CA ASP A 99 1.31 18.42 2.01
C ASP A 99 -0.02 18.06 1.37
N GLU A 100 -1.08 18.70 1.87
CA GLU A 100 -2.42 18.44 1.37
C GLU A 100 -2.38 18.34 -0.16
N THR A 101 -1.71 19.29 -0.79
CA THR A 101 -1.60 19.31 -2.23
C THR A 101 -1.09 17.97 -2.75
N GLU A 102 0.05 17.56 -2.21
CA GLU A 102 0.65 16.31 -2.61
C GLU A 102 -0.21 15.12 -2.13
N ALA A 103 -0.55 15.17 -0.86
CA ALA A 103 -1.36 14.12 -0.26
C ALA A 103 -2.63 13.93 -1.09
N LYS A 104 -3.33 15.03 -1.29
CA LYS A 104 -4.56 15.00 -2.06
C LYS A 104 -4.25 14.51 -3.48
N HIS A 105 -3.29 15.16 -4.11
CA HIS A 105 -2.90 14.81 -5.46
C HIS A 105 -2.65 13.31 -5.54
N ASN A 106 -1.94 12.79 -4.55
CA ASN A 106 -1.63 11.37 -4.50
C ASN A 106 -2.92 10.59 -4.22
N PHE A 107 -3.63 11.02 -3.19
CA PHE A 107 -4.87 10.37 -2.81
C PHE A 107 -5.82 10.27 -4.01
N ASP A 108 -5.87 11.34 -4.78
CA ASP A 108 -6.73 11.39 -5.95
C ASP A 108 -6.11 10.53 -7.06
N LEU A 109 -4.81 10.31 -6.93
CA LEU A 109 -4.08 9.51 -7.92
C LEU A 109 -4.47 8.04 -7.74
N ALA A 110 -4.44 7.60 -6.50
CA ALA A 110 -4.77 6.22 -6.18
C ALA A 110 -6.19 5.92 -6.67
N THR A 111 -7.02 6.96 -6.69
CA THR A 111 -8.39 6.81 -7.12
C THR A 111 -8.44 6.37 -8.59
N GLN A 112 -7.79 7.15 -9.43
CA GLN A 112 -7.76 6.84 -10.86
C GLN A 112 -7.22 5.43 -11.08
N PHE A 113 -6.48 4.95 -10.10
CA PHE A 113 -5.91 3.61 -10.17
C PHE A 113 -6.93 2.56 -9.73
N PHE A 114 -7.53 2.81 -8.59
CA PHE A 114 -8.52 1.89 -8.04
C PHE A 114 -9.64 1.63 -9.05
N GLN A 115 -9.76 2.54 -10.01
CA GLN A 115 -10.78 2.43 -11.03
C GLN A 115 -10.39 1.34 -12.03
N GLN A 116 -9.10 1.10 -12.15
CA GLN A 116 -8.59 0.10 -13.06
C GLN A 116 -8.69 -1.29 -12.42
N ALA A 117 -8.32 -1.35 -11.15
CA ALA A 117 -8.36 -2.61 -10.41
C ALA A 117 -9.73 -3.25 -10.59
N VAL A 118 -10.76 -2.46 -10.31
CA VAL A 118 -12.14 -2.94 -10.43
C VAL A 118 -12.45 -3.20 -11.90
N ASP A 119 -11.92 -2.34 -12.76
CA ASP A 119 -12.14 -2.47 -14.19
C ASP A 119 -11.93 -3.92 -14.60
N GLU A 120 -10.84 -4.49 -14.12
CA GLU A 120 -10.52 -5.87 -14.44
C GLU A 120 -11.52 -6.82 -13.76
N GLN A 121 -11.85 -6.48 -12.51
CA GLN A 121 -12.78 -7.28 -11.75
C GLN A 121 -13.42 -6.44 -10.64
N PRO A 122 -14.57 -5.80 -11.00
CA PRO A 122 -15.28 -4.96 -10.05
C PRO A 122 -16.03 -5.81 -9.02
N ASP A 123 -15.96 -7.11 -9.21
CA ASP A 123 -16.62 -8.04 -8.32
C ASP A 123 -15.70 -8.34 -7.13
N ASN A 124 -14.45 -7.92 -7.27
CA ASN A 124 -13.47 -8.13 -6.21
C ASN A 124 -13.84 -7.26 -5.00
N THR A 125 -14.14 -7.94 -3.90
CA THR A 125 -14.50 -7.25 -2.67
C THR A 125 -13.40 -6.27 -2.26
N HIS A 126 -12.16 -6.76 -2.31
CA HIS A 126 -11.02 -5.94 -1.95
C HIS A 126 -11.07 -4.62 -2.72
N TYR A 127 -11.06 -4.75 -4.04
CA TYR A 127 -11.10 -3.58 -4.90
C TYR A 127 -12.26 -2.66 -4.53
N LEU A 128 -13.34 -3.28 -4.08
CA LEU A 128 -14.53 -2.53 -3.68
C LEU A 128 -14.20 -1.69 -2.45
N LYS A 129 -13.61 -2.36 -1.46
CA LYS A 129 -13.24 -1.69 -0.22
C LYS A 129 -12.20 -0.61 -0.52
N SER A 130 -11.21 -0.98 -1.32
CA SER A 130 -10.14 -0.06 -1.68
C SER A 130 -10.74 1.17 -2.35
N LEU A 131 -11.67 0.93 -3.27
CA LEU A 131 -12.32 2.01 -3.98
C LEU A 131 -13.27 2.75 -3.04
N GLU A 132 -13.95 1.96 -2.21
CA GLU A 132 -14.88 2.52 -1.25
C GLU A 132 -14.15 3.42 -0.25
N MET A 133 -13.06 2.90 0.27
CA MET A 133 -12.26 3.64 1.23
C MET A 133 -11.68 4.91 0.61
N THR A 134 -11.31 4.79 -0.66
CA THR A 134 -10.74 5.91 -1.38
C THR A 134 -11.73 7.08 -1.41
N ALA A 135 -13.00 6.75 -1.26
CA ALA A 135 -14.05 7.76 -1.27
C ALA A 135 -13.59 8.97 -0.46
N LYS A 136 -13.29 8.72 0.80
CA LYS A 136 -12.84 9.78 1.69
C LYS A 136 -11.31 9.79 1.73
N ALA A 137 -10.72 9.73 0.55
CA ALA A 137 -9.27 9.73 0.43
C ALA A 137 -8.71 11.05 0.98
N PRO A 138 -9.32 12.17 0.48
CA PRO A 138 -8.90 13.49 0.91
C PRO A 138 -9.40 13.80 2.33
N GLN A 139 -10.51 13.17 2.67
CA GLN A 139 -11.11 13.37 3.97
C GLN A 139 -10.35 12.55 5.03
N LEU A 140 -10.12 11.29 4.71
CA LEU A 140 -9.41 10.40 5.61
C LEU A 140 -8.13 11.09 6.11
N HIS A 141 -7.51 11.83 5.19
CA HIS A 141 -6.30 12.54 5.52
C HIS A 141 -6.61 13.69 6.48
N ALA A 142 -7.68 14.41 6.15
CA ALA A 142 -8.09 15.53 6.98
C ALA A 142 -8.45 15.03 8.38
N GLU A 143 -9.30 14.02 8.42
CA GLU A 143 -9.72 13.44 9.68
C GLU A 143 -8.55 12.70 10.34
N ALA A 144 -7.65 12.23 9.51
CA ALA A 144 -6.49 11.50 10.00
C ALA A 144 -5.56 12.47 10.74
N TYR A 145 -5.27 13.58 10.08
CA TYR A 145 -4.40 14.60 10.66
C TYR A 145 -5.18 15.47 11.66
N LYS A 146 -6.45 15.67 11.36
CA LYS A 146 -7.31 16.48 12.21
C LYS A 146 -7.52 15.76 13.54
N GLN A 147 -7.85 14.48 13.45
CA GLN A 147 -8.09 13.67 14.62
C GLN A 147 -6.76 13.09 15.14
N GLY A 148 -6.49 13.37 16.40
CA GLY A 148 -5.27 12.88 17.03
C GLY A 148 -4.96 13.65 18.32
N LEU A 149 -4.34 14.80 18.14
CA LEU A 149 -3.99 15.64 19.28
C LEU A 149 -5.26 16.17 19.94
N GLY A 150 -5.19 16.31 21.25
CA GLY A 150 -6.33 16.80 22.01
C GLY A 150 -6.98 18.00 21.31
N GLY A 151 -8.27 17.85 21.03
CA GLY A 151 -9.02 18.89 20.36
C GLY A 151 -10.24 18.33 19.63
N SER A 152 -11.28 19.14 19.56
CA SER A 152 -12.50 18.74 18.90
C SER A 152 -13.36 19.96 18.58
N HIS A 153 -13.60 20.16 17.29
CA HIS A 153 -14.40 21.29 16.84
C HIS A 153 -14.77 21.09 15.37
N HIS A 154 -15.82 21.80 14.97
CA HIS A 154 -16.29 21.72 13.59
C HIS A 154 -17.38 22.76 13.36
N HIS A 155 -17.55 23.11 12.09
CA HIS A 155 -18.56 24.09 11.71
C HIS A 155 -19.38 23.58 10.53
N HIS A 156 -20.46 24.29 10.24
CA HIS A 156 -21.32 23.91 9.14
C HIS A 156 -21.84 25.17 8.45
N HIS A 157 -22.32 24.98 7.22
CA HIS A 157 -22.84 26.09 6.44
C HIS A 157 -23.73 25.55 5.32
N HIS A 158 -24.86 26.22 5.13
CA HIS A 158 -25.81 25.82 4.10
C HIS A 158 -25.14 25.91 2.73
N GLY A 1 5.71 -25.19 6.65
CA GLY A 1 6.09 -23.87 6.20
C GLY A 1 4.88 -22.94 6.11
N PRO A 2 4.19 -23.03 4.94
CA PRO A 2 3.01 -22.21 4.71
C PRO A 2 1.81 -22.73 5.50
N LEU A 3 0.75 -21.95 5.48
CA LEU A 3 -0.47 -22.32 6.20
C LEU A 3 -1.58 -21.33 5.85
N GLY A 4 -1.40 -20.11 6.32
CA GLY A 4 -2.37 -19.06 6.07
C GLY A 4 -2.28 -17.96 7.14
N SER A 5 -2.90 -18.23 8.27
CA SER A 5 -2.90 -17.27 9.37
C SER A 5 -1.57 -17.34 10.11
N MET A 6 -1.04 -18.54 10.22
CA MET A 6 0.23 -18.76 10.89
C MET A 6 0.09 -18.50 12.40
N ASP A 7 -0.18 -17.25 12.73
CA ASP A 7 -0.34 -16.87 14.13
C ASP A 7 -1.03 -15.51 14.20
N THR A 8 -1.16 -15.01 15.43
CA THR A 8 -1.80 -13.73 15.65
C THR A 8 -1.12 -12.99 16.80
N GLU A 9 -1.57 -11.77 17.02
CA GLU A 9 -1.03 -10.95 18.09
C GLU A 9 0.47 -10.69 17.85
N THR A 10 1.02 -9.80 18.66
CA THR A 10 2.43 -9.45 18.54
C THR A 10 2.67 -8.66 17.26
N GLU A 11 2.36 -9.30 16.14
CA GLU A 11 2.54 -8.68 14.85
C GLU A 11 3.94 -8.99 14.30
N PHE A 12 4.84 -9.29 15.22
CA PHE A 12 6.22 -9.60 14.85
C PHE A 12 6.28 -10.90 14.04
N ASP A 13 5.71 -11.95 14.61
CA ASP A 13 5.69 -13.25 13.97
C ASP A 13 5.23 -13.08 12.52
N ARG A 14 4.36 -12.10 12.32
CA ARG A 14 3.83 -11.83 10.99
C ARG A 14 4.87 -11.10 10.15
N ILE A 15 5.67 -10.29 10.83
CA ILE A 15 6.72 -9.52 10.16
C ILE A 15 7.68 -10.48 9.46
N LEU A 16 8.03 -11.53 10.19
CA LEU A 16 8.95 -12.53 9.66
C LEU A 16 8.41 -13.06 8.33
N LEU A 17 7.11 -13.34 8.34
CA LEU A 17 6.46 -13.86 7.13
C LEU A 17 6.71 -12.90 5.97
N PHE A 18 6.41 -11.64 6.21
CA PHE A 18 6.60 -10.61 5.19
C PHE A 18 8.08 -10.46 4.84
N GLU A 19 8.92 -10.60 5.86
CA GLU A 19 10.35 -10.48 5.67
C GLU A 19 10.84 -11.46 4.61
N GLN A 20 10.61 -12.74 4.87
CA GLN A 20 11.02 -13.78 3.94
C GLN A 20 10.50 -13.47 2.54
N ILE A 21 9.35 -12.80 2.49
CA ILE A 21 8.74 -12.44 1.22
C ILE A 21 9.56 -11.32 0.57
N ARG A 22 9.80 -10.27 1.35
CA ARG A 22 10.57 -9.15 0.86
C ARG A 22 11.86 -9.62 0.19
N GLN A 23 12.66 -10.35 0.96
CA GLN A 23 13.92 -10.87 0.47
C GLN A 23 13.67 -11.78 -0.74
N ASP A 24 12.61 -12.56 -0.64
CA ASP A 24 12.25 -13.49 -1.70
C ASP A 24 11.85 -12.69 -2.95
N ALA A 25 11.12 -11.61 -2.71
CA ALA A 25 10.68 -10.77 -3.80
C ALA A 25 11.86 -9.96 -4.33
N GLU A 26 12.47 -9.21 -3.42
CA GLU A 26 13.61 -8.39 -3.79
C GLU A 26 14.65 -9.21 -4.55
N ASN A 27 14.99 -10.36 -3.96
CA ASN A 27 15.96 -11.26 -4.58
C ASN A 27 15.41 -11.76 -5.91
N THR A 28 14.15 -12.18 -5.88
CA THR A 28 13.50 -12.68 -7.07
C THR A 28 13.56 -11.65 -8.19
N TYR A 29 13.69 -10.40 -7.80
CA TYR A 29 13.75 -9.31 -8.75
C TYR A 29 14.83 -9.57 -9.80
N LYS A 30 16.06 -9.70 -9.32
CA LYS A 30 17.18 -9.95 -10.21
C LYS A 30 17.03 -11.34 -10.84
N SER A 31 16.35 -12.22 -10.11
CA SER A 31 16.14 -13.56 -10.58
C SER A 31 15.14 -13.56 -11.74
N ASN A 32 14.21 -12.61 -11.68
CA ASN A 32 13.20 -12.48 -12.71
C ASN A 32 12.47 -11.15 -12.53
N PRO A 33 13.03 -10.09 -13.17
CA PRO A 33 12.44 -8.76 -13.09
C PRO A 33 11.19 -8.67 -13.96
N LEU A 34 10.89 -9.77 -14.62
CA LEU A 34 9.73 -9.82 -15.49
C LEU A 34 8.52 -10.35 -14.71
N ASP A 35 8.82 -11.03 -13.61
CA ASP A 35 7.79 -11.58 -12.76
C ASP A 35 6.96 -10.44 -12.16
N ALA A 36 5.81 -10.20 -12.76
CA ALA A 36 4.92 -9.15 -12.30
C ALA A 36 4.28 -9.58 -10.98
N ASP A 37 4.14 -10.89 -10.82
CA ASP A 37 3.55 -11.43 -9.61
C ASP A 37 4.50 -11.20 -8.43
N ASN A 38 5.72 -11.67 -8.59
CA ASN A 38 6.72 -11.52 -7.55
C ASN A 38 7.11 -10.04 -7.43
N LEU A 39 7.11 -9.37 -8.57
CA LEU A 39 7.46 -7.97 -8.62
C LEU A 39 6.44 -7.17 -7.80
N THR A 40 5.18 -7.32 -8.16
CA THR A 40 4.11 -6.63 -7.46
C THR A 40 4.10 -7.01 -5.98
N ARG A 41 4.22 -8.30 -5.73
CA ARG A 41 4.24 -8.80 -4.37
C ARG A 41 5.35 -8.11 -3.57
N TRP A 42 6.50 -7.97 -4.19
CA TRP A 42 7.63 -7.34 -3.55
C TRP A 42 7.15 -6.02 -2.92
N GLY A 43 6.09 -5.48 -3.51
CA GLY A 43 5.53 -4.23 -3.02
C GLY A 43 4.57 -4.49 -1.87
N GLY A 44 3.54 -5.27 -2.16
CA GLY A 44 2.53 -5.59 -1.16
C GLY A 44 3.18 -5.76 0.23
N VAL A 45 4.28 -6.50 0.24
CA VAL A 45 5.00 -6.74 1.48
C VAL A 45 5.60 -5.43 1.98
N LEU A 46 6.28 -4.74 1.07
CA LEU A 46 6.91 -3.48 1.41
C LEU A 46 5.90 -2.59 2.16
N LEU A 47 4.68 -2.56 1.63
CA LEU A 47 3.63 -1.77 2.25
C LEU A 47 3.29 -2.34 3.62
N GLU A 48 3.34 -3.66 3.70
CA GLU A 48 3.04 -4.34 4.95
C GLU A 48 4.11 -4.00 6.00
N LEU A 49 5.35 -4.34 5.66
CA LEU A 49 6.46 -4.09 6.56
C LEU A 49 6.59 -2.58 6.80
N SER A 50 6.13 -1.82 5.82
CA SER A 50 6.18 -0.37 5.92
C SER A 50 5.47 0.10 7.18
N GLN A 51 4.36 -0.56 7.48
CA GLN A 51 3.58 -0.23 8.65
C GLN A 51 4.35 -0.57 9.92
N PHE A 52 5.15 -1.63 9.83
CA PHE A 52 5.95 -2.07 10.95
C PHE A 52 7.21 -1.23 11.10
N HIS A 53 7.60 -0.61 9.99
CA HIS A 53 8.79 0.23 9.98
C HIS A 53 8.46 1.60 10.58
N SER A 54 8.27 2.57 9.70
CA SER A 54 7.96 3.92 10.12
C SER A 54 7.77 4.82 8.90
N ILE A 55 6.93 5.83 9.07
CA ILE A 55 6.66 6.77 8.00
C ILE A 55 7.98 7.18 7.34
N SER A 56 9.01 7.29 8.17
CA SER A 56 10.33 7.67 7.70
C SER A 56 10.77 6.74 6.57
N ASP A 57 10.79 5.44 6.89
CA ASP A 57 11.19 4.45 5.91
C ASP A 57 10.00 4.12 5.01
N ALA A 58 8.82 4.10 5.62
CA ALA A 58 7.61 3.80 4.88
C ALA A 58 7.60 4.59 3.57
N LYS A 59 7.81 5.90 3.71
CA LYS A 59 7.83 6.78 2.55
C LYS A 59 8.75 6.19 1.49
N GLN A 60 10.00 5.97 1.87
CA GLN A 60 10.98 5.41 0.96
C GLN A 60 10.55 4.03 0.49
N MET A 61 10.09 3.22 1.45
CA MET A 61 9.64 1.88 1.15
C MET A 61 8.48 1.90 0.15
N ILE A 62 7.66 2.94 0.26
CA ILE A 62 6.52 3.08 -0.61
C ILE A 62 6.99 3.48 -2.01
N GLN A 63 7.89 4.47 -2.04
CA GLN A 63 8.44 4.95 -3.30
C GLN A 63 8.90 3.77 -4.16
N GLU A 64 9.75 2.94 -3.57
CA GLU A 64 10.27 1.78 -4.28
C GLU A 64 9.13 0.79 -4.57
N ALA A 65 8.21 0.71 -3.63
CA ALA A 65 7.06 -0.19 -3.78
C ALA A 65 6.29 0.18 -5.04
N ILE A 66 6.35 1.46 -5.38
CA ILE A 66 5.66 1.95 -6.57
C ILE A 66 6.44 1.55 -7.81
N THR A 67 7.70 1.97 -7.85
CA THR A 67 8.56 1.67 -8.98
C THR A 67 8.50 0.17 -9.29
N LYS A 68 8.16 -0.60 -8.28
CA LYS A 68 8.06 -2.05 -8.43
C LYS A 68 6.83 -2.40 -9.26
N PHE A 69 5.70 -1.84 -8.84
CA PHE A 69 4.44 -2.08 -9.52
C PHE A 69 4.53 -1.64 -10.99
N GLU A 70 5.13 -0.48 -11.19
CA GLU A 70 5.29 0.05 -12.54
C GLU A 70 5.82 -1.02 -13.48
N GLU A 71 6.96 -1.59 -13.10
CA GLU A 71 7.59 -2.62 -13.91
C GLU A 71 6.66 -3.82 -14.03
N ALA A 72 6.01 -4.15 -12.93
CA ALA A 72 5.09 -5.28 -12.91
C ALA A 72 3.94 -5.01 -13.87
N LEU A 73 3.52 -3.75 -13.91
CA LEU A 73 2.43 -3.35 -14.79
C LEU A 73 2.87 -3.50 -16.25
N LEU A 74 4.17 -3.36 -16.45
CA LEU A 74 4.73 -3.49 -17.79
C LEU A 74 4.64 -4.94 -18.24
N ILE A 75 4.93 -5.84 -17.32
CA ILE A 75 4.87 -7.26 -17.62
C ILE A 75 3.43 -7.66 -17.92
N ASP A 76 2.52 -7.09 -17.17
CA ASP A 76 1.10 -7.37 -17.35
C ASP A 76 0.29 -6.14 -16.95
N PRO A 77 -0.29 -5.48 -17.99
CA PRO A 77 -1.10 -4.29 -17.77
C PRO A 77 -2.47 -4.67 -17.21
N LYS A 78 -2.76 -5.96 -17.24
CA LYS A 78 -4.03 -6.45 -16.74
C LYS A 78 -3.89 -6.77 -15.25
N LYS A 79 -2.71 -6.49 -14.72
CA LYS A 79 -2.45 -6.73 -13.31
C LYS A 79 -3.17 -5.69 -12.47
N ASP A 80 -4.44 -5.97 -12.19
CA ASP A 80 -5.25 -5.07 -11.39
C ASP A 80 -4.54 -4.78 -10.08
N GLU A 81 -3.91 -5.81 -9.54
CA GLU A 81 -3.20 -5.70 -8.28
C GLU A 81 -2.12 -4.61 -8.39
N ALA A 82 -1.30 -4.73 -9.43
CA ALA A 82 -0.24 -3.77 -9.64
C ALA A 82 -0.82 -2.35 -9.65
N VAL A 83 -2.05 -2.26 -10.13
CA VAL A 83 -2.74 -0.98 -10.20
C VAL A 83 -3.19 -0.57 -8.80
N TRP A 84 -3.90 -1.48 -8.15
CA TRP A 84 -4.40 -1.24 -6.81
C TRP A 84 -3.19 -0.96 -5.90
N CYS A 85 -2.18 -1.80 -6.05
CA CYS A 85 -0.97 -1.67 -5.26
C CYS A 85 -0.50 -0.22 -5.36
N ILE A 86 -0.33 0.23 -6.59
CA ILE A 86 0.12 1.60 -6.83
C ILE A 86 -0.77 2.57 -6.06
N GLY A 87 -2.07 2.31 -6.11
CA GLY A 87 -3.03 3.16 -5.41
C GLY A 87 -2.88 3.01 -3.89
N ASN A 88 -2.65 1.78 -3.46
CA ASN A 88 -2.49 1.51 -2.05
C ASN A 88 -1.23 2.22 -1.54
N ALA A 89 -0.22 2.27 -2.39
CA ALA A 89 1.03 2.92 -2.04
C ALA A 89 0.81 4.42 -1.92
N TYR A 90 0.29 4.99 -3.01
CA TYR A 90 0.02 6.42 -3.05
C TYR A 90 -0.86 6.85 -1.87
N THR A 91 -1.91 6.08 -1.65
CA THR A 91 -2.84 6.38 -0.56
C THR A 91 -2.08 6.46 0.76
N SER A 92 -1.32 5.41 1.05
CA SER A 92 -0.54 5.36 2.27
C SER A 92 0.48 6.50 2.30
N PHE A 93 1.26 6.57 1.22
CA PHE A 93 2.29 7.60 1.11
C PHE A 93 1.69 8.99 1.36
N ALA A 94 0.44 9.14 0.95
CA ALA A 94 -0.25 10.41 1.13
C ALA A 94 -0.40 10.70 2.62
N PHE A 95 -0.91 9.72 3.34
CA PHE A 95 -1.11 9.86 4.77
C PHE A 95 0.19 10.28 5.46
N LEU A 96 1.30 10.07 4.77
CA LEU A 96 2.59 10.42 5.30
C LEU A 96 2.99 11.82 4.81
N THR A 97 2.35 12.22 3.71
CA THR A 97 2.62 13.53 3.12
C THR A 97 1.57 14.54 3.58
N PRO A 98 2.06 15.56 4.32
CA PRO A 98 1.18 16.61 4.82
C PRO A 98 0.77 17.56 3.71
N ASP A 99 1.60 17.62 2.69
CA ASP A 99 1.34 18.49 1.56
C ASP A 99 -0.01 18.11 0.92
N GLU A 100 -1.07 18.69 1.46
CA GLU A 100 -2.40 18.41 0.97
C GLU A 100 -2.40 18.33 -0.56
N THR A 101 -1.75 19.31 -1.17
CA THR A 101 -1.66 19.36 -2.62
C THR A 101 -1.14 18.03 -3.16
N GLU A 102 0.00 17.62 -2.63
CA GLU A 102 0.61 16.38 -3.06
C GLU A 102 -0.20 15.18 -2.57
N ALA A 103 -0.51 15.20 -1.28
CA ALA A 103 -1.28 14.13 -0.68
C ALA A 103 -2.57 13.93 -1.47
N LYS A 104 -3.31 15.02 -1.63
CA LYS A 104 -4.56 14.99 -2.36
C LYS A 104 -4.29 14.52 -3.80
N HIS A 105 -3.28 15.13 -4.40
CA HIS A 105 -2.91 14.80 -5.76
C HIS A 105 -2.70 13.28 -5.88
N ASN A 106 -2.07 12.73 -4.86
CA ASN A 106 -1.79 11.30 -4.83
C ASN A 106 -3.10 10.54 -4.56
N PHE A 107 -3.76 10.92 -3.48
CA PHE A 107 -5.02 10.30 -3.10
C PHE A 107 -5.99 10.26 -4.29
N ASP A 108 -6.00 11.36 -5.03
CA ASP A 108 -6.88 11.48 -6.18
C ASP A 108 -6.32 10.63 -7.33
N LEU A 109 -5.03 10.33 -7.22
CA LEU A 109 -4.37 9.53 -8.23
C LEU A 109 -4.74 8.06 -8.05
N ALA A 110 -4.53 7.58 -6.83
CA ALA A 110 -4.84 6.19 -6.50
C ALA A 110 -6.27 5.88 -6.94
N THR A 111 -7.09 6.92 -6.97
CA THR A 111 -8.48 6.78 -7.37
C THR A 111 -8.57 6.27 -8.81
N GLN A 112 -7.93 7.00 -9.70
CA GLN A 112 -7.94 6.63 -11.12
C GLN A 112 -7.44 5.19 -11.29
N PHE A 113 -6.65 4.75 -10.33
CA PHE A 113 -6.10 3.40 -10.36
C PHE A 113 -7.12 2.39 -9.83
N PHE A 114 -7.72 2.73 -8.70
CA PHE A 114 -8.70 1.86 -8.08
C PHE A 114 -9.81 1.50 -9.08
N GLN A 115 -10.03 2.40 -10.02
CA GLN A 115 -11.06 2.19 -11.02
C GLN A 115 -10.62 1.11 -12.02
N GLN A 116 -9.30 0.95 -12.12
CA GLN A 116 -8.74 -0.04 -13.01
C GLN A 116 -8.77 -1.43 -12.37
N ALA A 117 -8.56 -1.44 -11.07
CA ALA A 117 -8.56 -2.69 -10.32
C ALA A 117 -9.94 -3.34 -10.44
N VAL A 118 -10.96 -2.56 -10.12
CA VAL A 118 -12.33 -3.05 -10.18
C VAL A 118 -12.69 -3.35 -11.64
N ASP A 119 -12.19 -2.51 -12.52
CA ASP A 119 -12.44 -2.67 -13.95
C ASP A 119 -12.26 -4.15 -14.32
N GLU A 120 -11.10 -4.68 -13.96
CA GLU A 120 -10.78 -6.06 -14.26
C GLU A 120 -11.72 -6.99 -13.49
N GLN A 121 -11.93 -6.66 -12.21
CA GLN A 121 -12.79 -7.46 -11.37
C GLN A 121 -13.37 -6.59 -10.24
N PRO A 122 -14.57 -6.00 -10.54
CA PRO A 122 -15.24 -5.15 -9.56
C PRO A 122 -15.88 -5.98 -8.46
N ASP A 123 -15.80 -7.30 -8.62
CA ASP A 123 -16.36 -8.21 -7.65
C ASP A 123 -15.35 -8.46 -6.53
N ASN A 124 -14.12 -8.03 -6.79
CA ASN A 124 -13.05 -8.19 -5.81
C ASN A 124 -13.38 -7.38 -4.57
N THR A 125 -13.58 -8.09 -3.47
CA THR A 125 -13.89 -7.45 -2.20
C THR A 125 -12.80 -6.46 -1.81
N HIS A 126 -11.56 -6.85 -2.10
CA HIS A 126 -10.41 -6.01 -1.79
C HIS A 126 -10.56 -4.67 -2.50
N TYR A 127 -10.65 -4.73 -3.82
CA TYR A 127 -10.79 -3.53 -4.62
C TYR A 127 -11.97 -2.69 -4.14
N LEU A 128 -13.02 -3.37 -3.73
CA LEU A 128 -14.22 -2.70 -3.25
C LEU A 128 -13.86 -1.86 -2.03
N LYS A 129 -13.14 -2.49 -1.10
CA LYS A 129 -12.73 -1.81 0.11
C LYS A 129 -11.75 -0.68 -0.25
N SER A 130 -10.88 -0.97 -1.20
CA SER A 130 -9.90 0.00 -1.64
C SER A 130 -10.59 1.25 -2.18
N LEU A 131 -11.49 1.02 -3.14
CA LEU A 131 -12.23 2.12 -3.74
C LEU A 131 -13.14 2.76 -2.68
N GLU A 132 -13.83 1.90 -1.95
CA GLU A 132 -14.74 2.37 -0.92
C GLU A 132 -14.03 3.36 0.01
N MET A 133 -12.82 2.98 0.42
CA MET A 133 -12.03 3.82 1.29
C MET A 133 -11.57 5.09 0.57
N THR A 134 -11.42 4.95 -0.75
CA THR A 134 -10.98 6.07 -1.57
C THR A 134 -11.99 7.22 -1.47
N ALA A 135 -13.21 6.86 -1.12
CA ALA A 135 -14.28 7.86 -0.99
C ALA A 135 -13.80 9.01 -0.12
N LYS A 136 -13.12 8.64 0.96
CA LYS A 136 -12.61 9.63 1.90
C LYS A 136 -11.08 9.61 1.86
N ALA A 137 -10.55 9.48 0.66
CA ALA A 137 -9.10 9.43 0.48
C ALA A 137 -8.48 10.74 1.02
N PRO A 138 -9.02 11.87 0.51
CA PRO A 138 -8.54 13.17 0.92
C PRO A 138 -9.04 13.53 2.33
N GLN A 139 -10.12 12.87 2.72
CA GLN A 139 -10.70 13.10 4.03
C GLN A 139 -9.92 12.33 5.10
N LEU A 140 -9.71 11.05 4.82
CA LEU A 140 -8.99 10.19 5.75
C LEU A 140 -7.68 10.88 6.16
N HIS A 141 -7.02 11.48 5.17
CA HIS A 141 -5.78 12.17 5.42
C HIS A 141 -6.04 13.41 6.28
N ALA A 142 -7.10 14.12 5.94
CA ALA A 142 -7.47 15.31 6.66
C ALA A 142 -7.79 14.94 8.12
N GLU A 143 -8.68 13.98 8.28
CA GLU A 143 -9.08 13.53 9.59
C GLU A 143 -7.91 12.82 10.27
N ALA A 144 -7.16 12.08 9.48
CA ALA A 144 -6.02 11.34 10.00
C ALA A 144 -5.05 12.31 10.67
N TYR A 145 -4.95 13.49 10.09
CA TYR A 145 -4.06 14.52 10.62
C TYR A 145 -4.79 15.38 11.66
N LYS A 146 -6.03 15.73 11.34
CA LYS A 146 -6.83 16.54 12.23
C LYS A 146 -7.05 15.78 13.54
N GLN A 147 -7.45 14.53 13.40
CA GLN A 147 -7.70 13.69 14.56
C GLN A 147 -6.38 13.11 15.10
N GLY A 148 -5.92 13.69 16.20
CA GLY A 148 -4.68 13.24 16.81
C GLY A 148 -3.57 14.27 16.60
N LEU A 149 -2.83 14.52 17.68
CA LEU A 149 -1.74 15.47 17.64
C LEU A 149 -2.31 16.90 17.71
N GLY A 150 -3.00 17.28 16.64
CA GLY A 150 -3.59 18.61 16.59
C GLY A 150 -4.60 18.81 17.71
N GLY A 151 -4.18 19.58 18.71
CA GLY A 151 -5.03 19.87 19.85
C GLY A 151 -6.13 20.86 19.48
N SER A 152 -6.75 21.42 20.51
CA SER A 152 -7.82 22.39 20.30
C SER A 152 -8.84 21.84 19.32
N HIS A 153 -9.78 21.07 19.84
CA HIS A 153 -10.82 20.48 19.02
C HIS A 153 -12.19 20.74 19.66
N HIS A 154 -13.23 20.39 18.92
CA HIS A 154 -14.59 20.57 19.39
C HIS A 154 -15.51 19.56 18.70
N HIS A 155 -15.61 18.39 19.31
CA HIS A 155 -16.45 17.33 18.78
C HIS A 155 -17.83 17.39 19.44
N HIS A 156 -18.84 17.56 18.61
CA HIS A 156 -20.21 17.64 19.11
C HIS A 156 -21.02 16.47 18.54
N HIS A 157 -22.21 16.30 19.10
CA HIS A 157 -23.09 15.23 18.67
C HIS A 157 -22.44 13.88 18.97
N HIS A 158 -23.28 12.89 19.23
CA HIS A 158 -22.81 11.56 19.53
C HIS A 158 -23.49 10.54 18.60
N GLY A 1 -12.93 -14.56 3.71
CA GLY A 1 -13.13 -13.67 4.84
C GLY A 1 -12.93 -14.41 6.17
N PRO A 2 -11.66 -14.86 6.39
CA PRO A 2 -11.32 -15.58 7.60
C PRO A 2 -11.23 -14.63 8.79
N LEU A 3 -11.10 -15.22 9.98
CA LEU A 3 -11.01 -14.45 11.20
C LEU A 3 -10.19 -15.22 12.23
N GLY A 4 -10.75 -16.35 12.66
CA GLY A 4 -10.09 -17.17 13.64
C GLY A 4 -9.94 -16.45 14.97
N SER A 5 -8.83 -16.74 15.65
CA SER A 5 -8.57 -16.12 16.94
C SER A 5 -8.17 -14.65 16.74
N MET A 6 -7.53 -14.39 15.61
CA MET A 6 -7.09 -13.05 15.29
C MET A 6 -5.90 -12.63 16.16
N ASP A 7 -6.11 -12.70 17.47
CA ASP A 7 -5.08 -12.34 18.43
C ASP A 7 -4.06 -13.47 18.52
N THR A 8 -3.52 -13.84 17.37
CA THR A 8 -2.54 -14.91 17.31
C THR A 8 -1.13 -14.34 17.15
N GLU A 9 -1.08 -13.11 16.67
CA GLU A 9 0.20 -12.43 16.47
C GLU A 9 0.01 -10.92 16.55
N THR A 10 0.87 -10.30 17.35
CA THR A 10 0.82 -8.85 17.52
C THR A 10 1.11 -8.14 16.20
N GLU A 11 2.24 -8.49 15.62
CA GLU A 11 2.65 -7.89 14.35
C GLU A 11 4.06 -8.35 13.98
N PHE A 12 4.96 -8.23 14.94
CA PHE A 12 6.35 -8.63 14.74
C PHE A 12 6.43 -9.99 14.03
N ASP A 13 5.78 -10.97 14.64
CA ASP A 13 5.76 -12.31 14.09
C ASP A 13 5.45 -12.25 12.60
N ARG A 14 4.47 -11.40 12.27
CA ARG A 14 4.05 -11.24 10.89
C ARG A 14 5.12 -10.49 10.10
N ILE A 15 5.79 -9.56 10.78
CA ILE A 15 6.83 -8.77 10.15
C ILE A 15 7.93 -9.70 9.64
N LEU A 16 8.30 -10.66 10.49
CA LEU A 16 9.34 -11.62 10.13
C LEU A 16 8.93 -12.34 8.85
N LEU A 17 7.63 -12.56 8.72
CA LEU A 17 7.10 -13.24 7.55
C LEU A 17 7.31 -12.37 6.32
N PHE A 18 6.92 -11.11 6.45
CA PHE A 18 7.06 -10.16 5.36
C PHE A 18 8.53 -9.94 5.01
N GLU A 19 9.36 -9.98 6.04
CA GLU A 19 10.79 -9.78 5.85
C GLU A 19 11.34 -10.78 4.84
N GLN A 20 11.04 -12.05 5.09
CA GLN A 20 11.48 -13.11 4.21
C GLN A 20 10.87 -12.94 2.81
N ILE A 21 9.71 -12.32 2.78
CA ILE A 21 9.02 -12.09 1.53
C ILE A 21 9.75 -11.01 0.74
N ARG A 22 9.96 -9.88 1.40
CA ARG A 22 10.65 -8.76 0.76
C ARG A 22 12.01 -9.20 0.24
N GLN A 23 12.63 -10.12 0.97
CA GLN A 23 13.94 -10.63 0.59
C GLN A 23 13.81 -11.50 -0.66
N ASP A 24 12.92 -12.48 -0.57
CA ASP A 24 12.70 -13.40 -1.68
C ASP A 24 12.12 -12.62 -2.85
N ALA A 25 11.35 -11.59 -2.53
CA ALA A 25 10.72 -10.76 -3.54
C ALA A 25 11.79 -9.87 -4.19
N GLU A 26 12.60 -9.27 -3.34
CA GLU A 26 13.66 -8.39 -3.82
C GLU A 26 14.71 -9.20 -4.59
N ASN A 27 15.10 -10.32 -4.00
CA ASN A 27 16.10 -11.18 -4.62
C ASN A 27 15.53 -11.75 -5.93
N THR A 28 14.27 -12.16 -5.85
CA THR A 28 13.60 -12.72 -7.01
C THR A 28 13.66 -11.74 -8.20
N TYR A 29 13.79 -10.47 -7.85
CA TYR A 29 13.86 -9.42 -8.87
C TYR A 29 14.95 -9.73 -9.90
N LYS A 30 16.17 -9.84 -9.40
CA LYS A 30 17.30 -10.13 -10.27
C LYS A 30 17.10 -11.50 -10.92
N SER A 31 16.37 -12.35 -10.21
CA SER A 31 16.10 -13.70 -10.71
C SER A 31 15.13 -13.63 -11.89
N ASN A 32 14.20 -12.69 -11.81
CA ASN A 32 13.22 -12.51 -12.86
C ASN A 32 12.45 -11.21 -12.63
N PRO A 33 12.99 -10.11 -13.21
CA PRO A 33 12.37 -8.81 -13.07
C PRO A 33 11.12 -8.70 -13.94
N LEU A 34 10.84 -9.79 -14.65
CA LEU A 34 9.68 -9.82 -15.53
C LEU A 34 8.48 -10.41 -14.76
N ASP A 35 8.80 -11.11 -13.69
CA ASP A 35 7.77 -11.73 -12.86
C ASP A 35 6.92 -10.64 -12.21
N ALA A 36 5.74 -10.42 -12.79
CA ALA A 36 4.83 -9.41 -12.28
C ALA A 36 4.22 -9.90 -10.97
N ASP A 37 4.24 -11.22 -10.80
CA ASP A 37 3.69 -11.82 -9.60
C ASP A 37 4.59 -11.50 -8.40
N ASN A 38 5.85 -11.86 -8.55
CA ASN A 38 6.83 -11.61 -7.50
C ASN A 38 7.10 -10.11 -7.41
N LEU A 39 7.11 -9.47 -8.57
CA LEU A 39 7.35 -8.04 -8.64
C LEU A 39 6.29 -7.30 -7.85
N THR A 40 5.04 -7.62 -8.17
CA THR A 40 3.90 -6.99 -7.50
C THR A 40 3.91 -7.35 -6.01
N ARG A 41 4.38 -8.55 -5.72
CA ARG A 41 4.44 -9.02 -4.35
C ARG A 41 5.52 -8.25 -3.58
N TRP A 42 6.65 -8.06 -4.24
CA TRP A 42 7.76 -7.35 -3.63
C TRP A 42 7.23 -6.04 -3.06
N GLY A 43 6.17 -5.55 -3.67
CA GLY A 43 5.55 -4.31 -3.24
C GLY A 43 4.58 -4.55 -2.09
N GLY A 44 3.60 -5.41 -2.35
CA GLY A 44 2.61 -5.74 -1.34
C GLY A 44 3.23 -5.82 0.05
N VAL A 45 4.37 -6.49 0.12
CA VAL A 45 5.07 -6.64 1.39
C VAL A 45 5.61 -5.28 1.82
N LEU A 46 6.25 -4.60 0.89
CA LEU A 46 6.81 -3.29 1.17
C LEU A 46 5.76 -2.42 1.87
N LEU A 47 4.55 -2.48 1.34
CA LEU A 47 3.44 -1.71 1.90
C LEU A 47 3.14 -2.23 3.31
N GLU A 48 3.25 -3.54 3.46
CA GLU A 48 2.98 -4.17 4.75
C GLU A 48 4.02 -3.72 5.78
N LEU A 49 5.28 -3.99 5.47
CA LEU A 49 6.37 -3.62 6.36
C LEU A 49 6.40 -2.10 6.52
N SER A 50 5.90 -1.42 5.50
CA SER A 50 5.87 0.03 5.50
C SER A 50 5.16 0.53 6.76
N GLN A 51 4.13 -0.21 7.16
CA GLN A 51 3.37 0.14 8.34
C GLN A 51 4.22 -0.03 9.60
N PHE A 52 5.06 -1.06 9.56
CA PHE A 52 5.93 -1.35 10.68
C PHE A 52 7.16 -0.44 10.68
N HIS A 53 7.63 -0.15 9.46
CA HIS A 53 8.80 0.70 9.30
C HIS A 53 8.39 2.17 9.48
N SER A 54 9.29 2.92 10.10
CA SER A 54 9.04 4.33 10.35
C SER A 54 8.38 4.97 9.12
N ILE A 55 7.63 6.02 9.38
CA ILE A 55 6.94 6.73 8.31
C ILE A 55 7.96 7.17 7.26
N SER A 56 9.01 7.82 7.73
CA SER A 56 10.06 8.30 6.85
C SER A 56 10.47 7.19 5.87
N ASP A 57 10.85 6.06 6.44
CA ASP A 57 11.27 4.93 5.63
C ASP A 57 10.06 4.38 4.88
N ALA A 58 8.91 4.48 5.52
CA ALA A 58 7.68 3.99 4.92
C ALA A 58 7.43 4.72 3.60
N LYS A 59 7.76 6.01 3.61
CA LYS A 59 7.59 6.83 2.42
C LYS A 59 8.53 6.33 1.32
N GLN A 60 9.81 6.34 1.63
CA GLN A 60 10.81 5.89 0.68
C GLN A 60 10.56 4.43 0.27
N MET A 61 10.09 3.67 1.25
CA MET A 61 9.79 2.26 1.01
C MET A 61 8.59 2.10 0.07
N ILE A 62 7.65 3.03 0.20
CA ILE A 62 6.47 3.00 -0.63
C ILE A 62 6.82 3.42 -2.06
N GLN A 63 7.75 4.36 -2.15
CA GLN A 63 8.20 4.85 -3.44
C GLN A 63 8.71 3.70 -4.30
N GLU A 64 9.66 2.96 -3.74
CA GLU A 64 10.24 1.83 -4.44
C GLU A 64 9.16 0.79 -4.76
N ALA A 65 8.20 0.70 -3.86
CA ALA A 65 7.11 -0.26 -4.01
C ALA A 65 6.35 0.06 -5.30
N ILE A 66 6.16 1.36 -5.54
CA ILE A 66 5.46 1.81 -6.73
C ILE A 66 6.27 1.45 -7.97
N THR A 67 7.52 1.90 -7.97
CA THR A 67 8.41 1.63 -9.10
C THR A 67 8.40 0.14 -9.43
N LYS A 68 8.15 -0.67 -8.42
CA LYS A 68 8.10 -2.11 -8.60
C LYS A 68 6.86 -2.47 -9.42
N PHE A 69 5.73 -1.94 -9.00
CA PHE A 69 4.47 -2.20 -9.70
C PHE A 69 4.54 -1.72 -11.15
N GLU A 70 5.18 -0.58 -11.33
CA GLU A 70 5.32 -0.01 -12.66
C GLU A 70 5.81 -1.07 -13.64
N GLU A 71 6.95 -1.66 -13.30
CA GLU A 71 7.54 -2.69 -14.14
C GLU A 71 6.62 -3.91 -14.20
N ALA A 72 6.04 -4.24 -13.06
CA ALA A 72 5.16 -5.39 -12.97
C ALA A 72 3.98 -5.19 -13.92
N LEU A 73 3.57 -3.93 -14.05
CA LEU A 73 2.46 -3.59 -14.92
C LEU A 73 2.87 -3.79 -16.38
N LEU A 74 4.16 -3.59 -16.62
CA LEU A 74 4.70 -3.76 -17.97
C LEU A 74 4.62 -5.23 -18.36
N ILE A 75 4.74 -6.09 -17.37
CA ILE A 75 4.68 -7.52 -17.60
C ILE A 75 3.24 -7.94 -17.85
N ASP A 76 2.34 -7.31 -17.10
CA ASP A 76 0.91 -7.60 -17.23
C ASP A 76 0.11 -6.36 -16.85
N PRO A 77 -0.48 -5.71 -17.88
CA PRO A 77 -1.28 -4.53 -17.67
C PRO A 77 -2.65 -4.88 -17.07
N LYS A 78 -2.99 -6.15 -17.19
CA LYS A 78 -4.25 -6.63 -16.66
C LYS A 78 -4.12 -6.92 -15.16
N LYS A 79 -2.92 -6.65 -14.65
CA LYS A 79 -2.64 -6.87 -13.25
C LYS A 79 -3.37 -5.83 -12.41
N ASP A 80 -4.68 -6.03 -12.28
CA ASP A 80 -5.50 -5.11 -11.52
C ASP A 80 -4.87 -4.90 -10.13
N GLU A 81 -4.11 -5.88 -9.71
CA GLU A 81 -3.45 -5.82 -8.42
C GLU A 81 -2.33 -4.77 -8.44
N ALA A 82 -1.46 -4.92 -9.43
CA ALA A 82 -0.34 -4.00 -9.58
C ALA A 82 -0.87 -2.56 -9.59
N VAL A 83 -2.08 -2.41 -10.12
CA VAL A 83 -2.71 -1.10 -10.19
C VAL A 83 -3.19 -0.70 -8.79
N TRP A 84 -3.97 -1.58 -8.19
CA TRP A 84 -4.50 -1.32 -6.87
C TRP A 84 -3.32 -1.10 -5.92
N CYS A 85 -2.35 -1.99 -6.02
CA CYS A 85 -1.16 -1.90 -5.19
C CYS A 85 -0.62 -0.47 -5.27
N ILE A 86 -0.41 -0.02 -6.50
CA ILE A 86 0.11 1.32 -6.73
C ILE A 86 -0.75 2.32 -5.97
N GLY A 87 -2.06 2.09 -5.99
CA GLY A 87 -3.00 2.96 -5.32
C GLY A 87 -2.87 2.81 -3.80
N ASN A 88 -2.73 1.57 -3.36
CA ASN A 88 -2.60 1.29 -1.94
C ASN A 88 -1.31 1.92 -1.41
N ALA A 89 -0.32 1.96 -2.27
CA ALA A 89 0.97 2.55 -1.90
C ALA A 89 0.82 4.05 -1.74
N TYR A 90 0.32 4.68 -2.80
CA TYR A 90 0.13 6.13 -2.78
C TYR A 90 -0.84 6.53 -1.67
N THR A 91 -1.91 5.75 -1.55
CA THR A 91 -2.92 6.03 -0.53
C THR A 91 -2.27 6.10 0.85
N SER A 92 -1.41 5.13 1.13
CA SER A 92 -0.72 5.07 2.41
C SER A 92 0.25 6.24 2.53
N PHE A 93 1.06 6.42 1.49
CA PHE A 93 2.03 7.49 1.47
C PHE A 93 1.38 8.84 1.75
N ALA A 94 0.17 8.99 1.21
CA ALA A 94 -0.57 10.23 1.40
C ALA A 94 -0.78 10.47 2.90
N PHE A 95 -1.22 9.43 3.58
CA PHE A 95 -1.45 9.51 5.02
C PHE A 95 -0.17 9.89 5.76
N LEU A 96 0.96 9.65 5.10
CA LEU A 96 2.24 9.96 5.69
C LEU A 96 2.68 11.35 5.23
N THR A 97 1.89 11.92 4.33
CA THR A 97 2.19 13.24 3.80
C THR A 97 1.39 14.30 4.55
N PRO A 98 2.12 15.11 5.37
CA PRO A 98 1.49 16.17 6.15
C PRO A 98 1.12 17.36 5.26
N ASP A 99 1.73 17.38 4.08
CA ASP A 99 1.48 18.45 3.12
C ASP A 99 0.00 18.44 2.74
N GLU A 100 -0.24 18.40 1.44
CA GLU A 100 -1.59 18.40 0.92
C GLU A 100 -1.59 18.14 -0.58
N THR A 101 -0.86 19.00 -1.30
CA THR A 101 -0.77 18.88 -2.74
C THR A 101 -0.25 17.49 -3.13
N GLU A 102 0.66 16.98 -2.32
CA GLU A 102 1.23 15.67 -2.56
C GLU A 102 0.24 14.58 -2.17
N ALA A 103 -0.46 14.82 -1.07
CA ALA A 103 -1.43 13.86 -0.58
C ALA A 103 -2.63 13.83 -1.53
N LYS A 104 -3.20 15.01 -1.75
CA LYS A 104 -4.35 15.13 -2.63
C LYS A 104 -4.03 14.46 -3.96
N HIS A 105 -2.90 14.85 -4.53
CA HIS A 105 -2.46 14.29 -5.80
C HIS A 105 -2.41 12.77 -5.71
N ASN A 106 -1.74 12.30 -4.65
CA ASN A 106 -1.61 10.87 -4.43
C ASN A 106 -2.99 10.24 -4.34
N PHE A 107 -3.77 10.74 -3.39
CA PHE A 107 -5.12 10.23 -3.18
C PHE A 107 -5.89 10.19 -4.50
N ASP A 108 -5.71 11.23 -5.30
CA ASP A 108 -6.39 11.33 -6.58
C ASP A 108 -5.72 10.37 -7.56
N LEU A 109 -4.45 10.09 -7.31
CA LEU A 109 -3.70 9.20 -8.17
C LEU A 109 -4.15 7.76 -7.93
N ALA A 110 -4.13 7.37 -6.68
CA ALA A 110 -4.54 6.02 -6.29
C ALA A 110 -5.98 5.79 -6.74
N THR A 111 -6.71 6.89 -6.89
CA THR A 111 -8.10 6.83 -7.30
C THR A 111 -8.20 6.32 -8.73
N GLN A 112 -7.51 7.01 -9.63
CA GLN A 112 -7.51 6.63 -11.03
C GLN A 112 -7.08 5.17 -11.20
N PHE A 113 -6.36 4.69 -10.21
CA PHE A 113 -5.88 3.32 -10.23
C PHE A 113 -6.97 2.36 -9.73
N PHE A 114 -7.57 2.72 -8.62
CA PHE A 114 -8.62 1.90 -8.04
C PHE A 114 -9.73 1.61 -9.06
N GLN A 115 -9.83 2.51 -10.03
CA GLN A 115 -10.85 2.36 -11.07
C GLN A 115 -10.43 1.25 -12.04
N GLN A 116 -9.13 1.06 -12.16
CA GLN A 116 -8.60 0.04 -13.05
C GLN A 116 -8.65 -1.33 -12.37
N ALA A 117 -8.45 -1.32 -11.07
CA ALA A 117 -8.47 -2.55 -10.28
C ALA A 117 -9.85 -3.21 -10.42
N VAL A 118 -10.87 -2.43 -10.12
CA VAL A 118 -12.24 -2.93 -10.21
C VAL A 118 -12.56 -3.26 -11.67
N ASP A 119 -12.05 -2.43 -12.56
CA ASP A 119 -12.28 -2.62 -13.98
C ASP A 119 -12.08 -4.10 -14.33
N GLU A 120 -10.93 -4.61 -13.93
CA GLU A 120 -10.59 -6.00 -14.19
C GLU A 120 -11.58 -6.92 -13.48
N GLN A 121 -11.93 -6.54 -12.26
CA GLN A 121 -12.86 -7.32 -11.47
C GLN A 121 -13.44 -6.47 -10.33
N PRO A 122 -14.61 -5.84 -10.64
CA PRO A 122 -15.27 -4.99 -9.66
C PRO A 122 -15.97 -5.84 -8.59
N ASP A 123 -15.95 -7.15 -8.81
CA ASP A 123 -16.56 -8.07 -7.87
C ASP A 123 -15.56 -8.42 -6.77
N ASN A 124 -14.43 -7.73 -6.81
CA ASN A 124 -13.39 -7.96 -5.82
C ASN A 124 -13.70 -7.15 -4.56
N THR A 125 -13.90 -7.87 -3.46
CA THR A 125 -14.21 -7.23 -2.20
C THR A 125 -13.10 -6.25 -1.81
N HIS A 126 -11.87 -6.64 -2.12
CA HIS A 126 -10.72 -5.81 -1.82
C HIS A 126 -10.82 -4.49 -2.58
N TYR A 127 -10.88 -4.60 -3.90
CA TYR A 127 -10.99 -3.42 -4.74
C TYR A 127 -12.17 -2.56 -4.34
N LEU A 128 -13.22 -3.23 -3.88
CA LEU A 128 -14.44 -2.55 -3.46
C LEU A 128 -14.11 -1.66 -2.25
N LYS A 129 -13.36 -2.23 -1.33
CA LYS A 129 -12.99 -1.50 -0.12
C LYS A 129 -11.97 -0.41 -0.49
N SER A 130 -11.06 -0.77 -1.38
CA SER A 130 -10.04 0.17 -1.82
C SER A 130 -10.69 1.42 -2.42
N LEU A 131 -11.55 1.18 -3.41
CA LEU A 131 -12.24 2.27 -4.08
C LEU A 131 -13.21 2.93 -3.10
N GLU A 132 -13.89 2.08 -2.33
CA GLU A 132 -14.84 2.57 -1.34
C GLU A 132 -14.15 3.53 -0.37
N MET A 133 -13.01 3.09 0.13
CA MET A 133 -12.25 3.89 1.07
C MET A 133 -11.69 5.15 0.40
N THR A 134 -11.46 5.04 -0.89
CA THR A 134 -10.94 6.16 -1.67
C THR A 134 -11.91 7.33 -1.62
N ALA A 135 -13.15 7.02 -1.27
CA ALA A 135 -14.19 8.03 -1.19
C ALA A 135 -13.70 9.20 -0.33
N LYS A 136 -13.44 8.89 0.93
CA LYS A 136 -12.96 9.90 1.87
C LYS A 136 -11.42 9.91 1.85
N ALA A 137 -10.88 9.92 0.64
CA ALA A 137 -9.43 9.93 0.48
C ALA A 137 -8.87 11.24 1.05
N PRO A 138 -9.52 12.37 0.64
CA PRO A 138 -9.10 13.67 1.10
C PRO A 138 -9.53 13.91 2.56
N GLN A 139 -10.58 13.22 2.94
CA GLN A 139 -11.10 13.35 4.30
C GLN A 139 -10.27 12.48 5.26
N LEU A 140 -10.04 11.24 4.85
CA LEU A 140 -9.28 10.32 5.66
C LEU A 140 -7.97 10.99 6.10
N HIS A 141 -7.39 11.73 5.17
CA HIS A 141 -6.14 12.44 5.46
C HIS A 141 -6.39 13.53 6.50
N ALA A 142 -7.48 14.25 6.30
CA ALA A 142 -7.85 15.32 7.21
C ALA A 142 -8.10 14.74 8.60
N GLU A 143 -8.96 13.74 8.65
CA GLU A 143 -9.29 13.09 9.90
C GLU A 143 -8.10 12.29 10.42
N ALA A 144 -7.26 11.87 9.49
CA ALA A 144 -6.09 11.09 9.83
C ALA A 144 -5.17 11.94 10.72
N TYR A 145 -4.91 13.16 10.27
CA TYR A 145 -4.06 14.07 11.01
C TYR A 145 -4.87 14.87 12.03
N LYS A 146 -6.05 15.29 11.60
CA LYS A 146 -6.93 16.06 12.46
C LYS A 146 -7.17 15.28 13.76
N GLN A 147 -7.50 14.01 13.60
CA GLN A 147 -7.76 13.15 14.74
C GLN A 147 -6.47 12.91 15.53
N GLY A 148 -6.55 13.18 16.82
CA GLY A 148 -5.40 12.98 17.69
C GLY A 148 -5.70 13.50 19.10
N LEU A 149 -5.98 12.57 20.00
CA LEU A 149 -6.28 12.91 21.37
C LEU A 149 -7.60 13.66 21.43
N GLY A 150 -7.59 14.88 20.93
CA GLY A 150 -8.79 15.71 20.92
C GLY A 150 -8.54 17.02 20.18
N GLY A 151 -8.76 18.12 20.89
CA GLY A 151 -8.57 19.44 20.32
C GLY A 151 -9.88 20.23 20.33
N SER A 152 -10.26 20.69 19.15
CA SER A 152 -11.48 21.47 19.01
C SER A 152 -11.90 21.52 17.53
N HIS A 153 -12.94 20.76 17.22
CA HIS A 153 -13.44 20.72 15.85
C HIS A 153 -14.66 19.81 15.78
N HIS A 154 -15.45 19.99 14.74
CA HIS A 154 -16.65 19.20 14.54
C HIS A 154 -17.61 19.42 15.71
N HIS A 155 -18.43 20.45 15.57
CA HIS A 155 -19.40 20.79 16.60
C HIS A 155 -20.36 21.85 16.07
N HIS A 156 -21.09 21.49 15.02
CA HIS A 156 -22.03 22.41 14.42
C HIS A 156 -23.23 22.60 15.36
N HIS A 157 -23.94 21.50 15.61
CA HIS A 157 -25.09 21.54 16.48
C HIS A 157 -26.27 22.20 15.75
N HIS A 158 -26.08 23.47 15.42
CA HIS A 158 -27.11 24.22 14.72
C HIS A 158 -26.51 25.51 14.17
N GLY A 1 9.72 -24.95 11.68
CA GLY A 1 9.70 -24.52 10.29
C GLY A 1 8.72 -23.36 10.10
N PRO A 2 8.60 -22.91 8.82
CA PRO A 2 7.71 -21.81 8.49
C PRO A 2 6.25 -22.25 8.51
N LEU A 3 5.46 -21.55 9.32
CA LEU A 3 4.04 -21.87 9.45
C LEU A 3 3.38 -20.85 10.35
N GLY A 4 2.86 -19.80 9.74
CA GLY A 4 2.19 -18.74 10.48
C GLY A 4 1.38 -19.31 11.64
N SER A 5 1.61 -18.76 12.81
CA SER A 5 0.91 -19.21 14.01
C SER A 5 -0.52 -18.66 14.01
N MET A 6 -0.67 -17.46 13.48
CA MET A 6 -1.96 -16.81 13.40
C MET A 6 -2.69 -16.90 14.75
N ASP A 7 -3.93 -16.44 14.75
CA ASP A 7 -4.73 -16.45 15.96
C ASP A 7 -4.20 -15.40 16.94
N THR A 8 -2.96 -15.59 17.34
CA THR A 8 -2.33 -14.68 18.27
C THR A 8 -0.93 -14.28 17.77
N GLU A 9 -0.71 -12.98 17.70
CA GLU A 9 0.57 -12.46 17.25
C GLU A 9 0.72 -10.98 17.61
N THR A 10 1.96 -10.57 17.81
CA THR A 10 2.23 -9.19 18.16
C THR A 10 2.53 -8.36 16.90
N GLU A 11 2.32 -8.99 15.76
CA GLU A 11 2.55 -8.33 14.48
C GLU A 11 4.00 -8.54 14.03
N PHE A 12 4.86 -8.74 15.01
CA PHE A 12 6.28 -8.95 14.73
C PHE A 12 6.48 -10.22 13.91
N ASP A 13 5.97 -11.32 14.42
CA ASP A 13 6.09 -12.60 13.74
C ASP A 13 5.67 -12.43 12.28
N ARG A 14 4.62 -11.66 12.09
CA ARG A 14 4.11 -11.41 10.75
C ARG A 14 5.10 -10.57 9.95
N ILE A 15 5.76 -9.66 10.65
CA ILE A 15 6.73 -8.79 10.02
C ILE A 15 7.91 -9.63 9.50
N LEU A 16 8.22 -10.68 10.24
CA LEU A 16 9.30 -11.57 9.86
C LEU A 16 8.92 -12.33 8.60
N LEU A 17 7.65 -12.70 8.52
CA LEU A 17 7.14 -13.43 7.37
C LEU A 17 7.31 -12.57 6.12
N PHE A 18 6.87 -11.32 6.23
CA PHE A 18 6.97 -10.40 5.12
C PHE A 18 8.43 -10.11 4.76
N GLU A 19 9.26 -10.06 5.78
CA GLU A 19 10.68 -9.81 5.59
C GLU A 19 11.28 -10.85 4.66
N GLN A 20 11.11 -12.12 5.04
CA GLN A 20 11.63 -13.21 4.25
C GLN A 20 11.08 -13.15 2.82
N ILE A 21 9.87 -12.60 2.70
CA ILE A 21 9.23 -12.48 1.41
C ILE A 21 9.95 -11.39 0.60
N ARG A 22 10.04 -10.22 1.18
CA ARG A 22 10.70 -9.10 0.53
C ARG A 22 12.13 -9.48 0.14
N GLN A 23 12.86 -9.98 1.13
CA GLN A 23 14.24 -10.38 0.90
C GLN A 23 14.34 -11.26 -0.34
N ASP A 24 13.46 -12.25 -0.40
CA ASP A 24 13.44 -13.18 -1.52
C ASP A 24 12.91 -12.45 -2.76
N ALA A 25 11.74 -11.86 -2.61
CA ALA A 25 11.12 -11.14 -3.70
C ALA A 25 12.13 -10.16 -4.30
N GLU A 26 12.94 -9.60 -3.43
CA GLU A 26 13.96 -8.64 -3.86
C GLU A 26 15.01 -9.35 -4.71
N ASN A 27 15.37 -10.56 -4.29
CA ASN A 27 16.36 -11.35 -5.00
C ASN A 27 15.75 -11.88 -6.30
N THR A 28 14.43 -12.03 -6.26
CA THR A 28 13.71 -12.53 -7.43
C THR A 28 13.83 -11.55 -8.60
N TYR A 29 14.11 -10.30 -8.25
CA TYR A 29 14.25 -9.27 -9.26
C TYR A 29 15.43 -9.57 -10.19
N LYS A 30 16.62 -9.57 -9.60
CA LYS A 30 17.83 -9.84 -10.36
C LYS A 30 17.73 -11.23 -10.99
N SER A 31 16.90 -12.06 -10.39
CA SER A 31 16.70 -13.42 -10.87
C SER A 31 15.73 -13.41 -12.05
N ASN A 32 14.82 -12.46 -12.01
CA ASN A 32 13.82 -12.34 -13.06
C ASN A 32 13.07 -11.01 -12.90
N PRO A 33 13.57 -9.98 -13.63
CA PRO A 33 12.96 -8.66 -13.58
C PRO A 33 11.64 -8.63 -14.35
N LEU A 34 11.39 -9.72 -15.06
CA LEU A 34 10.17 -9.83 -15.85
C LEU A 34 9.08 -10.49 -15.00
N ASP A 35 9.42 -10.76 -13.75
CA ASP A 35 8.47 -11.38 -12.84
C ASP A 35 7.54 -10.30 -12.27
N ALA A 36 6.35 -10.22 -12.87
CA ALA A 36 5.37 -9.24 -12.44
C ALA A 36 4.72 -9.73 -11.14
N ASP A 37 4.24 -10.96 -11.17
CA ASP A 37 3.60 -11.55 -10.01
C ASP A 37 4.48 -11.32 -8.78
N ASN A 38 5.72 -11.76 -8.88
CA ASN A 38 6.65 -11.60 -7.78
C ASN A 38 6.83 -10.12 -7.47
N LEU A 39 6.79 -9.32 -8.53
CA LEU A 39 6.94 -7.88 -8.38
C LEU A 39 5.82 -7.34 -7.49
N THR A 40 4.60 -7.74 -7.83
CA THR A 40 3.44 -7.31 -7.06
C THR A 40 3.58 -7.72 -5.59
N ARG A 41 4.14 -8.90 -5.40
CA ARG A 41 4.33 -9.43 -4.05
C ARG A 41 5.43 -8.64 -3.33
N TRP A 42 6.53 -8.45 -4.04
CA TRP A 42 7.66 -7.71 -3.48
C TRP A 42 7.14 -6.35 -3.00
N GLY A 43 6.06 -5.90 -3.64
CA GLY A 43 5.47 -4.62 -3.28
C GLY A 43 4.47 -4.79 -2.14
N GLY A 44 3.49 -5.66 -2.37
CA GLY A 44 2.46 -5.92 -1.38
C GLY A 44 3.08 -6.11 0.00
N VAL A 45 4.21 -6.81 0.03
CA VAL A 45 4.90 -7.07 1.28
C VAL A 45 5.45 -5.76 1.84
N LEU A 46 6.11 -5.02 0.97
CA LEU A 46 6.69 -3.74 1.36
C LEU A 46 5.64 -2.91 2.10
N LEU A 47 4.46 -2.83 1.49
CA LEU A 47 3.37 -2.08 2.08
C LEU A 47 3.06 -2.64 3.48
N GLU A 48 3.00 -3.97 3.54
CA GLU A 48 2.71 -4.64 4.80
C GLU A 48 3.71 -4.20 5.87
N LEU A 49 4.99 -4.35 5.54
CA LEU A 49 6.05 -3.99 6.46
C LEU A 49 5.96 -2.49 6.76
N SER A 50 5.63 -1.73 5.73
CA SER A 50 5.51 -0.29 5.86
C SER A 50 4.43 0.06 6.90
N GLN A 51 3.62 -0.96 7.21
CA GLN A 51 2.55 -0.78 8.18
C GLN A 51 3.13 -0.55 9.57
N PHE A 52 4.44 -0.72 9.67
CA PHE A 52 5.12 -0.53 10.95
C PHE A 52 6.61 -0.27 10.73
N HIS A 53 6.89 0.89 10.13
CA HIS A 53 8.26 1.28 9.86
C HIS A 53 8.34 2.80 9.71
N SER A 54 9.17 3.40 10.55
CA SER A 54 9.34 4.84 10.52
C SER A 54 8.82 5.41 9.20
N ILE A 55 7.94 6.38 9.32
CA ILE A 55 7.35 7.02 8.15
C ILE A 55 8.46 7.35 7.15
N SER A 56 9.53 7.92 7.68
CA SER A 56 10.66 8.29 6.85
C SER A 56 11.03 7.13 5.91
N ASP A 57 11.18 5.96 6.51
CA ASP A 57 11.52 4.77 5.75
C ASP A 57 10.28 4.25 5.03
N ALA A 58 9.17 4.31 5.73
CA ALA A 58 7.90 3.84 5.17
C ALA A 58 7.74 4.41 3.76
N LYS A 59 7.85 5.73 3.67
CA LYS A 59 7.72 6.41 2.39
C LYS A 59 8.66 5.76 1.38
N GLN A 60 9.94 5.77 1.72
CA GLN A 60 10.94 5.18 0.85
C GLN A 60 10.53 3.77 0.43
N MET A 61 10.07 3.01 1.42
CA MET A 61 9.65 1.64 1.17
C MET A 61 8.43 1.60 0.24
N ILE A 62 7.58 2.62 0.40
CA ILE A 62 6.38 2.71 -0.42
C ILE A 62 6.76 3.11 -1.84
N GLN A 63 7.52 4.19 -1.93
CA GLN A 63 7.96 4.69 -3.22
C GLN A 63 8.50 3.54 -4.08
N GLU A 64 9.47 2.83 -3.51
CA GLU A 64 10.08 1.71 -4.21
C GLU A 64 9.02 0.66 -4.55
N ALA A 65 8.09 0.49 -3.63
CA ALA A 65 7.01 -0.48 -3.82
C ALA A 65 6.22 -0.12 -5.08
N ILE A 66 6.22 1.18 -5.38
CA ILE A 66 5.50 1.67 -6.54
C ILE A 66 6.33 1.39 -7.79
N THR A 67 7.57 1.86 -7.76
CA THR A 67 8.47 1.67 -8.88
C THR A 67 8.47 0.21 -9.33
N LYS A 68 8.22 -0.67 -8.37
CA LYS A 68 8.18 -2.09 -8.64
C LYS A 68 6.91 -2.43 -9.43
N PHE A 69 5.80 -1.91 -8.93
CA PHE A 69 4.51 -2.14 -9.56
C PHE A 69 4.54 -1.70 -11.03
N GLU A 70 5.22 -0.59 -11.27
CA GLU A 70 5.32 -0.06 -12.62
C GLU A 70 5.90 -1.11 -13.57
N GLU A 71 7.03 -1.68 -13.14
CA GLU A 71 7.69 -2.70 -13.94
C GLU A 71 6.77 -3.91 -14.12
N ALA A 72 6.04 -4.23 -13.07
CA ALA A 72 5.13 -5.35 -13.10
C ALA A 72 4.06 -5.10 -14.16
N LEU A 73 3.57 -3.87 -14.18
CA LEU A 73 2.54 -3.49 -15.14
C LEU A 73 3.10 -3.63 -16.56
N LEU A 74 4.41 -3.44 -16.67
CA LEU A 74 5.07 -3.54 -17.96
C LEU A 74 5.04 -5.00 -18.43
N ILE A 75 5.30 -5.89 -17.49
CA ILE A 75 5.31 -7.31 -17.79
C ILE A 75 3.91 -7.76 -18.19
N ASP A 76 2.93 -7.26 -17.44
CA ASP A 76 1.53 -7.59 -17.72
C ASP A 76 0.64 -6.47 -17.19
N PRO A 77 -0.08 -5.81 -18.14
CA PRO A 77 -0.97 -4.72 -17.78
C PRO A 77 -2.25 -5.25 -17.14
N LYS A 78 -2.37 -6.57 -17.14
CA LYS A 78 -3.54 -7.22 -16.56
C LYS A 78 -3.35 -7.33 -15.04
N LYS A 79 -2.18 -6.91 -14.59
CA LYS A 79 -1.87 -6.96 -13.16
C LYS A 79 -2.75 -5.95 -12.43
N ASP A 80 -4.03 -6.27 -12.36
CA ASP A 80 -4.97 -5.39 -11.68
C ASP A 80 -4.46 -5.08 -10.27
N GLU A 81 -3.84 -6.08 -9.67
CA GLU A 81 -3.29 -5.92 -8.33
C GLU A 81 -2.21 -4.84 -8.32
N ALA A 82 -1.29 -4.96 -9.27
CA ALA A 82 -0.21 -4.00 -9.38
C ALA A 82 -0.78 -2.58 -9.42
N VAL A 83 -1.97 -2.48 -10.01
CA VAL A 83 -2.64 -1.19 -10.12
C VAL A 83 -3.20 -0.79 -8.75
N TRP A 84 -3.97 -1.70 -8.17
CA TRP A 84 -4.58 -1.46 -6.88
C TRP A 84 -3.45 -1.20 -5.88
N CYS A 85 -2.45 -2.07 -5.92
CA CYS A 85 -1.31 -1.94 -5.03
C CYS A 85 -0.78 -0.51 -5.12
N ILE A 86 -0.56 -0.07 -6.35
CA ILE A 86 -0.06 1.27 -6.58
C ILE A 86 -0.93 2.28 -5.84
N GLY A 87 -2.23 2.09 -5.96
CA GLY A 87 -3.18 2.97 -5.31
C GLY A 87 -3.07 2.86 -3.78
N ASN A 88 -2.90 1.63 -3.32
CA ASN A 88 -2.78 1.38 -1.89
C ASN A 88 -1.50 2.05 -1.37
N ALA A 89 -0.47 2.02 -2.20
CA ALA A 89 0.80 2.62 -1.83
C ALA A 89 0.64 4.13 -1.72
N TYR A 90 0.13 4.72 -2.80
CA TYR A 90 -0.07 6.16 -2.83
C TYR A 90 -0.93 6.61 -1.64
N THR A 91 -2.01 5.87 -1.41
CA THR A 91 -2.91 6.18 -0.32
C THR A 91 -2.16 6.20 1.01
N SER A 92 -1.41 5.12 1.25
CA SER A 92 -0.64 5.00 2.48
C SER A 92 0.40 6.12 2.55
N PHE A 93 1.15 6.26 1.47
CA PHE A 93 2.19 7.28 1.40
C PHE A 93 1.60 8.67 1.64
N ALA A 94 0.35 8.83 1.23
CA ALA A 94 -0.34 10.09 1.39
C ALA A 94 -0.49 10.40 2.88
N PHE A 95 -1.01 9.42 3.59
CA PHE A 95 -1.22 9.57 5.03
C PHE A 95 0.07 9.99 5.73
N LEU A 96 1.19 9.65 5.10
CA LEU A 96 2.50 9.98 5.65
C LEU A 96 2.92 11.35 5.13
N THR A 97 2.30 11.77 4.03
CA THR A 97 2.60 13.05 3.42
C THR A 97 1.66 14.13 3.97
N PRO A 98 2.28 15.14 4.64
CA PRO A 98 1.51 16.23 5.21
C PRO A 98 1.04 17.20 4.13
N ASP A 99 1.76 17.19 3.02
CA ASP A 99 1.43 18.06 1.89
C ASP A 99 0.05 17.69 1.36
N GLU A 100 -0.96 18.26 2.01
CA GLU A 100 -2.34 18.00 1.61
C GLU A 100 -2.45 17.92 0.08
N THR A 101 -1.85 18.90 -0.57
CA THR A 101 -1.86 18.95 -2.02
C THR A 101 -1.37 17.64 -2.61
N GLU A 102 -0.18 17.24 -2.18
CA GLU A 102 0.42 16.00 -2.66
C GLU A 102 -0.40 14.79 -2.17
N ALA A 103 -0.66 14.79 -0.87
CA ALA A 103 -1.42 13.72 -0.26
C ALA A 103 -2.73 13.54 -1.02
N LYS A 104 -3.46 14.64 -1.14
CA LYS A 104 -4.73 14.62 -1.84
C LYS A 104 -4.51 14.15 -3.28
N HIS A 105 -3.54 14.78 -3.93
CA HIS A 105 -3.23 14.44 -5.31
C HIS A 105 -3.09 12.92 -5.45
N ASN A 106 -2.31 12.36 -4.54
CA ASN A 106 -2.08 10.92 -4.54
C ASN A 106 -3.43 10.19 -4.45
N PHE A 107 -4.17 10.52 -3.40
CA PHE A 107 -5.46 9.91 -3.18
C PHE A 107 -6.33 10.00 -4.43
N ASP A 108 -6.27 11.16 -5.07
CA ASP A 108 -7.05 11.39 -6.28
C ASP A 108 -6.40 10.64 -7.44
N LEU A 109 -5.14 10.29 -7.26
CA LEU A 109 -4.41 9.57 -8.27
C LEU A 109 -4.76 8.08 -8.20
N ALA A 110 -4.69 7.55 -6.99
CA ALA A 110 -5.00 6.14 -6.78
C ALA A 110 -6.40 5.84 -7.32
N THR A 111 -7.20 6.90 -7.40
CA THR A 111 -8.56 6.75 -7.91
C THR A 111 -8.54 6.22 -9.34
N GLN A 112 -7.81 6.91 -10.19
CA GLN A 112 -7.70 6.52 -11.58
C GLN A 112 -7.15 5.10 -11.70
N PHE A 113 -6.44 4.69 -10.65
CA PHE A 113 -5.85 3.36 -10.62
C PHE A 113 -6.87 2.32 -10.16
N PHE A 114 -7.57 2.66 -9.09
CA PHE A 114 -8.58 1.76 -8.54
C PHE A 114 -9.58 1.34 -9.62
N GLN A 115 -9.90 2.29 -10.48
CA GLN A 115 -10.85 2.04 -11.55
C GLN A 115 -10.38 0.84 -12.39
N GLN A 116 -9.07 0.70 -12.49
CA GLN A 116 -8.48 -0.39 -13.25
C GLN A 116 -8.58 -1.70 -12.45
N ALA A 117 -8.33 -1.58 -11.16
CA ALA A 117 -8.38 -2.74 -10.28
C ALA A 117 -9.81 -3.30 -10.26
N VAL A 118 -10.74 -2.42 -9.92
CA VAL A 118 -12.14 -2.81 -9.85
C VAL A 118 -12.63 -3.16 -11.26
N ASP A 119 -12.08 -2.46 -12.24
CA ASP A 119 -12.45 -2.70 -13.63
C ASP A 119 -12.52 -4.20 -13.89
N GLU A 120 -11.51 -4.90 -13.39
CA GLU A 120 -11.44 -6.34 -13.56
C GLU A 120 -12.45 -7.04 -12.63
N GLN A 121 -12.49 -6.56 -11.40
CA GLN A 121 -13.40 -7.13 -10.41
C GLN A 121 -14.01 -6.02 -9.56
N PRO A 122 -15.08 -5.39 -10.14
CA PRO A 122 -15.78 -4.31 -9.44
C PRO A 122 -16.65 -4.86 -8.31
N ASP A 123 -16.64 -6.17 -8.18
CA ASP A 123 -17.42 -6.83 -7.15
C ASP A 123 -16.49 -7.31 -6.03
N ASN A 124 -15.20 -7.28 -6.33
CA ASN A 124 -14.21 -7.70 -5.36
C ASN A 124 -14.28 -6.81 -4.12
N THR A 125 -14.35 -7.45 -2.97
CA THR A 125 -14.42 -6.74 -1.71
C THR A 125 -13.24 -5.79 -1.56
N HIS A 126 -12.05 -6.34 -1.71
CA HIS A 126 -10.84 -5.56 -1.60
C HIS A 126 -10.90 -4.38 -2.56
N TYR A 127 -11.01 -4.70 -3.84
CA TYR A 127 -11.09 -3.68 -4.87
C TYR A 127 -12.19 -2.66 -4.56
N LEU A 128 -13.17 -3.13 -3.80
CA LEU A 128 -14.29 -2.28 -3.43
C LEU A 128 -13.84 -1.28 -2.35
N LYS A 129 -13.20 -1.83 -1.32
CA LYS A 129 -12.72 -1.02 -0.22
C LYS A 129 -11.70 -0.01 -0.76
N SER A 130 -10.80 -0.50 -1.58
CA SER A 130 -9.77 0.34 -2.17
C SER A 130 -10.42 1.52 -2.91
N LEU A 131 -11.51 1.21 -3.60
CA LEU A 131 -12.22 2.24 -4.35
C LEU A 131 -12.97 3.15 -3.37
N GLU A 132 -13.82 2.53 -2.56
CA GLU A 132 -14.59 3.27 -1.58
C GLU A 132 -13.69 4.17 -0.74
N MET A 133 -12.45 3.72 -0.57
CA MET A 133 -11.47 4.46 0.20
C MET A 133 -11.34 5.89 -0.33
N THR A 134 -11.63 6.04 -1.62
CA THR A 134 -11.54 7.34 -2.26
C THR A 134 -12.64 8.27 -1.71
N ALA A 135 -13.69 7.66 -1.19
CA ALA A 135 -14.80 8.42 -0.64
C ALA A 135 -14.25 9.53 0.27
N LYS A 136 -13.48 9.10 1.26
CA LYS A 136 -12.89 10.04 2.20
C LYS A 136 -11.38 10.08 2.00
N ALA A 137 -10.98 10.20 0.74
CA ALA A 137 -9.57 10.25 0.39
C ALA A 137 -8.95 11.50 1.02
N PRO A 138 -9.56 12.67 0.70
CA PRO A 138 -9.06 13.93 1.23
C PRO A 138 -9.44 14.10 2.70
N GLN A 139 -10.47 13.37 3.09
CA GLN A 139 -10.94 13.42 4.47
C GLN A 139 -10.06 12.55 5.37
N LEU A 140 -9.87 11.31 4.94
CA LEU A 140 -9.05 10.36 5.68
C LEU A 140 -7.73 11.03 6.05
N HIS A 141 -7.19 11.77 5.09
CA HIS A 141 -5.92 12.45 5.30
C HIS A 141 -6.11 13.58 6.31
N ALA A 142 -7.19 14.32 6.13
CA ALA A 142 -7.50 15.43 7.02
C ALA A 142 -7.70 14.89 8.44
N GLU A 143 -8.57 13.90 8.54
CA GLU A 143 -8.86 13.28 9.84
C GLU A 143 -7.65 12.50 10.33
N ALA A 144 -6.85 12.04 9.39
CA ALA A 144 -5.65 11.28 9.73
C ALA A 144 -4.69 12.18 10.51
N TYR A 145 -4.46 13.36 9.98
CA TYR A 145 -3.57 14.31 10.62
C TYR A 145 -4.31 15.14 11.67
N LYS A 146 -5.54 15.51 11.32
CA LYS A 146 -6.36 16.30 12.22
C LYS A 146 -6.64 15.50 13.49
N GLN A 147 -7.05 14.25 13.28
CA GLN A 147 -7.36 13.37 14.41
C GLN A 147 -6.08 12.69 14.90
N GLY A 148 -5.89 12.76 16.22
CA GLY A 148 -4.72 12.15 16.83
C GLY A 148 -4.49 10.74 16.28
N LEU A 149 -3.30 10.55 15.72
CA LEU A 149 -2.94 9.26 15.16
C LEU A 149 -1.44 9.24 14.85
N GLY A 150 -1.05 10.11 13.93
CA GLY A 150 0.34 10.20 13.54
C GLY A 150 0.96 11.53 13.99
N GLY A 151 2.21 11.72 13.61
CA GLY A 151 2.92 12.94 13.98
C GLY A 151 2.77 14.01 12.90
N SER A 152 2.76 15.26 13.34
CA SER A 152 2.62 16.38 12.42
C SER A 152 2.83 17.69 13.17
N HIS A 153 2.92 18.77 12.39
CA HIS A 153 3.11 20.09 12.97
C HIS A 153 4.47 20.16 13.65
N HIS A 154 5.10 21.33 13.52
CA HIS A 154 6.41 21.54 14.12
C HIS A 154 6.35 22.71 15.09
N HIS A 155 6.02 23.88 14.54
CA HIS A 155 5.93 25.08 15.35
C HIS A 155 7.32 25.49 15.83
N HIS A 156 7.86 26.51 15.18
CA HIS A 156 9.18 27.01 15.53
C HIS A 156 9.42 28.36 14.84
N HIS A 157 10.10 29.23 15.55
CA HIS A 157 10.40 30.56 15.03
C HIS A 157 11.79 30.99 15.49
N HIS A 158 12.46 31.73 14.62
CA HIS A 158 13.80 32.22 14.93
C HIS A 158 14.61 31.10 15.58
N GLY A 1 7.77 -27.35 10.62
CA GLY A 1 6.97 -27.73 11.78
C GLY A 1 5.55 -27.18 11.67
N PRO A 2 4.74 -27.81 10.79
CA PRO A 2 3.37 -27.39 10.58
C PRO A 2 2.48 -27.81 11.75
N LEU A 3 2.07 -26.81 12.52
CA LEU A 3 1.22 -27.08 13.68
C LEU A 3 0.43 -25.80 14.01
N GLY A 4 1.16 -24.77 14.35
CA GLY A 4 0.54 -23.50 14.70
C GLY A 4 1.61 -22.41 14.92
N SER A 5 2.41 -22.19 13.89
CA SER A 5 3.46 -21.19 13.96
C SER A 5 2.86 -19.78 13.82
N MET A 6 1.70 -19.74 13.18
CA MET A 6 1.02 -18.46 12.97
C MET A 6 0.30 -18.02 14.24
N ASP A 7 0.40 -16.73 14.52
CA ASP A 7 -0.23 -16.17 15.69
C ASP A 7 -0.07 -14.65 15.69
N THR A 8 1.18 -14.22 15.72
CA THR A 8 1.50 -12.80 15.71
C THR A 8 1.46 -12.24 17.13
N GLU A 9 2.09 -11.08 17.29
CA GLU A 9 2.14 -10.43 18.58
C GLU A 9 2.95 -9.14 18.50
N THR A 10 2.25 -8.02 18.68
CA THR A 10 2.88 -6.72 18.62
C THR A 10 3.03 -6.26 17.17
N GLU A 11 2.67 -7.16 16.26
CA GLU A 11 2.76 -6.85 14.84
C GLU A 11 4.14 -7.22 14.30
N PHE A 12 5.14 -7.02 15.15
CA PHE A 12 6.51 -7.33 14.78
C PHE A 12 6.62 -8.74 14.18
N ASP A 13 6.11 -9.70 14.94
CA ASP A 13 6.15 -11.09 14.51
C ASP A 13 5.65 -11.17 13.05
N ARG A 14 4.61 -10.40 12.78
CA ARG A 14 4.03 -10.38 11.44
C ARG A 14 4.96 -9.63 10.47
N ILE A 15 5.60 -8.59 11.00
CA ILE A 15 6.51 -7.79 10.21
C ILE A 15 7.64 -8.67 9.67
N LEU A 16 8.02 -9.64 10.49
CA LEU A 16 9.07 -10.56 10.12
C LEU A 16 8.63 -11.37 8.89
N LEU A 17 7.37 -11.76 8.91
CA LEU A 17 6.81 -12.54 7.81
C LEU A 17 6.97 -11.75 6.51
N PHE A 18 6.57 -10.49 6.56
CA PHE A 18 6.66 -9.63 5.39
C PHE A 18 8.11 -9.43 4.97
N GLU A 19 9.00 -9.53 5.96
CA GLU A 19 10.42 -9.36 5.71
C GLU A 19 10.95 -10.50 4.83
N GLN A 20 10.77 -11.71 5.33
CA GLN A 20 11.22 -12.90 4.60
C GLN A 20 10.70 -12.87 3.17
N ILE A 21 9.49 -12.34 3.01
CA ILE A 21 8.88 -12.24 1.70
C ILE A 21 9.60 -11.18 0.88
N ARG A 22 9.72 -9.99 1.47
CA ARG A 22 10.37 -8.88 0.81
C ARG A 22 11.79 -9.28 0.39
N GLN A 23 12.39 -10.15 1.19
CA GLN A 23 13.73 -10.62 0.92
C GLN A 23 13.74 -11.51 -0.32
N ASP A 24 12.89 -12.52 -0.29
CA ASP A 24 12.78 -13.45 -1.40
C ASP A 24 12.18 -12.74 -2.61
N ALA A 25 11.34 -11.75 -2.31
CA ALA A 25 10.69 -10.99 -3.36
C ALA A 25 11.71 -10.04 -4.01
N GLU A 26 12.47 -9.37 -3.15
CA GLU A 26 13.48 -8.45 -3.63
C GLU A 26 14.59 -9.20 -4.36
N ASN A 27 15.03 -10.29 -3.76
CA ASN A 27 16.08 -11.10 -4.34
C ASN A 27 15.56 -11.74 -5.63
N THR A 28 14.32 -12.18 -5.58
CA THR A 28 13.69 -12.81 -6.73
C THR A 28 13.76 -11.88 -7.94
N TYR A 29 13.88 -10.59 -7.66
CA TYR A 29 13.96 -9.60 -8.73
C TYR A 29 15.10 -9.92 -9.70
N LYS A 30 16.31 -9.94 -9.15
CA LYS A 30 17.49 -10.22 -9.95
C LYS A 30 17.31 -11.59 -10.63
N SER A 31 16.51 -12.43 -10.00
CA SER A 31 16.26 -13.76 -10.53
C SER A 31 15.39 -13.66 -11.79
N ASN A 32 14.48 -12.70 -11.77
CA ASN A 32 13.59 -12.49 -12.90
C ASN A 32 12.83 -11.17 -12.71
N PRO A 33 13.38 -10.10 -13.35
CA PRO A 33 12.77 -8.78 -13.26
C PRO A 33 11.52 -8.70 -14.12
N LEU A 34 11.21 -9.81 -14.78
CA LEU A 34 10.04 -9.87 -15.64
C LEU A 34 8.93 -10.62 -14.91
N ASP A 35 9.12 -10.79 -13.61
CA ASP A 35 8.14 -11.49 -12.79
C ASP A 35 7.14 -10.48 -12.22
N ALA A 36 6.00 -10.37 -12.88
CA ALA A 36 4.97 -9.44 -12.45
C ALA A 36 4.33 -9.97 -11.17
N ASP A 37 4.37 -11.29 -11.02
CA ASP A 37 3.79 -11.92 -9.84
C ASP A 37 4.66 -11.62 -8.62
N ASN A 38 5.95 -11.89 -8.78
CA ASN A 38 6.90 -11.64 -7.70
C ASN A 38 7.09 -10.14 -7.52
N LEU A 39 7.10 -9.44 -8.65
CA LEU A 39 7.28 -8.00 -8.63
C LEU A 39 6.13 -7.36 -7.85
N THR A 40 4.92 -7.77 -8.20
CA THR A 40 3.73 -7.25 -7.54
C THR A 40 3.74 -7.62 -6.06
N ARG A 41 4.23 -8.81 -5.78
CA ARG A 41 4.29 -9.29 -4.42
C ARG A 41 5.36 -8.52 -3.63
N TRP A 42 6.51 -8.35 -4.28
CA TRP A 42 7.61 -7.64 -3.66
C TRP A 42 7.09 -6.29 -3.15
N GLY A 43 6.05 -5.80 -3.83
CA GLY A 43 5.45 -4.54 -3.46
C GLY A 43 4.40 -4.73 -2.37
N GLY A 44 3.50 -5.67 -2.62
CA GLY A 44 2.44 -5.95 -1.66
C GLY A 44 2.97 -5.97 -0.23
N VAL A 45 4.12 -6.62 -0.07
CA VAL A 45 4.75 -6.71 1.25
C VAL A 45 5.23 -5.32 1.68
N LEU A 46 5.90 -4.65 0.75
CA LEU A 46 6.42 -3.32 1.02
C LEU A 46 5.30 -2.46 1.62
N LEU A 47 4.12 -2.57 1.01
CA LEU A 47 2.97 -1.82 1.45
C LEU A 47 2.63 -2.20 2.90
N GLU A 48 2.80 -3.49 3.18
CA GLU A 48 2.53 -4.00 4.51
C GLU A 48 3.51 -3.42 5.52
N LEU A 49 4.78 -3.63 5.25
CA LEU A 49 5.83 -3.12 6.13
C LEU A 49 5.75 -1.60 6.18
N SER A 50 5.32 -1.02 5.06
CA SER A 50 5.20 0.43 4.97
C SER A 50 4.35 0.97 6.11
N GLN A 51 3.59 0.06 6.71
CA GLN A 51 2.73 0.43 7.82
C GLN A 51 3.56 0.81 9.04
N PHE A 52 4.87 0.63 8.91
CA PHE A 52 5.78 0.94 9.99
C PHE A 52 7.20 1.19 9.45
N HIS A 53 8.17 0.65 10.17
CA HIS A 53 9.56 0.78 9.78
C HIS A 53 9.92 2.28 9.71
N SER A 54 9.06 3.09 10.33
CA SER A 54 9.28 4.52 10.34
C SER A 54 8.75 5.16 9.05
N ILE A 55 8.03 6.25 9.23
CA ILE A 55 7.46 6.96 8.09
C ILE A 55 8.57 7.29 7.09
N SER A 56 9.71 7.69 7.64
CA SER A 56 10.85 8.03 6.81
C SER A 56 11.15 6.90 5.82
N ASP A 57 11.39 5.73 6.39
CA ASP A 57 11.69 4.55 5.58
C ASP A 57 10.42 4.07 4.89
N ALA A 58 9.33 4.07 5.66
CA ALA A 58 8.05 3.63 5.14
C ALA A 58 7.81 4.28 3.77
N LYS A 59 7.95 5.60 3.75
CA LYS A 59 7.74 6.35 2.52
C LYS A 59 8.64 5.77 1.43
N GLN A 60 9.93 5.73 1.71
CA GLN A 60 10.90 5.20 0.76
C GLN A 60 10.45 3.82 0.27
N MET A 61 9.97 3.02 1.21
CA MET A 61 9.51 1.68 0.89
C MET A 61 8.34 1.72 -0.09
N ILE A 62 7.51 2.75 0.07
CA ILE A 62 6.34 2.91 -0.78
C ILE A 62 6.80 3.35 -2.17
N GLN A 63 7.68 4.34 -2.18
CA GLN A 63 8.19 4.87 -3.43
C GLN A 63 8.66 3.73 -4.34
N GLU A 64 9.53 2.90 -3.78
CA GLU A 64 10.06 1.76 -4.53
C GLU A 64 8.94 0.76 -4.83
N ALA A 65 8.00 0.66 -3.89
CA ALA A 65 6.88 -0.26 -4.05
C ALA A 65 6.10 0.12 -5.31
N ILE A 66 6.06 1.42 -5.58
CA ILE A 66 5.34 1.92 -6.74
C ILE A 66 6.17 1.62 -8.00
N THR A 67 7.39 2.12 -8.01
CA THR A 67 8.28 1.91 -9.14
C THR A 67 8.34 0.42 -9.50
N LYS A 68 8.15 -0.41 -8.49
CA LYS A 68 8.18 -1.85 -8.68
C LYS A 68 6.97 -2.27 -9.49
N PHE A 69 5.81 -1.76 -9.08
CA PHE A 69 4.56 -2.08 -9.75
C PHE A 69 4.61 -1.64 -11.21
N GLU A 70 5.19 -0.47 -11.43
CA GLU A 70 5.30 0.07 -12.77
C GLU A 70 5.86 -0.98 -13.73
N GLU A 71 7.03 -1.50 -13.36
CA GLU A 71 7.69 -2.52 -14.17
C GLU A 71 6.83 -3.77 -14.24
N ALA A 72 6.17 -4.07 -13.13
CA ALA A 72 5.31 -5.24 -13.06
C ALA A 72 4.17 -5.10 -14.07
N LEU A 73 3.65 -3.88 -14.16
CA LEU A 73 2.56 -3.59 -15.07
C LEU A 73 3.04 -3.82 -16.51
N LEU A 74 4.32 -3.59 -16.72
CA LEU A 74 4.91 -3.76 -18.04
C LEU A 74 4.88 -5.24 -18.41
N ILE A 75 5.08 -6.07 -17.40
CA ILE A 75 5.09 -7.52 -17.61
C ILE A 75 3.65 -8.00 -17.81
N ASP A 76 2.75 -7.47 -17.01
CA ASP A 76 1.35 -7.83 -17.09
C ASP A 76 0.48 -6.61 -16.79
N PRO A 77 -0.11 -6.04 -17.87
CA PRO A 77 -0.96 -4.87 -17.73
C PRO A 77 -2.32 -5.24 -17.13
N LYS A 78 -2.63 -6.53 -17.23
CA LYS A 78 -3.90 -7.04 -16.72
C LYS A 78 -3.76 -7.28 -15.21
N LYS A 79 -2.59 -6.96 -14.69
CA LYS A 79 -2.32 -7.14 -13.28
C LYS A 79 -3.05 -6.07 -12.48
N ASP A 80 -4.35 -6.26 -12.33
CA ASP A 80 -5.17 -5.30 -11.60
C ASP A 80 -4.55 -5.06 -10.22
N GLU A 81 -3.80 -6.05 -9.75
CA GLU A 81 -3.15 -5.95 -8.46
C GLU A 81 -2.12 -4.83 -8.48
N ALA A 82 -1.22 -4.90 -9.46
CA ALA A 82 -0.17 -3.90 -9.59
C ALA A 82 -0.81 -2.52 -9.62
N VAL A 83 -2.01 -2.45 -10.18
CA VAL A 83 -2.73 -1.19 -10.27
C VAL A 83 -3.27 -0.82 -8.88
N TRP A 84 -4.00 -1.76 -8.29
CA TRP A 84 -4.57 -1.55 -6.98
C TRP A 84 -3.43 -1.23 -6.00
N CYS A 85 -2.42 -2.10 -6.03
CA CYS A 85 -1.27 -1.93 -5.17
C CYS A 85 -0.76 -0.50 -5.30
N ILE A 86 -0.53 -0.11 -6.54
CA ILE A 86 -0.04 1.23 -6.83
C ILE A 86 -0.95 2.25 -6.15
N GLY A 87 -2.23 1.90 -6.06
CA GLY A 87 -3.21 2.78 -5.43
C GLY A 87 -3.09 2.72 -3.91
N ASN A 88 -2.98 1.50 -3.40
CA ASN A 88 -2.87 1.29 -1.97
C ASN A 88 -1.57 1.91 -1.46
N ALA A 89 -0.57 1.90 -2.35
CA ALA A 89 0.73 2.45 -2.00
C ALA A 89 0.61 3.97 -1.85
N TYR A 90 0.10 4.60 -2.92
CA TYR A 90 -0.06 6.04 -2.91
C TYR A 90 -0.93 6.49 -1.74
N THR A 91 -1.97 5.70 -1.47
CA THR A 91 -2.88 6.01 -0.38
C THR A 91 -2.12 6.07 0.95
N SER A 92 -1.35 5.02 1.20
CA SER A 92 -0.57 4.95 2.42
C SER A 92 0.45 6.08 2.47
N PHE A 93 1.21 6.20 1.39
CA PHE A 93 2.22 7.24 1.30
C PHE A 93 1.61 8.62 1.58
N ALA A 94 0.36 8.77 1.17
CA ALA A 94 -0.34 10.03 1.36
C ALA A 94 -0.49 10.29 2.87
N PHE A 95 -1.01 9.28 3.56
CA PHE A 95 -1.21 9.39 4.99
C PHE A 95 0.09 9.76 5.70
N LEU A 96 1.19 9.56 5.00
CA LEU A 96 2.49 9.87 5.56
C LEU A 96 2.92 11.27 5.10
N THR A 97 2.29 11.73 4.02
CA THR A 97 2.59 13.04 3.49
C THR A 97 1.60 14.07 4.02
N PRO A 98 2.15 15.07 4.76
CA PRO A 98 1.32 16.12 5.34
C PRO A 98 0.89 17.12 4.25
N ASP A 99 1.68 17.19 3.20
CA ASP A 99 1.39 18.09 2.11
C ASP A 99 0.02 17.74 1.51
N GLU A 100 -1.01 18.35 2.09
CA GLU A 100 -2.37 18.11 1.63
C GLU A 100 -2.40 18.03 0.10
N THR A 101 -1.76 19.00 -0.53
CA THR A 101 -1.71 19.04 -1.98
C THR A 101 -1.21 17.71 -2.55
N GLU A 102 -0.02 17.33 -2.11
CA GLU A 102 0.58 16.08 -2.56
C GLU A 102 -0.25 14.89 -2.07
N ALA A 103 -0.75 15.02 -0.84
CA ALA A 103 -1.55 13.97 -0.25
C ALA A 103 -2.80 13.75 -1.10
N LYS A 104 -3.52 14.83 -1.34
CA LYS A 104 -4.74 14.78 -2.13
C LYS A 104 -4.40 14.27 -3.53
N HIS A 105 -3.42 14.90 -4.14
CA HIS A 105 -2.99 14.51 -5.48
C HIS A 105 -2.79 13.00 -5.53
N ASN A 106 -2.21 12.47 -4.46
CA ASN A 106 -1.96 11.04 -4.37
C ASN A 106 -3.29 10.29 -4.31
N PHE A 107 -4.11 10.68 -3.34
CA PHE A 107 -5.41 10.05 -3.16
C PHE A 107 -6.19 10.02 -4.48
N ASP A 108 -6.09 11.13 -5.21
CA ASP A 108 -6.78 11.24 -6.49
C ASP A 108 -6.05 10.39 -7.53
N LEU A 109 -4.80 10.07 -7.23
CA LEU A 109 -4.00 9.26 -8.13
C LEU A 109 -4.38 7.80 -7.97
N ALA A 110 -4.43 7.35 -6.72
CA ALA A 110 -4.78 5.99 -6.42
C ALA A 110 -6.18 5.69 -6.98
N THR A 111 -6.96 6.75 -7.14
CA THR A 111 -8.30 6.61 -7.66
C THR A 111 -8.28 6.01 -9.07
N GLN A 112 -7.52 6.68 -9.94
CA GLN A 112 -7.40 6.22 -11.32
C GLN A 112 -6.97 4.76 -11.36
N PHE A 113 -6.29 4.35 -10.30
CA PHE A 113 -5.81 2.98 -10.21
C PHE A 113 -6.91 2.06 -9.66
N PHE A 114 -7.53 2.50 -8.58
CA PHE A 114 -8.59 1.73 -7.96
C PHE A 114 -9.70 1.41 -8.96
N GLN A 115 -10.17 2.46 -9.63
CA GLN A 115 -11.23 2.30 -10.62
C GLN A 115 -10.73 1.47 -11.79
N GLN A 116 -9.42 1.50 -12.00
CA GLN A 116 -8.81 0.75 -13.08
C GLN A 116 -8.61 -0.71 -12.68
N ALA A 117 -8.25 -0.89 -11.41
CA ALA A 117 -8.03 -2.23 -10.89
C ALA A 117 -9.35 -3.00 -10.89
N VAL A 118 -10.35 -2.41 -10.25
CA VAL A 118 -11.66 -3.02 -10.18
C VAL A 118 -12.16 -3.32 -11.59
N ASP A 119 -11.84 -2.42 -12.50
CA ASP A 119 -12.25 -2.58 -13.88
C ASP A 119 -12.01 -4.03 -14.33
N GLU A 120 -10.93 -4.60 -13.81
CA GLU A 120 -10.57 -5.97 -14.13
C GLU A 120 -11.49 -6.94 -13.41
N GLN A 121 -11.78 -6.61 -12.16
CA GLN A 121 -12.65 -7.46 -11.35
C GLN A 121 -13.27 -6.64 -10.21
N PRO A 122 -14.43 -5.99 -10.54
CA PRO A 122 -15.13 -5.18 -9.57
C PRO A 122 -15.87 -6.05 -8.55
N ASP A 123 -15.75 -7.36 -8.75
CA ASP A 123 -16.40 -8.32 -7.86
C ASP A 123 -15.49 -8.58 -6.66
N ASN A 124 -14.34 -7.93 -6.67
CA ASN A 124 -13.38 -8.09 -5.59
C ASN A 124 -13.70 -7.10 -4.48
N THR A 125 -14.00 -7.65 -3.31
CA THR A 125 -14.32 -6.82 -2.16
C THR A 125 -13.20 -5.81 -1.90
N HIS A 126 -11.98 -6.33 -1.79
CA HIS A 126 -10.83 -5.49 -1.55
C HIS A 126 -10.81 -4.33 -2.54
N TYR A 127 -11.02 -4.69 -3.81
CA TYR A 127 -11.01 -3.70 -4.87
C TYR A 127 -12.16 -2.69 -4.67
N LEU A 128 -13.18 -3.14 -3.97
CA LEU A 128 -14.33 -2.30 -3.70
C LEU A 128 -13.99 -1.30 -2.60
N LYS A 129 -13.48 -1.83 -1.50
CA LYS A 129 -13.11 -1.01 -0.36
C LYS A 129 -12.14 0.09 -0.84
N SER A 130 -11.22 -0.30 -1.70
CA SER A 130 -10.25 0.62 -2.23
C SER A 130 -10.96 1.81 -2.89
N LEU A 131 -12.04 1.50 -3.59
CA LEU A 131 -12.81 2.52 -4.27
C LEU A 131 -13.51 3.41 -3.22
N GLU A 132 -14.06 2.74 -2.21
CA GLU A 132 -14.75 3.45 -1.16
C GLU A 132 -13.77 4.26 -0.32
N MET A 133 -12.63 3.66 -0.05
CA MET A 133 -11.58 4.32 0.73
C MET A 133 -11.34 5.74 0.22
N THR A 134 -11.52 5.91 -1.08
CA THR A 134 -11.33 7.21 -1.70
C THR A 134 -12.41 8.19 -1.25
N ALA A 135 -13.58 7.64 -0.97
CA ALA A 135 -14.70 8.45 -0.52
C ALA A 135 -14.21 9.51 0.46
N LYS A 136 -13.33 9.08 1.35
CA LYS A 136 -12.78 9.97 2.35
C LYS A 136 -11.25 9.98 2.23
N ALA A 137 -10.79 10.11 0.99
CA ALA A 137 -9.35 10.14 0.73
C ALA A 137 -8.73 11.36 1.39
N PRO A 138 -9.35 12.55 1.11
CA PRO A 138 -8.87 13.79 1.67
C PRO A 138 -9.26 13.91 3.15
N GLN A 139 -10.31 13.20 3.51
CA GLN A 139 -10.78 13.22 4.89
C GLN A 139 -9.95 12.28 5.75
N LEU A 140 -9.78 11.06 5.27
CA LEU A 140 -9.00 10.07 5.99
C LEU A 140 -7.66 10.69 6.42
N HIS A 141 -7.06 11.41 5.49
CA HIS A 141 -5.79 12.05 5.76
C HIS A 141 -5.99 13.16 6.82
N ALA A 142 -7.05 13.93 6.62
CA ALA A 142 -7.36 15.00 7.55
C ALA A 142 -7.62 14.43 8.93
N GLU A 143 -8.52 13.46 8.98
CA GLU A 143 -8.87 12.82 10.24
C GLU A 143 -7.69 11.99 10.76
N ALA A 144 -6.88 11.52 9.82
CA ALA A 144 -5.73 10.71 10.17
C ALA A 144 -4.72 11.58 10.91
N TYR A 145 -4.56 12.81 10.44
CA TYR A 145 -3.64 13.74 11.05
C TYR A 145 -4.31 14.52 12.17
N LYS A 146 -5.61 14.74 12.01
CA LYS A 146 -6.37 15.47 13.00
C LYS A 146 -6.54 14.61 14.26
N GLN A 147 -6.94 13.36 14.03
CA GLN A 147 -7.12 12.43 15.13
C GLN A 147 -5.79 11.79 15.53
N GLY A 148 -5.25 12.27 16.63
CA GLY A 148 -3.97 11.76 17.12
C GLY A 148 -4.20 10.61 18.11
N LEU A 149 -4.89 10.93 19.19
CA LEU A 149 -5.17 9.94 20.22
C LEU A 149 -6.10 8.86 19.63
N GLY A 150 -5.58 7.64 19.61
CA GLY A 150 -6.34 6.52 19.09
C GLY A 150 -5.99 5.23 19.83
N GLY A 151 -4.85 4.67 19.47
CA GLY A 151 -4.38 3.44 20.08
C GLY A 151 -3.51 3.73 21.30
N SER A 152 -3.87 3.10 22.41
CA SER A 152 -3.12 3.28 23.65
C SER A 152 -2.00 2.25 23.74
N HIS A 153 -0.96 2.48 22.95
CA HIS A 153 0.18 1.58 22.93
C HIS A 153 1.32 2.21 22.12
N HIS A 154 2.52 1.72 22.36
CA HIS A 154 3.69 2.22 21.66
C HIS A 154 3.41 2.26 20.16
N HIS A 155 3.08 3.44 19.68
CA HIS A 155 2.78 3.63 18.26
C HIS A 155 3.60 4.80 17.72
N HIS A 156 4.43 4.51 16.74
CA HIS A 156 5.26 5.52 16.12
C HIS A 156 4.43 6.35 15.14
N HIS A 157 3.55 7.17 15.70
CA HIS A 157 2.69 8.02 14.89
C HIS A 157 3.07 9.48 15.09
N HIS A 158 3.57 10.09 14.02
CA HIS A 158 3.98 11.47 14.06
C HIS A 158 2.76 12.38 13.83
N GLY A 1 14.88 -20.48 9.07
CA GLY A 1 13.56 -20.95 8.68
C GLY A 1 12.69 -21.22 9.91
N PRO A 2 11.34 -21.20 9.68
CA PRO A 2 10.40 -21.43 10.76
C PRO A 2 10.35 -22.92 11.12
N LEU A 3 10.29 -23.17 12.42
CA LEU A 3 10.23 -24.54 12.91
C LEU A 3 9.84 -24.53 14.39
N GLY A 4 8.70 -25.12 14.67
CA GLY A 4 8.20 -25.19 16.04
C GLY A 4 6.68 -25.27 16.06
N SER A 5 6.14 -25.42 17.27
CA SER A 5 4.70 -25.51 17.44
C SER A 5 4.07 -24.13 17.34
N MET A 6 4.79 -23.14 17.86
CA MET A 6 4.31 -21.78 17.83
C MET A 6 2.94 -21.65 18.49
N ASP A 7 2.56 -20.42 18.79
CA ASP A 7 1.28 -20.16 19.42
C ASP A 7 1.10 -18.65 19.59
N THR A 8 2.01 -18.06 20.35
CA THR A 8 1.97 -16.63 20.60
C THR A 8 2.58 -15.87 19.42
N GLU A 9 2.32 -14.57 19.41
CA GLU A 9 2.83 -13.71 18.35
C GLU A 9 2.95 -12.26 18.85
N THR A 10 3.80 -11.51 18.17
CA THR A 10 4.01 -10.11 18.53
C THR A 10 4.23 -9.27 17.28
N GLU A 11 3.81 -9.82 16.15
CA GLU A 11 3.97 -9.13 14.88
C GLU A 11 5.36 -9.39 14.29
N PHE A 12 6.36 -9.27 15.15
CA PHE A 12 7.73 -9.49 14.74
C PHE A 12 7.86 -10.76 13.89
N ASP A 13 7.38 -11.85 14.46
CA ASP A 13 7.43 -13.14 13.78
C ASP A 13 6.91 -12.97 12.35
N ARG A 14 5.84 -12.20 12.23
CA ARG A 14 5.24 -11.95 10.93
C ARG A 14 6.13 -11.03 10.09
N ILE A 15 6.80 -10.12 10.79
CA ILE A 15 7.68 -9.17 10.13
C ILE A 15 8.79 -9.95 9.41
N LEU A 16 9.35 -10.92 10.11
CA LEU A 16 10.41 -11.74 9.54
C LEU A 16 9.91 -12.41 8.27
N LEU A 17 8.65 -12.79 8.30
CA LEU A 17 8.03 -13.45 7.14
C LEU A 17 8.09 -12.50 5.95
N PHE A 18 7.60 -11.29 6.16
CA PHE A 18 7.58 -10.28 5.11
C PHE A 18 9.00 -9.92 4.68
N GLU A 19 9.92 -10.06 5.63
CA GLU A 19 11.32 -9.74 5.36
C GLU A 19 11.89 -10.71 4.33
N GLN A 20 11.87 -11.99 4.69
CA GLN A 20 12.37 -13.02 3.80
C GLN A 20 11.78 -12.88 2.40
N ILE A 21 10.56 -12.37 2.37
CA ILE A 21 9.86 -12.17 1.10
C ILE A 21 10.51 -11.01 0.35
N ARG A 22 10.62 -9.88 1.04
CA ARG A 22 11.22 -8.69 0.45
C ARG A 22 12.62 -9.01 -0.07
N GLN A 23 13.44 -9.55 0.82
CA GLN A 23 14.81 -9.89 0.47
C GLN A 23 14.82 -10.73 -0.81
N ASP A 24 14.07 -11.83 -0.77
CA ASP A 24 14.00 -12.71 -1.91
C ASP A 24 13.52 -11.94 -3.14
N ALA A 25 12.51 -11.10 -2.90
CA ALA A 25 11.95 -10.29 -3.98
C ALA A 25 13.08 -9.56 -4.70
N GLU A 26 14.01 -9.03 -3.91
CA GLU A 26 15.14 -8.31 -4.48
C GLU A 26 16.05 -9.26 -5.25
N ASN A 27 16.21 -10.46 -4.70
CA ASN A 27 17.04 -11.47 -5.34
C ASN A 27 16.31 -12.04 -6.55
N THR A 28 15.00 -12.16 -6.41
CA THR A 28 14.18 -12.69 -7.48
C THR A 28 14.23 -11.77 -8.70
N TYR A 29 14.55 -10.51 -8.43
CA TYR A 29 14.63 -9.52 -9.50
C TYR A 29 15.60 -9.98 -10.59
N LYS A 30 16.85 -10.18 -10.20
CA LYS A 30 17.87 -10.61 -11.13
C LYS A 30 17.52 -12.02 -11.63
N SER A 31 16.75 -12.73 -10.83
CA SER A 31 16.35 -14.08 -11.18
C SER A 31 15.26 -14.03 -12.25
N ASN A 32 14.45 -13.00 -12.18
CA ASN A 32 13.36 -12.82 -13.13
C ASN A 32 12.77 -11.42 -12.97
N PRO A 33 13.45 -10.44 -13.62
CA PRO A 33 13.01 -9.05 -13.57
C PRO A 33 11.78 -8.84 -14.45
N LEU A 34 11.06 -9.92 -14.69
CA LEU A 34 9.86 -9.86 -15.52
C LEU A 34 8.72 -10.60 -14.81
N ASP A 35 8.95 -10.89 -13.54
CA ASP A 35 7.96 -11.59 -12.74
C ASP A 35 7.04 -10.57 -12.06
N ALA A 36 5.87 -10.38 -12.67
CA ALA A 36 4.90 -9.44 -12.13
C ALA A 36 4.29 -10.01 -10.86
N ASP A 37 4.33 -11.34 -10.75
CA ASP A 37 3.80 -12.02 -9.59
C ASP A 37 4.68 -11.73 -8.38
N ASN A 38 5.96 -12.03 -8.53
CA ASN A 38 6.92 -11.80 -7.46
C ASN A 38 7.14 -10.30 -7.29
N LEU A 39 7.11 -9.59 -8.41
CA LEU A 39 7.30 -8.15 -8.39
C LEU A 39 6.16 -7.49 -7.60
N THR A 40 4.94 -7.83 -7.99
CA THR A 40 3.76 -7.29 -7.35
C THR A 40 3.78 -7.63 -5.85
N ARG A 41 4.27 -8.82 -5.55
CA ARG A 41 4.35 -9.27 -4.17
C ARG A 41 5.42 -8.48 -3.41
N TRP A 42 6.46 -8.11 -4.14
CA TRP A 42 7.56 -7.35 -3.55
C TRP A 42 6.98 -6.07 -2.95
N GLY A 43 5.85 -5.64 -3.52
CA GLY A 43 5.20 -4.43 -3.06
C GLY A 43 4.28 -4.73 -1.87
N GLY A 44 3.34 -5.65 -2.12
CA GLY A 44 2.40 -6.03 -1.08
C GLY A 44 3.10 -6.21 0.27
N VAL A 45 4.24 -6.87 0.23
CA VAL A 45 5.02 -7.10 1.43
C VAL A 45 5.56 -5.77 1.96
N LEU A 46 6.05 -4.95 1.03
CA LEU A 46 6.60 -3.66 1.38
C LEU A 46 5.54 -2.86 2.14
N LEU A 47 4.35 -2.82 1.57
CA LEU A 47 3.25 -2.09 2.18
C LEU A 47 3.04 -2.59 3.61
N GLU A 48 3.17 -3.90 3.77
CA GLU A 48 3.00 -4.53 5.07
C GLU A 48 4.07 -4.00 6.05
N LEU A 49 5.32 -4.19 5.67
CA LEU A 49 6.42 -3.76 6.49
C LEU A 49 6.37 -2.24 6.64
N SER A 50 5.75 -1.59 5.66
CA SER A 50 5.62 -0.15 5.66
C SER A 50 4.97 0.31 6.97
N GLN A 51 3.93 -0.42 7.38
CA GLN A 51 3.22 -0.10 8.59
C GLN A 51 4.11 -0.35 9.82
N PHE A 52 4.91 -1.39 9.72
CA PHE A 52 5.82 -1.75 10.80
C PHE A 52 7.02 -0.81 10.84
N HIS A 53 7.37 -0.30 9.67
CA HIS A 53 8.49 0.62 9.56
C HIS A 53 8.01 2.05 9.74
N SER A 54 8.84 2.84 10.41
CA SER A 54 8.51 4.23 10.67
C SER A 54 8.06 4.91 9.37
N ILE A 55 7.36 6.03 9.53
CA ILE A 55 6.87 6.77 8.39
C ILE A 55 8.03 7.04 7.43
N SER A 56 9.11 7.58 7.98
CA SER A 56 10.28 7.89 7.18
C SER A 56 10.61 6.72 6.26
N ASP A 57 10.79 5.56 6.86
CA ASP A 57 11.10 4.36 6.11
C ASP A 57 9.87 3.92 5.32
N ALA A 58 8.71 4.24 5.88
CA ALA A 58 7.45 3.89 5.24
C ALA A 58 7.39 4.50 3.84
N LYS A 59 7.59 5.82 3.80
CA LYS A 59 7.57 6.53 2.54
C LYS A 59 8.51 5.85 1.55
N GLN A 60 9.76 5.74 1.95
CA GLN A 60 10.76 5.11 1.10
C GLN A 60 10.31 3.71 0.69
N MET A 61 9.76 2.99 1.66
CA MET A 61 9.28 1.64 1.42
C MET A 61 8.12 1.65 0.42
N ILE A 62 7.29 2.67 0.53
CA ILE A 62 6.14 2.81 -0.36
C ILE A 62 6.62 3.21 -1.75
N GLN A 63 7.44 4.25 -1.77
CA GLN A 63 7.97 4.75 -3.03
C GLN A 63 8.48 3.58 -3.89
N GLU A 64 9.37 2.80 -3.30
CA GLU A 64 9.93 1.66 -4.00
C GLU A 64 8.84 0.64 -4.33
N ALA A 65 7.88 0.54 -3.41
CA ALA A 65 6.78 -0.39 -3.59
C ALA A 65 6.02 -0.05 -4.87
N ILE A 66 6.00 1.25 -5.18
CA ILE A 66 5.32 1.72 -6.36
C ILE A 66 6.14 1.36 -7.60
N THR A 67 7.40 1.76 -7.58
CA THR A 67 8.30 1.48 -8.68
C THR A 67 8.23 0.00 -9.05
N LYS A 68 7.99 -0.82 -8.04
CA LYS A 68 7.91 -2.25 -8.25
C LYS A 68 6.69 -2.57 -9.12
N PHE A 69 5.54 -2.08 -8.67
CA PHE A 69 4.30 -2.31 -9.40
C PHE A 69 4.41 -1.79 -10.84
N GLU A 70 5.06 -0.65 -10.99
CA GLU A 70 5.24 -0.05 -12.29
C GLU A 70 5.79 -1.09 -13.27
N GLU A 71 6.92 -1.67 -12.91
CA GLU A 71 7.56 -2.67 -13.75
C GLU A 71 6.67 -3.91 -13.85
N ALA A 72 6.04 -4.24 -12.73
CA ALA A 72 5.17 -5.40 -12.68
C ALA A 72 4.02 -5.23 -13.68
N LEU A 73 3.55 -3.99 -13.77
CA LEU A 73 2.46 -3.67 -14.68
C LEU A 73 2.94 -3.87 -16.12
N LEU A 74 4.21 -3.61 -16.33
CA LEU A 74 4.80 -3.76 -17.65
C LEU A 74 4.77 -5.23 -18.06
N ILE A 75 4.93 -6.09 -17.06
CA ILE A 75 4.92 -7.52 -17.30
C ILE A 75 3.48 -7.99 -17.53
N ASP A 76 2.57 -7.41 -16.76
CA ASP A 76 1.17 -7.75 -16.87
C ASP A 76 0.32 -6.51 -16.56
N PRO A 77 -0.27 -5.94 -17.65
CA PRO A 77 -1.10 -4.76 -17.52
C PRO A 77 -2.47 -5.12 -16.93
N LYS A 78 -2.79 -6.40 -17.01
CA LYS A 78 -4.06 -6.89 -16.50
C LYS A 78 -3.94 -7.12 -15.00
N LYS A 79 -2.77 -6.81 -14.47
CA LYS A 79 -2.51 -6.99 -13.05
C LYS A 79 -3.31 -5.94 -12.27
N ASP A 80 -4.60 -6.20 -12.14
CA ASP A 80 -5.47 -5.29 -11.42
C ASP A 80 -4.91 -5.03 -10.03
N GLU A 81 -4.19 -6.03 -9.53
CA GLU A 81 -3.58 -5.92 -8.21
C GLU A 81 -2.47 -4.85 -8.22
N ALA A 82 -1.58 -4.99 -9.18
CA ALA A 82 -0.48 -4.04 -9.32
C ALA A 82 -1.03 -2.62 -9.36
N VAL A 83 -2.22 -2.50 -9.93
CA VAL A 83 -2.86 -1.20 -10.05
C VAL A 83 -3.40 -0.79 -8.68
N TRP A 84 -4.18 -1.67 -8.09
CA TRP A 84 -4.77 -1.41 -6.78
C TRP A 84 -3.63 -1.16 -5.79
N CYS A 85 -2.64 -2.05 -5.85
CA CYS A 85 -1.49 -1.93 -4.97
C CYS A 85 -0.94 -0.51 -5.07
N ILE A 86 -0.67 -0.10 -6.30
CA ILE A 86 -0.15 1.23 -6.56
C ILE A 86 -1.03 2.26 -5.86
N GLY A 87 -2.33 2.00 -5.89
CA GLY A 87 -3.29 2.89 -5.25
C GLY A 87 -3.19 2.83 -3.74
N ASN A 88 -3.09 1.60 -3.23
CA ASN A 88 -2.98 1.40 -1.79
C ASN A 88 -1.67 2.01 -1.29
N ALA A 89 -0.67 1.99 -2.16
CA ALA A 89 0.63 2.54 -1.82
C ALA A 89 0.53 4.06 -1.72
N TYR A 90 0.05 4.66 -2.79
CA TYR A 90 -0.10 6.12 -2.84
C TYR A 90 -0.99 6.61 -1.69
N THR A 91 -2.09 5.90 -1.49
CA THR A 91 -3.03 6.25 -0.44
C THR A 91 -2.32 6.32 0.90
N SER A 92 -1.61 5.24 1.23
CA SER A 92 -0.87 5.17 2.47
C SER A 92 0.18 6.28 2.53
N PHE A 93 0.98 6.35 1.48
CA PHE A 93 2.03 7.35 1.39
C PHE A 93 1.46 8.75 1.61
N ALA A 94 0.23 8.94 1.15
CA ALA A 94 -0.42 10.23 1.29
C ALA A 94 -0.64 10.53 2.77
N PHE A 95 -1.18 9.54 3.47
CA PHE A 95 -1.43 9.69 4.90
C PHE A 95 -0.15 10.07 5.65
N LEU A 96 0.97 9.79 5.01
CA LEU A 96 2.26 10.09 5.61
C LEU A 96 2.74 11.45 5.12
N THR A 97 2.12 11.91 4.03
CA THR A 97 2.47 13.19 3.46
C THR A 97 1.50 14.28 3.95
N PRO A 98 2.08 15.29 4.66
CA PRO A 98 1.28 16.38 5.19
C PRO A 98 0.89 17.36 4.08
N ASP A 99 1.66 17.32 3.01
CA ASP A 99 1.40 18.20 1.87
C ASP A 99 0.06 17.82 1.24
N GLU A 100 -0.93 18.66 1.47
CA GLU A 100 -2.25 18.43 0.94
C GLU A 100 -2.19 18.25 -0.58
N THR A 101 -1.47 19.16 -1.21
CA THR A 101 -1.31 19.12 -2.67
C THR A 101 -0.84 17.74 -3.11
N GLU A 102 0.31 17.34 -2.57
CA GLU A 102 0.88 16.05 -2.91
C GLU A 102 -0.03 14.91 -2.41
N ALA A 103 -0.39 15.02 -1.14
CA ALA A 103 -1.25 14.02 -0.53
C ALA A 103 -2.50 13.83 -1.38
N LYS A 104 -3.17 14.95 -1.64
CA LYS A 104 -4.38 14.93 -2.44
C LYS A 104 -4.05 14.39 -3.84
N HIS A 105 -3.01 14.94 -4.43
CA HIS A 105 -2.58 14.53 -5.75
C HIS A 105 -2.41 13.01 -5.78
N ASN A 106 -1.72 12.50 -4.77
CA ASN A 106 -1.47 11.08 -4.67
C ASN A 106 -2.79 10.36 -4.37
N PHE A 107 -3.52 10.90 -3.40
CA PHE A 107 -4.79 10.32 -3.01
C PHE A 107 -5.73 10.22 -4.21
N ASP A 108 -5.75 11.27 -5.00
CA ASP A 108 -6.59 11.30 -6.18
C ASP A 108 -6.00 10.39 -7.26
N LEU A 109 -4.71 10.10 -7.11
CA LEU A 109 -4.02 9.24 -8.05
C LEU A 109 -4.49 7.81 -7.87
N ALA A 110 -4.50 7.37 -6.62
CA ALA A 110 -4.92 6.02 -6.30
C ALA A 110 -6.34 5.80 -6.83
N THR A 111 -7.11 6.87 -6.84
CA THR A 111 -8.49 6.80 -7.32
C THR A 111 -8.51 6.35 -8.78
N GLN A 112 -7.81 7.10 -9.61
CA GLN A 112 -7.75 6.78 -11.03
C GLN A 112 -7.25 5.35 -11.24
N PHE A 113 -6.53 4.86 -10.24
CA PHE A 113 -5.99 3.51 -10.30
C PHE A 113 -7.04 2.48 -9.90
N PHE A 114 -7.69 2.75 -8.77
CA PHE A 114 -8.72 1.85 -8.26
C PHE A 114 -9.79 1.60 -9.32
N GLN A 115 -9.85 2.50 -10.29
CA GLN A 115 -10.83 2.39 -11.36
C GLN A 115 -10.41 1.28 -12.33
N GLN A 116 -9.12 1.04 -12.39
CA GLN A 116 -8.58 0.01 -13.27
C GLN A 116 -8.73 -1.37 -12.62
N ALA A 117 -8.39 -1.42 -11.33
CA ALA A 117 -8.48 -2.67 -10.59
C ALA A 117 -9.92 -3.18 -10.62
N VAL A 118 -10.84 -2.27 -10.32
CA VAL A 118 -12.26 -2.60 -10.31
C VAL A 118 -12.71 -2.92 -11.74
N ASP A 119 -12.19 -2.15 -12.67
CA ASP A 119 -12.53 -2.32 -14.07
C ASP A 119 -12.50 -3.81 -14.42
N GLU A 120 -11.40 -4.45 -14.02
CA GLU A 120 -11.22 -5.86 -14.28
C GLU A 120 -12.28 -6.68 -13.54
N GLN A 121 -12.56 -6.25 -12.32
CA GLN A 121 -13.55 -6.93 -11.49
C GLN A 121 -14.01 -6.02 -10.34
N PRO A 122 -15.08 -5.23 -10.63
CA PRO A 122 -15.62 -4.32 -9.64
C PRO A 122 -16.40 -5.07 -8.57
N ASP A 123 -16.53 -6.38 -8.78
CA ASP A 123 -17.26 -7.23 -7.84
C ASP A 123 -16.31 -7.69 -6.74
N ASN A 124 -15.05 -7.32 -6.90
CA ASN A 124 -14.03 -7.69 -5.92
C ASN A 124 -14.11 -6.74 -4.72
N THR A 125 -14.60 -7.28 -3.62
CA THR A 125 -14.74 -6.50 -2.40
C THR A 125 -13.41 -5.83 -2.04
N HIS A 126 -12.32 -6.47 -2.47
CA HIS A 126 -10.99 -5.96 -2.22
C HIS A 126 -10.84 -4.57 -2.85
N TYR A 127 -11.29 -4.49 -4.10
CA TYR A 127 -11.21 -3.24 -4.83
C TYR A 127 -12.33 -2.28 -4.41
N LEU A 128 -13.49 -2.86 -4.15
CA LEU A 128 -14.65 -2.08 -3.74
C LEU A 128 -14.30 -1.32 -2.46
N LYS A 129 -13.67 -2.03 -1.53
CA LYS A 129 -13.30 -1.43 -0.27
C LYS A 129 -12.20 -0.39 -0.51
N SER A 130 -11.21 -0.78 -1.28
CA SER A 130 -10.10 0.10 -1.60
C SER A 130 -10.63 1.38 -2.26
N LEU A 131 -11.46 1.19 -3.26
CA LEU A 131 -12.05 2.30 -3.99
C LEU A 131 -13.02 3.05 -3.06
N GLU A 132 -13.74 2.28 -2.27
CA GLU A 132 -14.70 2.84 -1.35
C GLU A 132 -13.99 3.65 -0.26
N MET A 133 -12.84 3.15 0.14
CA MET A 133 -12.04 3.81 1.16
C MET A 133 -11.43 5.11 0.62
N THR A 134 -10.94 5.03 -0.60
CA THR A 134 -10.33 6.19 -1.24
C THR A 134 -11.33 7.34 -1.34
N ALA A 135 -12.61 6.97 -1.29
CA ALA A 135 -13.67 7.96 -1.37
C ALA A 135 -13.29 9.18 -0.52
N LYS A 136 -13.10 8.92 0.76
CA LYS A 136 -12.75 9.98 1.69
C LYS A 136 -11.23 10.10 1.77
N ALA A 137 -10.60 10.06 0.61
CA ALA A 137 -9.15 10.16 0.53
C ALA A 137 -8.71 11.53 1.06
N PRO A 138 -9.44 12.58 0.63
CA PRO A 138 -9.13 13.93 1.05
C PRO A 138 -9.58 14.17 2.50
N GLN A 139 -10.64 13.47 2.87
CA GLN A 139 -11.18 13.59 4.21
C GLN A 139 -10.35 12.75 5.19
N LEU A 140 -10.10 11.51 4.80
CA LEU A 140 -9.32 10.60 5.62
C LEU A 140 -8.03 11.29 6.06
N HIS A 141 -7.41 11.98 5.11
CA HIS A 141 -6.17 12.68 5.38
C HIS A 141 -6.44 13.82 6.36
N ALA A 142 -7.52 14.55 6.11
CA ALA A 142 -7.89 15.66 6.95
C ALA A 142 -8.17 15.15 8.37
N GLU A 143 -9.05 14.16 8.43
CA GLU A 143 -9.41 13.58 9.71
C GLU A 143 -8.22 12.79 10.30
N ALA A 144 -7.37 12.32 9.41
CA ALA A 144 -6.21 11.57 9.82
C ALA A 144 -5.25 12.48 10.59
N TYR A 145 -4.98 13.64 9.99
CA TYR A 145 -4.08 14.60 10.60
C TYR A 145 -4.83 15.48 11.61
N LYS A 146 -6.02 15.90 11.21
CA LYS A 146 -6.84 16.73 12.07
C LYS A 146 -7.17 15.97 13.36
N GLN A 147 -7.60 14.73 13.18
CA GLN A 147 -7.94 13.89 14.32
C GLN A 147 -6.70 13.19 14.86
N GLY A 148 -6.53 13.28 16.17
CA GLY A 148 -5.38 12.65 16.81
C GLY A 148 -4.14 13.55 16.72
N LEU A 149 -3.00 12.91 16.49
CA LEU A 149 -1.75 13.64 16.38
C LEU A 149 -1.67 14.30 15.01
N GLY A 150 -1.42 15.60 15.03
CA GLY A 150 -1.31 16.37 13.80
C GLY A 150 -0.18 17.41 13.89
N GLY A 151 -0.57 18.66 13.81
CA GLY A 151 0.40 19.75 13.87
C GLY A 151 0.05 20.72 15.01
N SER A 152 0.91 21.73 15.15
CA SER A 152 0.72 22.71 16.19
C SER A 152 0.62 24.11 15.57
N HIS A 153 1.67 24.48 14.84
CA HIS A 153 1.71 25.77 14.19
C HIS A 153 0.41 26.00 13.42
N HIS A 154 -0.16 27.19 13.61
CA HIS A 154 -1.40 27.54 12.93
C HIS A 154 -1.17 28.80 12.10
N HIS A 155 -1.76 28.79 10.91
CA HIS A 155 -1.64 29.92 10.01
C HIS A 155 -2.92 30.07 9.19
N HIS A 156 -3.27 31.31 8.91
CA HIS A 156 -4.48 31.60 8.13
C HIS A 156 -4.19 32.73 7.15
N HIS A 157 -3.86 33.89 7.70
CA HIS A 157 -3.56 35.05 6.88
C HIS A 157 -4.75 35.35 5.96
N HIS A 158 -4.69 36.52 5.33
CA HIS A 158 -5.76 36.94 4.43
C HIS A 158 -7.11 36.82 5.15
N GLY A 1 20.41 -18.40 15.22
CA GLY A 1 19.44 -18.42 16.30
C GLY A 1 18.68 -19.74 16.33
N PRO A 2 17.83 -19.89 17.39
CA PRO A 2 17.04 -21.09 17.55
C PRO A 2 15.86 -21.11 16.57
N LEU A 3 15.06 -20.07 16.66
CA LEU A 3 13.89 -19.95 15.79
C LEU A 3 13.00 -21.18 15.98
N GLY A 4 11.76 -21.05 15.52
CA GLY A 4 10.81 -22.14 15.62
C GLY A 4 9.46 -21.64 16.17
N SER A 5 8.87 -22.45 17.03
CA SER A 5 7.60 -22.11 17.62
C SER A 5 7.80 -21.12 18.76
N MET A 6 9.01 -21.14 19.31
CA MET A 6 9.35 -20.26 20.42
C MET A 6 9.54 -18.82 19.92
N ASP A 7 9.00 -17.89 20.69
CA ASP A 7 9.11 -16.48 20.34
C ASP A 7 8.52 -16.27 18.95
N THR A 8 7.21 -16.12 18.90
CA THR A 8 6.52 -15.91 17.63
C THR A 8 5.31 -14.99 17.83
N GLU A 9 4.64 -14.71 16.73
CA GLU A 9 3.46 -13.85 16.77
C GLU A 9 3.86 -12.44 17.18
N THR A 10 2.88 -11.71 17.70
CA THR A 10 3.10 -10.34 18.14
C THR A 10 3.26 -9.42 16.92
N GLU A 11 3.00 -9.98 15.75
CA GLU A 11 3.12 -9.22 14.52
C GLU A 11 4.54 -9.31 13.96
N PHE A 12 5.47 -9.65 14.86
CA PHE A 12 6.86 -9.78 14.48
C PHE A 12 7.07 -10.96 13.53
N ASP A 13 6.63 -12.13 13.98
CA ASP A 13 6.76 -13.34 13.20
C ASP A 13 6.27 -13.06 11.77
N ARG A 14 5.19 -12.30 11.68
CA ARG A 14 4.61 -11.96 10.40
C ARG A 14 5.57 -11.07 9.61
N ILE A 15 6.31 -10.25 10.34
CA ILE A 15 7.25 -9.34 9.73
C ILE A 15 8.40 -10.15 9.13
N LEU A 16 8.88 -11.11 9.90
CA LEU A 16 9.98 -11.95 9.46
C LEU A 16 9.61 -12.60 8.12
N LEU A 17 8.35 -12.98 8.02
CA LEU A 17 7.85 -13.62 6.81
C LEU A 17 7.94 -12.62 5.65
N PHE A 18 7.45 -11.42 5.90
CA PHE A 18 7.45 -10.37 4.89
C PHE A 18 8.90 -9.98 4.53
N GLU A 19 9.78 -10.17 5.49
CA GLU A 19 11.18 -9.84 5.29
C GLU A 19 11.80 -10.78 4.26
N GLN A 20 11.76 -12.07 4.57
CA GLN A 20 12.31 -13.07 3.68
C GLN A 20 11.74 -12.90 2.27
N ILE A 21 10.54 -12.35 2.20
CA ILE A 21 9.88 -12.13 0.94
C ILE A 21 10.56 -10.97 0.21
N ARG A 22 10.67 -9.86 0.91
CA ARG A 22 11.31 -8.68 0.35
C ARG A 22 12.65 -9.04 -0.27
N GLN A 23 13.53 -9.58 0.57
CA GLN A 23 14.86 -9.97 0.12
C GLN A 23 14.75 -10.91 -1.09
N ASP A 24 13.80 -11.83 -1.00
CA ASP A 24 13.59 -12.78 -2.08
C ASP A 24 13.16 -12.03 -3.34
N ALA A 25 12.42 -10.95 -3.13
CA ALA A 25 11.94 -10.15 -4.24
C ALA A 25 13.13 -9.47 -4.93
N GLU A 26 13.99 -8.89 -4.11
CA GLU A 26 15.17 -8.21 -4.62
C GLU A 26 16.04 -9.19 -5.41
N ASN A 27 16.19 -10.38 -4.86
CA ASN A 27 16.98 -11.42 -5.49
C ASN A 27 16.20 -12.01 -6.68
N THR A 28 14.90 -12.11 -6.49
CA THR A 28 14.03 -12.64 -7.52
C THR A 28 14.09 -11.76 -8.77
N TYR A 29 14.42 -10.50 -8.56
CA TYR A 29 14.50 -9.56 -9.65
C TYR A 29 15.45 -10.06 -10.74
N LYS A 30 16.70 -10.26 -10.34
CA LYS A 30 17.71 -10.74 -11.27
C LYS A 30 17.33 -12.14 -11.76
N SER A 31 16.63 -12.85 -10.88
CA SER A 31 16.20 -14.21 -11.20
C SER A 31 15.10 -14.18 -12.28
N ASN A 32 14.24 -13.18 -12.16
CA ASN A 32 13.15 -13.02 -13.10
C ASN A 32 12.49 -11.66 -12.88
N PRO A 33 13.08 -10.62 -13.52
CA PRO A 33 12.55 -9.27 -13.40
C PRO A 33 11.29 -9.10 -14.24
N LEU A 34 10.92 -10.18 -14.92
CA LEU A 34 9.74 -10.16 -15.76
C LEU A 34 8.53 -10.64 -14.95
N ASP A 35 8.82 -11.37 -13.89
CA ASP A 35 7.78 -11.89 -13.03
C ASP A 35 7.09 -10.72 -12.31
N ALA A 36 5.95 -10.31 -12.87
CA ALA A 36 5.19 -9.21 -12.30
C ALA A 36 4.53 -9.68 -10.99
N ASP A 37 4.38 -10.99 -10.88
CA ASP A 37 3.77 -11.57 -9.70
C ASP A 37 4.67 -11.32 -8.49
N ASN A 38 5.94 -11.69 -8.64
CA ASN A 38 6.90 -11.50 -7.57
C ASN A 38 7.18 -10.01 -7.39
N LEU A 39 7.16 -9.30 -8.51
CA LEU A 39 7.40 -7.87 -8.48
C LEU A 39 6.26 -7.17 -7.74
N THR A 40 5.06 -7.70 -7.92
CA THR A 40 3.89 -7.14 -7.27
C THR A 40 3.91 -7.46 -5.78
N ARG A 41 4.34 -8.67 -5.46
CA ARG A 41 4.41 -9.11 -4.08
C ARG A 41 5.53 -8.35 -3.34
N TRP A 42 6.45 -7.82 -4.13
CA TRP A 42 7.57 -7.09 -3.57
C TRP A 42 7.02 -5.81 -2.93
N GLY A 43 5.90 -5.36 -3.46
CA GLY A 43 5.26 -4.14 -2.96
C GLY A 43 4.35 -4.46 -1.79
N GLY A 44 3.35 -5.29 -2.06
CA GLY A 44 2.39 -5.67 -1.03
C GLY A 44 3.09 -5.90 0.30
N VAL A 45 4.25 -6.55 0.24
CA VAL A 45 5.02 -6.84 1.43
C VAL A 45 5.54 -5.53 2.02
N LEU A 46 6.17 -4.74 1.16
CA LEU A 46 6.72 -3.47 1.58
C LEU A 46 5.63 -2.65 2.31
N LEU A 47 4.44 -2.70 1.74
CA LEU A 47 3.32 -1.98 2.31
C LEU A 47 2.97 -2.59 3.68
N GLU A 48 3.14 -3.90 3.77
CA GLU A 48 2.85 -4.61 5.00
C GLU A 48 3.83 -4.18 6.10
N LEU A 49 5.11 -4.36 5.81
CA LEU A 49 6.15 -3.99 6.76
C LEU A 49 5.94 -2.54 7.21
N SER A 50 5.37 -1.75 6.31
CA SER A 50 5.11 -0.35 6.59
C SER A 50 4.25 -0.23 7.85
N GLN A 51 3.64 -1.34 8.22
CA GLN A 51 2.78 -1.37 9.41
C GLN A 51 3.63 -1.20 10.67
N PHE A 52 4.95 -1.21 10.47
CA PHE A 52 5.87 -1.06 11.59
C PHE A 52 7.23 -0.57 11.10
N HIS A 53 7.23 0.04 9.91
CA HIS A 53 8.45 0.56 9.33
C HIS A 53 8.43 2.09 9.37
N SER A 54 8.05 2.61 10.54
CA SER A 54 7.98 4.05 10.72
C SER A 54 7.39 4.71 9.48
N ILE A 55 7.40 6.03 9.49
CA ILE A 55 6.87 6.80 8.37
C ILE A 55 7.92 6.91 7.28
N SER A 56 9.10 7.38 7.69
CA SER A 56 10.20 7.54 6.75
C SER A 56 10.42 6.24 5.98
N ASP A 57 10.66 5.17 6.72
CA ASP A 57 10.88 3.87 6.11
C ASP A 57 9.63 3.45 5.33
N ALA A 58 8.48 3.89 5.84
CA ALA A 58 7.21 3.56 5.21
C ALA A 58 7.15 4.25 3.85
N LYS A 59 7.51 5.53 3.85
CA LYS A 59 7.49 6.31 2.62
C LYS A 59 8.47 5.70 1.61
N GLN A 60 9.73 5.64 2.03
CA GLN A 60 10.77 5.09 1.18
C GLN A 60 10.38 3.69 0.70
N MET A 61 9.72 2.96 1.58
CA MET A 61 9.28 1.61 1.27
C MET A 61 8.13 1.63 0.26
N ILE A 62 7.26 2.62 0.41
CA ILE A 62 6.13 2.76 -0.47
C ILE A 62 6.61 3.22 -1.85
N GLN A 63 7.39 4.29 -1.85
CA GLN A 63 7.92 4.84 -3.08
C GLN A 63 8.46 3.71 -3.96
N GLU A 64 9.36 2.92 -3.39
CA GLU A 64 9.96 1.81 -4.12
C GLU A 64 8.90 0.75 -4.43
N ALA A 65 7.99 0.58 -3.49
CA ALA A 65 6.92 -0.40 -3.64
C ALA A 65 6.11 -0.06 -4.90
N ILE A 66 6.10 1.22 -5.24
CA ILE A 66 5.38 1.68 -6.41
C ILE A 66 6.22 1.41 -7.66
N THR A 67 7.46 1.87 -7.62
CA THR A 67 8.37 1.70 -8.73
C THR A 67 8.39 0.22 -9.17
N LYS A 68 8.18 -0.65 -8.20
CA LYS A 68 8.17 -2.08 -8.47
C LYS A 68 6.89 -2.44 -9.23
N PHE A 69 5.78 -1.90 -8.73
CA PHE A 69 4.49 -2.16 -9.35
C PHE A 69 4.50 -1.76 -10.83
N GLU A 70 5.09 -0.61 -11.10
CA GLU A 70 5.18 -0.12 -12.46
C GLU A 70 5.78 -1.18 -13.38
N GLU A 71 6.96 -1.66 -12.99
CA GLU A 71 7.64 -2.68 -13.77
C GLU A 71 6.74 -3.90 -13.95
N ALA A 72 5.99 -4.21 -12.90
CA ALA A 72 5.09 -5.35 -12.93
C ALA A 72 4.00 -5.10 -13.97
N LEU A 73 3.47 -3.90 -13.96
CA LEU A 73 2.42 -3.53 -14.89
C LEU A 73 2.95 -3.67 -16.32
N LEU A 74 4.23 -3.43 -16.47
CA LEU A 74 4.87 -3.53 -17.79
C LEU A 74 4.80 -4.98 -18.26
N ILE A 75 5.01 -5.89 -17.32
CA ILE A 75 4.98 -7.31 -17.63
C ILE A 75 3.56 -7.71 -18.01
N ASP A 76 2.61 -7.22 -17.23
CA ASP A 76 1.21 -7.52 -17.47
C ASP A 76 0.34 -6.37 -16.92
N PRO A 77 -0.33 -5.67 -17.87
CA PRO A 77 -1.19 -4.55 -17.49
C PRO A 77 -2.50 -5.05 -16.88
N LYS A 78 -2.66 -6.37 -16.89
CA LYS A 78 -3.85 -6.98 -16.34
C LYS A 78 -3.70 -7.12 -14.82
N LYS A 79 -2.51 -6.79 -14.35
CA LYS A 79 -2.23 -6.87 -12.92
C LYS A 79 -3.07 -5.84 -12.19
N ASP A 80 -4.35 -6.16 -12.05
CA ASP A 80 -5.27 -5.28 -11.36
C ASP A 80 -4.75 -4.98 -9.96
N GLU A 81 -4.01 -5.95 -9.42
CA GLU A 81 -3.44 -5.81 -8.09
C GLU A 81 -2.36 -4.73 -8.08
N ALA A 82 -1.44 -4.85 -9.02
CA ALA A 82 -0.35 -3.89 -9.13
C ALA A 82 -0.93 -2.48 -9.19
N VAL A 83 -2.10 -2.39 -9.79
CA VAL A 83 -2.78 -1.10 -9.91
C VAL A 83 -3.35 -0.69 -8.56
N TRP A 84 -4.11 -1.59 -7.97
CA TRP A 84 -4.73 -1.34 -6.68
C TRP A 84 -3.61 -1.07 -5.68
N CYS A 85 -2.63 -1.97 -5.66
CA CYS A 85 -1.50 -1.83 -4.76
C CYS A 85 -0.94 -0.42 -4.90
N ILE A 86 -0.68 -0.03 -6.15
CA ILE A 86 -0.14 1.28 -6.43
C ILE A 86 -1.01 2.34 -5.75
N GLY A 87 -2.30 2.05 -5.69
CA GLY A 87 -3.25 2.97 -5.07
C GLY A 87 -3.15 2.92 -3.55
N ASN A 88 -3.11 1.69 -3.03
CA ASN A 88 -3.02 1.49 -1.59
C ASN A 88 -1.70 2.09 -1.09
N ALA A 89 -0.71 2.08 -1.97
CA ALA A 89 0.60 2.60 -1.62
C ALA A 89 0.52 4.13 -1.48
N TYR A 90 0.03 4.76 -2.55
CA TYR A 90 -0.11 6.20 -2.56
C TYR A 90 -1.00 6.67 -1.41
N THR A 91 -2.10 5.96 -1.22
CA THR A 91 -3.05 6.29 -0.17
C THR A 91 -2.33 6.35 1.18
N SER A 92 -1.56 5.31 1.45
CA SER A 92 -0.82 5.21 2.70
C SER A 92 0.24 6.31 2.75
N PHE A 93 1.04 6.38 1.69
CA PHE A 93 2.10 7.37 1.61
C PHE A 93 1.53 8.78 1.81
N ALA A 94 0.36 9.00 1.24
CA ALA A 94 -0.29 10.30 1.35
C ALA A 94 -0.45 10.67 2.82
N PHE A 95 -1.04 9.75 3.57
CA PHE A 95 -1.25 9.96 4.99
C PHE A 95 0.06 10.32 5.70
N LEU A 96 1.16 9.92 5.08
CA LEU A 96 2.47 10.19 5.64
C LEU A 96 2.97 11.55 5.12
N THR A 97 2.37 11.97 4.02
CA THR A 97 2.74 13.25 3.41
C THR A 97 1.77 14.34 3.85
N PRO A 98 2.34 15.37 4.53
CA PRO A 98 1.54 16.48 5.01
C PRO A 98 1.16 17.42 3.86
N ASP A 99 1.99 17.41 2.84
CA ASP A 99 1.75 18.24 1.67
C ASP A 99 0.39 17.89 1.06
N GLU A 100 -0.64 18.55 1.57
CA GLU A 100 -1.99 18.31 1.09
C GLU A 100 -1.99 18.17 -0.44
N THR A 101 -1.30 19.08 -1.09
CA THR A 101 -1.22 19.08 -2.53
C THR A 101 -0.75 17.71 -3.03
N GLU A 102 0.37 17.26 -2.48
CA GLU A 102 0.93 15.97 -2.85
C GLU A 102 0.05 14.84 -2.31
N ALA A 103 -0.25 14.93 -1.02
CA ALA A 103 -1.08 13.93 -0.38
C ALA A 103 -2.37 13.74 -1.17
N LYS A 104 -3.06 14.85 -1.38
CA LYS A 104 -4.31 14.83 -2.12
C LYS A 104 -4.04 14.30 -3.53
N HIS A 105 -3.07 14.92 -4.19
CA HIS A 105 -2.72 14.52 -5.54
C HIS A 105 -2.54 13.00 -5.60
N ASN A 106 -1.78 12.48 -4.66
CA ASN A 106 -1.52 11.05 -4.59
C ASN A 106 -2.81 10.33 -4.24
N PHE A 107 -3.50 10.85 -3.23
CA PHE A 107 -4.75 10.27 -2.79
C PHE A 107 -5.74 10.15 -3.94
N ASP A 108 -5.80 11.21 -4.74
CA ASP A 108 -6.70 11.24 -5.88
C ASP A 108 -6.14 10.34 -6.98
N LEU A 109 -4.84 10.10 -6.91
CA LEU A 109 -4.18 9.27 -7.91
C LEU A 109 -4.58 7.80 -7.68
N ALA A 110 -4.55 7.40 -6.42
CA ALA A 110 -4.91 6.05 -6.05
C ALA A 110 -6.28 5.71 -6.64
N THR A 111 -7.14 6.72 -6.68
CA THR A 111 -8.48 6.55 -7.21
C THR A 111 -8.42 6.12 -8.67
N GLN A 112 -7.73 6.92 -9.47
CA GLN A 112 -7.60 6.63 -10.89
C GLN A 112 -7.13 5.19 -11.09
N PHE A 113 -6.41 4.69 -10.09
CA PHE A 113 -5.89 3.34 -10.16
C PHE A 113 -6.95 2.32 -9.71
N PHE A 114 -7.58 2.62 -8.58
CA PHE A 114 -8.61 1.75 -8.04
C PHE A 114 -9.71 1.51 -9.07
N GLN A 115 -9.80 2.43 -10.02
CA GLN A 115 -10.81 2.32 -11.07
C GLN A 115 -10.42 1.24 -12.07
N GLN A 116 -9.11 1.00 -12.16
CA GLN A 116 -8.61 -0.01 -13.07
C GLN A 116 -8.73 -1.40 -12.45
N ALA A 117 -8.41 -1.47 -11.16
CA ALA A 117 -8.48 -2.74 -10.44
C ALA A 117 -9.90 -3.29 -10.54
N VAL A 118 -10.87 -2.43 -10.27
CA VAL A 118 -12.26 -2.83 -10.31
C VAL A 118 -12.65 -3.12 -11.76
N ASP A 119 -12.13 -2.30 -12.66
CA ASP A 119 -12.41 -2.47 -14.08
C ASP A 119 -12.27 -3.95 -14.45
N GLU A 120 -11.20 -4.56 -13.98
CA GLU A 120 -10.93 -5.96 -14.25
C GLU A 120 -11.94 -6.83 -13.50
N GLN A 121 -12.26 -6.41 -12.28
CA GLN A 121 -13.20 -7.16 -11.46
C GLN A 121 -13.77 -6.25 -10.37
N PRO A 122 -14.89 -5.56 -10.72
CA PRO A 122 -15.54 -4.66 -9.77
C PRO A 122 -16.31 -5.45 -8.71
N ASP A 123 -16.31 -6.76 -8.87
CA ASP A 123 -17.00 -7.63 -7.94
C ASP A 123 -16.06 -7.98 -6.79
N ASN A 124 -14.79 -7.66 -6.98
CA ASN A 124 -13.79 -7.93 -5.96
C ASN A 124 -14.07 -7.08 -4.72
N THR A 125 -14.48 -7.77 -3.66
CA THR A 125 -14.79 -7.10 -2.41
C THR A 125 -13.58 -6.29 -1.92
N HIS A 126 -12.41 -6.70 -2.37
CA HIS A 126 -11.18 -6.04 -1.98
C HIS A 126 -11.12 -4.66 -2.64
N TYR A 127 -11.18 -4.68 -3.97
CA TYR A 127 -11.13 -3.43 -4.73
C TYR A 127 -12.26 -2.50 -4.33
N LEU A 128 -13.40 -3.10 -3.99
CA LEU A 128 -14.57 -2.33 -3.59
C LEU A 128 -14.22 -1.50 -2.36
N LYS A 129 -13.65 -2.17 -1.37
CA LYS A 129 -13.26 -1.52 -0.13
C LYS A 129 -12.21 -0.45 -0.43
N SER A 130 -11.25 -0.83 -1.28
CA SER A 130 -10.18 0.07 -1.66
C SER A 130 -10.76 1.36 -2.24
N LEU A 131 -11.70 1.19 -3.16
CA LEU A 131 -12.35 2.33 -3.80
C LEU A 131 -13.26 3.02 -2.79
N GLU A 132 -14.02 2.21 -2.07
CA GLU A 132 -14.94 2.72 -1.07
C GLU A 132 -14.20 3.64 -0.10
N MET A 133 -13.06 3.15 0.38
CA MET A 133 -12.25 3.91 1.32
C MET A 133 -11.65 5.16 0.65
N THR A 134 -11.25 4.98 -0.60
CA THR A 134 -10.66 6.07 -1.36
C THR A 134 -11.66 7.22 -1.50
N ALA A 135 -12.93 6.88 -1.31
CA ALA A 135 -14.00 7.86 -1.41
C ALA A 135 -13.60 9.12 -0.63
N LYS A 136 -13.19 8.90 0.61
CA LYS A 136 -12.78 9.99 1.47
C LYS A 136 -11.25 10.07 1.51
N ALA A 137 -10.65 9.90 0.34
CA ALA A 137 -9.20 9.94 0.23
C ALA A 137 -8.69 11.30 0.72
N PRO A 138 -9.32 12.38 0.17
CA PRO A 138 -8.94 13.74 0.53
C PRO A 138 -9.48 14.09 1.92
N GLN A 139 -10.54 13.40 2.32
CA GLN A 139 -11.14 13.63 3.61
C GLN A 139 -10.36 12.92 4.71
N LEU A 140 -10.04 11.65 4.44
CA LEU A 140 -9.29 10.86 5.39
C LEU A 140 -7.99 11.59 5.76
N HIS A 141 -7.41 12.23 4.75
CA HIS A 141 -6.18 12.96 4.95
C HIS A 141 -6.43 14.17 5.85
N ALA A 142 -7.53 14.85 5.57
CA ALA A 142 -7.91 16.02 6.35
C ALA A 142 -8.14 15.61 7.81
N GLU A 143 -9.00 14.62 7.97
CA GLU A 143 -9.32 14.12 9.30
C GLU A 143 -8.12 13.40 9.90
N ALA A 144 -7.32 12.80 9.03
CA ALA A 144 -6.14 12.08 9.46
C ALA A 144 -5.22 13.04 10.24
N TYR A 145 -4.96 14.18 9.62
CA TYR A 145 -4.11 15.18 10.24
C TYR A 145 -4.91 16.10 11.17
N LYS A 146 -6.10 16.45 10.71
CA LYS A 146 -6.98 17.32 11.48
C LYS A 146 -7.26 16.67 12.83
N GLN A 147 -7.62 15.40 12.78
CA GLN A 147 -7.93 14.65 13.98
C GLN A 147 -6.64 14.07 14.59
N GLY A 148 -6.25 14.65 15.71
CA GLY A 148 -5.04 14.20 16.40
C GLY A 148 -4.03 15.34 16.50
N LEU A 149 -4.42 16.38 17.22
CA LEU A 149 -3.55 17.53 17.41
C LEU A 149 -4.21 18.51 18.39
N GLY A 150 -5.34 19.05 17.95
CA GLY A 150 -6.07 20.00 18.78
C GLY A 150 -7.49 20.21 18.25
N GLY A 151 -8.41 19.41 18.77
CA GLY A 151 -9.80 19.49 18.36
C GLY A 151 -10.64 20.24 19.39
N SER A 152 -11.95 20.07 19.30
CA SER A 152 -12.86 20.72 20.21
C SER A 152 -12.61 22.23 20.22
N HIS A 153 -13.43 22.94 19.47
CA HIS A 153 -13.31 24.39 19.38
C HIS A 153 -14.68 25.00 19.14
N HIS A 154 -15.28 24.64 18.00
CA HIS A 154 -16.58 25.15 17.65
C HIS A 154 -17.20 24.26 16.56
N HIS A 155 -18.39 23.74 16.87
CA HIS A 155 -19.08 22.88 15.93
C HIS A 155 -20.56 22.81 16.31
N HIS A 156 -21.38 23.51 15.53
CA HIS A 156 -22.81 23.52 15.78
C HIS A 156 -23.55 23.77 14.45
N HIS A 157 -23.29 24.94 13.88
CA HIS A 157 -23.92 25.30 12.62
C HIS A 157 -23.45 24.36 11.52
N HIS A 158 -24.20 24.36 10.42
CA HIS A 158 -23.87 23.51 9.29
C HIS A 158 -22.52 23.92 8.72
N GLY A 1 -2.27 -28.56 -1.54
CA GLY A 1 -2.82 -28.23 -0.24
C GLY A 1 -2.82 -26.72 0.00
N PRO A 2 -3.30 -26.33 1.20
CA PRO A 2 -3.36 -24.92 1.57
C PRO A 2 -1.97 -24.38 1.91
N LEU A 3 -1.24 -25.17 2.69
CA LEU A 3 0.10 -24.78 3.09
C LEU A 3 0.03 -23.52 3.95
N GLY A 4 -0.09 -23.73 5.24
CA GLY A 4 -0.18 -22.63 6.19
C GLY A 4 -0.57 -23.12 7.58
N SER A 5 0.28 -22.82 8.55
CA SER A 5 0.03 -23.24 9.92
C SER A 5 -0.95 -22.26 10.58
N MET A 6 -0.85 -21.00 10.18
CA MET A 6 -1.71 -19.97 10.72
C MET A 6 -1.58 -19.89 12.25
N ASP A 7 -2.21 -18.88 12.82
CA ASP A 7 -2.17 -18.67 14.25
C ASP A 7 -0.73 -18.39 14.68
N THR A 8 -0.40 -17.10 14.71
CA THR A 8 0.94 -16.69 15.10
C THR A 8 0.86 -15.53 16.10
N GLU A 9 -0.02 -14.59 15.81
CA GLU A 9 -0.20 -13.45 16.68
C GLU A 9 1.15 -12.75 16.92
N THR A 10 1.07 -11.60 17.58
CA THR A 10 2.26 -10.82 17.88
C THR A 10 2.60 -9.90 16.71
N GLU A 11 2.32 -10.38 15.51
CA GLU A 11 2.59 -9.60 14.31
C GLU A 11 4.02 -9.87 13.82
N PHE A 12 4.93 -9.98 14.77
CA PHE A 12 6.31 -10.24 14.45
C PHE A 12 6.46 -11.47 13.54
N ASP A 13 5.91 -12.57 14.01
CA ASP A 13 5.96 -13.81 13.25
C ASP A 13 5.54 -13.54 11.81
N ARG A 14 4.57 -12.65 11.67
CA ARG A 14 4.06 -12.30 10.35
C ARG A 14 5.05 -11.39 9.62
N ILE A 15 5.75 -10.59 10.42
CA ILE A 15 6.74 -9.68 9.86
C ILE A 15 7.88 -10.47 9.23
N LEU A 16 8.27 -11.53 9.92
CA LEU A 16 9.34 -12.39 9.44
C LEU A 16 8.98 -12.91 8.04
N LEU A 17 7.73 -13.36 7.93
CA LEU A 17 7.25 -13.89 6.67
C LEU A 17 7.40 -12.83 5.57
N PHE A 18 6.98 -11.62 5.91
CA PHE A 18 7.06 -10.51 4.97
C PHE A 18 8.52 -10.19 4.63
N GLU A 19 9.38 -10.32 5.64
CA GLU A 19 10.79 -10.04 5.46
C GLU A 19 11.38 -10.99 4.41
N GLN A 20 11.24 -12.28 4.66
CA GLN A 20 11.74 -13.29 3.75
C GLN A 20 11.21 -13.04 2.34
N ILE A 21 10.05 -12.43 2.27
CA ILE A 21 9.42 -12.12 1.00
C ILE A 21 10.20 -11.00 0.31
N ARG A 22 10.37 -9.91 1.04
CA ARG A 22 11.08 -8.76 0.50
C ARG A 22 12.44 -9.19 -0.03
N GLN A 23 13.19 -9.90 0.81
CA GLN A 23 14.50 -10.38 0.43
C GLN A 23 14.43 -11.19 -0.86
N ASP A 24 13.57 -12.20 -0.84
CA ASP A 24 13.39 -13.06 -1.99
C ASP A 24 12.97 -12.20 -3.19
N ALA A 25 12.14 -11.20 -2.91
CA ALA A 25 11.66 -10.31 -3.94
C ALA A 25 12.85 -9.69 -4.67
N GLU A 26 13.84 -9.28 -3.88
CA GLU A 26 15.03 -8.67 -4.44
C GLU A 26 15.82 -9.70 -5.26
N ASN A 27 15.84 -10.92 -4.76
CA ASN A 27 16.56 -11.99 -5.43
C ASN A 27 15.77 -12.42 -6.67
N THR A 28 14.45 -12.34 -6.56
CA THR A 28 13.58 -12.72 -7.65
C THR A 28 13.81 -11.80 -8.85
N TYR A 29 14.34 -10.62 -8.56
CA TYR A 29 14.61 -9.64 -9.61
C TYR A 29 15.68 -10.16 -10.57
N LYS A 30 16.86 -10.40 -10.03
CA LYS A 30 17.98 -10.88 -10.82
C LYS A 30 17.64 -12.28 -11.35
N SER A 31 16.74 -12.95 -10.64
CA SER A 31 16.33 -14.29 -11.02
C SER A 31 15.30 -14.21 -12.15
N ASN A 32 14.41 -13.24 -12.04
CA ASN A 32 13.37 -13.05 -13.04
C ASN A 32 12.68 -11.71 -12.80
N PRO A 33 13.24 -10.65 -13.44
CA PRO A 33 12.69 -9.31 -13.31
C PRO A 33 11.41 -9.16 -14.13
N LEU A 34 11.04 -10.25 -14.78
CA LEU A 34 9.83 -10.25 -15.60
C LEU A 34 8.65 -10.69 -14.75
N ASP A 35 8.96 -11.38 -13.65
CA ASP A 35 7.92 -11.86 -12.75
C ASP A 35 7.21 -10.66 -12.12
N ALA A 36 6.06 -10.32 -12.69
CA ALA A 36 5.27 -9.21 -12.20
C ALA A 36 4.58 -9.61 -10.89
N ASP A 37 4.01 -10.81 -10.91
CA ASP A 37 3.32 -11.32 -9.74
C ASP A 37 4.22 -11.15 -8.51
N ASN A 38 5.45 -11.61 -8.65
CA ASN A 38 6.41 -11.51 -7.56
C ASN A 38 6.73 -10.04 -7.30
N LEU A 39 6.98 -9.32 -8.38
CA LEU A 39 7.29 -7.91 -8.28
C LEU A 39 6.22 -7.19 -7.46
N THR A 40 4.97 -7.44 -7.84
CA THR A 40 3.84 -6.84 -7.16
C THR A 40 3.86 -7.22 -5.67
N ARG A 41 4.29 -8.44 -5.41
CA ARG A 41 4.37 -8.92 -4.04
C ARG A 41 5.49 -8.21 -3.28
N TRP A 42 6.47 -7.76 -4.04
CA TRP A 42 7.61 -7.06 -3.45
C TRP A 42 7.10 -5.75 -2.85
N GLY A 43 6.03 -5.24 -3.44
CA GLY A 43 5.42 -4.01 -2.97
C GLY A 43 4.49 -4.25 -1.78
N GLY A 44 3.47 -5.07 -2.04
CA GLY A 44 2.51 -5.40 -1.00
C GLY A 44 3.20 -5.66 0.34
N VAL A 45 4.28 -6.42 0.26
CA VAL A 45 5.05 -6.74 1.46
C VAL A 45 5.71 -5.47 2.00
N LEU A 46 6.18 -4.64 1.08
CA LEU A 46 6.83 -3.40 1.45
C LEU A 46 5.84 -2.52 2.22
N LEU A 47 4.62 -2.49 1.72
CA LEU A 47 3.57 -1.69 2.34
C LEU A 47 3.26 -2.27 3.72
N GLU A 48 3.30 -3.59 3.80
CA GLU A 48 3.02 -4.28 5.05
C GLU A 48 4.09 -3.94 6.09
N LEU A 49 5.33 -4.25 5.73
CA LEU A 49 6.46 -4.00 6.62
C LEU A 49 6.55 -2.49 6.90
N SER A 50 6.12 -1.72 5.92
CA SER A 50 6.14 -0.27 6.04
C SER A 50 5.42 0.15 7.33
N GLN A 51 4.34 -0.55 7.62
CA GLN A 51 3.55 -0.26 8.81
C GLN A 51 4.35 -0.60 10.07
N PHE A 52 5.10 -1.68 9.98
CA PHE A 52 5.92 -2.12 11.10
C PHE A 52 7.20 -1.28 11.22
N HIS A 53 7.57 -0.68 10.10
CA HIS A 53 8.77 0.15 10.06
C HIS A 53 8.46 1.52 10.66
N SER A 54 8.10 2.44 9.78
CA SER A 54 7.77 3.79 10.21
C SER A 54 7.45 4.67 9.00
N ILE A 55 6.65 5.69 9.24
CA ILE A 55 6.25 6.60 8.18
C ILE A 55 7.49 7.04 7.40
N SER A 56 8.52 7.42 8.16
CA SER A 56 9.76 7.85 7.55
C SER A 56 10.19 6.87 6.45
N ASP A 57 10.34 5.62 6.85
CA ASP A 57 10.74 4.59 5.91
C ASP A 57 9.55 4.22 5.03
N ALA A 58 8.40 4.06 5.66
CA ALA A 58 7.19 3.71 4.94
C ALA A 58 7.08 4.58 3.69
N LYS A 59 7.51 5.83 3.83
CA LYS A 59 7.47 6.76 2.72
C LYS A 59 8.41 6.29 1.62
N GLN A 60 9.67 6.15 1.98
CA GLN A 60 10.69 5.71 1.04
C GLN A 60 10.36 4.30 0.54
N MET A 61 9.83 3.50 1.46
CA MET A 61 9.48 2.13 1.13
C MET A 61 8.32 2.08 0.14
N ILE A 62 7.44 3.07 0.27
CA ILE A 62 6.27 3.16 -0.61
C ILE A 62 6.73 3.56 -2.02
N GLN A 63 7.59 4.56 -2.06
CA GLN A 63 8.11 5.06 -3.33
C GLN A 63 8.66 3.90 -4.16
N GLU A 64 9.52 3.11 -3.53
CA GLU A 64 10.12 1.97 -4.20
C GLU A 64 9.06 0.92 -4.51
N ALA A 65 8.10 0.80 -3.61
CA ALA A 65 7.02 -0.16 -3.77
C ALA A 65 6.27 0.15 -5.06
N ILE A 66 6.21 1.44 -5.39
CA ILE A 66 5.53 1.87 -6.60
C ILE A 66 6.32 1.42 -7.82
N THR A 67 7.57 1.85 -7.86
CA THR A 67 8.45 1.50 -8.97
C THR A 67 8.39 0.01 -9.24
N LYS A 68 8.27 -0.75 -8.16
CA LYS A 68 8.21 -2.20 -8.26
C LYS A 68 6.96 -2.61 -9.07
N PHE A 69 5.86 -1.92 -8.78
CA PHE A 69 4.61 -2.19 -9.47
C PHE A 69 4.71 -1.79 -10.94
N GLU A 70 5.35 -0.66 -11.18
CA GLU A 70 5.52 -0.16 -12.54
C GLU A 70 6.08 -1.26 -13.44
N GLU A 71 7.21 -1.80 -13.04
CA GLU A 71 7.86 -2.85 -13.79
C GLU A 71 6.90 -4.04 -13.98
N ALA A 72 6.10 -4.27 -12.95
CA ALA A 72 5.14 -5.37 -12.99
C ALA A 72 4.09 -5.08 -14.05
N LEU A 73 3.59 -3.86 -14.03
CA LEU A 73 2.58 -3.44 -14.99
C LEU A 73 3.11 -3.64 -16.41
N LEU A 74 4.43 -3.54 -16.53
CA LEU A 74 5.08 -3.70 -17.82
C LEU A 74 4.96 -5.16 -18.26
N ILE A 75 5.23 -6.06 -17.32
CA ILE A 75 5.16 -7.47 -17.60
C ILE A 75 3.70 -7.86 -17.90
N ASP A 76 2.80 -7.31 -17.10
CA ASP A 76 1.39 -7.59 -17.26
C ASP A 76 0.58 -6.33 -16.95
N PRO A 77 -0.01 -5.74 -18.01
CA PRO A 77 -0.81 -4.53 -17.85
C PRO A 77 -2.17 -4.85 -17.23
N LYS A 78 -2.54 -6.11 -17.32
CA LYS A 78 -3.81 -6.56 -16.77
C LYS A 78 -3.65 -6.83 -15.28
N LYS A 79 -2.46 -6.55 -14.78
CA LYS A 79 -2.16 -6.75 -13.37
C LYS A 79 -2.97 -5.76 -12.54
N ASP A 80 -4.25 -6.07 -12.38
CA ASP A 80 -5.14 -5.22 -11.61
C ASP A 80 -4.52 -4.95 -10.24
N GLU A 81 -3.75 -5.93 -9.77
CA GLU A 81 -3.10 -5.80 -8.48
C GLU A 81 -2.03 -4.71 -8.53
N ALA A 82 -1.15 -4.83 -9.50
CA ALA A 82 -0.08 -3.86 -9.67
C ALA A 82 -0.68 -2.45 -9.69
N VAL A 83 -1.89 -2.36 -10.23
CA VAL A 83 -2.57 -1.08 -10.33
C VAL A 83 -3.09 -0.68 -8.94
N TRP A 84 -3.84 -1.60 -8.34
CA TRP A 84 -4.39 -1.36 -7.02
C TRP A 84 -3.24 -1.08 -6.06
N CYS A 85 -2.22 -1.93 -6.14
CA CYS A 85 -1.05 -1.78 -5.29
C CYS A 85 -0.57 -0.32 -5.39
N ILE A 86 -0.33 0.10 -6.62
CA ILE A 86 0.13 1.46 -6.86
C ILE A 86 -0.80 2.44 -6.14
N GLY A 87 -2.09 2.14 -6.20
CA GLY A 87 -3.07 2.99 -5.55
C GLY A 87 -2.96 2.93 -4.03
N ASN A 88 -2.72 1.72 -3.54
CA ASN A 88 -2.58 1.51 -2.10
C ASN A 88 -1.34 2.26 -1.61
N ALA A 89 -0.31 2.23 -2.43
CA ALA A 89 0.95 2.89 -2.09
C ALA A 89 0.70 4.40 -1.98
N TYR A 90 0.17 4.95 -3.06
CA TYR A 90 -0.12 6.38 -3.10
C TYR A 90 -1.07 6.78 -1.96
N THR A 91 -2.13 6.00 -1.83
CA THR A 91 -3.12 6.26 -0.79
C THR A 91 -2.47 6.26 0.59
N SER A 92 -1.65 5.24 0.82
CA SER A 92 -0.96 5.11 2.09
C SER A 92 0.05 6.25 2.25
N PHE A 93 0.89 6.40 1.23
CA PHE A 93 1.91 7.43 1.25
C PHE A 93 1.30 8.80 1.56
N ALA A 94 0.08 8.99 1.05
CA ALA A 94 -0.62 10.25 1.26
C ALA A 94 -0.78 10.49 2.76
N PHE A 95 -1.26 9.47 3.44
CA PHE A 95 -1.47 9.57 4.88
C PHE A 95 -0.16 9.90 5.60
N LEU A 96 0.94 9.62 4.92
CA LEU A 96 2.24 9.90 5.49
C LEU A 96 2.75 11.25 4.97
N THR A 97 1.96 11.84 4.09
CA THR A 97 2.30 13.13 3.52
C THR A 97 1.56 14.25 4.25
N PRO A 98 2.33 15.01 5.08
CA PRO A 98 1.76 16.10 5.84
C PRO A 98 1.49 17.32 4.94
N ASP A 99 2.06 17.25 3.73
CA ASP A 99 1.89 18.33 2.78
C ASP A 99 0.40 18.53 2.50
N GLU A 100 -0.27 17.42 2.19
CA GLU A 100 -1.68 17.46 1.89
C GLU A 100 -1.92 17.48 0.38
N THR A 101 -1.31 18.47 -0.26
CA THR A 101 -1.45 18.63 -1.70
C THR A 101 -0.96 17.37 -2.41
N GLU A 102 0.14 16.82 -1.90
CA GLU A 102 0.72 15.62 -2.47
C GLU A 102 -0.11 14.39 -2.09
N ALA A 103 -0.63 14.43 -0.86
CA ALA A 103 -1.45 13.33 -0.37
C ALA A 103 -2.76 13.28 -1.13
N LYS A 104 -3.43 14.42 -1.17
CA LYS A 104 -4.70 14.52 -1.87
C LYS A 104 -4.51 14.09 -3.34
N HIS A 105 -3.52 14.69 -3.97
CA HIS A 105 -3.22 14.37 -5.35
C HIS A 105 -3.05 12.86 -5.51
N ASN A 106 -2.33 12.27 -4.58
CA ASN A 106 -2.08 10.85 -4.59
C ASN A 106 -3.42 10.10 -4.48
N PHE A 107 -4.17 10.47 -3.45
CA PHE A 107 -5.46 9.84 -3.21
C PHE A 107 -6.32 9.87 -4.48
N ASP A 108 -6.33 11.02 -5.13
CA ASP A 108 -7.10 11.18 -6.35
C ASP A 108 -6.43 10.39 -7.48
N LEU A 109 -5.15 10.08 -7.27
CA LEU A 109 -4.40 9.33 -8.26
C LEU A 109 -4.75 7.85 -8.16
N ALA A 110 -4.75 7.36 -6.93
CA ALA A 110 -5.07 5.96 -6.68
C ALA A 110 -6.48 5.66 -7.21
N THR A 111 -7.27 6.72 -7.30
CA THR A 111 -8.64 6.57 -7.79
C THR A 111 -8.64 6.06 -9.23
N GLN A 112 -7.93 6.79 -10.09
CA GLN A 112 -7.85 6.41 -11.49
C GLN A 112 -7.29 5.00 -11.62
N PHE A 113 -6.56 4.57 -10.59
CA PHE A 113 -5.98 3.24 -10.59
C PHE A 113 -6.99 2.20 -10.14
N PHE A 114 -7.69 2.50 -9.05
CA PHE A 114 -8.69 1.60 -8.52
C PHE A 114 -9.71 1.21 -9.59
N GLN A 115 -9.94 2.14 -10.50
CA GLN A 115 -10.89 1.91 -11.57
C GLN A 115 -10.44 0.70 -12.42
N GLN A 116 -9.13 0.52 -12.48
CA GLN A 116 -8.57 -0.58 -13.24
C GLN A 116 -8.62 -1.87 -12.43
N ALA A 117 -8.29 -1.75 -11.15
CA ALA A 117 -8.29 -2.90 -10.26
C ALA A 117 -9.72 -3.45 -10.17
N VAL A 118 -10.66 -2.55 -9.92
CA VAL A 118 -12.06 -2.95 -9.81
C VAL A 118 -12.56 -3.42 -11.17
N ASP A 119 -12.02 -2.79 -12.21
CA ASP A 119 -12.41 -3.14 -13.58
C ASP A 119 -12.44 -4.66 -13.71
N GLU A 120 -11.41 -5.30 -13.19
CA GLU A 120 -11.31 -6.74 -13.26
C GLU A 120 -12.26 -7.39 -12.24
N GLN A 121 -12.27 -6.84 -11.04
CA GLN A 121 -13.12 -7.35 -9.98
C GLN A 121 -13.73 -6.19 -9.20
N PRO A 122 -14.84 -5.63 -9.75
CA PRO A 122 -15.53 -4.52 -9.10
C PRO A 122 -16.33 -5.00 -7.88
N ASP A 123 -16.50 -6.31 -7.81
CA ASP A 123 -17.24 -6.92 -6.71
C ASP A 123 -16.26 -7.30 -5.60
N ASN A 124 -14.98 -7.27 -5.95
CA ASN A 124 -13.95 -7.62 -5.00
C ASN A 124 -14.00 -6.65 -3.81
N THR A 125 -14.20 -7.22 -2.63
CA THR A 125 -14.27 -6.42 -1.41
C THR A 125 -13.00 -5.59 -1.25
N HIS A 126 -11.90 -6.13 -1.74
CA HIS A 126 -10.61 -5.46 -1.65
C HIS A 126 -10.61 -4.25 -2.57
N TYR A 127 -10.82 -4.51 -3.86
CA TYR A 127 -10.84 -3.45 -4.85
C TYR A 127 -11.95 -2.45 -4.56
N LEU A 128 -12.95 -2.92 -3.83
CA LEU A 128 -14.07 -2.07 -3.46
C LEU A 128 -13.64 -1.07 -2.39
N LYS A 129 -12.92 -1.59 -1.40
CA LYS A 129 -12.43 -0.76 -0.31
C LYS A 129 -11.55 0.36 -0.88
N SER A 130 -10.68 -0.04 -1.80
CA SER A 130 -9.78 0.91 -2.43
C SER A 130 -10.58 2.02 -3.11
N LEU A 131 -11.63 1.60 -3.80
CA LEU A 131 -12.48 2.55 -4.51
C LEU A 131 -13.29 3.36 -3.50
N GLU A 132 -13.76 2.66 -2.47
CA GLU A 132 -14.54 3.30 -1.43
C GLU A 132 -13.67 4.27 -0.62
N MET A 133 -12.41 3.89 -0.46
CA MET A 133 -11.47 4.70 0.28
C MET A 133 -11.41 6.13 -0.28
N THR A 134 -11.61 6.22 -1.59
CA THR A 134 -11.59 7.51 -2.26
C THR A 134 -12.72 8.39 -1.74
N ALA A 135 -13.84 7.75 -1.42
CA ALA A 135 -14.99 8.47 -0.91
C ALA A 135 -14.53 9.58 0.03
N LYS A 136 -13.63 9.21 0.92
CA LYS A 136 -13.10 10.15 1.89
C LYS A 136 -11.57 10.20 1.77
N ALA A 137 -11.11 10.28 0.53
CA ALA A 137 -9.68 10.33 0.27
C ALA A 137 -9.10 11.62 0.86
N PRO A 138 -9.77 12.76 0.52
CA PRO A 138 -9.33 14.06 1.00
C PRO A 138 -9.70 14.24 2.48
N GLN A 139 -10.73 13.53 2.89
CA GLN A 139 -11.20 13.60 4.27
C GLN A 139 -10.32 12.72 5.17
N LEU A 140 -10.16 11.47 4.74
CA LEU A 140 -9.36 10.53 5.49
C LEU A 140 -8.03 11.18 5.86
N HIS A 141 -7.47 11.88 4.90
CA HIS A 141 -6.19 12.55 5.10
C HIS A 141 -6.36 13.68 6.12
N ALA A 142 -7.43 14.45 5.93
CA ALA A 142 -7.73 15.55 6.82
C ALA A 142 -7.94 15.02 8.24
N GLU A 143 -8.84 14.06 8.34
CA GLU A 143 -9.16 13.46 9.62
C GLU A 143 -7.97 12.64 10.13
N ALA A 144 -7.18 12.15 9.19
CA ALA A 144 -6.02 11.36 9.53
C ALA A 144 -5.08 12.18 10.40
N TYR A 145 -4.74 13.37 9.90
CA TYR A 145 -3.86 14.26 10.62
C TYR A 145 -4.64 15.11 11.63
N LYS A 146 -5.80 15.57 11.19
CA LYS A 146 -6.65 16.40 12.04
C LYS A 146 -6.99 15.62 13.32
N GLN A 147 -7.41 14.38 13.12
CA GLN A 147 -7.76 13.52 14.24
C GLN A 147 -6.52 12.87 14.84
N GLY A 148 -6.34 13.08 16.13
CA GLY A 148 -5.19 12.52 16.83
C GLY A 148 -4.92 13.27 18.13
N LEU A 149 -3.65 13.53 18.38
CA LEU A 149 -3.24 14.23 19.58
C LEU A 149 -3.57 13.37 20.80
N GLY A 150 -3.09 13.83 21.95
CA GLY A 150 -3.32 13.12 23.20
C GLY A 150 -4.78 13.22 23.63
N GLY A 151 -5.35 12.08 23.95
CA GLY A 151 -6.74 12.02 24.38
C GLY A 151 -7.65 11.60 23.23
N SER A 152 -7.98 12.58 22.40
CA SER A 152 -8.84 12.33 21.26
C SER A 152 -10.22 11.87 21.73
N HIS A 153 -11.25 12.39 21.09
CA HIS A 153 -12.62 12.05 21.43
C HIS A 153 -12.77 10.52 21.40
N HIS A 154 -13.62 10.03 22.30
CA HIS A 154 -13.87 8.61 22.39
C HIS A 154 -14.84 8.19 21.29
N HIS A 155 -14.34 7.38 20.37
CA HIS A 155 -15.15 6.90 19.26
C HIS A 155 -16.30 6.06 19.81
N HIS A 156 -17.22 5.72 18.91
CA HIS A 156 -18.37 4.91 19.27
C HIS A 156 -17.92 3.50 19.64
N HIS A 157 -18.73 2.84 20.45
CA HIS A 157 -18.42 1.48 20.89
C HIS A 157 -19.02 0.49 19.88
N HIS A 158 -18.43 -0.71 19.88
CA HIS A 158 -18.90 -1.76 18.99
C HIS A 158 -19.07 -3.06 19.77
N GLY A 1 -1.00 -26.58 4.85
CA GLY A 1 -0.28 -27.24 5.93
C GLY A 1 -0.45 -26.47 7.25
N PRO A 2 0.26 -26.97 8.30
CA PRO A 2 0.21 -26.35 9.60
C PRO A 2 1.02 -25.05 9.64
N LEU A 3 2.27 -25.17 9.22
CA LEU A 3 3.16 -24.01 9.19
C LEU A 3 3.49 -23.60 10.62
N GLY A 4 2.48 -23.10 11.32
CA GLY A 4 2.65 -22.67 12.69
C GLY A 4 3.25 -21.25 12.74
N SER A 5 2.59 -20.33 12.07
CA SER A 5 3.05 -18.95 12.03
C SER A 5 2.59 -18.22 13.29
N MET A 6 1.44 -18.64 13.80
CA MET A 6 0.88 -18.03 15.00
C MET A 6 1.77 -18.30 16.21
N ASP A 7 1.95 -17.26 17.02
CA ASP A 7 2.77 -17.38 18.21
C ASP A 7 2.54 -16.15 19.10
N THR A 8 2.98 -15.01 18.59
CA THR A 8 2.82 -13.76 19.32
C THR A 8 1.66 -12.94 18.76
N GLU A 9 1.48 -13.06 17.44
CA GLU A 9 0.41 -12.34 16.78
C GLU A 9 0.46 -10.85 17.14
N THR A 10 1.63 -10.42 17.55
CA THR A 10 1.82 -9.02 17.93
C THR A 10 2.17 -8.17 16.70
N GLU A 11 1.92 -8.75 15.53
CA GLU A 11 2.20 -8.06 14.28
C GLU A 11 3.64 -8.33 13.84
N PHE A 12 4.52 -8.41 14.83
CA PHE A 12 5.92 -8.67 14.55
C PHE A 12 6.11 -9.99 13.79
N ASP A 13 5.47 -11.03 14.31
CA ASP A 13 5.55 -12.34 13.70
C ASP A 13 5.15 -12.24 12.23
N ARG A 14 4.15 -11.38 11.97
CA ARG A 14 3.68 -11.18 10.62
C ARG A 14 4.73 -10.49 9.77
N ILE A 15 5.48 -9.60 10.42
CA ILE A 15 6.54 -8.87 9.74
C ILE A 15 7.64 -9.84 9.32
N LEU A 16 7.96 -10.76 10.23
CA LEU A 16 8.99 -11.75 9.97
C LEU A 16 8.68 -12.47 8.67
N LEU A 17 7.39 -12.73 8.46
CA LEU A 17 6.95 -13.42 7.26
C LEU A 17 7.14 -12.50 6.05
N PHE A 18 6.74 -11.26 6.22
CA PHE A 18 6.85 -10.27 5.16
C PHE A 18 8.32 -10.02 4.83
N GLU A 19 9.16 -10.17 5.84
CA GLU A 19 10.59 -9.95 5.67
C GLU A 19 11.17 -10.98 4.68
N GLN A 20 10.92 -12.24 4.97
CA GLN A 20 11.40 -13.31 4.13
C GLN A 20 10.90 -13.13 2.69
N ILE A 21 9.72 -12.54 2.58
CA ILE A 21 9.11 -12.31 1.29
C ILE A 21 9.87 -11.19 0.57
N ARG A 22 10.15 -10.13 1.32
CA ARG A 22 10.87 -8.99 0.77
C ARG A 22 12.17 -9.46 0.12
N GLN A 23 12.96 -10.19 0.89
CA GLN A 23 14.23 -10.69 0.39
C GLN A 23 14.00 -11.66 -0.77
N ASP A 24 12.93 -12.44 -0.64
CA ASP A 24 12.59 -13.41 -1.66
C ASP A 24 12.15 -12.68 -2.93
N ALA A 25 11.38 -11.62 -2.72
CA ALA A 25 10.88 -10.83 -3.84
C ALA A 25 12.03 -9.98 -4.40
N GLU A 26 12.61 -9.17 -3.53
CA GLU A 26 13.70 -8.31 -3.93
C GLU A 26 14.79 -9.13 -4.66
N ASN A 27 15.20 -10.22 -4.01
CA ASN A 27 16.21 -11.08 -4.58
C ASN A 27 15.69 -11.66 -5.90
N THR A 28 14.46 -12.12 -5.86
CA THR A 28 13.85 -12.71 -7.04
C THR A 28 13.90 -11.72 -8.21
N TYR A 29 13.90 -10.45 -7.86
CA TYR A 29 13.95 -9.40 -8.87
C TYR A 29 15.07 -9.65 -9.88
N LYS A 30 16.29 -9.70 -9.37
CA LYS A 30 17.44 -9.94 -10.22
C LYS A 30 17.32 -11.32 -10.86
N SER A 31 16.61 -12.20 -10.17
CA SER A 31 16.41 -13.56 -10.66
C SER A 31 15.48 -13.54 -11.88
N ASN A 32 14.57 -12.58 -11.87
CA ASN A 32 13.62 -12.44 -12.96
C ASN A 32 12.86 -11.11 -12.82
N PRO A 33 13.40 -10.08 -13.52
CA PRO A 33 12.79 -8.75 -13.48
C PRO A 33 11.51 -8.72 -14.31
N LEU A 34 11.17 -9.86 -14.88
CA LEU A 34 9.98 -9.97 -15.71
C LEU A 34 8.87 -10.64 -14.90
N ASP A 35 9.15 -10.85 -13.61
CA ASP A 35 8.19 -11.48 -12.72
C ASP A 35 7.27 -10.41 -12.13
N ALA A 36 6.10 -10.28 -12.75
CA ALA A 36 5.13 -9.30 -12.30
C ALA A 36 4.50 -9.78 -10.99
N ASP A 37 4.40 -11.10 -10.86
CA ASP A 37 3.82 -11.69 -9.67
C ASP A 37 4.74 -11.40 -8.47
N ASN A 38 5.99 -11.78 -8.61
CA ASN A 38 6.97 -11.58 -7.55
C ASN A 38 7.24 -10.08 -7.41
N LEU A 39 7.20 -9.39 -8.54
CA LEU A 39 7.44 -7.96 -8.55
C LEU A 39 6.30 -7.25 -7.82
N THR A 40 5.08 -7.69 -8.09
CA THR A 40 3.91 -7.12 -7.47
C THR A 40 3.87 -7.45 -5.97
N ARG A 41 4.20 -8.71 -5.67
CA ARG A 41 4.23 -9.16 -4.29
C ARG A 41 5.36 -8.49 -3.53
N TRP A 42 6.38 -8.07 -4.26
CA TRP A 42 7.51 -7.41 -3.67
C TRP A 42 7.05 -6.06 -3.12
N GLY A 43 6.01 -5.54 -3.74
CA GLY A 43 5.45 -4.26 -3.32
C GLY A 43 4.45 -4.43 -2.19
N GLY A 44 3.47 -5.28 -2.43
CA GLY A 44 2.44 -5.56 -1.44
C GLY A 44 3.05 -5.72 -0.05
N VAL A 45 4.17 -6.43 -0.02
CA VAL A 45 4.87 -6.67 1.24
C VAL A 45 5.43 -5.35 1.77
N LEU A 46 6.11 -4.63 0.89
CA LEU A 46 6.69 -3.36 1.25
C LEU A 46 5.65 -2.51 1.99
N LEU A 47 4.44 -2.49 1.43
CA LEU A 47 3.36 -1.73 2.01
C LEU A 47 2.99 -2.33 3.37
N GLU A 48 3.06 -3.65 3.44
CA GLU A 48 2.75 -4.36 4.66
C GLU A 48 3.73 -3.98 5.77
N LEU A 49 5.01 -4.20 5.48
CA LEU A 49 6.06 -3.89 6.43
C LEU A 49 5.94 -2.41 6.84
N SER A 50 5.53 -1.60 5.88
CA SER A 50 5.38 -0.17 6.12
C SER A 50 4.37 0.06 7.25
N GLN A 51 3.65 -1.01 7.59
CA GLN A 51 2.65 -0.93 8.63
C GLN A 51 3.32 -0.72 9.99
N PHE A 52 4.62 -0.94 10.01
CA PHE A 52 5.39 -0.78 11.24
C PHE A 52 6.87 -0.56 10.93
N HIS A 53 7.13 -0.10 9.72
CA HIS A 53 8.50 0.17 9.29
C HIS A 53 8.82 1.65 9.48
N SER A 54 7.87 2.36 10.07
CA SER A 54 8.04 3.78 10.32
C SER A 54 7.64 4.57 9.07
N ILE A 55 6.78 5.56 9.27
CA ILE A 55 6.33 6.39 8.18
C ILE A 55 7.53 6.84 7.35
N SER A 56 8.54 7.33 8.05
CA SER A 56 9.75 7.80 7.40
C SER A 56 10.18 6.80 6.32
N ASP A 57 10.36 5.56 6.74
CA ASP A 57 10.77 4.51 5.83
C ASP A 57 9.60 4.14 4.91
N ALA A 58 8.43 4.01 5.52
CA ALA A 58 7.24 3.68 4.78
C ALA A 58 7.17 4.53 3.51
N LYS A 59 7.64 5.76 3.64
CA LYS A 59 7.64 6.68 2.51
C LYS A 59 8.58 6.14 1.42
N GLN A 60 9.83 5.94 1.80
CA GLN A 60 10.83 5.44 0.87
C GLN A 60 10.45 4.03 0.41
N MET A 61 9.87 3.27 1.33
CA MET A 61 9.46 1.91 1.03
C MET A 61 8.31 1.90 0.02
N ILE A 62 7.46 2.90 0.14
CA ILE A 62 6.31 3.02 -0.76
C ILE A 62 6.80 3.43 -2.15
N GLN A 63 7.65 4.45 -2.17
CA GLN A 63 8.18 4.95 -3.42
C GLN A 63 8.68 3.79 -4.29
N GLU A 64 9.55 2.98 -3.70
CA GLU A 64 10.11 1.83 -4.41
C GLU A 64 9.01 0.82 -4.71
N ALA A 65 8.06 0.72 -3.79
CA ALA A 65 6.95 -0.21 -3.95
C ALA A 65 6.18 0.15 -5.23
N ILE A 66 6.21 1.43 -5.56
CA ILE A 66 5.52 1.92 -6.74
C ILE A 66 6.35 1.57 -7.98
N THR A 67 7.58 2.05 -7.99
CA THR A 67 8.47 1.80 -9.10
C THR A 67 8.49 0.31 -9.45
N LYS A 68 8.24 -0.51 -8.44
CA LYS A 68 8.22 -1.95 -8.62
C LYS A 68 7.00 -2.33 -9.47
N PHE A 69 5.86 -1.80 -9.08
CA PHE A 69 4.62 -2.08 -9.78
C PHE A 69 4.70 -1.61 -11.24
N GLU A 70 5.35 -0.47 -11.42
CA GLU A 70 5.50 0.10 -12.75
C GLU A 70 6.03 -0.96 -13.71
N GLU A 71 7.18 -1.53 -13.36
CA GLU A 71 7.79 -2.56 -14.18
C GLU A 71 6.91 -3.81 -14.23
N ALA A 72 6.26 -4.08 -13.09
CA ALA A 72 5.40 -5.23 -13.00
C ALA A 72 4.23 -5.09 -13.98
N LEU A 73 3.75 -3.86 -14.10
CA LEU A 73 2.66 -3.57 -15.00
C LEU A 73 3.10 -3.82 -16.43
N LEU A 74 4.39 -3.62 -16.66
CA LEU A 74 4.96 -3.81 -17.99
C LEU A 74 4.91 -5.30 -18.35
N ILE A 75 5.07 -6.12 -17.32
CA ILE A 75 5.04 -7.56 -17.51
C ILE A 75 3.59 -8.03 -17.72
N ASP A 76 2.71 -7.42 -16.95
CA ASP A 76 1.29 -7.76 -17.04
C ASP A 76 0.46 -6.50 -16.80
N PRO A 77 -0.15 -6.00 -17.91
CA PRO A 77 -0.97 -4.81 -17.84
C PRO A 77 -2.33 -5.12 -17.20
N LYS A 78 -2.73 -6.37 -17.32
CA LYS A 78 -4.00 -6.81 -16.76
C LYS A 78 -3.82 -7.10 -15.27
N LYS A 79 -2.63 -6.78 -14.78
CA LYS A 79 -2.33 -7.00 -13.38
C LYS A 79 -3.08 -5.98 -12.52
N ASP A 80 -4.36 -6.26 -12.32
CA ASP A 80 -5.20 -5.39 -11.52
C ASP A 80 -4.53 -5.13 -10.17
N GLU A 81 -3.69 -6.08 -9.78
CA GLU A 81 -2.98 -5.98 -8.51
C GLU A 81 -1.94 -4.86 -8.58
N ALA A 82 -1.08 -4.96 -9.59
CA ALA A 82 -0.03 -3.98 -9.78
C ALA A 82 -0.65 -2.58 -9.79
N VAL A 83 -1.87 -2.50 -10.31
CA VAL A 83 -2.58 -1.24 -10.38
C VAL A 83 -3.08 -0.85 -8.99
N TRP A 84 -3.79 -1.79 -8.37
CA TRP A 84 -4.33 -1.56 -7.04
C TRP A 84 -3.16 -1.25 -6.10
N CYS A 85 -2.13 -2.07 -6.21
CA CYS A 85 -0.94 -1.90 -5.37
C CYS A 85 -0.50 -0.44 -5.48
N ILE A 86 -0.31 0.00 -6.71
CA ILE A 86 0.12 1.37 -6.97
C ILE A 86 -0.81 2.33 -6.23
N GLY A 87 -2.10 2.00 -6.26
CA GLY A 87 -3.10 2.82 -5.61
C GLY A 87 -2.99 2.72 -4.09
N ASN A 88 -2.81 1.49 -3.63
CA ASN A 88 -2.69 1.22 -2.20
C ASN A 88 -1.43 1.89 -1.67
N ALA A 89 -0.42 1.94 -2.52
CA ALA A 89 0.85 2.55 -2.15
C ALA A 89 0.67 4.07 -2.03
N TYR A 90 0.16 4.65 -3.10
CA TYR A 90 -0.07 6.09 -3.13
C TYR A 90 -0.97 6.52 -1.97
N THR A 91 -2.07 5.79 -1.81
CA THR A 91 -3.01 6.08 -0.75
C THR A 91 -2.30 6.12 0.62
N SER A 92 -1.46 5.12 0.83
CA SER A 92 -0.72 5.03 2.08
C SER A 92 0.30 6.17 2.16
N PHE A 93 1.07 6.31 1.11
CA PHE A 93 2.09 7.35 1.05
C PHE A 93 1.47 8.72 1.32
N ALA A 94 0.22 8.86 0.91
CA ALA A 94 -0.50 10.12 1.11
C ALA A 94 -0.64 10.39 2.60
N PHE A 95 -1.03 9.36 3.33
CA PHE A 95 -1.21 9.47 4.76
C PHE A 95 0.10 9.86 5.45
N LEU A 96 1.20 9.60 4.75
CA LEU A 96 2.51 9.91 5.29
C LEU A 96 2.96 11.27 4.74
N THR A 97 2.14 11.82 3.86
CA THR A 97 2.43 13.11 3.26
C THR A 97 1.69 14.23 3.99
N PRO A 98 2.46 15.04 4.74
CA PRO A 98 1.89 16.14 5.49
C PRO A 98 1.52 17.30 4.56
N ASP A 99 0.82 16.95 3.48
CA ASP A 99 0.39 17.95 2.52
C ASP A 99 -0.87 17.46 1.82
N GLU A 100 -1.93 18.26 1.94
CA GLU A 100 -3.20 17.92 1.33
C GLU A 100 -3.06 17.90 -0.20
N THR A 101 -2.41 18.94 -0.71
CA THR A 101 -2.21 19.05 -2.14
C THR A 101 -1.61 17.76 -2.71
N GLU A 102 -0.53 17.33 -2.07
CA GLU A 102 0.14 16.11 -2.48
C GLU A 102 -0.65 14.87 -2.05
N ALA A 103 -1.00 14.86 -0.77
CA ALA A 103 -1.77 13.75 -0.22
C ALA A 103 -3.01 13.52 -1.08
N LYS A 104 -3.77 14.59 -1.27
CA LYS A 104 -4.99 14.51 -2.06
C LYS A 104 -4.64 14.04 -3.48
N HIS A 105 -3.69 14.75 -4.09
CA HIS A 105 -3.25 14.43 -5.43
C HIS A 105 -2.95 12.93 -5.53
N ASN A 106 -2.27 12.43 -4.51
CA ASN A 106 -1.92 11.03 -4.46
C ASN A 106 -3.20 10.18 -4.40
N PHE A 107 -4.03 10.49 -3.41
CA PHE A 107 -5.27 9.78 -3.23
C PHE A 107 -6.08 9.72 -4.53
N ASP A 108 -6.21 10.89 -5.15
CA ASP A 108 -6.94 10.99 -6.40
C ASP A 108 -6.21 10.19 -7.49
N LEU A 109 -4.93 9.97 -7.25
CA LEU A 109 -4.11 9.22 -8.19
C LEU A 109 -4.43 7.73 -8.06
N ALA A 110 -4.45 7.27 -6.81
CA ALA A 110 -4.75 5.87 -6.54
C ALA A 110 -6.16 5.54 -7.03
N THR A 111 -6.98 6.58 -7.12
CA THR A 111 -8.35 6.42 -7.57
C THR A 111 -8.38 5.94 -9.02
N GLN A 112 -7.71 6.70 -9.88
CA GLN A 112 -7.65 6.37 -11.29
C GLN A 112 -7.14 4.94 -11.48
N PHE A 113 -6.40 4.47 -10.48
CA PHE A 113 -5.86 3.12 -10.52
C PHE A 113 -6.89 2.10 -10.09
N PHE A 114 -7.57 2.41 -8.99
CA PHE A 114 -8.58 1.51 -8.45
C PHE A 114 -9.62 1.17 -9.53
N GLN A 115 -9.93 2.15 -10.34
CA GLN A 115 -10.90 1.98 -11.41
C GLN A 115 -10.48 0.81 -12.32
N GLN A 116 -9.17 0.61 -12.40
CA GLN A 116 -8.63 -0.46 -13.22
C GLN A 116 -8.71 -1.79 -12.47
N ALA A 117 -8.37 -1.75 -11.20
CA ALA A 117 -8.40 -2.94 -10.37
C ALA A 117 -9.81 -3.52 -10.36
N VAL A 118 -10.76 -2.65 -10.05
CA VAL A 118 -12.17 -3.06 -10.01
C VAL A 118 -12.62 -3.47 -11.42
N ASP A 119 -12.14 -2.72 -12.40
CA ASP A 119 -12.49 -3.00 -13.79
C ASP A 119 -12.36 -4.49 -14.05
N GLU A 120 -11.23 -5.05 -13.61
CA GLU A 120 -10.98 -6.46 -13.80
C GLU A 120 -11.93 -7.29 -12.94
N GLN A 121 -12.20 -6.77 -11.75
CA GLN A 121 -13.08 -7.45 -10.82
C GLN A 121 -13.57 -6.48 -9.75
N PRO A 122 -14.74 -5.83 -10.05
CA PRO A 122 -15.32 -4.87 -9.12
C PRO A 122 -15.99 -5.58 -7.95
N ASP A 123 -15.97 -6.90 -8.02
CA ASP A 123 -16.58 -7.71 -6.97
C ASP A 123 -15.55 -7.93 -5.86
N ASN A 124 -14.33 -7.52 -6.13
CA ASN A 124 -13.26 -7.66 -5.16
C ASN A 124 -13.47 -6.68 -4.01
N THR A 125 -13.65 -7.23 -2.81
CA THR A 125 -13.87 -6.42 -1.64
C THR A 125 -12.73 -5.40 -1.47
N HIS A 126 -11.51 -5.91 -1.53
CA HIS A 126 -10.33 -5.07 -1.39
C HIS A 126 -10.46 -3.86 -2.32
N TYR A 127 -10.57 -4.16 -3.61
CA TYR A 127 -10.69 -3.12 -4.61
C TYR A 127 -11.81 -2.14 -4.25
N LEU A 128 -12.86 -2.69 -3.64
CA LEU A 128 -13.99 -1.88 -3.24
C LEU A 128 -13.56 -0.89 -2.15
N LYS A 129 -12.94 -1.44 -1.12
CA LYS A 129 -12.46 -0.62 -0.01
C LYS A 129 -11.51 0.45 -0.54
N SER A 130 -10.68 0.03 -1.49
CA SER A 130 -9.71 0.94 -2.08
C SER A 130 -10.43 2.08 -2.80
N LEU A 131 -11.52 1.71 -3.46
CA LEU A 131 -12.32 2.68 -4.20
C LEU A 131 -13.09 3.55 -3.21
N GLU A 132 -13.68 2.89 -2.22
CA GLU A 132 -14.45 3.59 -1.21
C GLU A 132 -13.52 4.46 -0.35
N MET A 133 -12.32 3.96 -0.15
CA MET A 133 -11.33 4.68 0.65
C MET A 133 -11.08 6.08 0.09
N THR A 134 -11.25 6.20 -1.22
CA THR A 134 -11.06 7.48 -1.88
C THR A 134 -12.14 8.47 -1.48
N ALA A 135 -13.32 7.93 -1.17
CA ALA A 135 -14.44 8.75 -0.77
C ALA A 135 -13.95 9.83 0.20
N LYS A 136 -13.18 9.41 1.19
CA LYS A 136 -12.64 10.33 2.17
C LYS A 136 -11.12 10.38 2.04
N ALA A 137 -10.67 10.55 0.81
CA ALA A 137 -9.24 10.62 0.53
C ALA A 137 -8.66 11.85 1.22
N PRO A 138 -9.29 13.02 0.95
CA PRO A 138 -8.84 14.28 1.54
C PRO A 138 -9.24 14.36 3.01
N GLN A 139 -10.28 13.61 3.36
CA GLN A 139 -10.76 13.60 4.72
C GLN A 139 -9.91 12.67 5.59
N LEU A 140 -9.72 11.45 5.08
CA LEU A 140 -8.93 10.47 5.80
C LEU A 140 -7.57 11.08 6.17
N HIS A 141 -7.04 11.84 5.23
CA HIS A 141 -5.75 12.49 5.44
C HIS A 141 -5.89 13.57 6.52
N ALA A 142 -6.96 14.35 6.40
CA ALA A 142 -7.22 15.42 7.34
C ALA A 142 -7.41 14.81 8.74
N GLU A 143 -8.31 13.84 8.81
CA GLU A 143 -8.59 13.18 10.07
C GLU A 143 -7.40 12.34 10.52
N ALA A 144 -6.63 11.90 9.53
CA ALA A 144 -5.45 11.09 9.80
C ALA A 144 -4.44 11.92 10.61
N TYR A 145 -4.16 13.11 10.11
CA TYR A 145 -3.22 14.00 10.77
C TYR A 145 -3.92 14.81 11.87
N LYS A 146 -5.10 15.30 11.55
CA LYS A 146 -5.88 16.08 12.49
C LYS A 146 -6.10 15.26 13.77
N GLN A 147 -6.54 14.03 13.56
CA GLN A 147 -6.80 13.13 14.67
C GLN A 147 -5.51 12.42 15.10
N GLY A 148 -5.21 12.51 16.38
CA GLY A 148 -4.03 11.88 16.92
C GLY A 148 -3.80 12.29 18.38
N LEU A 149 -2.71 13.00 18.60
CA LEU A 149 -2.37 13.45 19.94
C LEU A 149 -3.38 14.51 20.39
N GLY A 150 -3.35 15.64 19.68
CA GLY A 150 -4.27 16.73 19.99
C GLY A 150 -5.70 16.37 19.63
N GLY A 151 -6.25 17.12 18.68
CA GLY A 151 -7.61 16.89 18.23
C GLY A 151 -8.59 17.84 18.94
N SER A 152 -9.00 18.86 18.23
CA SER A 152 -9.93 19.83 18.77
C SER A 152 -10.59 20.63 17.64
N HIS A 153 -11.61 20.04 17.06
CA HIS A 153 -12.32 20.68 15.96
C HIS A 153 -13.71 21.12 16.45
N HIS A 154 -14.01 22.38 16.17
CA HIS A 154 -15.30 22.93 16.57
C HIS A 154 -16.41 21.92 16.28
N HIS A 155 -16.98 21.40 17.35
CA HIS A 155 -18.05 20.42 17.22
C HIS A 155 -18.83 20.34 18.54
N HIS A 156 -19.99 19.70 18.46
CA HIS A 156 -20.84 19.54 19.63
C HIS A 156 -19.97 19.17 20.84
N HIS A 157 -20.56 19.36 22.02
CA HIS A 157 -19.86 19.04 23.25
C HIS A 157 -19.77 17.53 23.42
N HIS A 158 -18.56 17.06 23.68
CA HIS A 158 -18.33 15.63 23.86
C HIS A 158 -18.77 14.87 22.61
N GLY A 1 4.02 -24.23 26.09
CA GLY A 1 4.13 -22.83 25.70
C GLY A 1 4.28 -21.94 26.92
N PRO A 2 4.84 -20.72 26.67
CA PRO A 2 5.04 -19.76 27.75
C PRO A 2 3.72 -19.10 28.15
N LEU A 3 3.77 -18.37 29.25
CA LEU A 3 2.59 -17.68 29.75
C LEU A 3 3.01 -16.67 30.82
N GLY A 4 3.73 -15.66 30.37
CA GLY A 4 4.20 -14.62 31.27
C GLY A 4 4.92 -13.50 30.50
N SER A 5 6.07 -13.87 29.95
CA SER A 5 6.86 -12.92 29.19
C SER A 5 6.20 -12.65 27.83
N MET A 6 5.61 -13.70 27.27
CA MET A 6 4.95 -13.59 25.99
C MET A 6 5.95 -13.23 24.89
N ASP A 7 6.67 -14.25 24.43
CA ASP A 7 7.65 -14.05 23.37
C ASP A 7 6.97 -14.23 22.01
N THR A 8 7.71 -13.84 20.97
CA THR A 8 7.20 -13.95 19.62
C THR A 8 5.88 -13.18 19.48
N GLU A 9 5.42 -13.08 18.24
CA GLU A 9 4.18 -12.37 17.97
C GLU A 9 4.36 -10.87 18.17
N THR A 10 3.25 -10.16 18.24
CA THR A 10 3.27 -8.72 18.43
C THR A 10 3.48 -8.02 17.09
N GLU A 11 3.16 -8.73 16.02
CA GLU A 11 3.33 -8.18 14.68
C GLU A 11 4.73 -8.46 14.16
N PHE A 12 5.68 -8.46 15.08
CA PHE A 12 7.07 -8.71 14.73
C PHE A 12 7.22 -10.03 13.97
N ASP A 13 6.71 -11.08 14.59
CA ASP A 13 6.78 -12.41 13.99
C ASP A 13 6.28 -12.33 12.54
N ARG A 14 5.25 -11.52 12.34
CA ARG A 14 4.68 -11.36 11.01
C ARG A 14 5.62 -10.53 10.14
N ILE A 15 6.25 -9.54 10.76
CA ILE A 15 7.18 -8.67 10.06
C ILE A 15 8.35 -9.50 9.53
N LEU A 16 8.71 -10.53 10.30
CA LEU A 16 9.80 -11.40 9.91
C LEU A 16 9.45 -12.12 8.61
N LEU A 17 8.19 -12.55 8.54
CA LEU A 17 7.71 -13.26 7.37
C LEU A 17 7.82 -12.34 6.14
N PHE A 18 7.34 -11.12 6.32
CA PHE A 18 7.38 -10.14 5.24
C PHE A 18 8.82 -9.80 4.86
N GLU A 19 9.72 -9.98 5.82
CA GLU A 19 11.12 -9.71 5.61
C GLU A 19 11.72 -10.70 4.61
N GLN A 20 11.57 -11.98 4.94
CA GLN A 20 12.08 -13.04 4.09
C GLN A 20 11.51 -12.91 2.68
N ILE A 21 10.31 -12.36 2.62
CA ILE A 21 9.63 -12.18 1.34
C ILE A 21 10.32 -11.07 0.56
N ARG A 22 10.50 -9.94 1.23
CA ARG A 22 11.15 -8.78 0.61
C ARG A 22 12.48 -9.21 -0.01
N GLN A 23 13.35 -9.74 0.84
CA GLN A 23 14.66 -10.18 0.38
C GLN A 23 14.52 -11.08 -0.84
N ASP A 24 13.59 -12.03 -0.74
CA ASP A 24 13.35 -12.96 -1.83
C ASP A 24 12.86 -12.19 -3.06
N ALA A 25 12.22 -11.06 -2.80
CA ALA A 25 11.70 -10.23 -3.87
C ALA A 25 12.87 -9.55 -4.59
N GLU A 26 13.84 -9.10 -3.81
CA GLU A 26 15.00 -8.44 -4.35
C GLU A 26 15.84 -9.42 -5.15
N ASN A 27 15.96 -10.63 -4.61
CA ASN A 27 16.72 -11.67 -5.27
C ASN A 27 15.93 -12.23 -6.46
N THR A 28 14.62 -12.30 -6.26
CA THR A 28 13.74 -12.81 -7.31
C THR A 28 13.83 -11.93 -8.55
N TYR A 29 14.20 -10.68 -8.33
CA TYR A 29 14.34 -9.74 -9.43
C TYR A 29 15.29 -10.28 -10.50
N LYS A 30 16.52 -10.50 -10.10
CA LYS A 30 17.53 -11.02 -11.01
C LYS A 30 17.12 -12.41 -11.47
N SER A 31 16.36 -13.09 -10.63
CA SER A 31 15.90 -14.43 -10.94
C SER A 31 14.84 -14.38 -12.05
N ASN A 32 13.97 -13.36 -11.95
CA ASN A 32 12.91 -13.19 -12.92
C ASN A 32 12.26 -11.82 -12.72
N PRO A 33 12.89 -10.78 -13.32
CA PRO A 33 12.38 -9.43 -13.21
C PRO A 33 11.14 -9.24 -14.09
N LEU A 34 10.77 -10.30 -14.79
CA LEU A 34 9.61 -10.27 -15.66
C LEU A 34 8.37 -10.71 -14.88
N ASP A 35 8.62 -11.47 -13.82
CA ASP A 35 7.54 -11.96 -12.98
C ASP A 35 6.84 -10.78 -12.30
N ALA A 36 5.72 -10.39 -12.88
CA ALA A 36 4.95 -9.27 -12.35
C ALA A 36 4.24 -9.72 -11.07
N ASP A 37 4.07 -11.02 -10.95
CA ASP A 37 3.40 -11.60 -9.79
C ASP A 37 4.31 -11.43 -8.56
N ASN A 38 5.57 -11.79 -8.74
CA ASN A 38 6.54 -11.69 -7.67
C ASN A 38 6.85 -10.22 -7.40
N LEU A 39 6.94 -9.46 -8.49
CA LEU A 39 7.24 -8.05 -8.39
C LEU A 39 6.15 -7.36 -7.56
N THR A 40 4.91 -7.64 -7.94
CA THR A 40 3.77 -7.06 -7.24
C THR A 40 3.79 -7.45 -5.76
N ARG A 41 4.26 -8.67 -5.52
CA ARG A 41 4.33 -9.18 -4.15
C ARG A 41 5.44 -8.45 -3.37
N TRP A 42 6.39 -7.92 -4.13
CA TRP A 42 7.50 -7.19 -3.53
C TRP A 42 6.95 -5.92 -2.90
N GLY A 43 5.85 -5.44 -3.46
CA GLY A 43 5.22 -4.23 -2.96
C GLY A 43 4.28 -4.54 -1.79
N GLY A 44 3.31 -5.41 -2.07
CA GLY A 44 2.35 -5.80 -1.06
C GLY A 44 3.02 -5.96 0.30
N VAL A 45 4.17 -6.62 0.30
CA VAL A 45 4.91 -6.85 1.52
C VAL A 45 5.44 -5.51 2.04
N LEU A 46 6.06 -4.76 1.14
CA LEU A 46 6.61 -3.46 1.49
C LEU A 46 5.56 -2.65 2.24
N LEU A 47 4.34 -2.69 1.71
CA LEU A 47 3.24 -1.96 2.32
C LEU A 47 2.97 -2.54 3.71
N GLU A 48 3.09 -3.85 3.81
CA GLU A 48 2.85 -4.53 5.07
C GLU A 48 3.86 -4.07 6.12
N LEU A 49 5.13 -4.14 5.73
CA LEU A 49 6.21 -3.73 6.63
C LEU A 49 6.05 -2.26 6.97
N SER A 50 5.56 -1.51 5.99
CA SER A 50 5.36 -0.08 6.17
C SER A 50 4.35 0.17 7.29
N GLN A 51 3.55 -0.85 7.55
CA GLN A 51 2.53 -0.75 8.59
C GLN A 51 3.19 -0.68 9.97
N PHE A 52 4.50 -0.78 9.96
CA PHE A 52 5.27 -0.72 11.20
C PHE A 52 6.72 -0.30 10.94
N HIS A 53 6.86 0.90 10.40
CA HIS A 53 8.17 1.43 10.09
C HIS A 53 8.11 2.96 10.02
N SER A 54 9.15 3.59 10.55
CA SER A 54 9.22 5.04 10.56
C SER A 54 8.72 5.59 9.22
N ILE A 55 7.92 6.64 9.32
CA ILE A 55 7.37 7.28 8.13
C ILE A 55 8.48 7.51 7.11
N SER A 56 9.62 7.94 7.62
CA SER A 56 10.77 8.20 6.77
C SER A 56 11.07 6.98 5.91
N ASP A 57 11.10 5.83 6.55
CA ASP A 57 11.37 4.59 5.85
C ASP A 57 10.09 4.11 5.16
N ALA A 58 8.96 4.51 5.72
CA ALA A 58 7.68 4.13 5.18
C ALA A 58 7.54 4.69 3.75
N LYS A 59 7.76 5.99 3.64
CA LYS A 59 7.67 6.66 2.35
C LYS A 59 8.62 5.98 1.36
N GLN A 60 9.88 5.86 1.78
CA GLN A 60 10.88 5.23 0.94
C GLN A 60 10.42 3.82 0.53
N MET A 61 9.87 3.11 1.50
CA MET A 61 9.40 1.77 1.25
C MET A 61 8.22 1.77 0.27
N ILE A 62 7.39 2.79 0.40
CA ILE A 62 6.22 2.92 -0.47
C ILE A 62 6.68 3.34 -1.87
N GLN A 63 7.49 4.39 -1.91
CA GLN A 63 8.00 4.89 -3.17
C GLN A 63 8.50 3.73 -4.04
N GLU A 64 9.38 2.93 -3.46
CA GLU A 64 9.94 1.79 -4.17
C GLU A 64 8.85 0.76 -4.46
N ALA A 65 7.92 0.65 -3.51
CA ALA A 65 6.82 -0.29 -3.65
C ALA A 65 6.03 0.04 -4.91
N ILE A 66 6.05 1.32 -5.26
CA ILE A 66 5.33 1.78 -6.43
C ILE A 66 6.12 1.39 -7.69
N THR A 67 7.37 1.83 -7.73
CA THR A 67 8.23 1.55 -8.86
C THR A 67 8.21 0.05 -9.18
N LYS A 68 8.11 -0.74 -8.12
CA LYS A 68 8.07 -2.19 -8.27
C LYS A 68 6.87 -2.58 -9.13
N PHE A 69 5.71 -2.08 -8.72
CA PHE A 69 4.48 -2.36 -9.44
C PHE A 69 4.59 -1.95 -10.90
N GLU A 70 5.19 -0.79 -11.11
CA GLU A 70 5.36 -0.27 -12.46
C GLU A 70 5.94 -1.35 -13.38
N GLU A 71 7.07 -1.89 -12.97
CA GLU A 71 7.74 -2.93 -13.74
C GLU A 71 6.78 -4.10 -13.97
N ALA A 72 6.01 -4.41 -12.93
CA ALA A 72 5.06 -5.50 -13.01
C ALA A 72 3.99 -5.18 -14.07
N LEU A 73 3.53 -3.94 -14.03
CA LEU A 73 2.52 -3.49 -14.97
C LEU A 73 3.06 -3.61 -16.40
N LEU A 74 4.38 -3.49 -16.50
CA LEU A 74 5.03 -3.59 -17.80
C LEU A 74 4.95 -5.03 -18.30
N ILE A 75 5.03 -5.95 -17.36
CA ILE A 75 4.97 -7.37 -17.68
C ILE A 75 3.54 -7.72 -18.11
N ASP A 76 2.59 -7.22 -17.33
CA ASP A 76 1.18 -7.47 -17.61
C ASP A 76 0.35 -6.28 -17.16
N PRO A 77 -0.26 -5.59 -18.15
CA PRO A 77 -1.08 -4.42 -17.87
C PRO A 77 -2.44 -4.84 -17.29
N LYS A 78 -2.66 -6.15 -17.28
CA LYS A 78 -3.91 -6.69 -16.75
C LYS A 78 -3.77 -6.90 -15.25
N LYS A 79 -2.55 -6.71 -14.76
CA LYS A 79 -2.28 -6.87 -13.34
C LYS A 79 -3.03 -5.79 -12.55
N ASP A 80 -4.34 -6.01 -12.43
CA ASP A 80 -5.18 -5.07 -11.71
C ASP A 80 -4.59 -4.83 -10.33
N GLU A 81 -3.99 -5.87 -9.77
CA GLU A 81 -3.37 -5.78 -8.46
C GLU A 81 -2.29 -4.71 -8.45
N ALA A 82 -1.38 -4.82 -9.41
CA ALA A 82 -0.29 -3.87 -9.53
C ALA A 82 -0.86 -2.45 -9.55
N VAL A 83 -2.04 -2.34 -10.13
CA VAL A 83 -2.70 -1.04 -10.23
C VAL A 83 -3.25 -0.65 -8.86
N TRP A 84 -4.02 -1.56 -8.28
CA TRP A 84 -4.61 -1.31 -6.97
C TRP A 84 -3.47 -1.06 -5.98
N CYS A 85 -2.49 -1.96 -6.02
CA CYS A 85 -1.34 -1.86 -5.13
C CYS A 85 -0.79 -0.43 -5.23
N ILE A 86 -0.52 -0.02 -6.47
CA ILE A 86 0.02 1.31 -6.70
C ILE A 86 -0.87 2.34 -6.03
N GLY A 87 -2.15 2.01 -5.93
CA GLY A 87 -3.12 2.90 -5.30
C GLY A 87 -3.06 2.79 -3.78
N ASN A 88 -2.95 1.55 -3.32
CA ASN A 88 -2.88 1.29 -1.89
C ASN A 88 -1.60 1.92 -1.32
N ALA A 89 -0.57 1.94 -2.16
CA ALA A 89 0.70 2.51 -1.76
C ALA A 89 0.57 4.02 -1.62
N TYR A 90 0.11 4.65 -2.69
CA TYR A 90 -0.07 6.09 -2.70
C TYR A 90 -0.95 6.54 -1.54
N THR A 91 -1.99 5.76 -1.29
CA THR A 91 -2.92 6.06 -0.21
C THR A 91 -2.17 6.21 1.11
N SER A 92 -1.36 5.21 1.40
CA SER A 92 -0.58 5.21 2.63
C SER A 92 0.42 6.38 2.62
N PHE A 93 1.17 6.45 1.53
CA PHE A 93 2.16 7.51 1.39
C PHE A 93 1.53 8.89 1.64
N ALA A 94 0.33 9.06 1.11
CA ALA A 94 -0.38 10.32 1.26
C ALA A 94 -0.52 10.63 2.75
N PHE A 95 -1.04 9.66 3.49
CA PHE A 95 -1.23 9.82 4.92
C PHE A 95 0.09 10.21 5.60
N LEU A 96 1.18 9.97 4.91
CA LEU A 96 2.50 10.28 5.42
C LEU A 96 2.91 11.68 4.95
N THR A 97 2.29 12.10 3.85
CA THR A 97 2.58 13.40 3.28
C THR A 97 1.56 14.44 3.74
N PRO A 98 2.06 15.45 4.49
CA PRO A 98 1.20 16.50 5.00
C PRO A 98 0.80 17.47 3.89
N ASP A 99 1.65 17.52 2.87
CA ASP A 99 1.40 18.41 1.74
C ASP A 99 0.06 18.04 1.11
N GLU A 100 -1.00 18.63 1.65
CA GLU A 100 -2.34 18.38 1.14
C GLU A 100 -2.32 18.32 -0.39
N THR A 101 -1.67 19.29 -0.98
CA THR A 101 -1.57 19.36 -2.43
C THR A 101 -1.05 18.03 -2.99
N GLU A 102 0.06 17.58 -2.43
CA GLU A 102 0.66 16.33 -2.86
C GLU A 102 -0.17 15.14 -2.38
N ALA A 103 -0.50 15.17 -1.10
CA ALA A 103 -1.30 14.11 -0.51
C ALA A 103 -2.57 13.92 -1.33
N LYS A 104 -3.29 15.01 -1.52
CA LYS A 104 -4.53 14.97 -2.28
C LYS A 104 -4.23 14.50 -3.71
N HIS A 105 -3.15 15.03 -4.26
CA HIS A 105 -2.74 14.68 -5.60
C HIS A 105 -2.48 13.17 -5.68
N ASN A 106 -1.79 12.67 -4.67
CA ASN A 106 -1.47 11.26 -4.61
C ASN A 106 -2.73 10.46 -4.30
N PHE A 107 -3.46 10.93 -3.29
CA PHE A 107 -4.69 10.28 -2.88
C PHE A 107 -5.63 10.07 -4.07
N ASP A 108 -5.83 11.15 -4.81
CA ASP A 108 -6.70 11.10 -5.98
C ASP A 108 -6.05 10.24 -7.06
N LEU A 109 -4.75 10.07 -6.92
CA LEU A 109 -3.99 9.27 -7.88
C LEU A 109 -4.39 7.80 -7.74
N ALA A 110 -4.46 7.36 -6.49
CA ALA A 110 -4.83 5.99 -6.20
C ALA A 110 -6.23 5.71 -6.77
N THR A 111 -7.06 6.73 -6.73
CA THR A 111 -8.43 6.61 -7.24
C THR A 111 -8.40 6.21 -8.71
N GLN A 112 -7.72 7.03 -9.50
CA GLN A 112 -7.63 6.78 -10.94
C GLN A 112 -7.07 5.38 -11.18
N PHE A 113 -6.34 4.87 -10.20
CA PHE A 113 -5.76 3.54 -10.30
C PHE A 113 -6.75 2.47 -9.89
N PHE A 114 -7.38 2.68 -8.74
CA PHE A 114 -8.35 1.73 -8.23
C PHE A 114 -9.45 1.48 -9.26
N GLN A 115 -9.74 2.51 -10.04
CA GLN A 115 -10.78 2.40 -11.06
C GLN A 115 -10.41 1.30 -12.06
N GLN A 116 -9.11 1.09 -12.22
CA GLN A 116 -8.62 0.08 -13.14
C GLN A 116 -8.67 -1.30 -12.49
N ALA A 117 -8.37 -1.32 -11.20
CA ALA A 117 -8.37 -2.56 -10.45
C ALA A 117 -9.75 -3.21 -10.55
N VAL A 118 -10.77 -2.41 -10.21
CA VAL A 118 -12.13 -2.90 -10.26
C VAL A 118 -12.50 -3.23 -11.71
N ASP A 119 -11.95 -2.45 -12.63
CA ASP A 119 -12.22 -2.65 -14.04
C ASP A 119 -12.13 -4.14 -14.36
N GLU A 120 -11.09 -4.77 -13.84
CA GLU A 120 -10.88 -6.19 -14.06
C GLU A 120 -11.84 -7.01 -13.21
N GLN A 121 -11.98 -6.60 -11.96
CA GLN A 121 -12.87 -7.29 -11.04
C GLN A 121 -13.63 -6.27 -10.19
N PRO A 122 -14.75 -5.76 -10.76
CA PRO A 122 -15.57 -4.78 -10.07
C PRO A 122 -16.40 -5.45 -8.98
N ASP A 123 -16.43 -6.77 -9.01
CA ASP A 123 -17.18 -7.55 -8.04
C ASP A 123 -16.26 -7.91 -6.87
N ASN A 124 -14.97 -7.71 -7.09
CA ASN A 124 -13.98 -8.02 -6.07
C ASN A 124 -14.07 -6.98 -4.94
N THR A 125 -14.45 -7.48 -3.77
CA THR A 125 -14.58 -6.61 -2.60
C THR A 125 -13.29 -5.83 -2.36
N HIS A 126 -12.20 -6.59 -2.18
CA HIS A 126 -10.90 -5.99 -1.95
C HIS A 126 -10.68 -4.85 -2.94
N TYR A 127 -11.17 -5.05 -4.15
CA TYR A 127 -11.03 -4.05 -5.19
C TYR A 127 -12.09 -2.95 -5.05
N LEU A 128 -13.19 -3.32 -4.43
CA LEU A 128 -14.29 -2.38 -4.22
C LEU A 128 -13.98 -1.51 -3.00
N LYS A 129 -13.55 -2.19 -1.94
CA LYS A 129 -13.22 -1.49 -0.70
C LYS A 129 -12.29 -0.31 -1.02
N SER A 130 -11.38 -0.54 -1.94
CA SER A 130 -10.43 0.48 -2.34
C SER A 130 -11.17 1.74 -2.77
N LEU A 131 -12.26 1.53 -3.51
CA LEU A 131 -13.06 2.63 -4.00
C LEU A 131 -13.73 3.32 -2.81
N GLU A 132 -14.26 2.50 -1.91
CA GLU A 132 -14.93 3.02 -0.73
C GLU A 132 -13.92 3.70 0.20
N MET A 133 -12.77 3.06 0.36
CA MET A 133 -11.73 3.60 1.21
C MET A 133 -11.22 4.94 0.67
N THR A 134 -10.70 4.89 -0.56
CA THR A 134 -10.18 6.09 -1.20
C THR A 134 -11.25 7.18 -1.24
N ALA A 135 -12.50 6.74 -1.16
CA ALA A 135 -13.62 7.66 -1.20
C ALA A 135 -13.31 8.86 -0.30
N LYS A 136 -12.97 8.56 0.94
CA LYS A 136 -12.66 9.61 1.90
C LYS A 136 -11.14 9.79 1.97
N ALA A 137 -10.52 9.77 0.80
CA ALA A 137 -9.08 9.92 0.71
C ALA A 137 -8.69 11.26 1.33
N PRO A 138 -9.43 12.34 0.92
CA PRO A 138 -9.16 13.68 1.42
C PRO A 138 -9.68 13.83 2.85
N GLN A 139 -10.66 13.01 3.18
CA GLN A 139 -11.25 13.04 4.51
C GLN A 139 -10.38 12.27 5.50
N LEU A 140 -9.98 11.09 5.09
CA LEU A 140 -9.14 10.24 5.93
C LEU A 140 -7.88 11.00 6.31
N HIS A 141 -7.34 11.72 5.33
CA HIS A 141 -6.13 12.49 5.55
C HIS A 141 -6.42 13.64 6.51
N ALA A 142 -7.57 14.27 6.30
CA ALA A 142 -7.98 15.38 7.15
C ALA A 142 -8.15 14.88 8.59
N GLU A 143 -8.94 13.83 8.72
CA GLU A 143 -9.20 13.26 10.03
C GLU A 143 -7.94 12.57 10.56
N ALA A 144 -7.20 11.97 9.65
CA ALA A 144 -5.97 11.28 10.01
C ALA A 144 -5.03 12.26 10.72
N TYR A 145 -4.87 13.43 10.11
CA TYR A 145 -4.01 14.45 10.67
C TYR A 145 -4.75 15.28 11.72
N LYS A 146 -6.00 15.62 11.39
CA LYS A 146 -6.82 16.41 12.30
C LYS A 146 -6.97 15.66 13.63
N GLN A 147 -7.29 14.39 13.51
CA GLN A 147 -7.47 13.55 14.69
C GLN A 147 -6.12 13.26 15.34
N GLY A 148 -6.11 13.29 16.67
CA GLY A 148 -4.89 13.03 17.42
C GLY A 148 -4.37 11.61 17.15
N LEU A 149 -3.98 10.95 18.22
CA LEU A 149 -3.46 9.59 18.11
C LEU A 149 -3.43 8.95 19.50
N GLY A 150 -3.66 7.64 19.52
CA GLY A 150 -3.66 6.90 20.77
C GLY A 150 -4.72 5.80 20.74
N GLY A 151 -5.91 6.16 21.19
CA GLY A 151 -7.02 5.21 21.23
C GLY A 151 -7.86 5.30 19.96
N SER A 152 -8.84 6.20 19.99
CA SER A 152 -9.72 6.39 18.86
C SER A 152 -10.45 5.08 18.52
N HIS A 153 -11.70 5.01 18.94
CA HIS A 153 -12.51 3.83 18.69
C HIS A 153 -13.99 4.18 18.86
N HIS A 154 -14.65 4.37 17.72
CA HIS A 154 -16.06 4.70 17.72
C HIS A 154 -16.89 3.43 17.95
N HIS A 155 -18.19 3.64 18.06
CA HIS A 155 -19.10 2.53 18.29
C HIS A 155 -20.55 3.02 18.16
N HIS A 156 -21.28 2.38 17.27
CA HIS A 156 -22.67 2.73 17.06
C HIS A 156 -22.77 4.19 16.62
N HIS A 157 -23.90 4.54 16.02
CA HIS A 157 -24.13 5.89 15.56
C HIS A 157 -24.86 6.68 16.64
N HIS A 158 -25.99 6.15 17.07
CA HIS A 158 -26.78 6.80 18.09
C HIS A 158 -26.97 8.27 17.75
N GLY A 1 6.28 -19.85 11.64
CA GLY A 1 7.67 -19.63 11.26
C GLY A 1 8.60 -19.82 12.45
N PRO A 2 9.48 -18.80 12.66
CA PRO A 2 10.43 -18.85 13.76
C PRO A 2 9.74 -18.57 15.09
N LEU A 3 10.55 -18.46 16.14
CA LEU A 3 10.03 -18.20 17.46
C LEU A 3 11.15 -17.65 18.35
N GLY A 4 10.87 -16.54 19.00
CA GLY A 4 11.84 -15.92 19.88
C GLY A 4 11.46 -16.11 21.35
N SER A 5 12.42 -15.85 22.22
CA SER A 5 12.22 -15.99 23.65
C SER A 5 11.42 -14.79 24.18
N MET A 6 11.64 -13.65 23.54
CA MET A 6 10.95 -12.44 23.94
C MET A 6 11.00 -11.38 22.82
N ASP A 7 10.31 -10.28 23.05
CA ASP A 7 10.27 -9.21 22.08
C ASP A 7 9.78 -9.76 20.74
N THR A 8 8.71 -10.55 20.82
CA THR A 8 8.15 -11.15 19.62
C THR A 8 6.63 -10.96 19.61
N GLU A 9 6.02 -11.36 18.49
CA GLU A 9 4.58 -11.24 18.34
C GLU A 9 4.19 -9.77 18.12
N THR A 10 2.91 -9.50 18.31
CA THR A 10 2.40 -8.15 18.14
C THR A 10 2.46 -7.73 16.66
N GLU A 11 3.66 -7.75 16.13
CA GLU A 11 3.88 -7.39 14.73
C GLU A 11 5.17 -8.00 14.21
N PHE A 12 6.21 -7.91 15.04
CA PHE A 12 7.50 -8.46 14.67
C PHE A 12 7.36 -9.86 14.07
N ASP A 13 6.71 -10.73 14.83
CA ASP A 13 6.50 -12.10 14.38
C ASP A 13 5.97 -12.09 12.95
N ARG A 14 5.02 -11.19 12.71
CA ARG A 14 4.42 -11.06 11.39
C ARG A 14 5.41 -10.41 10.42
N ILE A 15 6.21 -9.51 10.95
CA ILE A 15 7.19 -8.81 10.15
C ILE A 15 8.22 -9.81 9.62
N LEU A 16 8.55 -10.78 10.47
CA LEU A 16 9.51 -11.80 10.10
C LEU A 16 9.02 -12.52 8.84
N LEU A 17 7.71 -12.63 8.72
CA LEU A 17 7.11 -13.29 7.58
C LEU A 17 7.30 -12.41 6.33
N PHE A 18 6.93 -11.15 6.48
CA PHE A 18 7.05 -10.20 5.39
C PHE A 18 8.51 -10.00 5.00
N GLU A 19 9.38 -10.13 5.99
CA GLU A 19 10.81 -9.97 5.77
C GLU A 19 11.31 -11.02 4.78
N GLN A 20 11.14 -12.28 5.16
CA GLN A 20 11.58 -13.38 4.32
C GLN A 20 11.06 -13.20 2.90
N ILE A 21 9.86 -12.65 2.81
CA ILE A 21 9.24 -12.42 1.51
C ILE A 21 9.96 -11.27 0.80
N ARG A 22 10.17 -10.19 1.54
CA ARG A 22 10.85 -9.03 1.00
C ARG A 22 12.18 -9.45 0.36
N GLN A 23 12.92 -10.25 1.09
CA GLN A 23 14.21 -10.73 0.61
C GLN A 23 14.02 -11.66 -0.59
N ASP A 24 13.02 -12.53 -0.48
CA ASP A 24 12.72 -13.47 -1.53
C ASP A 24 12.25 -12.71 -2.78
N ALA A 25 11.46 -11.67 -2.54
CA ALA A 25 10.94 -10.86 -3.61
C ALA A 25 12.05 -9.99 -4.18
N GLU A 26 12.68 -9.23 -3.29
CA GLU A 26 13.77 -8.35 -3.68
C GLU A 26 14.86 -9.14 -4.42
N ASN A 27 15.23 -10.27 -3.82
CA ASN A 27 16.25 -11.12 -4.41
C ASN A 27 15.73 -11.67 -5.74
N THR A 28 14.51 -12.18 -5.71
CA THR A 28 13.90 -12.74 -6.90
C THR A 28 13.94 -11.72 -8.05
N TYR A 29 14.00 -10.45 -7.67
CA TYR A 29 14.04 -9.37 -8.64
C TYR A 29 15.16 -9.61 -9.67
N LYS A 30 16.38 -9.68 -9.17
CA LYS A 30 17.53 -9.90 -10.02
C LYS A 30 17.41 -11.27 -10.70
N SER A 31 16.69 -12.17 -10.03
CA SER A 31 16.49 -13.49 -10.56
C SER A 31 15.55 -13.46 -11.76
N ASN A 32 14.58 -12.55 -11.68
CA ASN A 32 13.61 -12.40 -12.75
C ASN A 32 12.78 -11.13 -12.50
N PRO A 33 13.29 -9.99 -13.04
CA PRO A 33 12.62 -8.72 -12.89
C PRO A 33 11.38 -8.65 -13.80
N LEU A 34 11.19 -9.70 -14.57
CA LEU A 34 10.06 -9.76 -15.48
C LEU A 34 8.88 -10.44 -14.78
N ASP A 35 9.17 -11.01 -13.63
CA ASP A 35 8.16 -11.69 -12.84
C ASP A 35 7.24 -10.65 -12.20
N ALA A 36 6.08 -10.45 -12.82
CA ALA A 36 5.11 -9.50 -12.33
C ALA A 36 4.49 -10.03 -11.03
N ASP A 37 4.58 -11.34 -10.87
CA ASP A 37 4.04 -11.99 -9.69
C ASP A 37 4.92 -11.66 -8.48
N ASN A 38 6.20 -11.97 -8.64
CA ASN A 38 7.16 -11.72 -7.57
C ASN A 38 7.39 -10.22 -7.44
N LEU A 39 7.30 -9.54 -8.57
CA LEU A 39 7.49 -8.10 -8.60
C LEU A 39 6.38 -7.42 -7.80
N THR A 40 5.14 -7.73 -8.19
CA THR A 40 3.99 -7.16 -7.51
C THR A 40 4.00 -7.53 -6.03
N ARG A 41 4.51 -8.73 -5.76
CA ARG A 41 4.57 -9.22 -4.39
C ARG A 41 5.62 -8.44 -3.60
N TRP A 42 6.77 -8.24 -4.23
CA TRP A 42 7.86 -7.52 -3.60
C TRP A 42 7.30 -6.19 -3.09
N GLY A 43 6.26 -5.72 -3.76
CA GLY A 43 5.63 -4.46 -3.38
C GLY A 43 4.63 -4.68 -2.24
N GLY A 44 3.67 -5.57 -2.51
CA GLY A 44 2.64 -5.87 -1.53
C GLY A 44 3.23 -5.95 -0.12
N VAL A 45 4.36 -6.64 -0.02
CA VAL A 45 5.03 -6.81 1.26
C VAL A 45 5.58 -5.45 1.71
N LEU A 46 6.23 -4.76 0.78
CA LEU A 46 6.80 -3.47 1.07
C LEU A 46 5.75 -2.59 1.77
N LEU A 47 4.54 -2.63 1.22
CA LEU A 47 3.44 -1.85 1.77
C LEU A 47 3.15 -2.33 3.19
N GLU A 48 3.24 -3.65 3.36
CA GLU A 48 2.98 -4.24 4.67
C GLU A 48 4.04 -3.80 5.68
N LEU A 49 5.29 -4.07 5.33
CA LEU A 49 6.40 -3.70 6.18
C LEU A 49 6.43 -2.18 6.36
N SER A 50 5.86 -1.49 5.38
CA SER A 50 5.81 -0.04 5.42
C SER A 50 5.05 0.43 6.66
N GLN A 51 4.03 -0.34 7.01
CA GLN A 51 3.22 -0.01 8.17
C GLN A 51 4.03 -0.20 9.45
N PHE A 52 4.75 -1.31 9.51
CA PHE A 52 5.57 -1.60 10.67
C PHE A 52 6.87 -0.79 10.64
N HIS A 53 7.22 -0.33 9.46
CA HIS A 53 8.43 0.46 9.29
C HIS A 53 8.09 1.94 9.40
N SER A 54 8.96 2.66 10.11
CA SER A 54 8.77 4.09 10.30
C SER A 54 8.28 4.73 9.00
N ILE A 55 7.58 5.84 9.16
CA ILE A 55 7.04 6.56 8.01
C ILE A 55 8.17 6.84 7.02
N SER A 56 9.26 7.38 7.55
CA SER A 56 10.41 7.70 6.72
C SER A 56 10.74 6.52 5.80
N ASP A 57 10.75 5.34 6.39
CA ASP A 57 11.05 4.13 5.65
C ASP A 57 9.78 3.65 4.94
N ALA A 58 8.65 4.03 5.50
CA ALA A 58 7.36 3.65 4.93
C ALA A 58 7.18 4.36 3.58
N LYS A 59 7.27 5.69 3.63
CA LYS A 59 7.11 6.49 2.44
C LYS A 59 8.15 6.07 1.41
N GLN A 60 9.39 5.98 1.86
CA GLN A 60 10.48 5.59 0.99
C GLN A 60 10.26 4.18 0.45
N MET A 61 9.63 3.35 1.28
CA MET A 61 9.35 1.98 0.90
C MET A 61 8.25 1.93 -0.17
N ILE A 62 7.37 2.91 -0.12
CA ILE A 62 6.28 2.99 -1.08
C ILE A 62 6.82 3.41 -2.44
N GLN A 63 7.65 4.45 -2.41
CA GLN A 63 8.24 4.96 -3.63
C GLN A 63 8.78 3.82 -4.48
N GLU A 64 9.64 3.01 -3.86
CA GLU A 64 10.22 1.87 -4.55
C GLU A 64 9.15 0.85 -4.90
N ALA A 65 8.22 0.68 -3.98
CA ALA A 65 7.13 -0.26 -4.19
C ALA A 65 6.34 0.13 -5.43
N ILE A 66 5.97 1.41 -5.49
CA ILE A 66 5.22 1.92 -6.61
C ILE A 66 5.95 1.57 -7.92
N THR A 67 7.16 2.11 -8.03
CA THR A 67 7.97 1.87 -9.22
C THR A 67 8.07 0.36 -9.50
N LYS A 68 7.98 -0.42 -8.43
CA LYS A 68 8.06 -1.86 -8.54
C LYS A 68 6.84 -2.37 -9.32
N PHE A 69 5.71 -1.73 -9.08
CA PHE A 69 4.48 -2.11 -9.75
C PHE A 69 4.51 -1.72 -11.23
N GLU A 70 5.08 -0.55 -11.49
CA GLU A 70 5.19 -0.05 -12.85
C GLU A 70 5.75 -1.14 -13.77
N GLU A 71 6.91 -1.65 -13.39
CA GLU A 71 7.56 -2.69 -14.16
C GLU A 71 6.67 -3.94 -14.24
N ALA A 72 6.12 -4.30 -13.09
CA ALA A 72 5.26 -5.46 -13.02
C ALA A 72 4.08 -5.28 -13.98
N LEU A 73 3.66 -4.03 -14.13
CA LEU A 73 2.56 -3.71 -15.01
C LEU A 73 3.00 -3.91 -16.46
N LEU A 74 4.28 -3.69 -16.70
CA LEU A 74 4.84 -3.83 -18.03
C LEU A 74 4.83 -5.31 -18.42
N ILE A 75 4.94 -6.16 -17.40
CA ILE A 75 4.93 -7.60 -17.63
C ILE A 75 3.49 -8.07 -17.85
N ASP A 76 2.59 -7.52 -17.05
CA ASP A 76 1.19 -7.88 -17.15
C ASP A 76 0.32 -6.66 -16.81
N PRO A 77 -0.23 -6.04 -17.87
CA PRO A 77 -1.07 -4.86 -17.70
C PRO A 77 -2.45 -5.25 -17.15
N LYS A 78 -2.75 -6.54 -17.26
CA LYS A 78 -4.03 -7.04 -16.78
C LYS A 78 -3.94 -7.30 -15.28
N LYS A 79 -2.76 -7.03 -14.74
CA LYS A 79 -2.54 -7.22 -13.31
C LYS A 79 -3.23 -6.10 -12.53
N ASP A 80 -4.53 -6.27 -12.34
CA ASP A 80 -5.32 -5.29 -11.61
C ASP A 80 -4.68 -5.03 -10.25
N GLU A 81 -3.95 -6.03 -9.77
CA GLU A 81 -3.28 -5.93 -8.48
C GLU A 81 -2.19 -4.86 -8.54
N ALA A 82 -1.32 -4.99 -9.54
CA ALA A 82 -0.24 -4.05 -9.72
C ALA A 82 -0.79 -2.63 -9.74
N VAL A 83 -2.00 -2.51 -10.26
CA VAL A 83 -2.66 -1.21 -10.35
C VAL A 83 -3.16 -0.81 -8.96
N TRP A 84 -3.92 -1.70 -8.36
CA TRP A 84 -4.46 -1.45 -7.03
C TRP A 84 -3.29 -1.18 -6.09
N CYS A 85 -2.26 -2.00 -6.21
CA CYS A 85 -1.08 -1.86 -5.37
C CYS A 85 -0.62 -0.41 -5.44
N ILE A 86 -0.43 0.08 -6.67
CA ILE A 86 0.00 1.44 -6.87
C ILE A 86 -0.92 2.39 -6.09
N GLY A 87 -2.21 2.22 -6.31
CA GLY A 87 -3.20 3.05 -5.64
C GLY A 87 -3.11 2.88 -4.12
N ASN A 88 -2.95 1.64 -3.71
CA ASN A 88 -2.86 1.32 -2.29
C ASN A 88 -1.60 1.97 -1.71
N ALA A 89 -0.56 2.00 -2.53
CA ALA A 89 0.70 2.58 -2.11
C ALA A 89 0.54 4.10 -2.00
N TYR A 90 0.08 4.69 -3.09
CA TYR A 90 -0.11 6.13 -3.14
C TYR A 90 -1.05 6.59 -2.00
N THR A 91 -2.07 5.77 -1.76
CA THR A 91 -3.03 6.08 -0.73
C THR A 91 -2.34 6.16 0.64
N SER A 92 -1.55 5.13 0.92
CA SER A 92 -0.84 5.07 2.19
C SER A 92 0.21 6.18 2.24
N PHE A 93 0.99 6.27 1.17
CA PHE A 93 2.03 7.28 1.09
C PHE A 93 1.47 8.68 1.36
N ALA A 94 0.22 8.86 0.97
CA ALA A 94 -0.44 10.14 1.17
C ALA A 94 -0.57 10.42 2.66
N PHE A 95 -1.08 9.42 3.37
CA PHE A 95 -1.26 9.53 4.81
C PHE A 95 0.07 9.89 5.50
N LEU A 96 1.16 9.60 4.81
CA LEU A 96 2.48 9.89 5.34
C LEU A 96 2.89 11.30 4.93
N THR A 97 2.29 11.77 3.85
CA THR A 97 2.59 13.10 3.35
C THR A 97 1.58 14.12 3.89
N PRO A 98 2.12 15.11 4.65
CA PRO A 98 1.28 16.14 5.23
C PRO A 98 0.83 17.15 4.17
N ASP A 99 1.66 17.29 3.14
CA ASP A 99 1.35 18.21 2.06
C ASP A 99 0.02 17.80 1.42
N GLU A 100 -1.05 18.43 1.91
CA GLU A 100 -2.37 18.15 1.40
C GLU A 100 -2.35 18.10 -0.12
N THR A 101 -1.71 19.08 -0.72
CA THR A 101 -1.61 19.16 -2.17
C THR A 101 -1.08 17.84 -2.73
N GLU A 102 0.02 17.39 -2.14
CA GLU A 102 0.64 16.14 -2.57
C GLU A 102 -0.20 14.94 -2.13
N ALA A 103 -0.58 14.97 -0.86
CA ALA A 103 -1.39 13.90 -0.29
C ALA A 103 -2.64 13.71 -1.14
N LYS A 104 -3.35 14.81 -1.33
CA LYS A 104 -4.57 14.78 -2.13
C LYS A 104 -4.24 14.32 -3.55
N HIS A 105 -3.15 14.84 -4.06
CA HIS A 105 -2.71 14.49 -5.41
C HIS A 105 -2.51 12.98 -5.51
N ASN A 106 -1.85 12.43 -4.51
CA ASN A 106 -1.60 11.00 -4.47
C ASN A 106 -2.90 10.26 -4.22
N PHE A 107 -3.64 10.75 -3.23
CA PHE A 107 -4.92 10.14 -2.87
C PHE A 107 -5.80 9.97 -4.11
N ASP A 108 -6.01 11.07 -4.80
CA ASP A 108 -6.83 11.07 -6.00
C ASP A 108 -6.10 10.31 -7.11
N LEU A 109 -4.79 10.47 -7.12
CA LEU A 109 -3.97 9.81 -8.12
C LEU A 109 -4.02 8.29 -7.91
N ALA A 110 -4.36 7.91 -6.68
CA ALA A 110 -4.46 6.51 -6.34
C ALA A 110 -5.82 5.97 -6.79
N THR A 111 -6.77 6.88 -6.89
CA THR A 111 -8.12 6.50 -7.31
C THR A 111 -8.12 6.06 -8.78
N GLN A 112 -7.52 6.90 -9.62
CA GLN A 112 -7.45 6.61 -11.04
C GLN A 112 -6.99 5.16 -11.26
N PHE A 113 -6.19 4.67 -10.33
CA PHE A 113 -5.68 3.32 -10.40
C PHE A 113 -6.73 2.31 -9.94
N PHE A 114 -7.32 2.61 -8.79
CA PHE A 114 -8.34 1.73 -8.23
C PHE A 114 -9.46 1.49 -9.24
N GLN A 115 -9.65 2.45 -10.13
CA GLN A 115 -10.68 2.35 -11.14
C GLN A 115 -10.34 1.22 -12.11
N GLN A 116 -9.06 0.96 -12.26
CA GLN A 116 -8.60 -0.09 -13.16
C GLN A 116 -8.67 -1.45 -12.46
N ALA A 117 -8.38 -1.43 -11.17
CA ALA A 117 -8.41 -2.66 -10.38
C ALA A 117 -9.82 -3.25 -10.41
N VAL A 118 -10.79 -2.39 -10.13
CA VAL A 118 -12.18 -2.80 -10.13
C VAL A 118 -12.60 -3.19 -11.54
N ASP A 119 -12.08 -2.44 -12.51
CA ASP A 119 -12.39 -2.68 -13.91
C ASP A 119 -12.30 -4.19 -14.19
N GLU A 120 -11.20 -4.77 -13.73
CA GLU A 120 -10.97 -6.20 -13.93
C GLU A 120 -11.93 -7.01 -13.07
N GLN A 121 -12.11 -6.55 -11.83
CA GLN A 121 -12.99 -7.22 -10.90
C GLN A 121 -13.56 -6.23 -9.89
N PRO A 122 -14.70 -5.60 -10.27
CA PRO A 122 -15.36 -4.63 -9.41
C PRO A 122 -16.07 -5.32 -8.25
N ASP A 123 -16.01 -6.64 -8.27
CA ASP A 123 -16.66 -7.43 -7.22
C ASP A 123 -15.65 -7.70 -6.10
N ASN A 124 -14.39 -7.42 -6.40
CA ASN A 124 -13.33 -7.62 -5.43
C ASN A 124 -13.50 -6.64 -4.27
N THR A 125 -13.70 -7.21 -3.09
CA THR A 125 -13.87 -6.40 -1.89
C THR A 125 -12.71 -5.42 -1.72
N HIS A 126 -11.50 -5.96 -1.83
CA HIS A 126 -10.31 -5.16 -1.70
C HIS A 126 -10.41 -3.92 -2.58
N TYR A 127 -10.76 -4.14 -3.84
CA TYR A 127 -10.90 -3.06 -4.79
C TYR A 127 -12.10 -2.18 -4.43
N LEU A 128 -13.09 -2.80 -3.83
CA LEU A 128 -14.30 -2.09 -3.43
C LEU A 128 -13.98 -1.18 -2.25
N LYS A 129 -13.41 -1.78 -1.21
CA LYS A 129 -13.04 -1.05 -0.02
C LYS A 129 -12.06 0.07 -0.39
N SER A 130 -11.08 -0.29 -1.20
CA SER A 130 -10.08 0.67 -1.64
C SER A 130 -10.76 1.87 -2.30
N LEU A 131 -11.71 1.56 -3.16
CA LEU A 131 -12.45 2.60 -3.87
C LEU A 131 -13.43 3.27 -2.90
N GLU A 132 -13.88 2.49 -1.94
CA GLU A 132 -14.82 2.99 -0.95
C GLU A 132 -14.14 4.02 -0.03
N MET A 133 -13.07 3.58 0.61
CA MET A 133 -12.33 4.44 1.50
C MET A 133 -11.88 5.71 0.78
N THR A 134 -11.51 5.55 -0.48
CA THR A 134 -11.05 6.68 -1.29
C THR A 134 -12.09 7.80 -1.25
N ALA A 135 -13.36 7.39 -1.20
CA ALA A 135 -14.44 8.36 -1.16
C ALA A 135 -14.09 9.49 -0.20
N LYS A 136 -13.40 9.12 0.87
CA LYS A 136 -13.00 10.09 1.88
C LYS A 136 -11.47 10.20 1.89
N ALA A 137 -10.91 10.27 0.70
CA ALA A 137 -9.46 10.38 0.56
C ALA A 137 -8.99 11.69 1.20
N PRO A 138 -9.75 12.78 0.89
CA PRO A 138 -9.42 14.09 1.42
C PRO A 138 -9.79 14.20 2.90
N GLN A 139 -10.83 13.45 3.27
CA GLN A 139 -11.30 13.44 4.65
C GLN A 139 -10.43 12.53 5.50
N LEU A 140 -10.19 11.33 4.98
CA LEU A 140 -9.38 10.35 5.68
C LEU A 140 -8.07 11.00 6.10
N HIS A 141 -7.52 11.79 5.20
CA HIS A 141 -6.27 12.47 5.47
C HIS A 141 -6.47 13.53 6.57
N ALA A 142 -7.56 14.27 6.43
CA ALA A 142 -7.89 15.30 7.40
C ALA A 142 -8.10 14.67 8.77
N GLU A 143 -8.96 13.66 8.79
CA GLU A 143 -9.26 12.96 10.03
C GLU A 143 -8.04 12.16 10.50
N ALA A 144 -7.23 11.78 9.52
CA ALA A 144 -6.03 11.00 9.81
C ALA A 144 -5.06 11.86 10.62
N TYR A 145 -4.79 13.05 10.09
CA TYR A 145 -3.88 13.98 10.75
C TYR A 145 -4.60 14.74 11.86
N LYS A 146 -5.81 15.17 11.56
CA LYS A 146 -6.60 15.91 12.53
C LYS A 146 -6.85 15.04 13.76
N GLN A 147 -7.27 13.81 13.50
CA GLN A 147 -7.54 12.87 14.58
C GLN A 147 -6.25 12.16 14.99
N GLY A 148 -6.03 12.13 16.30
CA GLY A 148 -4.85 11.49 16.84
C GLY A 148 -4.56 10.17 16.11
N LEU A 149 -3.28 9.92 15.89
CA LEU A 149 -2.85 8.70 15.21
C LEU A 149 -3.42 8.71 13.78
N GLY A 150 -2.51 8.56 12.82
CA GLY A 150 -2.91 8.54 11.42
C GLY A 150 -1.78 9.08 10.53
N GLY A 151 -1.40 10.32 10.78
CA GLY A 151 -0.35 10.96 10.01
C GLY A 151 0.60 11.74 10.93
N SER A 152 0.05 12.75 11.57
CA SER A 152 0.83 13.58 12.47
C SER A 152 1.93 14.31 11.69
N HIS A 153 2.50 15.31 12.34
CA HIS A 153 3.57 16.09 11.72
C HIS A 153 3.01 16.84 10.51
N HIS A 154 3.39 18.09 10.40
CA HIS A 154 2.95 18.92 9.29
C HIS A 154 3.78 20.20 9.23
N HIS A 155 5.06 20.02 8.89
CA HIS A 155 5.97 21.14 8.79
C HIS A 155 5.61 21.99 7.58
N HIS A 156 6.03 23.25 7.62
CA HIS A 156 5.76 24.17 6.54
C HIS A 156 6.83 24.01 5.45
N HIS A 157 8.06 24.32 5.82
CA HIS A 157 9.18 24.21 4.90
C HIS A 157 10.49 24.48 5.64
N HIS A 158 11.47 23.63 5.37
CA HIS A 158 12.77 23.77 5.99
C HIS A 158 13.45 25.05 5.51
#